data_8BH0
#
_entry.id   8BH0
#
_cell.length_a   56.940
_cell.length_b   105.620
_cell.length_c   124.470
_cell.angle_alpha   94.370
_cell.angle_beta   90.220
_cell.angle_gamma   104.970
#
_symmetry.space_group_name_H-M   'P 1'
#
loop_
_entity.id
_entity.type
_entity.pdbx_description
1 polymer 'Methyltransferase Plu4890'
2 non-polymer S-ADENOSYL-L-HOMOCYSTEINE
3 non-polymer 3-methoxy-1,8-bis(oxidanyl)anthracene-9,10-dione
4 non-polymer 'CHLORIDE ION'
5 non-polymer 'SODIUM ION'
6 water water
#
_entity_poly.entity_id   1
_entity_poly.type   'polypeptide(L)'
_entity_poly.pdbx_seq_one_letter_code
;SMLTELIASNRRSAAIHAFVDTGLSTHFKDGIYVDISELSRKSGVNYARFSRLCDFLVEMGVLVSNDNKFRLSDECHVFA
NPESFESFMIKLEICSHYSNAWLMYGKSLFEDDGKSAFEMAHGRPFFEYLDGNKFLKSNFDALMTRVSNLIVEKLLGIYD
FNQHNRILDVGGGEGELLVRISEKVKGKHYAVLDRYSELPVSDNIDFINGNFLNSIPSGYDLYILKNVLHNWSDSDSILI
LENFRKAMDKNSSLLLINMVKEPEFSRSFDILMDVLFLGKERSFTEFEYLANQAGLVVQETKVIDQSYSPYSFIKLQIK
;
_entity_poly.pdbx_strand_id   A,B,C,D,E,F,G,H
#
loop_
_chem_comp.id
_chem_comp.type
_chem_comp.name
_chem_comp.formula
CL non-polymer 'CHLORIDE ION' 'Cl -1'
NA non-polymer 'SODIUM ION' 'Na 1'
QPO non-polymer 3-methoxy-1,8-bis(oxidanyl)anthracene-9,10-dione 'C15 H10 O5'
SAH non-polymer S-ADENOSYL-L-HOMOCYSTEINE 'C14 H20 N6 O5 S'
#
# COMPACT_ATOMS: atom_id res chain seq x y z
N SER A 1 1.37 8.16 -11.39
CA SER A 1 0.05 8.15 -12.09
C SER A 1 -1.04 7.67 -11.13
N MET A 2 -2.30 7.92 -11.48
CA MET A 2 -3.49 7.48 -10.69
C MET A 2 -3.61 5.95 -10.77
N LEU A 3 -3.36 5.36 -11.95
CA LEU A 3 -3.55 3.89 -12.16
C LEU A 3 -2.51 3.09 -11.37
N THR A 4 -1.22 3.44 -11.47
CA THR A 4 -0.13 2.73 -10.74
C THR A 4 -0.39 2.82 -9.24
N GLU A 5 -0.88 3.97 -8.75
CA GLU A 5 -1.20 4.16 -7.31
C GLU A 5 -2.46 3.38 -6.96
N LEU A 6 -3.42 3.22 -7.89
CA LEU A 6 -4.60 2.34 -7.69
C LEU A 6 -4.14 0.88 -7.59
N ILE A 7 -3.24 0.45 -8.49
CA ILE A 7 -2.64 -0.92 -8.45
C ILE A 7 -1.94 -1.10 -7.09
N ALA A 8 -1.30 -0.05 -6.58
CA ALA A 8 -0.50 -0.03 -5.34
C ALA A 8 -1.37 0.31 -4.12
N SER A 9 -2.69 0.18 -4.21
CA SER A 9 -3.64 0.45 -3.09
C SER A 9 -3.23 -0.34 -1.85
N ASN A 10 -2.78 -1.59 -2.03
CA ASN A 10 -2.34 -2.50 -0.94
C ASN A 10 -1.32 -1.80 -0.02
N ARG A 11 -0.49 -0.91 -0.56
CA ARG A 11 0.59 -0.22 0.20
C ARG A 11 -0.03 0.63 1.31
N ARG A 12 -1.22 1.20 1.08
CA ARG A 12 -1.93 2.04 2.08
C ARG A 12 -2.30 1.16 3.28
N SER A 13 -2.93 0.01 3.02
CA SER A 13 -3.34 -0.98 4.06
C SER A 13 -2.10 -1.47 4.82
N ALA A 14 -1.01 -1.77 4.11
CA ALA A 14 0.22 -2.34 4.71
C ALA A 14 0.92 -1.29 5.59
N ALA A 15 0.91 -0.02 5.16
CA ALA A 15 1.45 1.13 5.92
C ALA A 15 0.70 1.28 7.25
N ILE A 16 -0.63 1.25 7.21
CA ILE A 16 -1.50 1.37 8.42
C ILE A 16 -1.23 0.17 9.33
N HIS A 17 -1.09 -1.03 8.76
CA HIS A 17 -0.82 -2.29 9.51
C HIS A 17 0.48 -2.14 10.32
N ALA A 18 1.56 -1.69 9.67
CA ALA A 18 2.89 -1.51 10.31
C ALA A 18 2.77 -0.51 11.47
N PHE A 19 1.98 0.55 11.28
CA PHE A 19 1.80 1.67 12.24
C PHE A 19 1.00 1.19 13.46
N VAL A 20 -0.06 0.42 13.23
CA VAL A 20 -1.06 0.03 14.28
C VAL A 20 -0.67 -1.32 14.90
N ASP A 21 -0.33 -2.32 14.09
CA ASP A 21 -0.11 -3.72 14.57
C ASP A 21 1.12 -3.80 15.48
N THR A 22 2.11 -2.92 15.29
CA THR A 22 3.34 -2.84 16.14
C THR A 22 3.05 -2.19 17.48
N GLY A 23 1.95 -1.42 17.57
CA GLY A 23 1.59 -0.60 18.75
C GLY A 23 2.16 0.81 18.68
N LEU A 24 2.84 1.17 17.59
CA LEU A 24 3.43 2.53 17.43
C LEU A 24 2.33 3.59 17.53
N SER A 25 1.13 3.31 17.01
CA SER A 25 -0.02 4.24 16.99
C SER A 25 -0.53 4.53 18.41
N THR A 26 -0.24 3.66 19.40
CA THR A 26 -0.70 3.82 20.80
C THR A 26 0.07 4.95 21.48
N HIS A 27 1.16 5.45 20.88
CA HIS A 27 1.96 6.61 21.36
C HIS A 27 1.32 7.93 20.94
N PHE A 28 0.21 7.89 20.21
CA PHE A 28 -0.46 9.08 19.61
C PHE A 28 -1.84 9.30 20.23
N LYS A 29 -2.02 8.93 21.50
CA LYS A 29 -3.32 9.05 22.23
C LYS A 29 -3.68 10.53 22.43
N ASP A 30 -4.98 10.83 22.43
CA ASP A 30 -5.57 12.15 22.84
C ASP A 30 -5.04 13.27 21.93
N GLY A 31 -4.81 12.97 20.64
CA GLY A 31 -4.44 13.94 19.59
C GLY A 31 -3.10 14.62 19.86
N ILE A 32 -2.21 13.98 20.62
CA ILE A 32 -0.86 14.53 20.97
C ILE A 32 -0.01 14.63 19.69
N TYR A 33 0.76 15.71 19.56
CA TYR A 33 1.82 15.87 18.52
C TYR A 33 3.08 15.15 19.00
N VAL A 34 3.55 14.17 18.24
CA VAL A 34 4.70 13.29 18.58
C VAL A 34 5.93 13.76 17.80
N ASP A 35 7.02 14.01 18.52
CA ASP A 35 8.40 14.15 17.95
C ASP A 35 8.95 12.73 17.74
N ILE A 36 9.18 12.33 16.49
CA ILE A 36 9.58 10.95 16.11
C ILE A 36 10.95 10.63 16.72
N SER A 37 11.83 11.64 16.86
CA SER A 37 13.14 11.52 17.55
C SER A 37 12.91 11.02 18.98
N GLU A 38 12.00 11.65 19.72
CA GLU A 38 11.63 11.27 21.10
C GLU A 38 11.06 9.85 21.12
N LEU A 39 10.14 9.55 20.19
CA LEU A 39 9.48 8.21 20.06
C LEU A 39 10.56 7.14 19.82
N SER A 40 11.55 7.44 18.98
CA SER A 40 12.66 6.52 18.61
C SER A 40 13.47 6.14 19.86
N ARG A 41 13.74 7.10 20.76
CA ARG A 41 14.47 6.87 22.03
C ARG A 41 13.70 5.88 22.92
N LYS A 42 12.39 6.09 23.04
CA LYS A 42 11.49 5.38 23.98
C LYS A 42 11.15 3.99 23.42
N SER A 43 10.72 3.92 22.16
CA SER A 43 10.16 2.71 21.51
C SER A 43 11.26 1.86 20.86
N GLY A 44 12.36 2.50 20.43
CA GLY A 44 13.46 1.84 19.71
C GLY A 44 13.21 1.78 18.20
N VAL A 45 12.15 2.43 17.71
CA VAL A 45 11.83 2.46 16.25
C VAL A 45 12.91 3.31 15.55
N ASN A 46 13.28 2.94 14.32
CA ASN A 46 14.27 3.68 13.50
C ASN A 46 13.69 5.05 13.16
N TYR A 47 14.39 6.13 13.52
CA TYR A 47 13.92 7.53 13.35
C TYR A 47 13.66 7.82 11.87
N ALA A 48 14.68 7.65 11.03
CA ALA A 48 14.67 8.04 9.60
C ALA A 48 13.57 7.26 8.86
N ARG A 49 13.51 5.95 9.06
CA ARG A 49 12.61 5.04 8.30
C ARG A 49 11.17 5.23 8.77
N PHE A 50 10.92 5.42 10.07
CA PHE A 50 9.56 5.66 10.60
C PHE A 50 9.07 7.04 10.17
N SER A 51 9.96 8.04 10.12
CA SER A 51 9.65 9.41 9.62
C SER A 51 9.12 9.32 8.19
N ARG A 52 9.72 8.46 7.35
CA ARG A 52 9.28 8.25 5.95
C ARG A 52 7.89 7.62 5.93
N LEU A 53 7.62 6.64 6.79
CA LEU A 53 6.28 6.02 6.93
C LEU A 53 5.27 7.10 7.33
N CYS A 54 5.64 7.96 8.30
CA CYS A 54 4.77 9.05 8.80
C CYS A 54 4.43 10.02 7.66
N ASP A 55 5.39 10.30 6.76
CA ASP A 55 5.17 11.16 5.56
C ASP A 55 4.09 10.52 4.69
N PHE A 56 4.11 9.20 4.51
CA PHE A 56 3.11 8.45 3.71
C PHE A 56 1.75 8.47 4.44
N LEU A 57 1.76 8.35 5.77
CA LEU A 57 0.52 8.37 6.60
C LEU A 57 -0.13 9.76 6.57
N VAL A 58 0.68 10.82 6.47
CA VAL A 58 0.17 12.22 6.30
C VAL A 58 -0.53 12.33 4.93
N GLU A 59 0.12 11.83 3.87
CA GLU A 59 -0.43 11.80 2.49
C GLU A 59 -1.80 11.11 2.50
N MET A 60 -1.94 10.03 3.28
CA MET A 60 -3.18 9.21 3.40
C MET A 60 -4.25 9.92 4.23
N GLY A 61 -3.85 10.92 5.04
CA GLY A 61 -4.75 11.65 5.96
C GLY A 61 -4.87 10.99 7.32
N VAL A 62 -4.06 9.95 7.59
CA VAL A 62 -4.05 9.24 8.90
C VAL A 62 -3.36 10.13 9.94
N LEU A 63 -2.26 10.78 9.55
CA LEU A 63 -1.50 11.72 10.41
C LEU A 63 -1.63 13.15 9.89
N VAL A 64 -1.50 14.12 10.79
CA VAL A 64 -1.42 15.58 10.49
C VAL A 64 -0.04 16.06 10.97
N SER A 65 0.68 16.81 10.12
CA SER A 65 2.04 17.30 10.38
C SER A 65 2.01 18.80 10.73
N ASN A 66 2.69 19.19 11.81
CA ASN A 66 2.92 20.60 12.22
C ASN A 66 4.21 20.68 13.03
N ASP A 67 5.12 21.59 12.67
CA ASP A 67 6.43 21.83 13.35
C ASP A 67 7.28 20.55 13.28
N ASN A 68 7.14 19.76 12.22
CA ASN A 68 7.87 18.49 11.97
C ASN A 68 7.48 17.44 13.02
N LYS A 69 6.32 17.61 13.67
CA LYS A 69 5.71 16.62 14.60
C LYS A 69 4.44 16.07 13.96
N PHE A 70 3.95 14.92 14.42
CA PHE A 70 2.80 14.19 13.84
C PHE A 70 1.76 13.89 14.93
N ARG A 71 0.49 14.16 14.62
CA ARG A 71 -0.68 13.70 15.43
C ARG A 71 -1.60 12.87 14.53
N LEU A 72 -2.35 11.94 15.13
CA LEU A 72 -3.48 11.26 14.46
C LEU A 72 -4.52 12.32 14.09
N SER A 73 -5.09 12.24 12.88
CA SER A 73 -6.29 13.02 12.48
C SER A 73 -7.43 12.69 13.44
N ASP A 74 -8.41 13.59 13.58
CA ASP A 74 -9.58 13.41 14.48
C ASP A 74 -10.24 12.05 14.21
N GLU A 75 -10.44 11.72 12.93
CA GLU A 75 -11.12 10.48 12.46
C GLU A 75 -10.32 9.25 12.92
N CYS A 76 -8.99 9.35 12.95
CA CYS A 76 -8.05 8.21 13.16
C CYS A 76 -7.60 8.11 14.63
N HIS A 77 -8.23 8.85 15.55
CA HIS A 77 -7.99 8.74 17.02
C HIS A 77 -8.11 7.27 17.45
N VAL A 78 -9.00 6.51 16.80
CA VAL A 78 -9.29 5.07 17.08
C VAL A 78 -8.00 4.23 16.99
N PHE A 79 -7.02 4.64 16.18
CA PHE A 79 -5.75 3.87 15.98
C PHE A 79 -4.90 3.90 17.25
N ALA A 80 -5.09 4.88 18.14
CA ALA A 80 -4.34 5.01 19.42
C ALA A 80 -4.91 4.03 20.46
N ASN A 81 -6.06 3.43 20.18
CA ASN A 81 -6.79 2.49 21.09
C ASN A 81 -6.68 1.08 20.54
N PRO A 82 -5.90 0.17 21.18
CA PRO A 82 -5.76 -1.20 20.69
C PRO A 82 -7.04 -2.03 20.84
N GLU A 83 -8.05 -1.52 21.56
CA GLU A 83 -9.35 -2.20 21.79
C GLU A 83 -10.39 -1.73 20.76
N SER A 84 -10.06 -0.77 19.88
CA SER A 84 -10.97 -0.24 18.84
C SER A 84 -11.23 -1.32 17.77
N PHE A 85 -12.42 -1.32 17.17
CA PHE A 85 -12.79 -2.28 16.10
C PHE A 85 -11.83 -2.10 14.91
N GLU A 86 -11.41 -0.85 14.65
CA GLU A 86 -10.48 -0.51 13.53
C GLU A 86 -9.14 -1.22 13.73
N SER A 87 -8.66 -1.33 14.98
CA SER A 87 -7.39 -2.03 15.34
C SER A 87 -7.49 -3.51 14.95
N PHE A 88 -8.61 -4.17 15.24
CA PHE A 88 -8.84 -5.60 14.91
C PHE A 88 -9.03 -5.76 13.40
N MET A 89 -9.75 -4.83 12.76
CA MET A 89 -9.96 -4.84 11.28
C MET A 89 -8.60 -4.84 10.58
N ILE A 90 -7.69 -3.96 11.00
CA ILE A 90 -6.30 -3.82 10.47
C ILE A 90 -5.56 -5.15 10.62
N LYS A 91 -5.66 -5.81 11.78
CA LYS A 91 -4.98 -7.09 12.09
C LYS A 91 -5.35 -8.17 11.07
N LEU A 92 -6.63 -8.21 10.65
CA LEU A 92 -7.18 -9.26 9.75
C LEU A 92 -6.98 -8.88 8.28
N GLU A 93 -7.11 -7.60 7.94
CA GLU A 93 -7.29 -7.12 6.55
C GLU A 93 -6.17 -7.66 5.65
N ILE A 94 -4.90 -7.55 6.06
CA ILE A 94 -3.73 -8.00 5.23
C ILE A 94 -2.99 -9.15 5.91
N CYS A 95 -3.63 -9.88 6.84
CA CYS A 95 -3.05 -11.09 7.46
C CYS A 95 -2.81 -12.14 6.36
N SER A 96 -1.86 -13.05 6.58
CA SER A 96 -1.46 -14.11 5.60
C SER A 96 -2.69 -14.89 5.13
N HIS A 97 -3.60 -15.26 6.05
CA HIS A 97 -4.83 -16.04 5.72
C HIS A 97 -5.67 -15.30 4.68
N TYR A 98 -5.89 -14.00 4.87
CA TYR A 98 -6.70 -13.16 3.96
C TYR A 98 -5.96 -13.00 2.63
N SER A 99 -4.65 -12.70 2.67
CA SER A 99 -3.78 -12.55 1.48
C SER A 99 -3.93 -13.78 0.58
N ASN A 100 -3.80 -14.99 1.15
CA ASN A 100 -3.84 -16.27 0.41
C ASN A 100 -5.25 -16.52 -0.12
N ALA A 101 -6.29 -16.07 0.59
CA ALA A 101 -7.70 -16.14 0.11
C ALA A 101 -7.84 -15.25 -1.13
N TRP A 102 -7.36 -14.00 -1.05
CA TRP A 102 -7.42 -13.02 -2.18
C TRP A 102 -6.69 -13.57 -3.40
N LEU A 103 -5.59 -14.31 -3.21
CA LEU A 103 -4.79 -14.87 -4.32
C LEU A 103 -5.55 -16.00 -5.01
N MET A 104 -6.58 -16.56 -4.35
CA MET A 104 -7.45 -17.62 -4.93
C MET A 104 -8.73 -17.02 -5.52
N TYR A 105 -8.97 -15.71 -5.33
CA TYR A 105 -10.24 -15.03 -5.70
C TYR A 105 -10.48 -15.19 -7.21
N GLY A 106 -9.47 -14.87 -8.04
CA GLY A 106 -9.52 -15.00 -9.50
C GLY A 106 -9.91 -16.42 -9.91
N LYS A 107 -9.20 -17.42 -9.41
CA LYS A 107 -9.43 -18.86 -9.69
C LYS A 107 -10.84 -19.27 -9.25
N SER A 108 -11.33 -18.74 -8.12
CA SER A 108 -12.64 -19.08 -7.51
C SER A 108 -13.80 -18.69 -8.43
N LEU A 109 -13.60 -17.69 -9.31
CA LEU A 109 -14.67 -17.19 -10.22
C LEU A 109 -14.95 -18.20 -11.34
N PHE A 110 -14.08 -19.21 -11.51
CA PHE A 110 -14.16 -20.23 -12.60
C PHE A 110 -14.60 -21.60 -12.06
N GLU A 111 -14.99 -21.68 -10.79
CA GLU A 111 -15.39 -22.95 -10.13
C GLU A 111 -16.77 -22.81 -9.49
N ASP A 112 -17.55 -23.89 -9.47
CA ASP A 112 -18.90 -23.98 -8.85
C ASP A 112 -18.97 -25.24 -7.96
N ASP A 113 -17.89 -25.53 -7.23
CA ASP A 113 -17.83 -26.60 -6.19
C ASP A 113 -18.55 -26.10 -4.93
N GLY A 114 -18.75 -24.79 -4.83
CA GLY A 114 -19.31 -24.11 -3.64
C GLY A 114 -18.23 -23.82 -2.61
N LYS A 115 -16.97 -23.87 -3.04
CA LYS A 115 -15.79 -23.52 -2.21
C LYS A 115 -15.44 -22.05 -2.42
N SER A 116 -15.50 -21.26 -1.36
CA SER A 116 -15.02 -19.85 -1.31
C SER A 116 -13.53 -19.83 -1.65
N ALA A 117 -13.02 -18.67 -2.08
CA ALA A 117 -11.57 -18.41 -2.26
C ALA A 117 -10.83 -18.77 -0.96
N PHE A 118 -11.42 -18.46 0.20
CA PHE A 118 -10.85 -18.80 1.53
C PHE A 118 -10.71 -20.32 1.66
N GLU A 119 -11.77 -21.08 1.34
CA GLU A 119 -11.76 -22.56 1.44
C GLU A 119 -10.75 -23.15 0.44
N MET A 120 -10.63 -22.56 -0.75
CA MET A 120 -9.65 -23.01 -1.78
C MET A 120 -8.22 -22.85 -1.25
N ALA A 121 -7.97 -21.79 -0.48
CA ALA A 121 -6.64 -21.47 0.10
C ALA A 121 -6.34 -22.34 1.32
N HIS A 122 -7.33 -22.61 2.17
CA HIS A 122 -7.13 -23.10 3.56
C HIS A 122 -7.73 -24.49 3.79
N GLY A 123 -8.63 -24.97 2.91
CA GLY A 123 -9.09 -26.37 2.87
C GLY A 123 -10.40 -26.59 3.62
N ARG A 124 -10.88 -25.59 4.35
CA ARG A 124 -12.19 -25.64 5.06
C ARG A 124 -12.88 -24.29 4.91
N PRO A 125 -14.23 -24.23 4.98
CA PRO A 125 -14.95 -22.96 5.00
C PRO A 125 -14.57 -22.16 6.26
N PHE A 126 -14.76 -20.85 6.19
CA PHE A 126 -14.24 -19.83 7.16
C PHE A 126 -14.48 -20.28 8.60
N PHE A 127 -15.74 -20.44 9.01
CA PHE A 127 -16.10 -20.67 10.44
C PHE A 127 -15.60 -22.04 10.91
N GLU A 128 -15.61 -23.06 10.04
CA GLU A 128 -15.04 -24.40 10.34
C GLU A 128 -13.53 -24.28 10.55
N TYR A 129 -12.85 -23.47 9.73
CA TYR A 129 -11.38 -23.24 9.83
C TYR A 129 -11.05 -22.50 11.13
N LEU A 130 -11.88 -21.51 11.50
CA LEU A 130 -11.66 -20.69 12.73
C LEU A 130 -11.68 -21.57 13.98
N ASP A 131 -12.40 -22.70 13.97
CA ASP A 131 -12.45 -23.67 15.09
C ASP A 131 -11.02 -24.09 15.48
N GLY A 132 -10.11 -24.18 14.50
CA GLY A 132 -8.74 -24.70 14.69
C GLY A 132 -7.66 -23.63 14.58
N ASN A 133 -8.03 -22.35 14.43
CA ASN A 133 -7.07 -21.23 14.27
C ASN A 133 -7.43 -20.09 15.24
N LYS A 134 -6.69 -20.00 16.35
CA LYS A 134 -6.94 -19.04 17.45
C LYS A 134 -6.68 -17.61 16.96
N PHE A 135 -5.69 -17.39 16.07
CA PHE A 135 -5.38 -16.05 15.52
C PHE A 135 -6.62 -15.46 14.86
N LEU A 136 -7.23 -16.19 13.92
CA LEU A 136 -8.42 -15.72 13.17
C LEU A 136 -9.63 -15.63 14.10
N LYS A 137 -9.87 -16.66 14.92
CA LYS A 137 -11.10 -16.76 15.75
C LYS A 137 -11.11 -15.63 16.79
N SER A 138 -10.01 -15.45 17.52
CA SER A 138 -9.88 -14.44 18.60
C SER A 138 -10.05 -13.03 18.01
N ASN A 139 -9.41 -12.75 16.87
CA ASN A 139 -9.42 -11.40 16.26
C ASN A 139 -10.76 -11.13 15.57
N PHE A 140 -11.34 -12.13 14.89
CA PHE A 140 -12.66 -12.01 14.23
C PHE A 140 -13.74 -11.78 15.30
N ASP A 141 -13.75 -12.62 16.34
CA ASP A 141 -14.75 -12.54 17.44
C ASP A 141 -14.60 -11.21 18.18
N ALA A 142 -13.36 -10.73 18.37
CA ALA A 142 -13.06 -9.42 18.99
C ALA A 142 -13.64 -8.29 18.13
N LEU A 143 -13.44 -8.35 16.80
CA LEU A 143 -13.98 -7.35 15.84
C LEU A 143 -15.50 -7.29 15.99
N MET A 144 -16.18 -8.43 15.92
CA MET A 144 -17.66 -8.53 15.99
C MET A 144 -18.15 -7.95 17.33
N THR A 145 -17.45 -8.23 18.43
CA THR A 145 -17.75 -7.71 19.79
C THR A 145 -17.70 -6.17 19.76
N ARG A 146 -16.64 -5.58 19.17
CA ARG A 146 -16.44 -4.12 19.16
C ARG A 146 -17.55 -3.44 18.34
N VAL A 147 -17.91 -3.98 17.17
CA VAL A 147 -18.95 -3.39 16.28
C VAL A 147 -20.33 -3.56 16.93
N SER A 148 -20.55 -4.65 17.68
CA SER A 148 -21.78 -4.88 18.48
C SER A 148 -21.90 -3.79 19.56
N ASN A 149 -20.80 -3.51 20.26
CA ASN A 149 -20.73 -2.50 21.36
C ASN A 149 -21.18 -1.13 20.83
N LEU A 150 -20.79 -0.78 19.59
CA LEU A 150 -21.00 0.57 19.01
C LEU A 150 -22.48 0.80 18.67
N ILE A 151 -23.25 -0.25 18.38
CA ILE A 151 -24.66 -0.15 17.88
C ILE A 151 -25.67 -0.31 19.02
N VAL A 152 -25.25 -0.79 20.19
CA VAL A 152 -26.17 -1.17 21.32
C VAL A 152 -27.09 0.00 21.65
N GLU A 153 -26.53 1.18 21.89
CA GLU A 153 -27.26 2.40 22.34
C GLU A 153 -28.35 2.75 21.31
N LYS A 154 -28.03 2.69 20.01
CA LYS A 154 -28.98 3.03 18.92
C LYS A 154 -30.12 1.99 18.89
N LEU A 155 -29.81 0.70 19.08
CA LEU A 155 -30.84 -0.38 19.09
C LEU A 155 -31.81 -0.16 20.26
N LEU A 156 -31.28 0.07 21.47
CA LEU A 156 -32.08 0.34 22.70
C LEU A 156 -32.99 1.55 22.48
N GLY A 157 -32.52 2.53 21.71
CA GLY A 157 -33.22 3.80 21.44
C GLY A 157 -34.42 3.64 20.52
N ILE A 158 -34.37 2.70 19.56
CA ILE A 158 -35.37 2.61 18.45
C ILE A 158 -36.30 1.40 18.66
N TYR A 159 -36.05 0.54 19.64
CA TYR A 159 -36.89 -0.66 19.93
C TYR A 159 -37.04 -0.85 21.44
N ASP A 160 -38.28 -1.10 21.88
CA ASP A 160 -38.63 -1.40 23.30
C ASP A 160 -38.37 -2.88 23.57
N PHE A 161 -37.17 -3.21 24.06
CA PHE A 161 -36.75 -4.58 24.42
C PHE A 161 -37.47 -5.04 25.70
N ASN A 162 -37.97 -4.10 26.51
CA ASN A 162 -38.59 -4.40 27.83
C ASN A 162 -39.93 -5.12 27.64
N GLN A 163 -40.52 -5.10 26.44
CA GLN A 163 -41.82 -5.75 26.15
C GLN A 163 -41.66 -7.27 26.07
N HIS A 164 -40.43 -7.76 25.87
CA HIS A 164 -40.09 -9.20 25.73
C HIS A 164 -39.55 -9.74 27.07
N ASN A 165 -39.68 -11.05 27.31
CA ASN A 165 -39.31 -11.72 28.59
C ASN A 165 -38.17 -12.72 28.37
N ARG A 166 -38.19 -13.47 27.27
CA ARG A 166 -37.12 -14.44 26.89
C ARG A 166 -36.55 -14.03 25.53
N ILE A 167 -35.25 -13.74 25.48
CA ILE A 167 -34.54 -13.18 24.29
C ILE A 167 -33.38 -14.11 23.92
N LEU A 168 -33.33 -14.55 22.66
CA LEU A 168 -32.23 -15.40 22.11
C LEU A 168 -31.51 -14.63 21.00
N ASP A 169 -30.21 -14.40 21.15
CA ASP A 169 -29.33 -13.85 20.08
C ASP A 169 -28.67 -15.02 19.35
N VAL A 170 -29.05 -15.23 18.08
CA VAL A 170 -28.62 -16.40 17.25
C VAL A 170 -27.39 -16.00 16.44
N GLY A 171 -26.31 -16.79 16.54
CA GLY A 171 -24.98 -16.43 16.03
C GLY A 171 -24.43 -15.20 16.75
N GLY A 172 -24.66 -15.12 18.07
CA GLY A 172 -24.32 -13.94 18.89
C GLY A 172 -22.86 -13.88 19.30
N GLY A 173 -22.06 -14.89 18.95
CA GLY A 173 -20.61 -14.93 19.20
C GLY A 173 -20.29 -14.87 20.69
N GLU A 174 -19.51 -13.87 21.12
CA GLU A 174 -19.06 -13.69 22.52
C GLU A 174 -20.23 -13.16 23.37
N GLY A 175 -21.34 -12.76 22.75
CA GLY A 175 -22.60 -12.40 23.42
C GLY A 175 -22.65 -10.95 23.85
N GLU A 176 -21.77 -10.09 23.28
CA GLU A 176 -21.61 -8.68 23.70
C GLU A 176 -22.94 -7.93 23.60
N LEU A 177 -23.72 -8.14 22.53
CA LEU A 177 -25.01 -7.44 22.31
C LEU A 177 -25.91 -7.60 23.54
N LEU A 178 -26.15 -8.84 23.97
CA LEU A 178 -27.08 -9.14 25.10
C LEU A 178 -26.42 -8.79 26.44
N VAL A 179 -25.09 -8.92 26.56
CA VAL A 179 -24.34 -8.47 27.78
C VAL A 179 -24.66 -6.99 28.01
N ARG A 180 -24.57 -6.16 26.96
CA ARG A 180 -24.78 -4.69 27.04
C ARG A 180 -26.28 -4.38 27.20
N ILE A 181 -27.15 -5.07 26.46
CA ILE A 181 -28.64 -4.86 26.56
C ILE A 181 -29.10 -5.20 27.98
N SER A 182 -28.56 -6.28 28.57
CA SER A 182 -28.94 -6.77 29.93
C SER A 182 -28.57 -5.75 31.01
N GLU A 183 -27.59 -4.89 30.76
CA GLU A 183 -27.16 -3.82 31.71
C GLU A 183 -28.23 -2.72 31.80
N LYS A 184 -29.02 -2.53 30.73
CA LYS A 184 -30.05 -1.47 30.62
C LYS A 184 -31.46 -2.06 30.84
N VAL A 185 -31.72 -3.25 30.28
CA VAL A 185 -33.06 -3.91 30.30
C VAL A 185 -32.97 -5.12 31.25
N LYS A 186 -33.52 -4.97 32.47
CA LYS A 186 -33.39 -5.96 33.57
C LYS A 186 -34.61 -6.89 33.59
N GLY A 187 -34.49 -8.01 34.31
CA GLY A 187 -35.59 -8.96 34.57
C GLY A 187 -35.99 -9.73 33.32
N LYS A 188 -35.03 -9.99 32.43
CA LYS A 188 -35.25 -10.80 31.19
C LYS A 188 -34.39 -12.06 31.25
N HIS A 189 -34.87 -13.14 30.64
CA HIS A 189 -34.04 -14.33 30.30
C HIS A 189 -33.31 -14.05 29.00
N TYR A 190 -31.98 -13.98 29.06
CA TYR A 190 -31.08 -13.73 27.90
C TYR A 190 -30.32 -15.02 27.57
N ALA A 191 -30.31 -15.42 26.29
CA ALA A 191 -29.56 -16.59 25.80
C ALA A 191 -28.84 -16.22 24.50
N VAL A 192 -27.65 -16.77 24.30
CA VAL A 192 -26.83 -16.59 23.06
C VAL A 192 -26.55 -17.97 22.47
N LEU A 193 -26.91 -18.18 21.20
CA LEU A 193 -26.63 -19.43 20.44
C LEU A 193 -25.49 -19.15 19.46
N ASP A 194 -24.47 -20.00 19.47
CA ASP A 194 -23.37 -19.98 18.49
C ASP A 194 -22.71 -21.36 18.48
N ARG A 195 -21.60 -21.50 17.76
CA ARG A 195 -20.80 -22.74 17.70
C ARG A 195 -19.72 -22.67 18.79
N TYR A 196 -19.94 -23.36 19.91
CA TYR A 196 -19.03 -23.41 21.07
C TYR A 196 -18.58 -24.86 21.30
N SER A 197 -17.29 -25.06 21.55
CA SER A 197 -16.73 -26.31 22.12
C SER A 197 -16.86 -26.22 23.65
N GLU A 198 -16.33 -25.14 24.23
CA GLU A 198 -16.47 -24.76 25.66
C GLU A 198 -17.39 -23.53 25.73
N LEU A 199 -18.41 -23.55 26.58
CA LEU A 199 -19.43 -22.47 26.68
C LEU A 199 -18.81 -21.25 27.34
N PRO A 200 -18.98 -20.03 26.75
CA PRO A 200 -18.70 -18.79 27.47
C PRO A 200 -19.55 -18.68 28.74
N VAL A 201 -19.18 -17.76 29.64
CA VAL A 201 -19.83 -17.53 30.95
C VAL A 201 -20.03 -16.02 31.15
N SER A 202 -21.25 -15.60 31.50
CA SER A 202 -21.63 -14.20 31.82
C SER A 202 -22.87 -14.20 32.71
N ASP A 203 -22.81 -13.47 33.83
CA ASP A 203 -23.80 -13.53 34.95
C ASP A 203 -25.24 -13.60 34.43
N ASN A 204 -25.61 -12.73 33.48
CA ASN A 204 -27.01 -12.52 33.03
C ASN A 204 -27.36 -13.42 31.84
N ILE A 205 -26.37 -14.07 31.22
CA ILE A 205 -26.50 -14.69 29.86
C ILE A 205 -26.28 -16.20 29.94
N ASP A 206 -27.19 -16.96 29.32
N ASP A 206 -27.23 -16.97 29.37
CA ASP A 206 -27.11 -18.44 29.13
CA ASP A 206 -27.10 -18.43 29.12
C ASP A 206 -26.59 -18.73 27.72
C ASP A 206 -26.52 -18.62 27.71
N PHE A 207 -25.43 -19.38 27.59
CA PHE A 207 -24.80 -19.70 26.29
C PHE A 207 -25.24 -21.10 25.86
N ILE A 208 -25.62 -21.26 24.59
CA ILE A 208 -26.14 -22.52 23.97
C ILE A 208 -25.28 -22.83 22.75
N ASN A 209 -24.69 -24.02 22.72
CA ASN A 209 -24.02 -24.58 21.50
C ASN A 209 -25.12 -25.01 20.54
N GLY A 210 -25.10 -24.50 19.31
CA GLY A 210 -26.15 -24.78 18.31
C GLY A 210 -25.64 -24.64 16.89
N ASN A 211 -26.53 -24.83 15.93
CA ASN A 211 -26.26 -24.76 14.47
C ASN A 211 -27.53 -24.25 13.79
N PHE A 212 -27.57 -22.97 13.38
CA PHE A 212 -28.79 -22.32 12.86
C PHE A 212 -29.14 -22.85 11.46
N LEU A 213 -28.24 -23.62 10.83
CA LEU A 213 -28.52 -24.33 9.55
C LEU A 213 -29.39 -25.56 9.80
N ASN A 214 -29.32 -26.13 11.01
N ASN A 214 -29.33 -26.13 11.01
CA ASN A 214 -30.03 -27.37 11.43
CA ASN A 214 -30.05 -27.37 11.41
C ASN A 214 -31.35 -27.01 12.12
C ASN A 214 -31.36 -27.00 12.12
N SER A 215 -31.29 -26.20 13.19
CA SER A 215 -32.44 -25.91 14.07
C SER A 215 -32.22 -24.62 14.89
N ILE A 216 -33.31 -23.91 15.18
CA ILE A 216 -33.40 -22.80 16.18
C ILE A 216 -34.32 -23.26 17.29
N PRO A 217 -33.93 -23.17 18.59
CA PRO A 217 -34.81 -23.58 19.68
C PRO A 217 -36.05 -22.68 19.82
N SER A 218 -37.21 -23.30 20.05
CA SER A 218 -38.49 -22.60 20.32
C SER A 218 -38.50 -22.10 21.78
N GLY A 219 -39.52 -21.32 22.15
CA GLY A 219 -39.76 -20.89 23.54
C GLY A 219 -39.03 -19.60 23.90
N TYR A 220 -38.77 -18.74 22.90
CA TYR A 220 -38.32 -17.33 23.09
C TYR A 220 -39.33 -16.42 22.39
N ASP A 221 -39.64 -15.26 22.99
CA ASP A 221 -40.61 -14.29 22.42
C ASP A 221 -39.86 -13.26 21.57
N LEU A 222 -38.54 -13.08 21.78
CA LEU A 222 -37.69 -12.27 20.87
C LEU A 222 -36.49 -13.11 20.40
N TYR A 223 -36.30 -13.19 19.08
CA TYR A 223 -35.10 -13.74 18.40
C TYR A 223 -34.34 -12.58 17.75
N ILE A 224 -33.00 -12.64 17.78
CA ILE A 224 -32.11 -11.63 17.13
C ILE A 224 -31.14 -12.36 16.20
N LEU A 225 -31.02 -11.87 14.96
CA LEU A 225 -30.01 -12.33 13.97
C LEU A 225 -29.30 -11.11 13.40
N LYS A 226 -28.14 -10.76 13.99
CA LYS A 226 -27.37 -9.54 13.63
C LYS A 226 -26.10 -9.93 12.87
N ASN A 227 -25.92 -9.35 11.68
CA ASN A 227 -24.68 -9.45 10.86
C ASN A 227 -24.32 -10.92 10.62
N VAL A 228 -25.32 -11.73 10.35
CA VAL A 228 -25.11 -13.17 10.03
C VAL A 228 -25.34 -13.45 8.54
N LEU A 229 -26.43 -12.91 7.97
CA LEU A 229 -26.86 -13.27 6.60
C LEU A 229 -25.84 -12.92 5.52
N HIS A 230 -24.99 -11.92 5.72
CA HIS A 230 -23.98 -11.58 4.67
C HIS A 230 -22.88 -12.65 4.55
N ASN A 231 -22.74 -13.55 5.52
CA ASN A 231 -21.78 -14.66 5.45
C ASN A 231 -22.39 -15.83 4.67
N TRP A 232 -23.59 -15.69 4.11
CA TRP A 232 -24.32 -16.86 3.53
C TRP A 232 -24.91 -16.52 2.15
N SER A 233 -25.06 -17.56 1.32
CA SER A 233 -25.80 -17.54 0.03
C SER A 233 -27.27 -17.24 0.31
N ASP A 234 -28.04 -16.91 -0.74
CA ASP A 234 -29.51 -16.69 -0.67
C ASP A 234 -30.19 -17.97 -0.18
N SER A 235 -29.79 -19.14 -0.69
CA SER A 235 -30.39 -20.45 -0.34
C SER A 235 -30.17 -20.76 1.16
N ASP A 236 -28.94 -20.55 1.65
CA ASP A 236 -28.57 -20.80 3.07
C ASP A 236 -29.28 -19.78 3.98
N SER A 237 -29.39 -18.52 3.53
CA SER A 237 -30.13 -17.44 4.23
C SER A 237 -31.60 -17.84 4.42
N ILE A 238 -32.24 -18.36 3.37
CA ILE A 238 -33.66 -18.80 3.41
C ILE A 238 -33.80 -19.98 4.37
N LEU A 239 -32.85 -20.93 4.36
CA LEU A 239 -32.80 -22.09 5.27
C LEU A 239 -32.77 -21.59 6.72
N ILE A 240 -31.90 -20.62 7.03
CA ILE A 240 -31.76 -20.02 8.39
C ILE A 240 -33.10 -19.41 8.81
N LEU A 241 -33.71 -18.61 7.93
CA LEU A 241 -34.98 -17.89 8.22
C LEU A 241 -36.14 -18.90 8.32
N GLU A 242 -36.12 -19.98 7.55
CA GLU A 242 -37.11 -21.09 7.64
C GLU A 242 -37.02 -21.74 9.03
N ASN A 243 -35.79 -21.93 9.55
CA ASN A 243 -35.54 -22.56 10.87
C ASN A 243 -36.09 -21.64 11.98
N PHE A 244 -36.04 -20.31 11.79
CA PHE A 244 -36.67 -19.33 12.70
C PHE A 244 -38.19 -19.49 12.66
N ARG A 245 -38.78 -19.50 11.46
CA ARG A 245 -40.25 -19.61 11.27
C ARG A 245 -40.77 -20.88 11.98
N LYS A 246 -40.02 -21.98 11.89
CA LYS A 246 -40.40 -23.29 12.50
C LYS A 246 -40.31 -23.20 14.03
N ALA A 247 -39.38 -22.41 14.56
CA ALA A 247 -39.13 -22.23 16.02
C ALA A 247 -40.16 -21.25 16.60
N MET A 248 -40.70 -20.35 15.79
CA MET A 248 -41.55 -19.21 16.22
C MET A 248 -43.03 -19.62 16.19
N ASP A 249 -43.83 -19.05 17.10
CA ASP A 249 -45.32 -19.08 17.06
C ASP A 249 -45.81 -17.68 16.64
N LYS A 250 -47.12 -17.45 16.64
CA LYS A 250 -47.76 -16.22 16.11
C LYS A 250 -47.33 -14.99 16.93
N ASN A 251 -46.94 -15.17 18.20
CA ASN A 251 -46.62 -14.07 19.15
C ASN A 251 -45.11 -13.76 19.15
N SER A 252 -44.27 -14.63 18.57
CA SER A 252 -42.79 -14.47 18.51
C SER A 252 -42.43 -13.30 17.58
N SER A 253 -41.28 -12.66 17.84
CA SER A 253 -40.67 -11.61 16.98
C SER A 253 -39.21 -11.96 16.69
N LEU A 254 -38.76 -11.72 15.45
CA LEU A 254 -37.35 -11.86 15.01
C LEU A 254 -36.85 -10.49 14.57
N LEU A 255 -35.77 -10.00 15.19
CA LEU A 255 -35.06 -8.77 14.75
C LEU A 255 -33.93 -9.19 13.81
N LEU A 256 -34.11 -8.95 12.50
CA LEU A 256 -33.05 -9.12 11.47
C LEU A 256 -32.31 -7.78 11.35
N ILE A 257 -31.07 -7.74 11.85
CA ILE A 257 -30.22 -6.51 11.92
C ILE A 257 -28.98 -6.79 11.07
N ASN A 258 -28.73 -5.98 10.05
CA ASN A 258 -27.62 -6.25 9.09
C ASN A 258 -27.18 -4.93 8.46
N MET A 259 -25.88 -4.80 8.21
CA MET A 259 -25.36 -3.80 7.23
C MET A 259 -26.15 -4.01 5.94
N VAL A 260 -26.55 -2.91 5.29
CA VAL A 260 -27.44 -2.94 4.10
C VAL A 260 -26.70 -2.27 2.93
N LYS A 261 -26.88 -2.82 1.73
CA LYS A 261 -26.31 -2.30 0.46
C LYS A 261 -27.07 -1.03 0.07
N GLU A 262 -26.40 0.12 0.05
CA GLU A 262 -26.93 1.40 -0.48
C GLU A 262 -26.00 1.86 -1.60
N PRO A 263 -26.53 2.39 -2.72
CA PRO A 263 -25.72 2.74 -3.90
C PRO A 263 -24.54 3.69 -3.64
N GLU A 264 -24.64 4.54 -2.61
CA GLU A 264 -23.68 5.66 -2.35
C GLU A 264 -22.44 5.15 -1.62
N PHE A 265 -22.44 3.90 -1.13
CA PHE A 265 -21.35 3.30 -0.33
C PHE A 265 -20.55 2.31 -1.19
N SER A 266 -19.33 2.00 -0.76
CA SER A 266 -18.36 1.16 -1.50
C SER A 266 -18.88 -0.29 -1.60
N ARG A 267 -18.58 -0.97 -2.71
CA ARG A 267 -18.90 -2.40 -2.96
C ARG A 267 -17.78 -3.30 -2.42
N SER A 268 -16.73 -2.74 -1.81
CA SER A 268 -15.51 -3.50 -1.40
C SER A 268 -15.89 -4.61 -0.41
N PHE A 269 -16.78 -4.34 0.55
CA PHE A 269 -17.22 -5.33 1.57
C PHE A 269 -17.99 -6.48 0.89
N ASP A 270 -18.79 -6.18 -0.14
CA ASP A 270 -19.51 -7.19 -0.96
C ASP A 270 -18.50 -8.20 -1.52
N ILE A 271 -17.34 -7.71 -1.97
CA ILE A 271 -16.29 -8.57 -2.59
C ILE A 271 -15.59 -9.37 -1.48
N LEU A 272 -15.32 -8.76 -0.31
CA LEU A 272 -14.71 -9.49 0.83
C LEU A 272 -15.62 -10.65 1.23
N MET A 273 -16.93 -10.41 1.33
CA MET A 273 -17.93 -11.46 1.70
C MET A 273 -17.90 -12.59 0.67
N ASP A 274 -17.72 -12.27 -0.62
CA ASP A 274 -17.61 -13.30 -1.68
C ASP A 274 -16.37 -14.17 -1.39
N VAL A 275 -15.22 -13.53 -1.15
CA VAL A 275 -13.89 -14.18 -0.95
C VAL A 275 -13.93 -15.07 0.29
N LEU A 276 -14.43 -14.57 1.42
CA LEU A 276 -14.38 -15.28 2.71
C LEU A 276 -15.48 -16.35 2.79
N PHE A 277 -16.68 -16.09 2.24
CA PHE A 277 -17.91 -16.86 2.59
C PHE A 277 -18.72 -17.33 1.38
N LEU A 278 -18.43 -16.86 0.15
CA LEU A 278 -19.43 -16.84 -0.96
C LEU A 278 -20.71 -16.20 -0.42
N GLY A 279 -20.55 -15.16 0.40
CA GLY A 279 -21.65 -14.30 0.90
C GLY A 279 -21.82 -13.11 -0.01
N LYS A 280 -22.60 -12.12 0.44
CA LYS A 280 -22.88 -10.88 -0.32
C LYS A 280 -23.55 -9.87 0.60
N GLU A 281 -23.42 -8.59 0.28
CA GLU A 281 -24.23 -7.51 0.89
C GLU A 281 -25.57 -7.46 0.14
N ARG A 282 -26.64 -7.06 0.82
CA ARG A 282 -28.02 -7.05 0.27
C ARG A 282 -28.70 -5.72 0.63
N SER A 283 -29.63 -5.28 -0.22
CA SER A 283 -30.54 -4.13 0.03
C SER A 283 -31.67 -4.59 0.97
N PHE A 284 -32.44 -3.64 1.50
CA PHE A 284 -33.65 -3.95 2.32
C PHE A 284 -34.59 -4.87 1.52
N THR A 285 -34.88 -4.50 0.27
CA THR A 285 -35.79 -5.23 -0.64
C THR A 285 -35.34 -6.70 -0.73
N GLU A 286 -34.03 -6.93 -0.87
CA GLU A 286 -33.44 -8.28 -1.03
C GLU A 286 -33.61 -9.08 0.27
N PHE A 287 -33.44 -8.44 1.44
CA PHE A 287 -33.65 -9.09 2.76
C PHE A 287 -35.13 -9.49 2.90
N GLU A 288 -36.06 -8.58 2.57
CA GLU A 288 -37.52 -8.82 2.65
C GLU A 288 -37.89 -10.02 1.76
N TYR A 289 -37.31 -10.09 0.56
CA TYR A 289 -37.55 -11.19 -0.41
C TYR A 289 -37.22 -12.54 0.24
N LEU A 290 -36.03 -12.64 0.84
CA LEU A 290 -35.55 -13.88 1.52
C LEU A 290 -36.51 -14.25 2.66
N ALA A 291 -36.86 -13.28 3.50
CA ALA A 291 -37.77 -13.45 4.66
C ALA A 291 -39.14 -13.97 4.17
N ASN A 292 -39.68 -13.35 3.12
CA ASN A 292 -41.00 -13.70 2.53
C ASN A 292 -40.98 -15.14 2.01
N GLN A 293 -39.91 -15.54 1.31
CA GLN A 293 -39.72 -16.92 0.78
C GLN A 293 -39.66 -17.92 1.94
N ALA A 294 -39.15 -17.50 3.10
CA ALA A 294 -39.00 -18.35 4.31
C ALA A 294 -40.30 -18.38 5.12
N GLY A 295 -41.31 -17.59 4.75
CA GLY A 295 -42.63 -17.55 5.39
C GLY A 295 -42.69 -16.55 6.54
N LEU A 296 -41.83 -15.54 6.51
CA LEU A 296 -41.80 -14.42 7.49
C LEU A 296 -42.21 -13.14 6.78
N VAL A 297 -42.80 -12.19 7.51
CA VAL A 297 -43.27 -10.88 6.96
C VAL A 297 -42.75 -9.73 7.83
N VAL A 298 -42.50 -8.59 7.20
CA VAL A 298 -41.95 -7.36 7.84
C VAL A 298 -43.08 -6.65 8.60
N GLN A 299 -42.90 -6.47 9.92
CA GLN A 299 -43.84 -5.73 10.81
C GLN A 299 -43.34 -4.29 10.96
N GLU A 300 -42.03 -4.10 11.08
CA GLU A 300 -41.37 -2.78 11.30
C GLU A 300 -40.01 -2.78 10.60
N THR A 301 -39.67 -1.68 9.93
CA THR A 301 -38.33 -1.42 9.31
C THR A 301 -37.82 -0.06 9.76
N LYS A 302 -36.52 0.03 10.05
CA LYS A 302 -35.82 1.29 10.40
C LYS A 302 -34.41 1.22 9.82
N VAL A 303 -33.85 2.37 9.45
CA VAL A 303 -32.42 2.53 9.03
C VAL A 303 -31.65 3.09 10.23
N ILE A 304 -30.59 2.38 10.65
CA ILE A 304 -29.68 2.80 11.74
C ILE A 304 -28.36 3.25 11.10
N ASP A 305 -27.90 4.46 11.44
CA ASP A 305 -26.61 5.01 10.96
C ASP A 305 -25.50 4.49 11.86
N GLN A 306 -24.47 3.87 11.26
CA GLN A 306 -23.16 3.62 11.91
C GLN A 306 -22.09 4.32 11.05
N SER A 307 -20.97 4.70 11.66
CA SER A 307 -19.89 5.51 11.01
C SER A 307 -19.49 4.86 9.68
N TYR A 308 -19.40 3.54 9.64
CA TYR A 308 -18.76 2.74 8.54
C TYR A 308 -19.81 2.22 7.54
N SER A 309 -21.09 2.17 7.92
CA SER A 309 -22.16 1.57 7.07
C SER A 309 -23.55 1.95 7.59
N PRO A 310 -24.55 2.09 6.70
CA PRO A 310 -25.95 2.10 7.13
C PRO A 310 -26.36 0.66 7.51
N TYR A 311 -27.31 0.53 8.43
CA TYR A 311 -27.87 -0.77 8.89
C TYR A 311 -29.37 -0.79 8.58
N SER A 312 -29.86 -1.98 8.20
CA SER A 312 -31.31 -2.30 8.13
C SER A 312 -31.72 -2.96 9.45
N PHE A 313 -32.76 -2.42 10.10
CA PHE A 313 -33.43 -3.01 11.29
C PHE A 313 -34.81 -3.49 10.84
N ILE A 314 -35.02 -4.80 10.80
CA ILE A 314 -36.27 -5.44 10.29
C ILE A 314 -36.87 -6.31 11.40
N LYS A 315 -38.06 -5.97 11.87
CA LYS A 315 -38.86 -6.83 12.78
C LYS A 315 -39.70 -7.79 11.92
N LEU A 316 -39.51 -9.09 12.10
CA LEU A 316 -40.18 -10.17 11.33
C LEU A 316 -41.09 -10.98 12.26
N GLN A 317 -42.26 -11.39 11.75
CA GLN A 317 -43.16 -12.37 12.39
C GLN A 317 -43.61 -13.38 11.33
N ILE A 318 -44.12 -14.53 11.74
CA ILE A 318 -44.61 -15.61 10.83
C ILE A 318 -45.88 -15.12 10.15
N LYS A 319 -46.14 -15.60 8.93
CA LYS A 319 -47.36 -15.29 8.14
C LYS A 319 -48.59 -15.83 8.87
N SER B 1 4.51 17.95 -40.79
CA SER B 1 5.57 18.35 -39.84
C SER B 1 4.95 18.75 -38.49
N MET B 2 5.76 18.79 -37.44
CA MET B 2 5.36 19.32 -36.11
C MET B 2 4.99 20.81 -36.27
N LEU B 3 5.79 21.58 -37.01
CA LEU B 3 5.63 23.07 -37.10
C LEU B 3 4.32 23.43 -37.82
N THR B 4 4.03 22.83 -38.98
CA THR B 4 2.81 23.17 -39.76
C THR B 4 1.56 22.79 -38.95
N GLU B 5 1.62 21.69 -38.18
CA GLU B 5 0.48 21.27 -37.31
C GLU B 5 0.37 22.21 -36.10
N LEU B 6 1.50 22.76 -35.62
CA LEU B 6 1.50 23.79 -34.54
C LEU B 6 0.85 25.07 -35.08
N ILE B 7 1.23 25.51 -36.28
CA ILE B 7 0.62 26.68 -36.98
C ILE B 7 -0.89 26.41 -37.10
N ALA B 8 -1.29 25.17 -37.37
CA ALA B 8 -2.69 24.74 -37.62
C ALA B 8 -3.38 24.29 -36.33
N SER B 9 -2.90 24.71 -35.16
CA SER B 9 -3.50 24.37 -33.84
C SER B 9 -4.98 24.76 -33.82
N ASN B 10 -5.34 25.87 -34.47
CA ASN B 10 -6.73 26.41 -34.56
C ASN B 10 -7.71 25.33 -35.05
N ARG B 11 -7.25 24.43 -35.93
CA ARG B 11 -8.10 23.39 -36.57
C ARG B 11 -8.67 22.44 -35.50
N ARG B 12 -7.93 22.22 -34.40
CA ARG B 12 -8.37 21.34 -33.28
C ARG B 12 -9.55 22.01 -32.58
N SER B 13 -9.44 23.30 -32.25
CA SER B 13 -10.51 24.09 -31.59
C SER B 13 -11.74 24.11 -32.50
N ALA B 14 -11.55 24.31 -33.81
CA ALA B 14 -12.64 24.42 -34.81
C ALA B 14 -13.35 23.07 -34.96
N ALA B 15 -12.60 21.96 -34.96
CA ALA B 15 -13.15 20.58 -35.04
C ALA B 15 -14.07 20.33 -33.84
N ILE B 16 -13.60 20.67 -32.64
CA ILE B 16 -14.38 20.48 -31.37
C ILE B 16 -15.63 21.36 -31.43
N HIS B 17 -15.50 22.61 -31.89
CA HIS B 17 -16.63 23.57 -32.02
C HIS B 17 -17.74 22.96 -32.89
N ALA B 18 -17.38 22.43 -34.06
CA ALA B 18 -18.33 21.79 -35.01
C ALA B 18 -19.03 20.62 -34.34
N PHE B 19 -18.29 19.83 -33.57
CA PHE B 19 -18.77 18.60 -32.88
C PHE B 19 -19.75 18.96 -31.76
N VAL B 20 -19.43 20.01 -30.99
CA VAL B 20 -20.16 20.35 -29.73
C VAL B 20 -21.25 21.41 -30.00
N ASP B 21 -20.93 22.47 -30.74
CA ASP B 21 -21.84 23.63 -30.96
C ASP B 21 -23.12 23.19 -31.69
N THR B 22 -23.01 22.19 -32.57
CA THR B 22 -24.14 21.62 -33.36
C THR B 22 -25.02 20.70 -32.49
N GLY B 23 -24.52 20.28 -31.33
CA GLY B 23 -25.19 19.31 -30.45
C GLY B 23 -24.93 17.87 -30.86
N LEU B 24 -24.08 17.63 -31.87
CA LEU B 24 -23.74 16.26 -32.34
C LEU B 24 -23.17 15.44 -31.18
N SER B 25 -22.36 16.06 -30.31
CA SER B 25 -21.70 15.40 -29.16
C SER B 25 -22.73 14.88 -28.14
N THR B 26 -23.93 15.46 -28.11
CA THR B 26 -25.01 15.05 -27.15
C THR B 26 -25.55 13.66 -27.51
N HIS B 27 -25.26 13.16 -28.71
CA HIS B 27 -25.62 11.79 -29.15
C HIS B 27 -24.65 10.74 -28.57
N PHE B 28 -23.59 11.18 -27.88
CA PHE B 28 -22.50 10.31 -27.36
C PHE B 28 -22.59 10.19 -25.83
N LYS B 29 -23.78 10.40 -25.25
CA LYS B 29 -24.05 10.31 -23.79
C LYS B 29 -23.75 8.90 -23.27
N ASP B 30 -23.35 8.79 -22.01
CA ASP B 30 -23.29 7.53 -21.20
C ASP B 30 -22.30 6.54 -21.82
N GLY B 31 -21.25 7.04 -22.49
CA GLY B 31 -20.15 6.23 -23.04
C GLY B 31 -20.60 5.31 -24.18
N ILE B 32 -21.70 5.64 -24.86
CA ILE B 32 -22.29 4.81 -25.95
C ILE B 32 -21.38 4.90 -27.18
N TYR B 33 -21.24 3.79 -27.93
CA TYR B 33 -20.64 3.77 -29.28
C TYR B 33 -21.72 4.20 -30.28
N VAL B 34 -21.37 5.16 -31.15
CA VAL B 34 -22.30 5.74 -32.17
C VAL B 34 -21.87 5.20 -33.54
N ASP B 35 -22.81 4.56 -34.25
CA ASP B 35 -22.71 4.22 -35.69
C ASP B 35 -23.11 5.48 -36.47
N ILE B 36 -22.19 6.05 -37.26
CA ILE B 36 -22.40 7.35 -37.95
C ILE B 36 -23.51 7.18 -39.00
N SER B 37 -23.65 5.99 -39.60
CA SER B 37 -24.75 5.65 -40.54
C SER B 37 -26.10 5.85 -39.83
N GLU B 38 -26.23 5.32 -38.60
CA GLU B 38 -27.45 5.45 -37.77
C GLU B 38 -27.65 6.92 -37.37
N LEU B 39 -26.57 7.60 -36.97
CA LEU B 39 -26.61 9.04 -36.56
C LEU B 39 -27.09 9.90 -37.74
N SER B 40 -26.59 9.62 -38.95
CA SER B 40 -26.98 10.34 -40.20
C SER B 40 -28.50 10.22 -40.43
N ARG B 41 -29.06 9.02 -40.26
CA ARG B 41 -30.51 8.74 -40.44
C ARG B 41 -31.32 9.58 -39.43
N LYS B 42 -30.88 9.62 -38.17
CA LYS B 42 -31.54 10.36 -37.06
C LYS B 42 -31.45 11.87 -37.28
N SER B 43 -30.22 12.38 -37.47
CA SER B 43 -29.85 13.80 -37.28
C SER B 43 -29.76 14.54 -38.62
N GLY B 44 -29.53 13.81 -39.72
CA GLY B 44 -29.34 14.38 -41.07
C GLY B 44 -27.89 14.78 -41.33
N VAL B 45 -26.98 14.48 -40.39
CA VAL B 45 -25.54 14.82 -40.55
C VAL B 45 -24.99 14.00 -41.73
N ASN B 46 -24.09 14.59 -42.52
CA ASN B 46 -23.42 13.95 -43.68
C ASN B 46 -22.53 12.81 -43.15
N TYR B 47 -22.80 11.57 -43.56
CA TYR B 47 -22.08 10.36 -43.09
C TYR B 47 -20.57 10.49 -43.36
N ALA B 48 -20.19 10.66 -44.63
CA ALA B 48 -18.78 10.62 -45.10
C ALA B 48 -17.98 11.75 -44.44
N ARG B 49 -18.53 12.97 -44.43
CA ARG B 49 -17.82 14.19 -43.97
C ARG B 49 -17.74 14.20 -42.43
N PHE B 50 -18.78 13.74 -41.73
CA PHE B 50 -18.75 13.64 -40.25
C PHE B 50 -17.82 12.49 -39.84
N SER B 51 -17.78 11.39 -40.60
CA SER B 51 -16.85 10.26 -40.35
C SER B 51 -15.39 10.77 -40.41
N ARG B 52 -15.08 11.65 -41.36
CA ARG B 52 -13.73 12.25 -41.51
C ARG B 52 -13.44 13.16 -40.31
N LEU B 53 -14.42 13.94 -39.84
CA LEU B 53 -14.28 14.77 -38.61
C LEU B 53 -14.00 13.84 -37.42
N CYS B 54 -14.74 12.73 -37.31
CA CYS B 54 -14.61 11.75 -36.21
C CYS B 54 -13.19 11.16 -36.22
N ASP B 55 -12.63 10.85 -37.40
CA ASP B 55 -11.23 10.36 -37.56
C ASP B 55 -10.26 11.40 -36.95
N PHE B 56 -10.48 12.69 -37.22
CA PHE B 56 -9.63 13.78 -36.68
C PHE B 56 -9.81 13.86 -35.16
N LEU B 57 -11.05 13.71 -34.67
CA LEU B 57 -11.37 13.77 -33.22
C LEU B 57 -10.72 12.58 -32.50
N VAL B 58 -10.60 11.41 -33.14
CA VAL B 58 -9.89 10.23 -32.59
C VAL B 58 -8.40 10.57 -32.43
N GLU B 59 -7.79 11.14 -33.47
CA GLU B 59 -6.37 11.60 -33.46
C GLU B 59 -6.15 12.56 -32.29
N MET B 60 -7.13 13.43 -32.01
CA MET B 60 -7.08 14.47 -30.93
C MET B 60 -7.26 13.83 -29.55
N GLY B 61 -7.83 12.62 -29.47
CA GLY B 61 -8.13 11.93 -28.21
C GLY B 61 -9.52 12.29 -27.67
N VAL B 62 -10.35 12.95 -28.48
CA VAL B 62 -11.74 13.34 -28.11
C VAL B 62 -12.64 12.10 -28.27
N LEU B 63 -12.44 11.33 -29.34
CA LEU B 63 -13.22 10.10 -29.64
C LEU B 63 -12.30 8.88 -29.58
N VAL B 64 -12.89 7.71 -29.35
CA VAL B 64 -12.23 6.38 -29.43
C VAL B 64 -13.04 5.54 -30.43
N SER B 65 -12.35 4.80 -31.31
CA SER B 65 -12.97 3.99 -32.39
C SER B 65 -12.91 2.51 -32.03
N ASN B 66 -14.03 1.80 -32.21
CA ASN B 66 -14.14 0.32 -32.16
C ASN B 66 -15.20 -0.11 -33.19
N ASP B 67 -14.87 -1.10 -34.03
CA ASP B 67 -15.82 -1.73 -34.97
C ASP B 67 -16.43 -0.66 -35.88
N ASN B 68 -15.62 0.33 -36.30
CA ASN B 68 -16.03 1.45 -37.19
C ASN B 68 -17.16 2.25 -36.54
N LYS B 69 -17.18 2.30 -35.20
CA LYS B 69 -18.11 3.14 -34.39
C LYS B 69 -17.25 4.01 -33.47
N PHE B 70 -17.82 5.10 -32.95
CA PHE B 70 -17.09 6.13 -32.17
C PHE B 70 -17.79 6.37 -30.83
N ARG B 71 -17.01 6.46 -29.76
CA ARG B 71 -17.47 6.93 -28.42
C ARG B 71 -16.60 8.10 -27.99
N LEU B 72 -17.12 8.94 -27.09
CA LEU B 72 -16.30 9.97 -26.38
C LEU B 72 -15.26 9.23 -25.54
N SER B 73 -14.04 9.78 -25.47
CA SER B 73 -13.02 9.38 -24.47
C SER B 73 -13.56 9.71 -23.08
N ASP B 74 -13.09 9.03 -22.04
CA ASP B 74 -13.55 9.25 -20.65
C ASP B 74 -13.34 10.72 -20.27
N GLU B 75 -12.19 11.29 -20.66
CA GLU B 75 -11.81 12.71 -20.39
C GLU B 75 -12.86 13.66 -20.98
N CYS B 76 -13.41 13.34 -22.14
CA CYS B 76 -14.29 14.22 -22.96
C CYS B 76 -15.78 13.89 -22.76
N HIS B 77 -16.14 13.11 -21.74
CA HIS B 77 -17.56 12.79 -21.39
C HIS B 77 -18.37 14.09 -21.28
N VAL B 78 -17.74 15.17 -20.80
CA VAL B 78 -18.36 16.50 -20.56
C VAL B 78 -18.99 17.06 -21.84
N PHE B 79 -18.46 16.71 -23.03
CA PHE B 79 -18.96 17.20 -24.34
C PHE B 79 -20.38 16.69 -24.62
N ALA B 80 -20.80 15.59 -23.98
CA ALA B 80 -22.15 15.00 -24.13
C ALA B 80 -23.18 15.85 -23.36
N ASN B 81 -22.70 16.71 -22.45
CA ASN B 81 -23.54 17.56 -21.57
C ASN B 81 -23.46 19.01 -22.03
N PRO B 82 -24.54 19.58 -22.61
CA PRO B 82 -24.52 20.97 -23.08
C PRO B 82 -24.47 22.00 -21.94
N GLU B 83 -24.69 21.56 -20.69
CA GLU B 83 -24.66 22.43 -19.47
C GLU B 83 -23.24 22.47 -18.88
N SER B 84 -22.29 21.70 -19.41
CA SER B 84 -20.89 21.61 -18.92
C SER B 84 -20.15 22.92 -19.23
N PHE B 85 -19.23 23.34 -18.36
CA PHE B 85 -18.45 24.60 -18.53
C PHE B 85 -17.67 24.49 -19.85
N GLU B 86 -17.17 23.29 -20.18
CA GLU B 86 -16.38 23.01 -21.41
C GLU B 86 -17.22 23.35 -22.65
N SER B 87 -18.52 23.04 -22.65
CA SER B 87 -19.46 23.32 -23.76
C SER B 87 -19.56 24.84 -23.98
N PHE B 88 -19.62 25.63 -22.90
CA PHE B 88 -19.70 27.12 -22.95
C PHE B 88 -18.34 27.68 -23.37
N MET B 89 -17.24 27.10 -22.87
CA MET B 89 -15.85 27.51 -23.21
C MET B 89 -15.66 27.41 -24.74
N ILE B 90 -16.08 26.29 -25.32
CA ILE B 90 -16.01 26.00 -26.78
C ILE B 90 -16.73 27.09 -27.57
N LYS B 91 -17.95 27.46 -27.14
CA LYS B 91 -18.83 28.43 -27.86
C LYS B 91 -18.15 29.81 -27.92
N LEU B 92 -17.42 30.20 -26.87
CA LEU B 92 -16.74 31.53 -26.78
C LEU B 92 -15.41 31.49 -27.51
N GLU B 93 -14.64 30.42 -27.33
CA GLU B 93 -13.19 30.33 -27.67
C GLU B 93 -12.93 30.82 -29.10
N ILE B 94 -13.71 30.38 -30.08
CA ILE B 94 -13.47 30.72 -31.52
C ILE B 94 -14.68 31.47 -32.10
N CYS B 95 -15.53 32.07 -31.27
CA CYS B 95 -16.63 32.96 -31.72
C CYS B 95 -16.00 34.16 -32.45
N SER B 96 -16.76 34.82 -33.32
CA SER B 96 -16.29 35.92 -34.21
C SER B 96 -15.64 37.03 -33.37
N HIS B 97 -16.22 37.37 -32.23
CA HIS B 97 -15.75 38.47 -31.35
C HIS B 97 -14.34 38.16 -30.84
N TYR B 98 -14.11 36.93 -30.37
CA TYR B 98 -12.79 36.46 -29.87
C TYR B 98 -11.77 36.43 -31.01
N SER B 99 -12.18 35.88 -32.16
N SER B 99 -12.18 35.91 -32.17
CA SER B 99 -11.38 35.82 -33.42
CA SER B 99 -11.32 35.81 -33.39
C SER B 99 -10.87 37.21 -33.77
C SER B 99 -10.87 37.21 -33.84
N ASN B 100 -11.79 38.20 -33.82
CA ASN B 100 -11.47 39.60 -34.19
C ASN B 100 -10.54 40.24 -33.14
N ALA B 101 -10.70 39.89 -31.86
CA ALA B 101 -9.81 40.36 -30.77
C ALA B 101 -8.40 39.81 -31.01
N TRP B 102 -8.26 38.51 -31.28
CA TRP B 102 -6.95 37.84 -31.53
C TRP B 102 -6.25 38.49 -32.73
N LEU B 103 -7.00 38.89 -33.76
CA LEU B 103 -6.42 39.51 -34.99
C LEU B 103 -5.89 40.92 -34.69
N MET B 104 -6.30 41.53 -33.56
CA MET B 104 -5.82 42.86 -33.11
C MET B 104 -4.70 42.71 -32.07
N TYR B 105 -4.39 41.48 -31.64
CA TYR B 105 -3.44 41.21 -30.53
C TYR B 105 -2.06 41.77 -30.90
N GLY B 106 -1.56 41.44 -32.09
CA GLY B 106 -0.28 41.96 -32.62
C GLY B 106 -0.20 43.47 -32.50
N LYS B 107 -1.18 44.18 -33.08
CA LYS B 107 -1.23 45.66 -33.10
C LYS B 107 -1.31 46.19 -31.66
N SER B 108 -2.06 45.52 -30.79
CA SER B 108 -2.28 45.92 -29.37
C SER B 108 -0.95 45.98 -28.61
N LEU B 109 0.05 45.19 -29.01
CA LEU B 109 1.38 45.13 -28.33
C LEU B 109 2.17 46.41 -28.60
N PHE B 110 1.85 47.18 -29.65
CA PHE B 110 2.58 48.40 -30.07
C PHE B 110 1.85 49.67 -29.60
N GLU B 111 0.57 49.57 -29.24
CA GLU B 111 -0.24 50.73 -28.75
C GLU B 111 -0.03 50.91 -27.25
N ASP B 112 -0.15 52.14 -26.75
CA ASP B 112 0.07 52.51 -25.33
C ASP B 112 -1.06 53.44 -24.85
N ASP B 113 -2.28 53.24 -25.37
CA ASP B 113 -3.50 54.03 -25.00
C ASP B 113 -4.28 53.28 -23.92
N GLY B 114 -3.79 52.13 -23.46
CA GLY B 114 -4.43 51.28 -22.44
C GLY B 114 -5.68 50.59 -22.96
N LYS B 115 -5.69 50.25 -24.26
CA LYS B 115 -6.83 49.56 -24.93
C LYS B 115 -6.42 48.12 -25.24
N SER B 116 -7.20 47.15 -24.74
CA SER B 116 -7.07 45.71 -25.05
C SER B 116 -7.28 45.48 -26.55
N ALA B 117 -6.77 44.36 -27.06
CA ALA B 117 -7.03 43.91 -28.46
C ALA B 117 -8.55 43.81 -28.67
N PHE B 118 -9.29 43.34 -27.66
CA PHE B 118 -10.77 43.25 -27.72
C PHE B 118 -11.36 44.65 -27.94
N GLU B 119 -10.93 45.64 -27.15
CA GLU B 119 -11.46 47.03 -27.23
C GLU B 119 -11.12 47.62 -28.60
N MET B 120 -9.91 47.36 -29.11
CA MET B 120 -9.46 47.84 -30.44
C MET B 120 -10.39 47.28 -31.53
N ALA B 121 -10.90 46.06 -31.34
CA ALA B 121 -11.77 45.35 -32.31
C ALA B 121 -13.25 45.75 -32.14
N HIS B 122 -13.66 46.19 -30.94
CA HIS B 122 -15.10 46.36 -30.58
C HIS B 122 -15.45 47.81 -30.20
N GLY B 123 -14.45 48.66 -29.88
CA GLY B 123 -14.65 50.09 -29.57
C GLY B 123 -15.07 50.32 -28.13
N ARG B 124 -15.17 49.25 -27.34
CA ARG B 124 -15.50 49.29 -25.89
C ARG B 124 -14.73 48.19 -25.17
N PRO B 125 -14.35 48.39 -23.89
CA PRO B 125 -13.79 47.30 -23.10
C PRO B 125 -14.79 46.14 -22.99
N PHE B 126 -14.27 44.95 -22.72
CA PHE B 126 -14.99 43.64 -22.77
C PHE B 126 -16.35 43.74 -22.08
N PHE B 127 -16.37 44.09 -20.79
CA PHE B 127 -17.59 44.03 -19.95
C PHE B 127 -18.61 45.09 -20.40
N GLU B 128 -18.14 46.28 -20.81
CA GLU B 128 -19.01 47.35 -21.37
C GLU B 128 -19.65 46.85 -22.66
N TYR B 129 -18.90 46.17 -23.53
CA TYR B 129 -19.41 45.61 -24.81
C TYR B 129 -20.47 44.54 -24.52
N LEU B 130 -20.26 43.70 -23.50
CA LEU B 130 -21.18 42.59 -23.14
C LEU B 130 -22.56 43.14 -22.74
N ASP B 131 -22.63 44.39 -22.26
CA ASP B 131 -23.91 45.08 -21.90
C ASP B 131 -24.86 45.09 -23.11
N GLY B 132 -24.33 45.14 -24.34
CA GLY B 132 -25.12 45.27 -25.58
C GLY B 132 -25.10 44.02 -26.45
N ASN B 133 -24.52 42.91 -25.98
CA ASN B 133 -24.39 41.65 -26.75
C ASN B 133 -24.86 40.45 -25.90
N LYS B 134 -26.05 39.91 -26.21
CA LYS B 134 -26.70 38.81 -25.46
C LYS B 134 -25.89 37.51 -25.59
N PHE B 135 -25.40 37.19 -26.79
CA PHE B 135 -24.61 35.96 -27.06
C PHE B 135 -23.42 35.90 -26.09
N LEU B 136 -22.58 36.93 -26.08
CA LEU B 136 -21.33 36.99 -25.27
C LEU B 136 -21.69 36.98 -23.78
N LYS B 137 -22.61 37.85 -23.36
CA LYS B 137 -22.97 38.03 -21.93
C LYS B 137 -23.55 36.73 -21.37
N SER B 138 -24.55 36.15 -22.04
CA SER B 138 -25.26 34.93 -21.58
C SER B 138 -24.27 33.76 -21.47
N ASN B 139 -23.39 33.60 -22.45
CA ASN B 139 -22.42 32.46 -22.53
C ASN B 139 -21.28 32.67 -21.53
N PHE B 140 -20.76 33.90 -21.41
CA PHE B 140 -19.69 34.24 -20.43
C PHE B 140 -20.21 34.04 -19.01
N ASP B 141 -21.39 34.60 -18.69
CA ASP B 141 -22.01 34.49 -17.36
C ASP B 141 -22.33 33.02 -17.05
N ALA B 142 -22.79 32.25 -18.04
CA ALA B 142 -23.07 30.81 -17.93
C ALA B 142 -21.76 30.05 -17.60
N LEU B 143 -20.68 30.37 -18.30
CA LEU B 143 -19.33 29.76 -18.09
C LEU B 143 -18.89 30.00 -16.64
N MET B 144 -18.94 31.25 -16.18
CA MET B 144 -18.54 31.66 -14.81
C MET B 144 -19.40 30.91 -13.77
N THR B 145 -20.70 30.77 -14.03
CA THR B 145 -21.65 30.06 -13.13
C THR B 145 -21.23 28.59 -12.98
N ARG B 146 -20.87 27.93 -14.08
CA ARG B 146 -20.52 26.47 -14.08
C ARG B 146 -19.22 26.25 -13.29
N VAL B 147 -18.19 27.08 -13.48
CA VAL B 147 -16.87 26.93 -12.79
C VAL B 147 -17.03 27.30 -11.31
N SER B 148 -17.94 28.23 -10.98
CA SER B 148 -18.31 28.58 -9.57
C SER B 148 -18.94 27.37 -8.89
N ASN B 149 -19.88 26.70 -9.57
CA ASN B 149 -20.60 25.50 -9.05
C ASN B 149 -19.60 24.37 -8.78
N LEU B 150 -18.53 24.29 -9.59
CA LEU B 150 -17.52 23.19 -9.52
C LEU B 150 -16.63 23.33 -8.27
N ILE B 151 -16.36 24.57 -7.82
CA ILE B 151 -15.34 24.84 -6.76
C ILE B 151 -16.00 24.93 -5.37
N VAL B 152 -17.32 25.16 -5.30
CA VAL B 152 -18.01 25.59 -4.05
C VAL B 152 -17.85 24.53 -2.96
N GLU B 153 -17.92 23.23 -3.30
CA GLU B 153 -17.79 22.11 -2.33
C GLU B 153 -16.40 22.15 -1.68
N LYS B 154 -15.35 22.26 -2.48
CA LYS B 154 -13.93 22.33 -2.00
C LYS B 154 -13.74 23.60 -1.16
N LEU B 155 -14.34 24.71 -1.55
CA LEU B 155 -14.22 26.03 -0.86
C LEU B 155 -14.85 25.94 0.53
N LEU B 156 -16.06 25.34 0.62
CA LEU B 156 -16.79 25.12 1.91
C LEU B 156 -15.97 24.18 2.81
N GLY B 157 -15.20 23.26 2.22
CA GLY B 157 -14.36 22.29 2.95
C GLY B 157 -13.15 22.94 3.59
N ILE B 158 -12.43 23.80 2.85
CA ILE B 158 -11.10 24.36 3.26
C ILE B 158 -11.28 25.58 4.18
N TYR B 159 -12.43 26.26 4.13
CA TYR B 159 -12.72 27.46 4.96
C TYR B 159 -14.11 27.36 5.58
N ASP B 160 -14.23 27.75 6.84
CA ASP B 160 -15.49 27.67 7.62
C ASP B 160 -16.29 28.97 7.46
N PHE B 161 -17.28 28.96 6.57
CA PHE B 161 -18.17 30.13 6.28
C PHE B 161 -19.20 30.32 7.40
N ASN B 162 -19.37 29.32 8.27
CA ASN B 162 -20.31 29.37 9.42
C ASN B 162 -19.89 30.44 10.43
N GLN B 163 -18.61 30.84 10.43
CA GLN B 163 -18.05 31.83 11.40
C GLN B 163 -18.46 33.26 11.02
N HIS B 164 -18.96 33.47 9.80
CA HIS B 164 -19.32 34.81 9.27
C HIS B 164 -20.85 34.98 9.26
N ASN B 165 -21.32 36.22 9.30
CA ASN B 165 -22.76 36.58 9.45
C ASN B 165 -23.23 37.46 8.28
N ARG B 166 -22.42 38.43 7.85
CA ARG B 166 -22.72 39.34 6.70
C ARG B 166 -21.66 39.12 5.61
N ILE B 167 -22.07 38.59 4.45
CA ILE B 167 -21.15 38.13 3.37
C ILE B 167 -21.50 38.84 2.06
N LEU B 168 -20.55 39.55 1.45
CA LEU B 168 -20.70 40.20 0.12
C LEU B 168 -19.73 39.55 -0.88
N ASP B 169 -20.27 39.00 -1.97
CA ASP B 169 -19.49 38.48 -3.12
C ASP B 169 -19.42 39.60 -4.17
N VAL B 170 -18.22 40.16 -4.38
CA VAL B 170 -17.98 41.34 -5.25
C VAL B 170 -17.60 40.85 -6.65
N GLY B 171 -18.32 41.32 -7.68
CA GLY B 171 -18.22 40.80 -9.06
C GLY B 171 -18.69 39.36 -9.12
N GLY B 172 -19.77 39.04 -8.41
CA GLY B 172 -20.26 37.65 -8.22
C GLY B 172 -21.13 37.16 -9.38
N GLY B 173 -21.33 37.99 -10.41
CA GLY B 173 -22.09 37.63 -11.63
C GLY B 173 -23.52 37.23 -11.31
N GLU B 174 -23.93 36.03 -11.73
CA GLU B 174 -25.31 35.51 -11.58
C GLU B 174 -25.58 35.11 -10.12
N GLY B 175 -24.53 35.05 -9.28
CA GLY B 175 -24.66 34.86 -7.83
C GLY B 175 -24.49 33.41 -7.40
N GLU B 176 -24.03 32.53 -8.31
CA GLU B 176 -24.04 31.04 -8.12
C GLU B 176 -23.27 30.65 -6.85
N LEU B 177 -22.11 31.24 -6.60
CA LEU B 177 -21.23 30.86 -5.45
C LEU B 177 -22.00 31.01 -4.13
N LEU B 178 -22.63 32.17 -3.90
CA LEU B 178 -23.32 32.48 -2.62
C LEU B 178 -24.68 31.79 -2.58
N VAL B 179 -25.32 31.55 -3.72
CA VAL B 179 -26.58 30.76 -3.80
C VAL B 179 -26.29 29.35 -3.26
N ARG B 180 -25.20 28.73 -3.71
CA ARG B 180 -24.79 27.36 -3.31
C ARG B 180 -24.31 27.37 -1.85
N ILE B 181 -23.54 28.38 -1.44
CA ILE B 181 -23.02 28.52 -0.05
C ILE B 181 -24.21 28.71 0.91
N SER B 182 -25.20 29.50 0.52
CA SER B 182 -26.39 29.86 1.35
C SER B 182 -27.25 28.61 1.62
N GLU B 183 -27.22 27.62 0.72
CA GLU B 183 -27.97 26.34 0.86
C GLU B 183 -27.30 25.44 1.91
N LYS B 184 -25.97 25.53 2.04
CA LYS B 184 -25.16 24.70 2.97
C LYS B 184 -25.01 25.41 4.32
N VAL B 185 -24.75 26.73 4.30
CA VAL B 185 -24.59 27.59 5.50
C VAL B 185 -25.80 28.53 5.57
N LYS B 186 -26.90 28.08 6.19
CA LYS B 186 -28.22 28.77 6.18
C LYS B 186 -28.27 29.83 7.29
N GLY B 187 -29.06 30.88 7.08
CA GLY B 187 -29.44 31.87 8.12
C GLY B 187 -28.53 33.08 8.18
N LYS B 188 -27.49 33.14 7.34
CA LYS B 188 -26.56 34.31 7.26
C LYS B 188 -27.18 35.37 6.35
N HIS B 189 -26.59 36.56 6.29
CA HIS B 189 -26.96 37.64 5.33
C HIS B 189 -26.02 37.59 4.13
N TYR B 190 -26.56 37.27 2.94
CA TYR B 190 -25.80 37.09 1.69
C TYR B 190 -26.13 38.21 0.71
N ALA B 191 -25.09 38.85 0.16
CA ALA B 191 -25.20 39.93 -0.85
C ALA B 191 -24.25 39.64 -2.02
N VAL B 192 -24.65 40.01 -3.23
CA VAL B 192 -23.84 39.86 -4.47
C VAL B 192 -23.82 41.22 -5.18
N LEU B 193 -22.63 41.74 -5.48
CA LEU B 193 -22.44 43.01 -6.22
C LEU B 193 -21.87 42.68 -7.61
N ASP B 194 -22.47 43.26 -8.64
CA ASP B 194 -21.98 43.19 -10.05
C ASP B 194 -22.61 44.36 -10.81
N ARG B 195 -22.44 44.39 -12.13
CA ARG B 195 -23.07 45.38 -13.04
C ARG B 195 -24.34 44.75 -13.61
N TYR B 196 -25.51 45.19 -13.10
CA TYR B 196 -26.86 44.67 -13.46
C TYR B 196 -27.69 45.79 -14.09
N SER B 197 -28.19 45.55 -15.31
CA SER B 197 -29.23 46.39 -15.96
C SER B 197 -30.59 46.08 -15.33
N GLU B 198 -30.81 44.81 -14.99
CA GLU B 198 -31.99 44.30 -14.23
C GLU B 198 -31.47 43.38 -13.11
N LEU B 199 -31.84 43.66 -11.86
CA LEU B 199 -31.39 42.89 -10.67
C LEU B 199 -31.85 41.44 -10.81
N PRO B 200 -30.95 40.44 -10.66
CA PRO B 200 -31.36 39.06 -10.47
C PRO B 200 -32.19 38.90 -9.19
N VAL B 201 -33.03 37.86 -9.13
CA VAL B 201 -33.86 37.52 -7.95
C VAL B 201 -33.54 36.07 -7.55
N SER B 202 -33.21 35.86 -6.27
CA SER B 202 -32.90 34.54 -5.67
C SER B 202 -33.12 34.61 -4.16
N ASP B 203 -33.81 33.62 -3.59
CA ASP B 203 -34.22 33.58 -2.16
C ASP B 203 -33.00 33.89 -1.27
N ASN B 204 -33.14 34.89 -0.40
CA ASN B 204 -32.16 35.31 0.64
C ASN B 204 -30.81 35.70 0.01
N ILE B 205 -30.82 36.23 -1.21
CA ILE B 205 -29.64 36.93 -1.82
C ILE B 205 -30.03 38.39 -2.08
N ASP B 206 -29.24 39.32 -1.53
CA ASP B 206 -29.34 40.78 -1.79
C ASP B 206 -28.44 41.11 -2.99
N PHE B 207 -29.02 41.27 -4.18
CA PHE B 207 -28.29 41.65 -5.41
C PHE B 207 -28.14 43.18 -5.44
N ILE B 208 -26.90 43.65 -5.65
CA ILE B 208 -26.53 45.09 -5.64
C ILE B 208 -25.93 45.44 -7.00
N ASN B 209 -26.52 46.40 -7.72
CA ASN B 209 -25.91 47.03 -8.91
C ASN B 209 -24.84 48.01 -8.42
N GLY B 210 -23.57 47.78 -8.77
CA GLY B 210 -22.45 48.57 -8.26
C GLY B 210 -21.27 48.57 -9.22
N ASN B 211 -20.17 49.18 -8.79
CA ASN B 211 -18.92 49.36 -9.56
C ASN B 211 -17.74 49.30 -8.57
N PHE B 212 -16.99 48.20 -8.55
CA PHE B 212 -15.93 47.94 -7.54
C PHE B 212 -14.70 48.83 -7.81
N LEU B 213 -14.66 49.53 -8.94
CA LEU B 213 -13.62 50.56 -9.24
C LEU B 213 -13.92 51.85 -8.47
N ASN B 214 -15.19 52.11 -8.15
CA ASN B 214 -15.65 53.36 -7.49
C ASN B 214 -15.80 53.14 -5.98
N SER B 215 -16.48 52.06 -5.56
CA SER B 215 -16.88 51.82 -4.15
C SER B 215 -17.22 50.34 -3.93
N ILE B 216 -16.86 49.83 -2.74
CA ILE B 216 -17.33 48.53 -2.18
C ILE B 216 -18.22 48.83 -0.97
N PRO B 217 -19.50 48.40 -0.95
CA PRO B 217 -20.36 48.59 0.21
C PRO B 217 -19.69 48.13 1.50
N SER B 218 -19.70 48.98 2.53
CA SER B 218 -19.01 48.77 3.83
C SER B 218 -19.89 47.93 4.77
N GLY B 219 -19.30 47.39 5.84
CA GLY B 219 -20.03 46.82 6.99
C GLY B 219 -20.20 45.30 6.91
N TYR B 220 -19.63 44.64 5.90
CA TYR B 220 -19.63 43.16 5.80
C TYR B 220 -18.40 42.62 6.53
N ASP B 221 -18.54 41.49 7.22
CA ASP B 221 -17.45 40.83 7.98
C ASP B 221 -16.71 39.84 7.06
N LEU B 222 -17.34 39.41 5.96
CA LEU B 222 -16.68 38.60 4.90
C LEU B 222 -16.94 39.23 3.52
N TYR B 223 -15.87 39.55 2.81
CA TYR B 223 -15.87 39.94 1.38
C TYR B 223 -15.26 38.80 0.57
N ILE B 224 -15.81 38.54 -0.61
CA ILE B 224 -15.29 37.51 -1.56
C ILE B 224 -15.00 38.20 -2.90
N LEU B 225 -13.79 37.98 -3.44
CA LEU B 225 -13.36 38.44 -4.78
C LEU B 225 -12.77 37.25 -5.54
N LYS B 226 -13.60 36.52 -6.29
CA LYS B 226 -13.24 35.27 -7.01
C LYS B 226 -13.10 35.56 -8.51
N ASN B 227 -11.92 35.29 -9.08
CA ASN B 227 -11.65 35.32 -10.54
C ASN B 227 -12.01 36.69 -11.12
N VAL B 228 -11.65 37.75 -10.40
CA VAL B 228 -11.87 39.13 -10.88
C VAL B 228 -10.53 39.80 -11.24
N LEU B 229 -9.52 39.64 -10.41
CA LEU B 229 -8.25 40.40 -10.56
C LEU B 229 -7.51 40.10 -11.87
N HIS B 230 -7.69 38.93 -12.46
CA HIS B 230 -7.01 38.60 -13.75
C HIS B 230 -7.57 39.41 -14.94
N ASN B 231 -8.74 40.02 -14.80
CA ASN B 231 -9.36 40.88 -15.82
C ASN B 231 -8.86 42.32 -15.68
N TRP B 232 -7.89 42.59 -14.83
CA TRP B 232 -7.49 43.99 -14.52
C TRP B 232 -5.97 44.16 -14.49
N SER B 233 -5.52 45.37 -14.82
CA SER B 233 -4.12 45.84 -14.69
C SER B 233 -3.71 45.85 -13.21
N ASP B 234 -2.41 46.00 -12.94
CA ASP B 234 -1.87 46.10 -11.56
C ASP B 234 -2.49 47.32 -10.86
N SER B 235 -2.54 48.47 -11.55
CA SER B 235 -3.06 49.76 -10.99
C SER B 235 -4.56 49.63 -10.68
N ASP B 236 -5.35 49.01 -11.56
CA ASP B 236 -6.81 48.80 -11.37
C ASP B 236 -7.03 47.78 -10.24
N SER B 237 -6.19 46.75 -10.14
CA SER B 237 -6.24 45.72 -9.08
C SER B 237 -5.98 46.37 -7.71
N ILE B 238 -5.00 47.27 -7.63
CA ILE B 238 -4.65 48.03 -6.38
C ILE B 238 -5.84 48.91 -6.00
N LEU B 239 -6.46 49.59 -6.98
CA LEU B 239 -7.66 50.45 -6.76
C LEU B 239 -8.79 49.61 -6.17
N ILE B 240 -9.07 48.43 -6.73
CA ILE B 240 -10.12 47.49 -6.25
C ILE B 240 -9.82 47.12 -4.79
N LEU B 241 -8.58 46.70 -4.50
CA LEU B 241 -8.17 46.23 -3.16
C LEU B 241 -8.16 47.41 -2.17
N GLU B 242 -7.82 48.62 -2.63
CA GLU B 242 -7.90 49.87 -1.83
C GLU B 242 -9.36 50.13 -1.44
N ASN B 243 -10.29 49.92 -2.37
CA ASN B 243 -11.76 50.12 -2.15
C ASN B 243 -12.25 49.10 -1.11
N PHE B 244 -11.67 47.90 -1.07
CA PHE B 244 -11.96 46.88 -0.03
C PHE B 244 -11.46 47.38 1.33
N ARG B 245 -10.21 47.84 1.39
CA ARG B 245 -9.58 48.34 2.65
C ARG B 245 -10.45 49.44 3.26
N LYS B 246 -10.98 50.34 2.43
CA LYS B 246 -11.84 51.48 2.85
C LYS B 246 -13.20 50.97 3.36
N ALA B 247 -13.69 49.86 2.81
CA ALA B 247 -15.00 49.24 3.15
C ALA B 247 -14.87 48.39 4.43
N MET B 248 -13.68 47.89 4.73
CA MET B 248 -13.42 46.89 5.80
C MET B 248 -13.05 47.58 7.11
N ASP B 249 -13.44 46.97 8.24
CA ASP B 249 -12.97 47.33 9.61
C ASP B 249 -11.95 46.27 10.05
N LYS B 250 -11.48 46.36 11.30
CA LYS B 250 -10.39 45.51 11.86
C LYS B 250 -10.78 44.03 11.83
N ASN B 251 -12.08 43.73 11.99
CA ASN B 251 -12.63 42.36 12.16
C ASN B 251 -13.06 41.77 10.81
N SER B 252 -13.06 42.57 9.74
CA SER B 252 -13.48 42.15 8.38
C SER B 252 -12.39 41.29 7.74
N SER B 253 -12.80 40.33 6.90
CA SER B 253 -11.92 39.42 6.12
C SER B 253 -12.29 39.51 4.64
N LEU B 254 -11.29 39.57 3.77
CA LEU B 254 -11.44 39.48 2.29
C LEU B 254 -10.85 38.16 1.82
N LEU B 255 -11.67 37.31 1.17
CA LEU B 255 -11.21 36.08 0.49
C LEU B 255 -10.90 36.42 -0.98
N LEU B 256 -9.62 36.58 -1.30
CA LEU B 256 -9.12 36.70 -2.69
C LEU B 256 -8.92 35.27 -3.23
N ILE B 257 -9.82 34.84 -4.12
CA ILE B 257 -9.84 33.47 -4.71
C ILE B 257 -9.60 33.62 -6.21
N ASN B 258 -8.53 33.03 -6.73
CA ASN B 258 -8.12 33.27 -8.14
C ASN B 258 -7.30 32.08 -8.63
N MET B 259 -7.48 31.71 -9.89
CA MET B 259 -6.48 30.88 -10.62
C MET B 259 -5.13 31.56 -10.42
N VAL B 260 -4.08 30.78 -10.16
CA VAL B 260 -2.72 31.30 -9.80
C VAL B 260 -1.72 30.77 -10.83
N LYS B 261 -0.73 31.59 -11.19
CA LYS B 261 0.39 31.20 -12.09
C LYS B 261 1.22 30.13 -11.38
N GLU B 262 1.45 29.00 -12.06
CA GLU B 262 2.43 27.96 -11.65
C GLU B 262 3.17 27.51 -12.90
N PRO B 263 4.53 27.40 -12.83
CA PRO B 263 5.35 27.09 -14.01
C PRO B 263 4.89 25.89 -14.85
N GLU B 264 4.40 24.83 -14.19
CA GLU B 264 4.06 23.52 -14.82
C GLU B 264 2.88 23.68 -15.80
N PHE B 265 1.98 24.64 -15.54
CA PHE B 265 0.72 24.85 -16.30
C PHE B 265 0.96 25.84 -17.45
N SER B 266 0.05 25.85 -18.43
CA SER B 266 0.15 26.60 -19.70
C SER B 266 0.03 28.10 -19.45
N ARG B 267 0.74 28.91 -20.25
CA ARG B 267 0.69 30.39 -20.25
C ARG B 267 -0.43 30.88 -21.17
N SER B 268 -1.20 29.99 -21.79
CA SER B 268 -2.20 30.35 -22.83
C SER B 268 -3.27 31.26 -22.25
N PHE B 269 -3.74 30.97 -21.03
CA PHE B 269 -4.79 31.78 -20.34
C PHE B 269 -4.26 33.19 -20.05
N ASP B 270 -2.99 33.30 -19.66
CA ASP B 270 -2.31 34.60 -19.40
C ASP B 270 -2.41 35.47 -20.67
N ILE B 271 -2.23 34.88 -21.84
CA ILE B 271 -2.27 35.63 -23.14
C ILE B 271 -3.71 36.01 -23.45
N LEU B 272 -4.69 35.12 -23.21
CA LEU B 272 -6.13 35.42 -23.43
C LEU B 272 -6.54 36.61 -22.56
N MET B 273 -6.08 36.66 -21.31
CA MET B 273 -6.38 37.78 -20.37
C MET B 273 -5.80 39.09 -20.92
N ASP B 274 -4.60 39.06 -21.51
CA ASP B 274 -3.99 40.25 -22.17
C ASP B 274 -4.90 40.71 -23.31
N VAL B 275 -5.35 39.77 -24.15
CA VAL B 275 -6.15 40.02 -25.38
C VAL B 275 -7.51 40.64 -24.99
N LEU B 276 -8.20 40.06 -24.00
CA LEU B 276 -9.58 40.45 -23.64
C LEU B 276 -9.60 41.71 -22.76
N PHE B 277 -8.61 41.89 -21.87
CA PHE B 277 -8.73 42.82 -20.70
C PHE B 277 -7.48 43.70 -20.48
N LEU B 278 -6.36 43.45 -21.16
CA LEU B 278 -5.01 43.84 -20.67
C LEU B 278 -4.87 43.35 -19.22
N GLY B 279 -5.42 42.17 -18.93
CA GLY B 279 -5.27 41.47 -17.65
C GLY B 279 -4.05 40.57 -17.68
N LYS B 280 -3.88 39.72 -16.68
CA LYS B 280 -2.72 38.79 -16.58
C LYS B 280 -3.01 37.75 -15.50
N GLU B 281 -2.36 36.59 -15.61
CA GLU B 281 -2.23 35.60 -14.52
C GLU B 281 -1.17 36.12 -13.54
N ARG B 282 -1.32 35.84 -12.26
CA ARG B 282 -0.37 36.28 -11.21
C ARG B 282 -0.04 35.12 -10.28
N SER B 283 1.18 35.13 -9.73
CA SER B 283 1.65 34.23 -8.65
C SER B 283 1.06 34.72 -7.32
N PHE B 284 1.11 33.89 -6.28
CA PHE B 284 0.72 34.28 -4.89
C PHE B 284 1.49 35.56 -4.50
N THR B 285 2.81 35.55 -4.71
CA THR B 285 3.74 36.64 -4.36
C THR B 285 3.28 37.95 -5.02
N GLU B 286 2.84 37.89 -6.28
CA GLU B 286 2.40 39.07 -7.07
C GLU B 286 1.07 39.58 -6.50
N PHE B 287 0.15 38.69 -6.15
CA PHE B 287 -1.15 39.04 -5.49
C PHE B 287 -0.85 39.74 -4.16
N GLU B 288 0.05 39.17 -3.35
CA GLU B 288 0.42 39.70 -2.01
C GLU B 288 0.97 41.12 -2.16
N TYR B 289 1.80 41.37 -3.17
CA TYR B 289 2.44 42.68 -3.43
C TYR B 289 1.35 43.74 -3.70
N LEU B 290 0.34 43.38 -4.51
CA LEU B 290 -0.80 44.28 -4.84
C LEU B 290 -1.58 44.59 -3.56
N ALA B 291 -1.91 43.55 -2.77
CA ALA B 291 -2.66 43.65 -1.50
C ALA B 291 -1.89 44.55 -0.52
N ASN B 292 -0.57 44.38 -0.42
CA ASN B 292 0.32 45.13 0.51
C ASN B 292 0.32 46.61 0.13
N GLN B 293 0.38 46.93 -1.17
CA GLN B 293 0.30 48.33 -1.70
C GLN B 293 -1.06 48.95 -1.35
N ALA B 294 -2.12 48.13 -1.33
CA ALA B 294 -3.51 48.55 -1.06
C ALA B 294 -3.74 48.72 0.46
N GLY B 295 -2.80 48.26 1.28
CA GLY B 295 -2.85 48.36 2.76
C GLY B 295 -3.52 47.16 3.40
N LEU B 296 -3.45 45.99 2.74
CA LEU B 296 -4.01 44.70 3.23
C LEU B 296 -2.85 43.74 3.53
N VAL B 297 -3.06 42.83 4.49
CA VAL B 297 -2.04 41.83 4.94
C VAL B 297 -2.66 40.43 4.85
N VAL B 298 -1.85 39.45 4.44
CA VAL B 298 -2.23 38.01 4.32
C VAL B 298 -2.28 37.41 5.73
N GLN B 299 -3.42 36.83 6.10
CA GLN B 299 -3.64 36.15 7.41
C GLN B 299 -3.59 34.63 7.23
N GLU B 300 -4.01 34.14 6.06
CA GLU B 300 -4.11 32.68 5.75
C GLU B 300 -4.02 32.48 4.23
N THR B 301 -3.37 31.40 3.80
CA THR B 301 -3.31 30.97 2.38
C THR B 301 -3.60 29.46 2.28
N LYS B 302 -4.25 29.04 1.19
CA LYS B 302 -4.47 27.62 0.82
C LYS B 302 -4.33 27.49 -0.70
N VAL B 303 -3.98 26.29 -1.18
CA VAL B 303 -4.07 25.92 -2.63
C VAL B 303 -5.31 25.03 -2.79
N ILE B 304 -6.24 25.43 -3.66
CA ILE B 304 -7.41 24.62 -4.10
C ILE B 304 -7.11 24.13 -5.52
N ASP B 305 -7.10 22.82 -5.74
CA ASP B 305 -6.86 22.19 -7.07
C ASP B 305 -8.22 21.97 -7.75
N GLN B 306 -8.39 22.58 -8.93
CA GLN B 306 -9.48 22.26 -9.89
C GLN B 306 -8.84 21.56 -11.09
N SER B 307 -9.63 20.81 -11.86
CA SER B 307 -9.17 19.97 -12.99
C SER B 307 -8.30 20.79 -13.95
N TYR B 308 -8.69 22.04 -14.21
CA TYR B 308 -8.17 22.91 -15.31
C TYR B 308 -7.05 23.83 -14.81
N SER B 309 -6.99 24.14 -13.51
CA SER B 309 -6.06 25.16 -12.95
C SER B 309 -5.89 24.98 -11.44
N PRO B 310 -4.70 25.32 -10.89
CA PRO B 310 -4.57 25.55 -9.45
C PRO B 310 -5.20 26.91 -9.08
N TYR B 311 -5.76 27.01 -7.88
CA TYR B 311 -6.39 28.24 -7.32
C TYR B 311 -5.62 28.68 -6.08
N SER B 312 -5.31 29.98 -6.00
CA SER B 312 -4.82 30.66 -4.78
C SER B 312 -6.03 31.09 -3.94
N PHE B 313 -6.08 30.66 -2.68
CA PHE B 313 -7.05 31.12 -1.66
C PHE B 313 -6.27 31.98 -0.66
N ILE B 314 -6.52 33.29 -0.65
CA ILE B 314 -5.81 34.29 0.21
C ILE B 314 -6.84 35.02 1.08
N LYS B 315 -6.73 34.86 2.40
CA LYS B 315 -7.53 35.62 3.38
C LYS B 315 -6.75 36.90 3.73
N LEU B 316 -7.35 38.06 3.44
CA LEU B 316 -6.74 39.40 3.66
C LEU B 316 -7.49 40.14 4.76
N GLN B 317 -6.77 40.91 5.58
CA GLN B 317 -7.34 41.85 6.58
C GLN B 317 -6.53 43.15 6.51
N ILE B 318 -7.10 44.27 6.98
CA ILE B 318 -6.47 45.61 6.93
C ILE B 318 -5.23 45.61 7.85
N LYS B 319 -4.19 46.39 7.49
CA LYS B 319 -2.95 46.54 8.28
C LYS B 319 -3.30 47.16 9.65
N SER C 1 -6.28 -27.98 15.30
CA SER C 1 -7.69 -28.34 15.67
C SER C 1 -7.92 -27.99 17.15
N MET C 2 -9.18 -27.75 17.52
CA MET C 2 -9.60 -27.51 18.92
C MET C 2 -9.11 -28.68 19.80
N LEU C 3 -9.28 -29.92 19.33
CA LEU C 3 -9.05 -31.15 20.13
C LEU C 3 -7.55 -31.36 20.39
N THR C 4 -6.69 -31.17 19.39
CA THR C 4 -5.22 -31.35 19.51
C THR C 4 -4.65 -30.30 20.48
N GLU C 5 -5.18 -29.08 20.45
N GLU C 5 -5.18 -29.07 20.46
CA GLU C 5 -4.82 -27.98 21.38
CA GLU C 5 -4.79 -27.99 21.40
C GLU C 5 -5.28 -28.33 22.80
C GLU C 5 -5.27 -28.35 22.81
N LEU C 6 -6.48 -28.91 22.93
CA LEU C 6 -7.06 -29.35 24.24
C LEU C 6 -6.21 -30.49 24.81
N ILE C 7 -5.87 -31.49 24.00
CA ILE C 7 -4.99 -32.63 24.39
C ILE C 7 -3.64 -32.05 24.88
N ALA C 8 -3.13 -31.01 24.22
CA ALA C 8 -1.81 -30.41 24.47
C ALA C 8 -1.91 -29.26 25.49
N SER C 9 -2.97 -29.20 26.30
CA SER C 9 -3.18 -28.15 27.33
C SER C 9 -1.98 -28.09 28.30
N ASN C 10 -1.42 -29.26 28.64
N ASN C 10 -1.41 -29.26 28.62
CA ASN C 10 -0.26 -29.40 29.58
CA ASN C 10 -0.26 -29.43 29.56
C ASN C 10 0.91 -28.52 29.14
C ASN C 10 0.92 -28.55 29.13
N ARG C 11 1.09 -28.31 27.83
CA ARG C 11 2.23 -27.52 27.28
C ARG C 11 2.14 -26.07 27.74
N ARG C 12 0.93 -25.53 27.92
CA ARG C 12 0.72 -24.14 28.44
C ARG C 12 1.26 -24.05 29.87
N SER C 13 0.90 -25.01 30.73
CA SER C 13 1.39 -25.10 32.13
C SER C 13 2.91 -25.21 32.16
N ALA C 14 3.48 -26.06 31.30
CA ALA C 14 4.93 -26.34 31.23
C ALA C 14 5.69 -25.08 30.80
N ALA C 15 5.16 -24.36 29.81
CA ALA C 15 5.74 -23.10 29.27
C ALA C 15 5.79 -22.03 30.37
N ILE C 16 4.70 -21.88 31.13
CA ILE C 16 4.60 -20.92 32.26
C ILE C 16 5.63 -21.32 33.33
N HIS C 17 5.71 -22.62 33.65
CA HIS C 17 6.67 -23.18 34.64
C HIS C 17 8.10 -22.77 34.25
N ALA C 18 8.48 -23.00 32.99
CA ALA C 18 9.82 -22.67 32.45
C ALA C 18 10.09 -21.16 32.62
N PHE C 19 9.09 -20.32 32.35
CA PHE C 19 9.17 -18.84 32.40
C PHE C 19 9.31 -18.36 33.85
N VAL C 20 8.51 -18.92 34.76
CA VAL C 20 8.34 -18.41 36.16
C VAL C 20 9.35 -19.11 37.09
N ASP C 21 9.49 -20.44 36.99
CA ASP C 21 10.31 -21.23 37.95
C ASP C 21 11.80 -20.92 37.78
N THR C 22 12.23 -20.51 36.58
CA THR C 22 13.63 -20.08 36.28
C THR C 22 13.91 -18.67 36.83
N GLY C 23 12.85 -17.88 37.07
CA GLY C 23 12.96 -16.48 37.53
C GLY C 23 13.02 -15.48 36.39
N LEU C 24 12.92 -15.95 35.14
CA LEU C 24 12.93 -15.07 33.93
C LEU C 24 11.77 -14.06 34.01
N SER C 25 10.63 -14.46 34.57
CA SER C 25 9.40 -13.63 34.70
C SER C 25 9.64 -12.44 35.65
N THR C 26 10.61 -12.54 36.57
CA THR C 26 10.89 -11.48 37.59
C THR C 26 11.59 -10.28 36.95
N HIS C 27 11.98 -10.36 35.68
CA HIS C 27 12.56 -9.25 34.88
C HIS C 27 11.45 -8.42 34.23
N PHE C 28 10.17 -8.71 34.54
CA PHE C 28 8.98 -8.09 33.91
C PHE C 28 8.12 -7.37 34.97
N LYS C 29 8.75 -6.84 36.03
CA LYS C 29 8.08 -6.15 37.17
C LYS C 29 7.42 -4.85 36.68
N ASP C 30 6.27 -4.51 37.26
CA ASP C 30 5.58 -3.20 37.12
C ASP C 30 5.21 -2.92 35.65
N GLY C 31 4.88 -3.97 34.89
CA GLY C 31 4.35 -3.88 33.52
C GLY C 31 5.32 -3.25 32.54
N ILE C 32 6.64 -3.35 32.78
CA ILE C 32 7.69 -2.81 31.89
C ILE C 32 7.77 -3.67 30.62
N TYR C 33 8.10 -3.04 29.49
CA TYR C 33 8.35 -3.73 28.19
C TYR C 33 9.82 -4.13 28.13
N VAL C 34 10.07 -5.44 28.01
CA VAL C 34 11.43 -6.06 28.04
C VAL C 34 11.89 -6.33 26.61
N ASP C 35 13.09 -5.85 26.26
CA ASP C 35 13.83 -6.26 25.04
C ASP C 35 14.46 -7.63 25.32
N ILE C 36 13.96 -8.67 24.65
CA ILE C 36 14.35 -10.10 24.90
C ILE C 36 15.82 -10.30 24.54
N SER C 37 16.33 -9.57 23.53
CA SER C 37 17.76 -9.59 23.12
C SER C 37 18.64 -9.16 24.30
N GLU C 38 18.26 -8.06 24.97
CA GLU C 38 18.99 -7.49 26.14
C GLU C 38 18.92 -8.47 27.31
N LEU C 39 17.73 -9.02 27.60
CA LEU C 39 17.50 -9.97 28.72
C LEU C 39 18.35 -11.23 28.50
N SER C 40 18.40 -11.73 27.27
CA SER C 40 19.18 -12.93 26.87
C SER C 40 20.68 -12.70 27.15
N ARG C 41 21.21 -11.54 26.76
CA ARG C 41 22.61 -11.13 27.02
C ARG C 41 22.88 -11.13 28.54
N LYS C 42 22.03 -10.44 29.31
CA LYS C 42 22.18 -10.28 30.79
C LYS C 42 22.10 -11.63 31.48
N SER C 43 20.99 -12.36 31.27
CA SER C 43 20.59 -13.57 32.04
C SER C 43 21.33 -14.81 31.53
N GLY C 44 21.90 -14.75 30.32
CA GLY C 44 22.63 -15.87 29.69
C GLY C 44 21.70 -16.96 29.21
N VAL C 45 20.46 -16.61 28.86
CA VAL C 45 19.45 -17.53 28.27
C VAL C 45 19.63 -17.50 26.74
N ASN C 46 19.41 -18.64 26.07
CA ASN C 46 19.51 -18.75 24.59
C ASN C 46 18.42 -17.87 23.96
N TYR C 47 18.82 -16.86 23.18
CA TYR C 47 17.93 -15.82 22.62
C TYR C 47 16.89 -16.44 21.68
N ALA C 48 17.34 -17.22 20.69
CA ALA C 48 16.48 -17.85 19.66
C ALA C 48 15.41 -18.71 20.34
N ARG C 49 15.81 -19.53 21.31
CA ARG C 49 14.91 -20.52 21.98
C ARG C 49 13.99 -19.80 22.97
N PHE C 50 14.48 -18.76 23.67
CA PHE C 50 13.66 -17.96 24.61
C PHE C 50 12.66 -17.10 23.83
N SER C 51 13.07 -16.58 22.66
CA SER C 51 12.20 -15.81 21.74
C SER C 51 10.99 -16.66 21.34
N ARG C 52 11.22 -17.96 21.07
CA ARG C 52 10.15 -18.92 20.68
C ARG C 52 9.19 -19.14 21.87
N LEU C 53 9.72 -19.27 23.09
CA LEU C 53 8.89 -19.41 24.32
C LEU C 53 8.01 -18.16 24.47
N CYS C 54 8.56 -16.96 24.28
CA CYS C 54 7.83 -15.67 24.44
C CYS C 54 6.67 -15.60 23.44
N ASP C 55 6.88 -16.07 22.20
CA ASP C 55 5.82 -16.11 21.15
C ASP C 55 4.66 -17.00 21.64
N PHE C 56 4.97 -18.13 22.29
CA PHE C 56 3.97 -19.08 22.85
C PHE C 56 3.25 -18.40 24.03
N LEU C 57 3.99 -17.67 24.87
CA LEU C 57 3.44 -16.95 26.06
C LEU C 57 2.53 -15.81 25.60
N VAL C 58 2.82 -15.17 24.45
CA VAL C 58 1.94 -14.12 23.84
C VAL C 58 0.65 -14.80 23.36
N GLU C 59 0.78 -15.94 22.67
CA GLU C 59 -0.36 -16.76 22.17
C GLU C 59 -1.30 -17.08 23.33
N MET C 60 -0.74 -17.41 24.49
CA MET C 60 -1.46 -17.78 25.75
C MET C 60 -2.13 -16.56 26.39
N GLY C 61 -1.61 -15.36 26.13
CA GLY C 61 -2.05 -14.10 26.76
C GLY C 61 -1.29 -13.79 28.03
N VAL C 62 -0.17 -14.48 28.28
CA VAL C 62 0.71 -14.24 29.46
C VAL C 62 1.56 -12.99 29.18
N LEU C 63 2.11 -12.88 27.97
CA LEU C 63 2.88 -11.70 27.52
C LEU C 63 2.03 -10.91 26.51
N VAL C 64 2.23 -9.59 26.46
CA VAL C 64 1.66 -8.67 25.43
C VAL C 64 2.84 -8.08 24.64
N SER C 65 2.74 -8.10 23.32
CA SER C 65 3.80 -7.68 22.37
C SER C 65 3.48 -6.29 21.81
N ASN C 66 4.38 -5.31 22.05
CA ASN C 66 4.31 -3.95 21.48
C ASN C 66 5.73 -3.38 21.38
N ASP C 67 5.99 -2.56 20.36
CA ASP C 67 7.30 -1.88 20.11
C ASP C 67 8.42 -2.92 20.06
N ASN C 68 8.13 -4.11 19.50
CA ASN C 68 9.11 -5.23 19.34
C ASN C 68 9.63 -5.68 20.70
N LYS C 69 8.85 -5.48 21.77
CA LYS C 69 9.20 -5.86 23.16
C LYS C 69 8.01 -6.59 23.79
N PHE C 70 8.18 -7.11 25.01
CA PHE C 70 7.16 -7.93 25.71
C PHE C 70 7.00 -7.44 27.15
N ARG C 71 5.74 -7.30 27.60
CA ARG C 71 5.39 -7.07 29.02
C ARG C 71 4.46 -8.20 29.46
N LEU C 72 4.39 -8.46 30.77
CA LEU C 72 3.34 -9.33 31.37
C LEU C 72 2.00 -8.64 31.19
N SER C 73 0.96 -9.39 30.82
CA SER C 73 -0.45 -8.92 30.79
C SER C 73 -0.83 -8.44 32.19
N ASP C 74 -1.79 -7.53 32.30
CA ASP C 74 -2.25 -6.93 33.58
C ASP C 74 -2.50 -8.06 34.60
N GLU C 75 -3.18 -9.12 34.17
CA GLU C 75 -3.61 -10.26 35.03
C GLU C 75 -2.39 -11.05 35.51
N CYS C 76 -1.37 -11.20 34.65
CA CYS C 76 -0.17 -12.06 34.87
C CYS C 76 0.96 -11.27 35.55
N HIS C 77 0.71 -10.03 35.98
CA HIS C 77 1.69 -9.18 36.71
C HIS C 77 2.27 -9.96 37.91
N VAL C 78 1.46 -10.86 38.50
CA VAL C 78 1.83 -11.68 39.70
C VAL C 78 3.03 -12.59 39.40
N PHE C 79 3.27 -12.93 38.13
CA PHE C 79 4.40 -13.80 37.71
C PHE C 79 5.75 -13.10 37.91
N ALA C 80 5.76 -11.77 38.04
CA ALA C 80 6.99 -10.95 38.29
C ALA C 80 7.41 -11.03 39.76
N ASN C 81 6.49 -11.47 40.64
CA ASN C 81 6.69 -11.53 42.11
C ASN C 81 6.87 -12.98 42.53
N PRO C 82 8.08 -13.43 42.92
CA PRO C 82 8.30 -14.82 43.35
C PRO C 82 7.61 -15.15 44.68
N GLU C 83 7.09 -14.15 45.40
CA GLU C 83 6.37 -14.31 46.69
C GLU C 83 4.86 -14.50 46.45
N SER C 84 4.38 -14.31 45.21
CA SER C 84 2.95 -14.45 44.85
C SER C 84 2.51 -15.90 45.02
N PHE C 85 1.25 -16.13 45.40
CA PHE C 85 0.68 -17.49 45.58
C PHE C 85 0.75 -18.22 44.23
N GLU C 86 0.57 -17.49 43.12
CA GLU C 86 0.61 -18.03 41.74
C GLU C 86 1.98 -18.65 41.44
N SER C 87 3.07 -18.02 41.92
CA SER C 87 4.46 -18.52 41.75
C SER C 87 4.61 -19.90 42.39
N PHE C 88 4.07 -20.08 43.60
CA PHE C 88 4.13 -21.36 44.36
C PHE C 88 3.20 -22.40 43.70
N MET C 89 2.03 -21.95 43.22
CA MET C 89 1.08 -22.81 42.47
C MET C 89 1.79 -23.42 41.25
N ILE C 90 2.53 -22.58 40.50
CA ILE C 90 3.34 -22.98 39.31
C ILE C 90 4.28 -24.13 39.69
N LYS C 91 5.03 -23.95 40.78
CA LYS C 91 6.08 -24.90 41.25
C LYS C 91 5.46 -26.27 41.54
N LEU C 92 4.26 -26.32 42.11
CA LEU C 92 3.59 -27.57 42.54
C LEU C 92 2.83 -28.21 41.37
N GLU C 93 2.17 -27.40 40.53
CA GLU C 93 1.14 -27.85 39.56
C GLU C 93 1.68 -29.00 38.68
N ILE C 94 2.89 -28.88 38.15
CA ILE C 94 3.46 -29.89 37.21
C ILE C 94 4.73 -30.53 37.80
N CYS C 95 4.97 -30.43 39.11
CA CYS C 95 6.11 -31.12 39.78
C CYS C 95 5.93 -32.63 39.61
N SER C 96 7.00 -33.40 39.71
CA SER C 96 7.04 -34.86 39.43
C SER C 96 5.99 -35.61 40.27
N HIS C 97 5.83 -35.21 41.54
CA HIS C 97 4.92 -35.88 42.51
C HIS C 97 3.46 -35.71 42.06
N TYR C 98 3.08 -34.51 41.63
CA TYR C 98 1.71 -34.20 41.11
C TYR C 98 1.48 -34.96 39.80
N SER C 99 2.43 -34.90 38.87
CA SER C 99 2.39 -35.61 37.56
C SER C 99 2.12 -37.09 37.80
N ASN C 100 2.91 -37.74 38.67
CA ASN C 100 2.83 -39.20 38.96
C ASN C 100 1.48 -39.51 39.65
N ALA C 101 0.95 -38.57 40.45
CA ALA C 101 -0.39 -38.68 41.05
C ALA C 101 -1.45 -38.69 39.95
N TRP C 102 -1.38 -37.75 39.00
CA TRP C 102 -2.33 -37.65 37.86
C TRP C 102 -2.29 -38.92 37.00
N LEU C 103 -1.12 -39.55 36.87
CA LEU C 103 -0.94 -40.79 36.06
C LEU C 103 -1.63 -41.98 36.74
N MET C 104 -1.95 -41.88 38.04
CA MET C 104 -2.66 -42.92 38.82
C MET C 104 -4.15 -42.59 38.93
N TYR C 105 -4.58 -41.42 38.45
CA TYR C 105 -5.97 -40.90 38.63
C TYR C 105 -6.97 -41.88 38.00
N GLY C 106 -6.77 -42.20 36.71
CA GLY C 106 -7.62 -43.17 35.97
C GLY C 106 -7.75 -44.49 36.70
N LYS C 107 -6.63 -45.07 37.12
CA LYS C 107 -6.55 -46.36 37.85
C LYS C 107 -7.25 -46.24 39.21
N SER C 108 -7.16 -45.07 39.86
CA SER C 108 -7.71 -44.81 41.21
C SER C 108 -9.25 -44.87 41.19
N LEU C 109 -9.88 -44.59 40.05
CA LEU C 109 -11.36 -44.60 39.89
C LEU C 109 -11.90 -46.04 40.00
N PHE C 110 -11.05 -47.06 39.82
CA PHE C 110 -11.43 -48.49 39.81
C PHE C 110 -11.14 -49.16 41.17
N GLU C 111 -10.71 -48.38 42.17
CA GLU C 111 -10.34 -48.88 43.52
C GLU C 111 -11.36 -48.38 44.56
N ASP C 112 -11.55 -49.15 45.63
CA ASP C 112 -12.52 -48.84 46.73
C ASP C 112 -11.81 -48.99 48.09
N ASP C 113 -10.48 -48.79 48.11
CA ASP C 113 -9.62 -49.02 49.30
C ASP C 113 -9.41 -47.72 50.08
N GLY C 114 -9.96 -46.60 49.58
CA GLY C 114 -9.82 -45.27 50.19
C GLY C 114 -8.41 -44.70 50.02
N LYS C 115 -7.70 -45.13 48.98
CA LYS C 115 -6.35 -44.63 48.63
C LYS C 115 -6.47 -43.62 47.47
N SER C 116 -6.01 -42.39 47.68
CA SER C 116 -5.94 -41.32 46.64
C SER C 116 -4.97 -41.77 45.54
N ALA C 117 -5.11 -41.20 44.35
CA ALA C 117 -4.17 -41.38 43.22
C ALA C 117 -2.76 -41.04 43.68
N PHE C 118 -2.61 -39.99 44.51
CA PHE C 118 -1.33 -39.56 45.11
C PHE C 118 -0.73 -40.69 45.95
N GLU C 119 -1.53 -41.29 46.85
CA GLU C 119 -1.09 -42.38 47.74
C GLU C 119 -0.72 -43.61 46.89
N MET C 120 -1.47 -43.89 45.83
CA MET C 120 -1.21 -45.02 44.90
C MET C 120 0.15 -44.83 44.22
N ALA C 121 0.53 -43.58 43.93
CA ALA C 121 1.79 -43.21 43.25
C ALA C 121 2.97 -43.25 44.24
N HIS C 122 2.77 -42.80 45.48
CA HIS C 122 3.87 -42.43 46.43
C HIS C 122 3.88 -43.29 47.70
N GLY C 123 2.83 -44.09 47.96
CA GLY C 123 2.82 -45.11 49.03
C GLY C 123 2.34 -44.58 50.36
N ARG C 124 2.14 -43.26 50.49
CA ARG C 124 1.56 -42.61 51.70
C ARG C 124 0.53 -41.57 51.26
N PRO C 125 -0.48 -41.25 52.10
CA PRO C 125 -1.38 -40.12 51.83
C PRO C 125 -0.59 -38.80 51.83
N PHE C 126 -1.16 -37.77 51.20
CA PHE C 126 -0.50 -36.48 50.85
C PHE C 126 0.28 -35.92 52.06
N PHE C 127 -0.42 -35.59 53.15
CA PHE C 127 0.16 -34.84 54.29
C PHE C 127 1.21 -35.71 55.00
N GLU C 128 1.00 -37.03 55.07
CA GLU C 128 1.97 -37.99 55.65
C GLU C 128 3.24 -38.00 54.79
N TYR C 129 3.08 -37.94 53.46
CA TYR C 129 4.22 -37.92 52.51
C TYR C 129 5.02 -36.63 52.65
N LEU C 130 4.33 -35.50 52.87
CA LEU C 130 4.96 -34.15 52.99
C LEU C 130 5.92 -34.12 54.20
N ASP C 131 5.70 -34.97 55.21
CA ASP C 131 6.58 -35.09 56.42
C ASP C 131 8.02 -35.40 55.99
N GLY C 132 8.20 -36.20 54.93
CA GLY C 132 9.52 -36.68 54.47
C GLY C 132 9.98 -36.02 53.18
N ASN C 133 9.26 -35.00 52.68
CA ASN C 133 9.60 -34.29 51.42
C ASN C 133 9.58 -32.77 51.65
N LYS C 134 10.76 -32.16 51.72
CA LYS C 134 10.94 -30.73 52.08
C LYS C 134 10.41 -29.84 50.95
N PHE C 135 10.66 -30.21 49.68
CA PHE C 135 10.22 -29.46 48.48
C PHE C 135 8.68 -29.29 48.51
N LEU C 136 7.96 -30.40 48.66
CA LEU C 136 6.47 -30.42 48.66
C LEU C 136 5.94 -29.65 49.88
N LYS C 137 6.46 -29.95 51.08
CA LYS C 137 5.96 -29.34 52.35
C LYS C 137 6.19 -27.83 52.33
N SER C 138 7.40 -27.38 52.00
CA SER C 138 7.81 -25.96 52.05
C SER C 138 6.97 -25.15 51.04
N ASN C 139 6.77 -25.68 49.83
CA ASN C 139 6.04 -24.98 48.74
C ASN C 139 4.53 -25.00 49.00
N PHE C 140 3.99 -26.13 49.48
CA PHE C 140 2.55 -26.25 49.85
C PHE C 140 2.24 -25.27 50.99
N ASP C 141 3.05 -25.29 52.05
CA ASP C 141 2.89 -24.40 53.24
C ASP C 141 3.00 -22.93 52.79
N ALA C 142 3.96 -22.62 51.90
CA ALA C 142 4.18 -21.26 51.34
C ALA C 142 2.93 -20.81 50.59
N LEU C 143 2.36 -21.68 49.74
CA LEU C 143 1.14 -21.43 48.94
C LEU C 143 -0.03 -21.09 49.89
N MET C 144 -0.24 -21.92 50.93
CA MET C 144 -1.34 -21.73 51.90
C MET C 144 -1.15 -20.42 52.66
N THR C 145 0.10 -20.09 53.03
CA THR C 145 0.47 -18.82 53.72
C THR C 145 0.07 -17.63 52.85
N ARG C 146 0.34 -17.68 51.54
CA ARG C 146 0.09 -16.56 50.59
C ARG C 146 -1.41 -16.33 50.43
N VAL C 147 -2.21 -17.40 50.27
CA VAL C 147 -3.69 -17.29 50.09
C VAL C 147 -4.33 -16.87 51.43
N SER C 148 -3.76 -17.28 52.57
CA SER C 148 -4.19 -16.84 53.93
C SER C 148 -3.98 -15.33 54.07
N ASN C 149 -2.83 -14.82 53.63
CA ASN C 149 -2.47 -13.38 53.71
C ASN C 149 -3.46 -12.53 52.90
N LEU C 150 -3.97 -13.06 51.79
CA LEU C 150 -4.86 -12.34 50.84
C LEU C 150 -6.26 -12.12 51.45
N ILE C 151 -6.76 -13.05 52.26
CA ILE C 151 -8.18 -13.06 52.72
C ILE C 151 -8.33 -12.34 54.07
N VAL C 152 -7.24 -12.15 54.82
CA VAL C 152 -7.28 -11.78 56.26
C VAL C 152 -7.97 -10.41 56.43
N GLU C 153 -7.69 -9.44 55.55
CA GLU C 153 -8.27 -8.06 55.62
C GLU C 153 -9.80 -8.16 55.52
N LYS C 154 -10.32 -8.90 54.54
CA LYS C 154 -11.78 -9.08 54.31
C LYS C 154 -12.40 -9.83 55.48
N LEU C 155 -11.71 -10.84 56.03
CA LEU C 155 -12.20 -11.68 57.16
C LEU C 155 -12.36 -10.82 58.40
N LEU C 156 -11.38 -9.98 58.72
CA LEU C 156 -11.42 -9.03 59.87
C LEU C 156 -12.61 -8.07 59.72
N GLY C 157 -12.99 -7.76 58.47
CA GLY C 157 -14.07 -6.81 58.14
C GLY C 157 -15.46 -7.36 58.41
N ILE C 158 -15.68 -8.67 58.16
CA ILE C 158 -17.05 -9.28 58.17
C ILE C 158 -17.36 -9.90 59.53
N TYR C 159 -16.36 -10.12 60.40
CA TYR C 159 -16.56 -10.75 61.73
C TYR C 159 -15.81 -9.97 62.82
N ASP C 160 -16.45 -9.83 63.99
CA ASP C 160 -15.90 -9.14 65.18
C ASP C 160 -15.06 -10.14 65.98
N PHE C 161 -13.76 -10.20 65.69
CA PHE C 161 -12.77 -11.08 66.38
C PHE C 161 -12.42 -10.53 67.77
N ASN C 162 -12.71 -9.25 68.01
CA ASN C 162 -12.37 -8.53 69.27
C ASN C 162 -13.27 -8.99 70.42
N GLN C 163 -14.41 -9.63 70.12
CA GLN C 163 -15.37 -10.14 71.15
C GLN C 163 -14.81 -11.40 71.82
N HIS C 164 -13.79 -12.03 71.23
CA HIS C 164 -13.22 -13.32 71.69
C HIS C 164 -11.95 -13.08 72.53
N ASN C 165 -11.57 -14.06 73.35
CA ASN C 165 -10.44 -13.99 74.32
C ASN C 165 -9.37 -15.02 73.96
N ARG C 166 -9.77 -16.27 73.69
CA ARG C 166 -8.89 -17.43 73.44
C ARG C 166 -9.23 -18.04 72.07
N ILE C 167 -8.30 -17.94 71.12
CA ILE C 167 -8.52 -18.29 69.68
C ILE C 167 -7.56 -19.43 69.28
N LEU C 168 -8.11 -20.50 68.72
CA LEU C 168 -7.33 -21.65 68.15
C LEU C 168 -7.64 -21.77 66.66
N ASP C 169 -6.62 -21.64 65.81
CA ASP C 169 -6.69 -21.93 64.36
C ASP C 169 -6.27 -23.38 64.13
N VAL C 170 -7.23 -24.24 63.80
CA VAL C 170 -7.03 -25.72 63.66
C VAL C 170 -6.63 -26.03 62.22
N GLY C 171 -5.50 -26.73 62.05
CA GLY C 171 -4.86 -26.94 60.73
C GLY C 171 -4.42 -25.63 60.11
N GLY C 172 -3.85 -24.73 60.93
CA GLY C 172 -3.51 -23.34 60.54
C GLY C 172 -2.14 -23.23 59.89
N GLY C 173 -1.45 -24.35 59.66
CA GLY C 173 -0.17 -24.41 58.93
C GLY C 173 0.91 -23.56 59.58
N GLU C 174 1.54 -22.66 58.83
CA GLU C 174 2.62 -21.76 59.33
C GLU C 174 2.03 -20.69 60.26
N GLY C 175 0.70 -20.60 60.32
CA GLY C 175 -0.03 -19.76 61.30
C GLY C 175 -0.22 -18.34 60.79
N GLU C 176 -0.07 -18.10 59.49
CA GLU C 176 -0.13 -16.76 58.85
C GLU C 176 -1.44 -16.07 59.23
N LEU C 177 -2.58 -16.77 59.18
CA LEU C 177 -3.91 -16.17 59.44
C LEU C 177 -3.91 -15.51 60.83
N LEU C 178 -3.49 -16.24 61.87
CA LEU C 178 -3.56 -15.75 63.28
C LEU C 178 -2.46 -14.73 63.56
N VAL C 179 -1.27 -14.88 62.97
CA VAL C 179 -0.17 -13.87 63.07
C VAL C 179 -0.72 -12.52 62.58
N ARG C 180 -1.41 -12.51 61.44
CA ARG C 180 -1.95 -11.29 60.78
C ARG C 180 -3.15 -10.76 61.58
N ILE C 181 -4.01 -11.65 62.11
CA ILE C 181 -5.18 -11.23 62.95
C ILE C 181 -4.65 -10.63 64.25
N SER C 182 -3.62 -11.22 64.85
CA SER C 182 -3.02 -10.78 66.15
C SER C 182 -2.37 -9.40 66.01
N GLU C 183 -1.97 -9.01 64.79
CA GLU C 183 -1.37 -7.67 64.50
C GLU C 183 -2.45 -6.59 64.61
N LYS C 184 -3.71 -6.90 64.30
CA LYS C 184 -4.85 -5.95 64.33
C LYS C 184 -5.65 -6.12 65.62
N VAL C 185 -5.96 -7.37 66.00
CA VAL C 185 -6.80 -7.73 67.19
C VAL C 185 -5.88 -8.06 68.36
N LYS C 186 -5.77 -7.15 69.33
CA LYS C 186 -4.71 -7.16 70.38
C LYS C 186 -5.25 -7.70 71.70
N GLY C 187 -4.35 -8.21 72.55
CA GLY C 187 -4.60 -8.56 73.96
C GLY C 187 -5.27 -9.92 74.14
N LYS C 188 -5.23 -10.77 73.11
CA LYS C 188 -5.89 -12.11 73.12
C LYS C 188 -4.84 -13.20 73.33
N HIS C 189 -5.31 -14.43 73.58
CA HIS C 189 -4.49 -15.67 73.55
C HIS C 189 -4.68 -16.34 72.19
N TYR C 190 -3.61 -16.42 71.39
CA TYR C 190 -3.62 -16.99 70.02
C TYR C 190 -2.87 -18.33 70.04
N ALA C 191 -3.47 -19.37 69.45
CA ALA C 191 -2.89 -20.72 69.31
C ALA C 191 -3.18 -21.27 67.91
N VAL C 192 -2.22 -22.01 67.36
CA VAL C 192 -2.33 -22.68 66.02
C VAL C 192 -2.02 -24.17 66.22
N LEU C 193 -2.92 -25.03 65.74
CA LEU C 193 -2.78 -26.51 65.78
C LEU C 193 -2.53 -27.01 64.35
N ASP C 194 -1.50 -27.85 64.18
CA ASP C 194 -1.18 -28.52 62.89
C ASP C 194 -0.28 -29.72 63.19
N ARG C 195 0.18 -30.42 62.15
CA ARG C 195 1.15 -31.53 62.24
C ARG C 195 2.56 -30.94 62.06
N TYR C 196 3.25 -30.66 63.17
CA TYR C 196 4.59 -30.03 63.21
C TYR C 196 5.64 -31.08 63.62
N SER C 197 6.62 -31.31 62.76
CA SER C 197 7.85 -32.10 63.08
C SER C 197 8.65 -31.35 64.15
N GLU C 198 8.72 -30.02 64.02
CA GLU C 198 9.25 -29.08 65.05
C GLU C 198 8.29 -27.89 65.16
N LEU C 199 7.93 -27.51 66.40
CA LEU C 199 6.99 -26.40 66.68
C LEU C 199 7.56 -25.10 66.12
N PRO C 200 6.84 -24.37 65.25
CA PRO C 200 7.22 -23.01 64.86
C PRO C 200 7.23 -22.06 66.07
N VAL C 201 7.94 -20.93 65.93
CA VAL C 201 8.02 -19.86 66.97
C VAL C 201 7.55 -18.53 66.34
N SER C 202 6.66 -17.81 67.02
CA SER C 202 6.16 -16.47 66.63
C SER C 202 5.61 -15.76 67.87
N ASP C 203 6.00 -14.49 68.07
CA ASP C 203 5.61 -13.66 69.25
C ASP C 203 4.09 -13.71 69.44
N ASN C 204 3.63 -14.14 70.62
CA ASN C 204 2.22 -14.10 71.08
C ASN C 204 1.38 -15.19 70.40
N ILE C 205 2.00 -16.18 69.76
CA ILE C 205 1.31 -17.38 69.17
C ILE C 205 1.81 -18.64 69.88
N ASP C 206 0.90 -19.47 70.38
CA ASP C 206 1.19 -20.81 70.98
C ASP C 206 0.94 -21.87 69.90
N PHE C 207 2.03 -22.44 69.33
CA PHE C 207 1.96 -23.52 68.31
C PHE C 207 1.81 -24.87 69.01
N ILE C 208 0.82 -25.66 68.58
CA ILE C 208 0.47 -27.00 69.14
C ILE C 208 0.57 -28.03 68.03
N ASN C 209 1.36 -29.10 68.23
CA ASN C 209 1.31 -30.31 67.38
C ASN C 209 0.06 -31.11 67.79
N GLY C 210 -0.83 -31.38 66.83
CA GLY C 210 -2.09 -32.11 67.08
C GLY C 210 -2.56 -32.88 65.87
N ASN C 211 -3.66 -33.61 66.02
CA ASN C 211 -4.33 -34.40 64.96
C ASN C 211 -5.85 -34.22 65.11
N PHE C 212 -6.46 -33.41 64.25
CA PHE C 212 -7.90 -33.02 64.38
C PHE C 212 -8.82 -34.20 64.07
N LEU C 213 -8.30 -35.31 63.54
CA LEU C 213 -9.05 -36.59 63.37
C LEU C 213 -9.23 -37.27 64.73
N ASN C 214 -8.30 -37.03 65.66
CA ASN C 214 -8.29 -37.65 67.02
C ASN C 214 -9.13 -36.79 67.97
N SER C 215 -8.76 -35.52 68.14
CA SER C 215 -9.46 -34.57 69.06
C SER C 215 -9.05 -33.12 68.78
N ILE C 216 -9.81 -32.18 69.35
CA ILE C 216 -9.52 -30.72 69.39
C ILE C 216 -9.37 -30.32 70.86
N PRO C 217 -8.35 -29.51 71.23
CA PRO C 217 -8.24 -29.02 72.61
C PRO C 217 -9.43 -28.15 73.02
N SER C 218 -9.95 -28.35 74.23
CA SER C 218 -11.06 -27.56 74.83
C SER C 218 -10.49 -26.25 75.40
N GLY C 219 -11.37 -25.31 75.76
CA GLY C 219 -11.04 -24.11 76.55
C GLY C 219 -10.81 -22.87 75.71
N TYR C 220 -11.07 -22.94 74.40
CA TYR C 220 -11.04 -21.78 73.46
C TYR C 220 -12.49 -21.37 73.15
N ASP C 221 -12.78 -20.07 73.14
CA ASP C 221 -14.13 -19.53 72.85
C ASP C 221 -14.28 -19.28 71.34
N LEU C 222 -13.17 -19.23 70.59
CA LEU C 222 -13.19 -19.15 69.11
C LEU C 222 -12.29 -20.24 68.53
N TYR C 223 -12.85 -21.10 67.68
CA TYR C 223 -12.14 -22.08 66.83
C TYR C 223 -12.25 -21.62 65.37
N ILE C 224 -11.17 -21.77 64.61
CA ILE C 224 -11.14 -21.47 63.14
C ILE C 224 -10.69 -22.74 62.42
N LEU C 225 -11.44 -23.13 61.38
CA LEU C 225 -11.08 -24.24 60.45
C LEU C 225 -11.18 -23.72 59.02
N LYS C 226 -10.06 -23.28 58.44
CA LYS C 226 -10.01 -22.65 57.09
C LYS C 226 -9.34 -23.60 56.09
N ASN C 227 -10.04 -23.89 54.97
CA ASN C 227 -9.51 -24.64 53.80
C ASN C 227 -8.96 -25.98 54.25
N VAL C 228 -9.66 -26.67 55.16
CA VAL C 228 -9.29 -28.02 55.67
C VAL C 228 -10.23 -29.07 55.05
N LEU C 229 -11.53 -28.83 55.13
CA LEU C 229 -12.56 -29.84 54.80
C LEU C 229 -12.50 -30.36 53.37
N HIS C 230 -12.04 -29.56 52.41
CA HIS C 230 -11.96 -30.07 51.00
C HIS C 230 -10.86 -31.13 50.81
N ASN C 231 -9.95 -31.30 51.76
CA ASN C 231 -8.91 -32.34 51.76
C ASN C 231 -9.47 -33.65 52.32
N TRP C 232 -10.74 -33.70 52.77
CA TRP C 232 -11.29 -34.89 53.48
C TRP C 232 -12.62 -35.42 52.92
N SER C 233 -12.86 -36.72 53.09
CA SER C 233 -14.13 -37.41 52.79
C SER C 233 -15.24 -36.85 53.68
N ASP C 234 -16.50 -37.14 53.33
CA ASP C 234 -17.70 -36.73 54.12
C ASP C 234 -17.59 -37.30 55.54
N SER C 235 -17.23 -38.58 55.69
CA SER C 235 -17.14 -39.29 56.99
C SER C 235 -16.02 -38.66 57.85
N ASP C 236 -14.87 -38.36 57.25
CA ASP C 236 -13.72 -37.72 57.95
C ASP C 236 -14.09 -36.28 58.34
N SER C 237 -14.81 -35.56 57.48
CA SER C 237 -15.29 -34.17 57.74
C SER C 237 -16.22 -34.17 58.95
N ILE C 238 -17.14 -35.13 59.05
CA ILE C 238 -18.11 -35.26 60.19
C ILE C 238 -17.32 -35.59 61.46
N LEU C 239 -16.31 -36.47 61.36
CA LEU C 239 -15.39 -36.83 62.48
C LEU C 239 -14.70 -35.58 63.02
N ILE C 240 -14.14 -34.75 62.14
CA ILE C 240 -13.45 -33.48 62.52
C ILE C 240 -14.43 -32.57 63.26
N LEU C 241 -15.64 -32.38 62.69
CA LEU C 241 -16.66 -31.46 63.25
C LEU C 241 -17.21 -32.02 64.57
N GLU C 242 -17.33 -33.35 64.70
CA GLU C 242 -17.72 -34.02 65.97
C GLU C 242 -16.66 -33.73 67.04
N ASN C 243 -15.38 -33.73 66.66
CA ASN C 243 -14.24 -33.47 67.59
C ASN C 243 -14.32 -32.01 68.07
N PHE C 244 -14.75 -31.08 67.22
CA PHE C 244 -15.00 -29.66 67.60
C PHE C 244 -16.14 -29.60 68.63
N ARG C 245 -17.26 -30.26 68.35
CA ARG C 245 -18.48 -30.24 69.22
C ARG C 245 -18.11 -30.76 70.61
N LYS C 246 -17.29 -31.81 70.69
CA LYS C 246 -16.83 -32.42 71.97
C LYS C 246 -15.95 -31.43 72.74
N ALA C 247 -15.16 -30.61 72.03
CA ALA C 247 -14.22 -29.62 72.60
C ALA C 247 -14.96 -28.34 73.03
N MET C 248 -16.06 -28.01 72.36
CA MET C 248 -16.77 -26.71 72.52
C MET C 248 -17.75 -26.76 73.70
N ASP C 249 -18.00 -25.60 74.32
CA ASP C 249 -19.10 -25.39 75.30
C ASP C 249 -20.14 -24.48 74.63
N LYS C 250 -21.21 -24.13 75.35
CA LYS C 250 -22.37 -23.36 74.79
C LYS C 250 -21.91 -21.95 74.38
N ASN C 251 -20.82 -21.45 74.96
CA ASN C 251 -20.26 -20.09 74.71
C ASN C 251 -19.40 -20.10 73.44
N SER C 252 -18.82 -21.26 73.07
CA SER C 252 -17.81 -21.39 71.99
C SER C 252 -18.42 -21.10 70.62
N SER C 253 -17.60 -20.59 69.69
CA SER C 253 -17.94 -20.42 68.25
C SER C 253 -16.87 -21.11 67.40
N LEU C 254 -17.28 -21.79 66.33
CA LEU C 254 -16.39 -22.36 65.29
C LEU C 254 -16.64 -21.60 63.98
N LEU C 255 -15.60 -20.97 63.44
CA LEU C 255 -15.62 -20.35 62.09
C LEU C 255 -15.14 -21.39 61.08
N LEU C 256 -16.07 -21.96 60.31
CA LEU C 256 -15.78 -22.85 59.16
C LEU C 256 -15.64 -21.97 57.92
N ILE C 257 -14.42 -21.81 57.43
CA ILE C 257 -14.08 -20.94 56.26
C ILE C 257 -13.53 -21.84 55.15
N ASN C 258 -14.16 -21.82 53.97
CA ASN C 258 -13.83 -22.75 52.85
C ASN C 258 -14.18 -22.08 51.53
N MET C 259 -13.36 -22.33 50.50
CA MET C 259 -13.77 -22.16 49.08
C MET C 259 -15.06 -22.95 48.88
N VAL C 260 -16.09 -22.31 48.32
CA VAL C 260 -17.46 -22.90 48.17
C VAL C 260 -17.69 -23.23 46.70
N LYS C 261 -18.46 -24.28 46.44
CA LYS C 261 -18.76 -24.84 45.09
C LYS C 261 -19.52 -23.80 44.27
N GLU C 262 -18.91 -23.29 43.21
CA GLU C 262 -19.45 -22.23 42.32
C GLU C 262 -19.81 -22.87 40.98
N PRO C 263 -21.11 -22.97 40.64
CA PRO C 263 -21.54 -23.50 39.33
C PRO C 263 -20.80 -22.85 38.15
N GLU C 264 -20.55 -21.54 38.25
CA GLU C 264 -19.99 -20.67 37.20
C GLU C 264 -18.51 -20.99 36.96
N PHE C 265 -17.77 -21.40 38.01
CA PHE C 265 -16.30 -21.59 38.00
C PHE C 265 -15.96 -23.04 37.61
N SER C 266 -14.69 -23.28 37.26
CA SER C 266 -14.17 -24.56 36.72
C SER C 266 -14.23 -25.66 37.79
N ARG C 267 -14.40 -26.91 37.35
CA ARG C 267 -14.42 -28.14 38.19
C ARG C 267 -13.01 -28.72 38.31
N SER C 268 -12.01 -28.10 37.70
CA SER C 268 -10.62 -28.63 37.64
C SER C 268 -10.06 -28.80 39.06
N PHE C 269 -10.33 -27.85 39.96
CA PHE C 269 -9.84 -27.88 41.36
C PHE C 269 -10.50 -29.05 42.12
N ASP C 270 -11.79 -29.28 41.88
CA ASP C 270 -12.56 -30.42 42.47
C ASP C 270 -11.85 -31.72 42.12
N ILE C 271 -11.38 -31.87 40.87
CA ILE C 271 -10.69 -33.10 40.39
C ILE C 271 -9.31 -33.20 41.06
N LEU C 272 -8.59 -32.08 41.21
CA LEU C 272 -7.26 -32.06 41.89
C LEU C 272 -7.43 -32.55 43.33
N MET C 273 -8.48 -32.10 44.03
CA MET C 273 -8.78 -32.52 45.43
C MET C 273 -9.06 -34.02 45.47
N ASP C 274 -9.68 -34.58 44.42
CA ASP C 274 -9.92 -36.03 44.30
C ASP C 274 -8.57 -36.75 44.19
N VAL C 275 -7.70 -36.27 43.28
CA VAL C 275 -6.38 -36.87 42.96
C VAL C 275 -5.47 -36.86 44.19
N LEU C 276 -5.39 -35.73 44.89
CA LEU C 276 -4.42 -35.53 46.00
C LEU C 276 -4.94 -36.16 47.30
N PHE C 277 -6.26 -36.10 47.56
CA PHE C 277 -6.85 -36.26 48.91
C PHE C 277 -8.03 -37.24 48.97
N LEU C 278 -8.61 -37.63 47.82
CA LEU C 278 -10.01 -38.12 47.74
C LEU C 278 -10.91 -37.10 48.45
N GLY C 279 -10.61 -35.81 48.28
CA GLY C 279 -11.41 -34.69 48.78
C GLY C 279 -12.39 -34.23 47.72
N LYS C 280 -13.05 -33.10 47.96
CA LYS C 280 -14.04 -32.53 47.01
C LYS C 280 -14.37 -31.09 47.41
N GLU C 281 -14.83 -30.29 46.44
CA GLU C 281 -15.46 -28.97 46.69
C GLU C 281 -16.90 -29.23 47.14
N ARG C 282 -17.43 -28.37 48.02
CA ARG C 282 -18.79 -28.51 48.61
C ARG C 282 -19.52 -27.16 48.55
N SER C 283 -20.85 -27.20 48.42
CA SER C 283 -21.76 -26.04 48.54
C SER C 283 -21.96 -25.72 50.03
N PHE C 284 -22.52 -24.54 50.35
CA PHE C 284 -22.88 -24.16 51.73
C PHE C 284 -23.78 -25.24 52.34
N THR C 285 -24.78 -25.68 51.58
CA THR C 285 -25.82 -26.67 52.00
C THR C 285 -25.15 -27.98 52.42
N GLU C 286 -24.14 -28.41 51.67
CA GLU C 286 -23.39 -29.68 51.94
C GLU C 286 -22.57 -29.53 53.22
N PHE C 287 -21.92 -28.37 53.44
CA PHE C 287 -21.17 -28.07 54.68
C PHE C 287 -22.12 -28.10 55.88
N GLU C 288 -23.30 -27.47 55.74
CA GLU C 288 -24.33 -27.39 56.81
C GLU C 288 -24.79 -28.81 57.19
N TYR C 289 -24.98 -29.69 56.20
CA TYR C 289 -25.40 -31.10 56.42
C TYR C 289 -24.35 -31.80 57.30
N LEU C 290 -23.07 -31.68 56.95
CA LEU C 290 -21.94 -32.31 57.68
C LEU C 290 -21.94 -31.78 59.12
N ALA C 291 -22.06 -30.47 59.30
CA ALA C 291 -22.10 -29.78 60.61
C ALA C 291 -23.27 -30.30 61.45
N ASN C 292 -24.46 -30.40 60.84
CA ASN C 292 -25.71 -30.86 61.50
C ASN C 292 -25.54 -32.31 61.98
N GLN C 293 -24.93 -33.17 61.16
CA GLN C 293 -24.64 -34.59 61.50
C GLN C 293 -23.69 -34.65 62.71
N ALA C 294 -22.80 -33.66 62.86
CA ALA C 294 -21.79 -33.57 63.94
C ALA C 294 -22.40 -32.94 65.21
N GLY C 295 -23.63 -32.43 65.14
CA GLY C 295 -24.34 -31.82 66.27
C GLY C 295 -24.04 -30.33 66.42
N LEU C 296 -23.65 -29.68 65.32
CA LEU C 296 -23.42 -28.21 65.24
C LEU C 296 -24.56 -27.58 64.42
N VAL C 297 -24.87 -26.31 64.68
CA VAL C 297 -25.95 -25.54 63.97
C VAL C 297 -25.35 -24.23 63.47
N VAL C 298 -25.82 -23.78 62.30
CA VAL C 298 -25.36 -22.53 61.62
C VAL C 298 -26.02 -21.34 62.32
N GLN C 299 -25.21 -20.42 62.85
CA GLN C 299 -25.66 -19.18 63.54
C GLN C 299 -25.56 -17.99 62.59
N GLU C 300 -24.66 -18.04 61.61
CA GLU C 300 -24.34 -16.93 60.68
C GLU C 300 -23.63 -17.47 59.43
N THR C 301 -24.04 -17.03 58.25
CA THR C 301 -23.36 -17.29 56.95
C THR C 301 -23.03 -15.97 56.26
N LYS C 302 -21.88 -15.90 55.59
CA LYS C 302 -21.46 -14.77 54.72
C LYS C 302 -20.59 -15.33 53.59
N VAL C 303 -20.54 -14.61 52.46
CA VAL C 303 -19.67 -14.95 51.30
C VAL C 303 -18.53 -13.93 51.26
N ILE C 304 -17.28 -14.42 51.18
CA ILE C 304 -16.06 -13.60 50.97
C ILE C 304 -15.57 -13.89 49.54
N ASP C 305 -15.50 -12.86 48.69
CA ASP C 305 -14.98 -12.96 47.31
C ASP C 305 -13.45 -12.86 47.37
N GLN C 306 -12.76 -13.84 46.77
CA GLN C 306 -11.31 -13.79 46.45
C GLN C 306 -11.17 -13.88 44.92
N SER C 307 -10.05 -13.39 44.38
CA SER C 307 -9.77 -13.30 42.92
C SER C 307 -10.03 -14.66 42.24
N TYR C 308 -9.62 -15.75 42.89
CA TYR C 308 -9.55 -17.12 42.31
C TYR C 308 -10.81 -17.94 42.64
N SER C 309 -11.53 -17.61 43.72
CA SER C 309 -12.68 -18.40 44.23
C SER C 309 -13.52 -17.59 45.21
N PRO C 310 -14.85 -17.85 45.28
CA PRO C 310 -15.67 -17.36 46.39
C PRO C 310 -15.43 -18.24 47.62
N TYR C 311 -15.57 -17.67 48.83
CA TYR C 311 -15.44 -18.36 50.13
C TYR C 311 -16.78 -18.31 50.87
N SER C 312 -17.15 -19.42 51.52
CA SER C 312 -18.23 -19.50 52.53
C SER C 312 -17.62 -19.24 53.91
N PHE C 313 -18.19 -18.30 54.66
CA PHE C 313 -17.90 -18.04 56.09
C PHE C 313 -19.11 -18.53 56.90
N ILE C 314 -18.94 -19.61 57.67
CA ILE C 314 -20.02 -20.26 58.46
C ILE C 314 -19.63 -20.23 59.94
N LYS C 315 -20.38 -19.50 60.76
CA LYS C 315 -20.26 -19.51 62.24
C LYS C 315 -21.11 -20.66 62.78
N LEU C 316 -20.48 -21.63 63.46
CA LEU C 316 -21.15 -22.82 64.05
C LEU C 316 -21.09 -22.73 65.58
N GLN C 317 -22.16 -23.16 66.24
CA GLN C 317 -22.22 -23.38 67.71
C GLN C 317 -22.87 -24.75 67.95
N ILE C 318 -22.71 -25.31 69.16
CA ILE C 318 -23.30 -26.62 69.51
C ILE C 318 -24.83 -26.47 69.56
N LYS C 319 -25.57 -27.50 69.15
CA LYS C 319 -27.06 -27.49 69.08
C LYS C 319 -27.61 -27.32 70.50
N SER D 1 -17.64 4.33 5.76
CA SER D 1 -16.80 5.50 6.12
C SER D 1 -15.58 5.57 5.20
N MET D 2 -14.91 6.72 5.16
CA MET D 2 -13.65 6.91 4.41
C MET D 2 -12.53 6.12 5.10
N LEU D 3 -12.52 6.04 6.44
CA LEU D 3 -11.42 5.39 7.20
C LEU D 3 -11.45 3.87 6.96
N THR D 4 -12.61 3.22 7.09
CA THR D 4 -12.72 1.75 6.92
C THR D 4 -12.36 1.38 5.48
N GLU D 5 -12.70 2.22 4.50
CA GLU D 5 -12.37 1.99 3.07
C GLU D 5 -10.86 2.23 2.85
N LEU D 6 -10.25 3.16 3.60
CA LEU D 6 -8.78 3.37 3.56
C LEU D 6 -8.08 2.14 4.14
N ILE D 7 -8.56 1.63 5.28
CA ILE D 7 -8.04 0.37 5.89
C ILE D 7 -8.15 -0.75 4.86
N ALA D 8 -9.23 -0.76 4.07
CA ALA D 8 -9.57 -1.82 3.09
C ALA D 8 -9.02 -1.48 1.70
N SER D 9 -8.01 -0.63 1.60
CA SER D 9 -7.34 -0.25 0.32
C SER D 9 -6.88 -1.50 -0.43
N ASN D 10 -6.39 -2.52 0.30
CA ASN D 10 -5.90 -3.81 -0.25
C ASN D 10 -6.94 -4.44 -1.20
N ARG D 11 -8.24 -4.26 -0.92
CA ARG D 11 -9.33 -4.90 -1.70
C ARG D 11 -9.32 -4.39 -3.15
N ARG D 12 -8.86 -3.15 -3.36
CA ARG D 12 -8.77 -2.55 -4.73
C ARG D 12 -7.70 -3.29 -5.52
N SER D 13 -6.51 -3.49 -4.93
CA SER D 13 -5.38 -4.23 -5.55
C SER D 13 -5.81 -5.67 -5.84
N ALA D 14 -6.48 -6.31 -4.87
CA ALA D 14 -6.92 -7.72 -4.95
C ALA D 14 -7.96 -7.89 -6.06
N ALA D 15 -8.89 -6.94 -6.19
CA ALA D 15 -9.93 -6.91 -7.25
C ALA D 15 -9.24 -6.85 -8.63
N ILE D 16 -8.28 -5.94 -8.80
CA ILE D 16 -7.53 -5.77 -10.08
C ILE D 16 -6.76 -7.07 -10.37
N HIS D 17 -6.14 -7.67 -9.35
CA HIS D 17 -5.35 -8.93 -9.49
C HIS D 17 -6.26 -10.04 -10.05
N ALA D 18 -7.43 -10.24 -9.46
CA ALA D 18 -8.44 -11.25 -9.89
C ALA D 18 -8.80 -11.02 -11.36
N PHE D 19 -8.98 -9.75 -11.75
CA PHE D 19 -9.43 -9.32 -13.11
C PHE D 19 -8.32 -9.58 -14.14
N VAL D 20 -7.08 -9.26 -13.78
CA VAL D 20 -5.92 -9.24 -14.73
C VAL D 20 -5.19 -10.59 -14.73
N ASP D 21 -4.89 -11.14 -13.54
CA ASP D 21 -4.05 -12.37 -13.38
C ASP D 21 -4.72 -13.57 -14.06
N THR D 22 -6.05 -13.62 -14.04
CA THR D 22 -6.87 -14.71 -14.66
C THR D 22 -6.89 -14.58 -16.18
N GLY D 23 -6.54 -13.40 -16.71
CA GLY D 23 -6.63 -13.08 -18.14
C GLY D 23 -8.02 -12.64 -18.55
N LEU D 24 -8.93 -12.44 -17.59
CA LEU D 24 -10.31 -11.97 -17.88
C LEU D 24 -10.27 -10.60 -18.58
N SER D 25 -9.31 -9.75 -18.19
CA SER D 25 -9.15 -8.37 -18.74
C SER D 25 -8.77 -8.41 -20.22
N THR D 26 -8.22 -9.52 -20.72
CA THR D 26 -7.79 -9.68 -22.13
C THR D 26 -9.02 -9.79 -23.05
N HIS D 27 -10.20 -10.06 -22.49
CA HIS D 27 -11.50 -10.10 -23.23
C HIS D 27 -12.03 -8.67 -23.50
N PHE D 28 -11.36 -7.64 -22.96
CA PHE D 28 -11.79 -6.22 -23.03
C PHE D 28 -10.89 -5.41 -23.98
N LYS D 29 -10.26 -6.08 -24.96
CA LYS D 29 -9.37 -5.45 -25.97
C LYS D 29 -10.14 -4.42 -26.80
N ASP D 30 -9.44 -3.37 -27.25
CA ASP D 30 -9.86 -2.43 -28.32
C ASP D 30 -11.11 -1.64 -27.90
N GLY D 31 -11.31 -1.43 -26.59
CA GLY D 31 -12.42 -0.63 -26.03
C GLY D 31 -13.79 -1.26 -26.24
N ILE D 32 -13.86 -2.59 -26.39
CA ILE D 32 -15.12 -3.35 -26.61
C ILE D 32 -15.93 -3.36 -25.31
N TYR D 33 -17.26 -3.26 -25.42
CA TYR D 33 -18.21 -3.49 -24.30
C TYR D 33 -18.46 -5.00 -24.20
N VAL D 34 -18.24 -5.57 -23.02
CA VAL D 34 -18.38 -7.04 -22.77
C VAL D 34 -19.71 -7.29 -22.07
N ASP D 35 -20.52 -8.20 -22.65
CA ASP D 35 -21.71 -8.80 -22.00
C ASP D 35 -21.20 -9.96 -21.14
N ILE D 36 -21.39 -9.87 -19.82
CA ILE D 36 -20.83 -10.87 -18.85
C ILE D 36 -21.51 -12.23 -19.08
N SER D 37 -22.78 -12.23 -19.48
CA SER D 37 -23.54 -13.45 -19.86
C SER D 37 -22.78 -14.18 -20.99
N GLU D 38 -22.38 -13.44 -22.03
CA GLU D 38 -21.64 -13.99 -23.20
C GLU D 38 -20.25 -14.46 -22.73
N LEU D 39 -19.57 -13.66 -21.91
CA LEU D 39 -18.20 -13.96 -21.38
C LEU D 39 -18.26 -15.25 -20.55
N SER D 40 -19.31 -15.42 -19.73
CA SER D 40 -19.53 -16.62 -18.88
C SER D 40 -19.61 -17.87 -19.76
N ARG D 41 -20.36 -17.81 -20.87
CA ARG D 41 -20.60 -18.97 -21.77
C ARG D 41 -19.28 -19.43 -22.41
N LYS D 42 -18.38 -18.51 -22.77
CA LYS D 42 -17.15 -18.85 -23.54
C LYS D 42 -15.97 -19.12 -22.58
N SER D 43 -15.86 -18.38 -21.48
CA SER D 43 -14.70 -18.43 -20.54
C SER D 43 -14.98 -19.36 -19.34
N GLY D 44 -16.25 -19.49 -18.95
CA GLY D 44 -16.67 -20.31 -17.79
C GLY D 44 -16.67 -19.51 -16.50
N VAL D 45 -16.39 -18.20 -16.55
CA VAL D 45 -16.41 -17.30 -15.36
C VAL D 45 -17.85 -17.23 -14.84
N ASN D 46 -18.02 -17.20 -13.52
CA ASN D 46 -19.34 -17.12 -12.84
C ASN D 46 -19.98 -15.76 -13.16
N TYR D 47 -21.16 -15.75 -13.79
CA TYR D 47 -21.87 -14.53 -14.21
C TYR D 47 -22.11 -13.59 -13.02
N ALA D 48 -22.85 -14.07 -12.01
CA ALA D 48 -23.32 -13.27 -10.86
C ALA D 48 -22.12 -12.69 -10.10
N ARG D 49 -21.12 -13.52 -9.83
CA ARG D 49 -19.96 -13.16 -8.97
C ARG D 49 -19.01 -12.24 -9.74
N PHE D 50 -18.78 -12.47 -11.04
CA PHE D 50 -17.91 -11.59 -11.86
C PHE D 50 -18.62 -10.26 -12.10
N SER D 51 -19.95 -10.26 -12.26
CA SER D 51 -20.76 -9.03 -12.40
C SER D 51 -20.58 -8.14 -11.17
N ARG D 52 -20.55 -8.73 -9.97
CA ARG D 52 -20.33 -7.99 -8.70
C ARG D 52 -18.91 -7.42 -8.67
N LEU D 53 -17.91 -8.17 -9.13
CA LEU D 53 -16.51 -7.67 -9.25
C LEU D 53 -16.49 -6.49 -10.22
N CYS D 54 -17.20 -6.59 -11.35
CA CYS D 54 -17.25 -5.53 -12.39
C CYS D 54 -17.87 -4.26 -11.81
N ASP D 55 -18.90 -4.39 -10.96
CA ASP D 55 -19.54 -3.25 -10.25
C ASP D 55 -18.47 -2.55 -9.40
N PHE D 56 -17.64 -3.30 -8.67
CA PHE D 56 -16.55 -2.74 -7.84
C PHE D 56 -15.50 -2.08 -8.74
N LEU D 57 -15.16 -2.71 -9.88
CA LEU D 57 -14.17 -2.17 -10.84
C LEU D 57 -14.70 -0.87 -11.48
N VAL D 58 -16.01 -0.74 -11.68
CA VAL D 58 -16.63 0.54 -12.16
C VAL D 58 -16.44 1.62 -11.09
N GLU D 59 -16.71 1.30 -9.83
CA GLU D 59 -16.52 2.20 -8.66
C GLU D 59 -15.07 2.73 -8.63
N MET D 60 -14.10 1.84 -8.89
N MET D 60 -14.10 1.86 -8.92
CA MET D 60 -12.65 2.13 -8.88
CA MET D 60 -12.65 2.16 -8.85
C MET D 60 -12.25 3.00 -10.08
C MET D 60 -12.18 2.87 -10.14
N GLY D 61 -13.04 2.95 -11.16
CA GLY D 61 -12.75 3.66 -12.42
C GLY D 61 -11.96 2.81 -13.40
N VAL D 62 -11.86 1.50 -13.14
CA VAL D 62 -11.16 0.52 -14.02
C VAL D 62 -12.06 0.19 -15.20
N LEU D 63 -13.36 0.01 -14.94
CA LEU D 63 -14.41 -0.29 -15.96
C LEU D 63 -15.39 0.88 -16.07
N VAL D 64 -16.05 0.98 -17.21
CA VAL D 64 -17.19 1.91 -17.47
C VAL D 64 -18.38 1.06 -17.91
N SER D 65 -19.58 1.35 -17.40
CA SER D 65 -20.82 0.59 -17.63
C SER D 65 -21.74 1.33 -18.61
N ASN D 66 -22.31 0.60 -19.58
CA ASN D 66 -23.37 1.07 -20.51
C ASN D 66 -24.27 -0.12 -20.87
N ASP D 67 -25.58 0.02 -20.67
CA ASP D 67 -26.61 -0.98 -21.08
C ASP D 67 -26.25 -2.35 -20.48
N ASN D 68 -25.85 -2.38 -19.20
CA ASN D 68 -25.54 -3.61 -18.43
C ASN D 68 -24.35 -4.35 -19.06
N LYS D 69 -23.47 -3.61 -19.74
CA LYS D 69 -22.21 -4.14 -20.33
C LYS D 69 -21.05 -3.29 -19.81
N PHE D 70 -19.82 -3.83 -19.84
CA PHE D 70 -18.62 -3.21 -19.24
C PHE D 70 -17.50 -3.11 -20.28
N ARG D 71 -16.84 -1.96 -20.33
CA ARG D 71 -15.58 -1.74 -21.10
C ARG D 71 -14.52 -1.25 -20.12
N LEU D 72 -13.24 -1.45 -20.46
CA LEU D 72 -12.11 -0.81 -19.75
C LEU D 72 -12.21 0.71 -19.95
N SER D 73 -11.92 1.47 -18.91
CA SER D 73 -11.69 2.94 -19.00
C SER D 73 -10.47 3.18 -19.89
N ASP D 74 -10.33 4.37 -20.46
CA ASP D 74 -9.21 4.71 -21.38
C ASP D 74 -7.88 4.52 -20.63
N GLU D 75 -7.81 4.97 -19.38
CA GLU D 75 -6.62 4.86 -18.50
C GLU D 75 -6.17 3.40 -18.39
N CYS D 76 -7.13 2.47 -18.29
CA CYS D 76 -6.90 1.04 -17.93
C CYS D 76 -6.90 0.13 -19.16
N HIS D 77 -6.84 0.71 -20.38
CA HIS D 77 -6.72 -0.05 -21.66
C HIS D 77 -5.55 -1.04 -21.56
N VAL D 78 -4.50 -0.67 -20.83
CA VAL D 78 -3.24 -1.46 -20.64
C VAL D 78 -3.56 -2.84 -20.06
N PHE D 79 -4.65 -2.99 -19.28
CA PHE D 79 -5.02 -4.27 -18.62
C PHE D 79 -5.45 -5.32 -19.66
N ALA D 80 -5.82 -4.91 -20.87
CA ALA D 80 -6.21 -5.81 -21.99
C ALA D 80 -4.95 -6.46 -22.58
N ASN D 81 -3.78 -5.88 -22.34
CA ASN D 81 -2.46 -6.35 -22.86
C ASN D 81 -1.71 -7.06 -21.73
N PRO D 82 -1.53 -8.40 -21.81
CA PRO D 82 -0.78 -9.13 -20.78
C PRO D 82 0.73 -8.84 -20.80
N GLU D 83 1.23 -8.16 -21.84
CA GLU D 83 2.66 -7.76 -22.00
C GLU D 83 2.90 -6.37 -21.41
N SER D 84 1.85 -5.66 -20.98
CA SER D 84 1.95 -4.28 -20.41
C SER D 84 2.66 -4.34 -19.06
N PHE D 85 3.40 -3.29 -18.70
CA PHE D 85 4.18 -3.23 -17.43
C PHE D 85 3.18 -3.29 -16.26
N GLU D 86 1.99 -2.71 -16.43
CA GLU D 86 0.92 -2.68 -15.39
C GLU D 86 0.46 -4.10 -15.07
N SER D 87 0.40 -4.99 -16.06
CA SER D 87 0.03 -6.42 -15.91
C SER D 87 1.05 -7.14 -15.02
N PHE D 88 2.34 -6.92 -15.26
CA PHE D 88 3.45 -7.51 -14.46
C PHE D 88 3.45 -6.89 -13.06
N MET D 89 3.15 -5.60 -12.96
CA MET D 89 3.12 -4.85 -11.66
C MET D 89 2.11 -5.49 -10.71
N ILE D 90 0.88 -5.75 -11.17
CA ILE D 90 -0.20 -6.28 -10.28
C ILE D 90 0.11 -7.73 -9.89
N LYS D 91 0.76 -8.49 -10.77
CA LYS D 91 1.15 -9.91 -10.50
C LYS D 91 2.12 -9.95 -9.32
N LEU D 92 3.04 -8.98 -9.21
CA LEU D 92 4.04 -8.89 -8.11
C LEU D 92 3.42 -8.26 -6.86
N GLU D 93 2.61 -7.20 -7.05
CA GLU D 93 2.19 -6.26 -5.98
C GLU D 93 1.62 -7.01 -4.76
N ILE D 94 0.75 -8.00 -4.97
CA ILE D 94 0.06 -8.73 -3.86
C ILE D 94 0.41 -10.22 -3.89
N CYS D 95 1.51 -10.61 -4.56
CA CYS D 95 2.00 -12.01 -4.55
C CYS D 95 2.40 -12.37 -3.11
N SER D 96 2.43 -13.66 -2.78
CA SER D 96 2.64 -14.18 -1.40
C SER D 96 3.95 -13.63 -0.82
N HIS D 97 5.00 -13.53 -1.63
CA HIS D 97 6.35 -13.08 -1.21
C HIS D 97 6.28 -11.62 -0.74
N TYR D 98 5.62 -10.75 -1.51
CA TYR D 98 5.44 -9.31 -1.19
C TYR D 98 4.59 -9.16 0.08
N SER D 99 3.48 -9.90 0.15
N SER D 99 3.48 -9.91 0.16
CA SER D 99 2.54 -9.94 1.32
CA SER D 99 2.54 -9.92 1.31
C SER D 99 3.33 -10.28 2.59
C SER D 99 3.30 -10.30 2.61
N ASN D 100 4.14 -11.34 2.55
CA ASN D 100 4.95 -11.80 3.71
C ASN D 100 5.99 -10.74 4.08
N ALA D 101 6.55 -10.04 3.09
CA ALA D 101 7.49 -8.91 3.30
C ALA D 101 6.78 -7.78 4.04
N TRP D 102 5.59 -7.37 3.57
CA TRP D 102 4.78 -6.29 4.18
C TRP D 102 4.43 -6.64 5.64
N LEU D 103 4.18 -7.91 5.95
CA LEU D 103 3.81 -8.37 7.31
C LEU D 103 5.02 -8.29 8.25
N MET D 104 6.25 -8.19 7.71
CA MET D 104 7.50 -8.04 8.51
C MET D 104 7.93 -6.58 8.59
N TYR D 105 7.24 -5.68 7.89
CA TYR D 105 7.64 -4.24 7.74
C TYR D 105 7.67 -3.59 9.13
N GLY D 106 6.60 -3.75 9.89
CA GLY D 106 6.50 -3.25 11.28
C GLY D 106 7.70 -3.65 12.11
N LYS D 107 7.99 -4.96 12.19
CA LYS D 107 9.12 -5.50 12.97
C LYS D 107 10.45 -4.95 12.43
N SER D 108 10.58 -4.82 11.11
CA SER D 108 11.81 -4.35 10.42
C SER D 108 12.19 -2.93 10.89
N LEU D 109 11.21 -2.12 11.31
CA LEU D 109 11.45 -0.72 11.75
C LEU D 109 12.18 -0.70 13.11
N PHE D 110 12.15 -1.80 13.87
CA PHE D 110 12.74 -1.90 15.23
C PHE D 110 14.09 -2.63 15.22
N GLU D 111 14.44 -3.30 14.11
CA GLU D 111 15.73 -4.01 13.94
C GLU D 111 16.75 -3.04 13.32
N ASP D 112 18.04 -3.23 13.63
CA ASP D 112 19.16 -2.40 13.09
C ASP D 112 20.30 -3.34 12.66
N ASP D 113 19.97 -4.53 12.12
CA ASP D 113 20.93 -5.54 11.62
C ASP D 113 21.10 -5.39 10.10
N GLY D 114 20.46 -4.37 9.51
CA GLY D 114 20.56 -4.05 8.07
C GLY D 114 19.85 -5.07 7.20
N LYS D 115 18.81 -5.73 7.74
CA LYS D 115 17.98 -6.71 7.01
C LYS D 115 16.63 -6.06 6.67
N SER D 116 16.28 -6.03 5.38
CA SER D 116 14.97 -5.56 4.86
C SER D 116 13.86 -6.47 5.39
N ALA D 117 12.62 -5.98 5.40
CA ALA D 117 11.42 -6.79 5.73
C ALA D 117 11.37 -8.02 4.83
N PHE D 118 11.76 -7.88 3.56
CA PHE D 118 11.78 -9.01 2.59
C PHE D 118 12.78 -10.08 3.09
N GLU D 119 14.00 -9.66 3.47
CA GLU D 119 15.06 -10.59 3.93
C GLU D 119 14.61 -11.26 5.23
N MET D 120 13.95 -10.52 6.12
CA MET D 120 13.40 -11.07 7.39
C MET D 120 12.39 -12.18 7.08
N ALA D 121 11.62 -12.05 6.00
CA ALA D 121 10.56 -13.00 5.58
C ALA D 121 11.15 -14.17 4.78
N HIS D 122 12.28 -13.99 4.08
CA HIS D 122 12.78 -14.94 3.06
C HIS D 122 14.17 -15.50 3.40
N GLY D 123 14.91 -14.85 4.31
CA GLY D 123 16.24 -15.33 4.79
C GLY D 123 17.37 -14.92 3.86
N ARG D 124 17.07 -14.20 2.77
CA ARG D 124 18.06 -13.67 1.81
C ARG D 124 17.60 -12.30 1.33
N PRO D 125 18.52 -11.37 0.96
CA PRO D 125 18.13 -10.12 0.34
C PRO D 125 17.43 -10.40 -1.00
N PHE D 126 16.63 -9.44 -1.48
CA PHE D 126 15.69 -9.56 -2.61
C PHE D 126 16.35 -10.26 -3.81
N PHE D 127 17.41 -9.66 -4.37
CA PHE D 127 18.02 -10.13 -5.64
C PHE D 127 18.66 -11.50 -5.46
N GLU D 128 19.20 -11.79 -4.27
CA GLU D 128 19.79 -13.13 -3.94
C GLU D 128 18.67 -14.17 -3.89
N TYR D 129 17.50 -13.83 -3.34
CA TYR D 129 16.32 -14.75 -3.29
C TYR D 129 15.81 -15.01 -4.70
N LEU D 130 15.79 -13.99 -5.57
CA LEU D 130 15.27 -14.09 -6.96
C LEU D 130 16.07 -15.11 -7.77
N ASP D 131 17.33 -15.35 -7.42
CA ASP D 131 18.22 -16.36 -8.09
C ASP D 131 17.56 -17.74 -8.04
N GLY D 132 16.79 -18.04 -6.99
CA GLY D 132 16.18 -19.37 -6.75
C GLY D 132 14.66 -19.38 -6.92
N ASN D 133 14.07 -18.31 -7.46
CA ASN D 133 12.59 -18.19 -7.62
C ASN D 133 12.27 -17.65 -9.03
N LYS D 134 11.82 -18.55 -9.93
CA LYS D 134 11.49 -18.24 -11.35
C LYS D 134 10.35 -17.22 -11.43
N PHE D 135 9.30 -17.37 -10.62
CA PHE D 135 8.10 -16.50 -10.63
C PHE D 135 8.53 -15.04 -10.41
N LEU D 136 9.24 -14.78 -9.31
CA LEU D 136 9.69 -13.40 -8.93
C LEU D 136 10.66 -12.86 -9.99
N LYS D 137 11.69 -13.64 -10.33
CA LYS D 137 12.78 -13.19 -11.24
C LYS D 137 12.20 -12.85 -12.62
N SER D 138 11.40 -13.75 -13.21
CA SER D 138 10.84 -13.59 -14.57
C SER D 138 9.90 -12.38 -14.62
N ASN D 139 9.04 -12.21 -13.61
CA ASN D 139 8.03 -11.13 -13.55
C ASN D 139 8.71 -9.79 -13.24
N PHE D 140 9.68 -9.76 -12.32
CA PHE D 140 10.45 -8.53 -11.98
C PHE D 140 11.26 -8.08 -13.20
N ASP D 141 12.00 -9.01 -13.83
CA ASP D 141 12.83 -8.73 -15.02
C ASP D 141 11.94 -8.24 -16.16
N ALA D 142 10.78 -8.88 -16.36
CA ALA D 142 9.78 -8.51 -17.40
C ALA D 142 9.27 -7.08 -17.13
N LEU D 143 8.95 -6.76 -15.87
CA LEU D 143 8.45 -5.42 -15.45
C LEU D 143 9.50 -4.36 -15.82
N MET D 144 10.77 -4.58 -15.46
CA MET D 144 11.88 -3.63 -15.70
C MET D 144 12.11 -3.47 -17.22
N THR D 145 11.94 -4.55 -17.99
CA THR D 145 12.08 -4.55 -19.48
C THR D 145 11.00 -3.61 -20.07
N ARG D 146 9.75 -3.73 -19.62
CA ARG D 146 8.61 -2.95 -20.18
C ARG D 146 8.79 -1.46 -19.88
N VAL D 147 9.20 -1.09 -18.66
CA VAL D 147 9.38 0.33 -18.25
C VAL D 147 10.60 0.92 -18.98
N SER D 148 11.63 0.12 -19.24
CA SER D 148 12.83 0.51 -20.04
C SER D 148 12.40 0.85 -21.47
N ASN D 149 11.58 0.00 -22.09
CA ASN D 149 11.05 0.17 -23.47
C ASN D 149 10.30 1.51 -23.57
N LEU D 150 9.57 1.89 -22.52
CA LEU D 150 8.67 3.08 -22.49
C LEU D 150 9.48 4.39 -22.47
N ILE D 151 10.70 4.38 -21.92
CA ILE D 151 11.52 5.62 -21.70
C ILE D 151 12.51 5.82 -22.85
N VAL D 152 12.77 4.81 -23.69
CA VAL D 152 13.85 4.82 -24.72
C VAL D 152 13.70 6.05 -25.62
N GLU D 153 12.52 6.24 -26.23
CA GLU D 153 12.27 7.29 -27.25
C GLU D 153 12.60 8.67 -26.68
N LYS D 154 12.14 8.96 -25.46
CA LYS D 154 12.38 10.25 -24.75
C LYS D 154 13.86 10.39 -24.41
N LEU D 155 14.51 9.31 -23.97
CA LEU D 155 15.94 9.30 -23.58
C LEU D 155 16.83 9.62 -24.80
N LEU D 156 16.55 8.98 -25.94
CA LEU D 156 17.27 9.22 -27.22
C LEU D 156 17.05 10.66 -27.69
N GLY D 157 15.89 11.25 -27.36
CA GLY D 157 15.52 12.63 -27.71
C GLY D 157 16.30 13.66 -26.93
N ILE D 158 16.43 13.50 -25.61
CA ILE D 158 16.98 14.53 -24.68
C ILE D 158 18.51 14.47 -24.64
N TYR D 159 19.11 13.32 -24.99
CA TYR D 159 20.59 13.13 -24.98
C TYR D 159 21.03 12.46 -26.29
N ASP D 160 22.14 12.96 -26.86
CA ASP D 160 22.71 12.47 -28.14
C ASP D 160 23.68 11.32 -27.85
N PHE D 161 23.22 10.08 -28.03
CA PHE D 161 24.01 8.84 -27.80
C PHE D 161 24.99 8.59 -28.96
N ASN D 162 24.83 9.32 -30.08
CA ASN D 162 25.72 9.21 -31.27
C ASN D 162 27.13 9.71 -30.94
N GLN D 163 27.29 10.54 -29.89
CA GLN D 163 28.59 11.15 -29.51
C GLN D 163 29.46 10.12 -28.78
N HIS D 164 28.92 8.95 -28.43
CA HIS D 164 29.60 7.89 -27.64
C HIS D 164 29.87 6.66 -28.52
N ASN D 165 30.91 5.89 -28.18
CA ASN D 165 31.43 4.75 -28.98
C ASN D 165 31.40 3.45 -28.16
N ARG D 166 31.81 3.49 -26.90
CA ARG D 166 31.81 2.33 -25.96
C ARG D 166 30.84 2.62 -24.81
N ILE D 167 29.75 1.87 -24.72
CA ILE D 167 28.61 2.13 -23.78
C ILE D 167 28.36 0.88 -22.92
N LEU D 168 28.39 1.02 -21.59
CA LEU D 168 28.05 -0.06 -20.63
C LEU D 168 26.82 0.33 -19.82
N ASP D 169 25.76 -0.48 -19.88
CA ASP D 169 24.56 -0.35 -19.01
C ASP D 169 24.77 -1.26 -17.79
N VAL D 170 24.97 -0.65 -16.62
CA VAL D 170 25.28 -1.35 -15.34
C VAL D 170 23.95 -1.66 -14.63
N GLY D 171 23.75 -2.92 -14.25
CA GLY D 171 22.46 -3.42 -13.72
C GLY D 171 21.37 -3.29 -14.76
N GLY D 172 21.69 -3.58 -16.03
CA GLY D 172 20.81 -3.36 -17.19
C GLY D 172 19.80 -4.49 -17.39
N GLY D 173 19.79 -5.49 -16.51
CA GLY D 173 18.82 -6.60 -16.51
C GLY D 173 18.88 -7.40 -17.81
N GLU D 174 17.73 -7.51 -18.51
CA GLU D 174 17.60 -8.26 -19.78
C GLU D 174 18.23 -7.46 -20.93
N GLY D 175 18.58 -6.19 -20.70
CA GLY D 175 19.37 -5.34 -21.62
C GLY D 175 18.49 -4.58 -22.60
N GLU D 176 17.19 -4.43 -22.31
CA GLU D 176 16.17 -3.83 -23.22
C GLU D 176 16.59 -2.41 -23.62
N LEU D 177 17.11 -1.61 -22.68
CA LEU D 177 17.49 -0.19 -22.94
C LEU D 177 18.50 -0.13 -24.08
N LEU D 178 19.59 -0.87 -24.00
CA LEU D 178 20.70 -0.82 -25.00
C LEU D 178 20.30 -1.57 -26.28
N VAL D 179 19.49 -2.63 -26.17
CA VAL D 179 18.95 -3.36 -27.36
C VAL D 179 18.20 -2.34 -28.23
N ARG D 180 17.33 -1.52 -27.63
CA ARG D 180 16.50 -0.51 -28.35
C ARG D 180 17.37 0.66 -28.83
N ILE D 181 18.32 1.12 -28.00
CA ILE D 181 19.25 2.23 -28.34
C ILE D 181 20.13 1.80 -29.53
N SER D 182 20.59 0.53 -29.53
CA SER D 182 21.50 -0.03 -30.56
C SER D 182 20.80 -0.10 -31.92
N GLU D 183 19.47 -0.20 -31.95
CA GLU D 183 18.65 -0.23 -33.19
C GLU D 183 18.56 1.18 -33.80
N LYS D 184 18.59 2.22 -32.97
CA LYS D 184 18.50 3.64 -33.39
C LYS D 184 19.91 4.21 -33.66
N VAL D 185 20.84 3.96 -32.73
CA VAL D 185 22.27 4.41 -32.83
C VAL D 185 23.14 3.18 -33.12
N LYS D 186 23.27 2.83 -34.41
CA LYS D 186 23.92 1.58 -34.88
C LYS D 186 25.44 1.77 -34.96
N GLY D 187 26.19 0.67 -34.81
CA GLY D 187 27.64 0.59 -35.10
C GLY D 187 28.51 0.97 -33.91
N LYS D 188 27.92 1.22 -32.74
CA LYS D 188 28.66 1.48 -31.48
C LYS D 188 28.95 0.15 -30.80
N HIS D 189 29.77 0.15 -29.74
CA HIS D 189 30.04 -1.02 -28.87
C HIS D 189 29.14 -0.96 -27.64
N TYR D 190 28.21 -1.90 -27.50
CA TYR D 190 27.17 -1.95 -26.44
C TYR D 190 27.45 -3.14 -25.51
N ALA D 191 27.48 -2.88 -24.20
CA ALA D 191 27.69 -3.90 -23.14
C ALA D 191 26.65 -3.71 -22.04
N VAL D 192 26.20 -4.81 -21.44
CA VAL D 192 25.23 -4.82 -20.31
C VAL D 192 25.81 -5.68 -19.19
N LEU D 193 25.93 -5.11 -17.98
CA LEU D 193 26.40 -5.83 -16.76
C LEU D 193 25.22 -6.06 -15.83
N ASP D 194 25.09 -7.28 -15.33
CA ASP D 194 24.09 -7.67 -14.30
C ASP D 194 24.56 -9.00 -13.69
N ARG D 195 23.73 -9.60 -12.82
CA ARG D 195 23.97 -10.92 -12.18
C ARG D 195 23.27 -11.98 -13.03
N TYR D 196 24.04 -12.75 -13.81
CA TYR D 196 23.55 -13.77 -14.77
C TYR D 196 24.10 -15.15 -14.38
N SER D 197 23.22 -16.13 -14.17
CA SER D 197 23.55 -17.57 -14.05
C SER D 197 23.77 -18.15 -15.45
N GLU D 198 23.02 -17.65 -16.43
CA GLU D 198 23.16 -17.95 -17.88
C GLU D 198 23.13 -16.63 -18.65
N LEU D 199 24.14 -16.36 -19.48
CA LEU D 199 24.27 -15.09 -20.25
C LEU D 199 23.12 -14.97 -21.24
N PRO D 200 22.38 -13.83 -21.25
CA PRO D 200 21.49 -13.51 -22.36
C PRO D 200 22.28 -13.41 -23.67
N VAL D 201 21.62 -13.63 -24.80
CA VAL D 201 22.20 -13.50 -26.17
C VAL D 201 21.34 -12.54 -26.98
N SER D 202 21.96 -11.50 -27.54
CA SER D 202 21.31 -10.47 -28.41
C SER D 202 22.37 -9.85 -29.32
N ASP D 203 22.05 -9.71 -30.61
CA ASP D 203 22.99 -9.22 -31.67
C ASP D 203 23.66 -7.92 -31.18
N ASN D 204 25.00 -7.89 -31.23
CA ASN D 204 25.88 -6.74 -30.91
C ASN D 204 25.56 -6.17 -29.51
N ILE D 205 25.25 -7.04 -28.54
CA ILE D 205 25.24 -6.71 -27.08
C ILE D 205 26.21 -7.66 -26.38
N ASP D 206 27.20 -7.10 -25.67
CA ASP D 206 28.16 -7.87 -24.82
C ASP D 206 27.59 -7.95 -23.41
N PHE D 207 26.98 -9.09 -23.05
CA PHE D 207 26.43 -9.36 -21.70
C PHE D 207 27.56 -9.81 -20.79
N ILE D 208 27.68 -9.17 -19.62
CA ILE D 208 28.76 -9.38 -18.61
C ILE D 208 28.10 -9.81 -17.30
N ASN D 209 28.44 -11.00 -16.79
CA ASN D 209 28.11 -11.42 -15.39
C ASN D 209 29.07 -10.68 -14.46
N GLY D 210 28.54 -9.83 -13.57
CA GLY D 210 29.36 -8.99 -12.67
C GLY D 210 28.63 -8.64 -11.39
N ASN D 211 29.24 -7.74 -10.61
CA ASN D 211 28.75 -7.27 -9.30
C ASN D 211 29.24 -5.84 -9.11
N PHE D 212 28.36 -4.85 -9.22
CA PHE D 212 28.71 -3.40 -9.23
C PHE D 212 29.11 -2.92 -7.83
N LEU D 213 28.87 -3.73 -6.79
CA LEU D 213 29.36 -3.47 -5.41
C LEU D 213 30.87 -3.74 -5.32
N ASN D 214 31.38 -4.66 -6.15
CA ASN D 214 32.80 -5.09 -6.15
C ASN D 214 33.61 -4.27 -7.16
N SER D 215 33.10 -4.12 -8.39
CA SER D 215 33.87 -3.58 -9.54
C SER D 215 32.94 -3.23 -10.71
N ILE D 216 33.26 -2.13 -11.41
CA ILE D 216 32.65 -1.72 -12.72
C ILE D 216 33.73 -1.85 -13.78
N PRO D 217 33.52 -2.63 -14.87
CA PRO D 217 34.48 -2.71 -15.97
C PRO D 217 34.89 -1.32 -16.48
N SER D 218 36.20 -1.07 -16.55
CA SER D 218 36.79 0.23 -16.97
C SER D 218 36.83 0.33 -18.50
N GLY D 219 37.08 1.53 -19.03
CA GLY D 219 37.43 1.75 -20.45
C GLY D 219 36.26 2.17 -21.33
N TYR D 220 35.05 2.32 -20.76
CA TYR D 220 33.86 2.81 -21.49
C TYR D 220 33.79 4.33 -21.38
N ASP D 221 33.35 5.00 -22.45
CA ASP D 221 33.21 6.49 -22.50
C ASP D 221 31.80 6.89 -22.04
N LEU D 222 30.84 5.96 -22.05
CA LEU D 222 29.48 6.17 -21.49
C LEU D 222 29.11 5.01 -20.57
N TYR D 223 28.78 5.33 -19.31
CA TYR D 223 28.19 4.41 -18.32
C TYR D 223 26.73 4.83 -18.10
N ILE D 224 25.84 3.85 -17.94
CA ILE D 224 24.40 4.08 -17.64
C ILE D 224 24.06 3.31 -16.36
N LEU D 225 23.43 4.00 -15.40
CA LEU D 225 22.88 3.40 -14.15
C LEU D 225 21.42 3.86 -14.02
N LYS D 226 20.48 3.06 -14.52
CA LYS D 226 19.04 3.40 -14.57
C LYS D 226 18.29 2.59 -13.51
N ASN D 227 17.59 3.29 -12.60
CA ASN D 227 16.66 2.69 -11.60
C ASN D 227 17.38 1.62 -10.77
N VAL D 228 18.62 1.90 -10.35
CA VAL D 228 19.43 0.99 -9.48
C VAL D 228 19.48 1.55 -8.05
N LEU D 229 19.86 2.83 -7.94
CA LEU D 229 20.21 3.45 -6.65
C LEU D 229 19.07 3.38 -5.65
N HIS D 230 17.81 3.36 -6.08
CA HIS D 230 16.67 3.29 -5.11
C HIS D 230 16.56 1.93 -4.40
N ASN D 231 17.27 0.89 -4.87
CA ASN D 231 17.32 -0.44 -4.25
C ASN D 231 18.42 -0.47 -3.18
N TRP D 232 19.13 0.63 -2.94
CA TRP D 232 20.33 0.63 -2.05
C TRP D 232 20.33 1.76 -1.01
N SER D 233 21.00 1.49 0.10
CA SER D 233 21.31 2.46 1.19
C SER D 233 22.21 3.58 0.65
N ASP D 234 22.35 4.66 1.40
CA ASP D 234 23.25 5.80 1.07
C ASP D 234 24.69 5.28 0.94
N SER D 235 25.13 4.45 1.91
CA SER D 235 26.52 3.91 1.99
C SER D 235 26.80 3.00 0.78
N ASP D 236 25.86 2.14 0.40
CA ASP D 236 25.99 1.21 -0.76
C ASP D 236 25.93 2.00 -2.07
N SER D 237 25.10 3.04 -2.14
CA SER D 237 24.96 3.94 -3.31
C SER D 237 26.30 4.67 -3.55
N ILE D 238 26.95 5.13 -2.48
CA ILE D 238 28.27 5.81 -2.55
C ILE D 238 29.32 4.81 -3.03
N LEU D 239 29.29 3.56 -2.54
CA LEU D 239 30.21 2.47 -2.96
C LEU D 239 30.05 2.23 -4.47
N ILE D 240 28.82 2.13 -4.97
CA ILE D 240 28.52 1.92 -6.42
C ILE D 240 29.13 3.08 -7.22
N LEU D 241 28.85 4.32 -6.81
CA LEU D 241 29.31 5.55 -7.52
C LEU D 241 30.84 5.67 -7.42
N GLU D 242 31.43 5.24 -6.30
CA GLU D 242 32.90 5.19 -6.10
C GLU D 242 33.50 4.21 -7.12
N ASN D 243 32.85 3.06 -7.32
CA ASN D 243 33.30 2.01 -8.28
C ASN D 243 33.24 2.56 -9.71
N PHE D 244 32.27 3.43 -10.01
CA PHE D 244 32.17 4.15 -11.32
C PHE D 244 33.37 5.09 -11.47
N ARG D 245 33.63 5.92 -10.44
CA ARG D 245 34.72 6.92 -10.46
C ARG D 245 36.07 6.22 -10.72
N LYS D 246 36.27 5.01 -10.16
CA LYS D 246 37.51 4.21 -10.32
C LYS D 246 37.59 3.64 -11.74
N ALA D 247 36.46 3.39 -12.39
CA ALA D 247 36.35 2.80 -13.75
C ALA D 247 36.48 3.89 -14.82
N MET D 248 36.18 5.14 -14.48
CA MET D 248 36.05 6.28 -15.44
C MET D 248 37.37 7.03 -15.56
N ASP D 249 37.73 7.46 -16.78
CA ASP D 249 38.82 8.44 -17.04
C ASP D 249 38.16 9.83 -17.15
N LYS D 250 38.95 10.87 -17.41
CA LYS D 250 38.52 12.29 -17.41
C LYS D 250 37.42 12.51 -18.48
N ASN D 251 37.47 11.76 -19.58
CA ASN D 251 36.59 11.94 -20.77
C ASN D 251 35.32 11.10 -20.65
N SER D 252 35.25 10.18 -19.67
CA SER D 252 34.09 9.27 -19.46
C SER D 252 32.92 10.04 -18.87
N SER D 253 31.69 9.60 -19.16
CA SER D 253 30.42 10.16 -18.64
C SER D 253 29.56 9.04 -18.04
N LEU D 254 28.95 9.30 -16.89
CA LEU D 254 27.97 8.40 -16.24
C LEU D 254 26.58 9.06 -16.32
N LEU D 255 25.60 8.38 -16.92
CA LEU D 255 24.19 8.80 -16.92
C LEU D 255 23.48 8.12 -15.75
N LEU D 256 23.29 8.85 -14.65
CA LEU D 256 22.44 8.44 -13.52
C LEU D 256 20.99 8.79 -13.87
N ILE D 257 20.19 7.78 -14.19
CA ILE D 257 18.76 7.91 -14.61
C ILE D 257 17.91 7.20 -13.57
N ASN D 258 17.00 7.92 -12.92
CA ASN D 258 16.27 7.38 -11.75
C ASN D 258 14.96 8.15 -11.60
N MET D 259 13.88 7.45 -11.26
CA MET D 259 12.67 8.08 -10.66
C MET D 259 13.15 8.97 -9.51
N VAL D 260 12.59 10.18 -9.42
CA VAL D 260 13.06 11.23 -8.48
C VAL D 260 11.90 11.59 -7.55
N LYS D 261 12.21 11.81 -6.27
CA LYS D 261 11.23 12.28 -5.24
C LYS D 261 10.77 13.69 -5.61
N GLU D 262 9.47 13.88 -5.78
CA GLU D 262 8.82 15.21 -5.94
C GLU D 262 7.62 15.27 -5.00
N PRO D 263 7.43 16.39 -4.26
CA PRO D 263 6.40 16.47 -3.22
C PRO D 263 4.97 16.08 -3.66
N GLU D 264 4.62 16.38 -4.91
CA GLU D 264 3.23 16.25 -5.44
C GLU D 264 2.87 14.77 -5.61
N PHE D 265 3.87 13.91 -5.86
CA PHE D 265 3.69 12.46 -6.17
C PHE D 265 3.70 11.65 -4.87
N SER D 266 3.16 10.42 -4.95
CA SER D 266 2.93 9.53 -3.78
C SER D 266 4.26 9.06 -3.19
N ARG D 267 4.29 8.88 -1.87
CA ARG D 267 5.43 8.33 -1.10
C ARG D 267 5.36 6.79 -1.06
N SER D 268 4.35 6.18 -1.68
CA SER D 268 4.06 4.72 -1.56
C SER D 268 5.26 3.91 -2.07
N PHE D 269 5.88 4.34 -3.18
CA PHE D 269 7.04 3.64 -3.78
C PHE D 269 8.24 3.70 -2.84
N ASP D 270 8.44 4.84 -2.15
CA ASP D 270 9.53 5.04 -1.16
C ASP D 270 9.42 3.97 -0.06
N ILE D 271 8.20 3.66 0.38
CA ILE D 271 7.93 2.66 1.45
C ILE D 271 8.19 1.25 0.89
N LEU D 272 7.78 0.97 -0.35
CA LEU D 272 8.02 -0.35 -1.00
C LEU D 272 9.53 -0.60 -1.09
N MET D 273 10.32 0.43 -1.43
CA MET D 273 11.80 0.32 -1.54
C MET D 273 12.40 0.02 -0.16
N ASP D 274 11.83 0.58 0.92
CA ASP D 274 12.25 0.27 2.31
C ASP D 274 12.00 -1.22 2.59
N VAL D 275 10.78 -1.69 2.27
CA VAL D 275 10.31 -3.07 2.55
C VAL D 275 11.18 -4.09 1.79
N LEU D 276 11.41 -3.86 0.49
CA LEU D 276 12.09 -4.85 -0.39
C LEU D 276 13.62 -4.81 -0.19
N PHE D 277 14.21 -3.62 0.02
CA PHE D 277 15.67 -3.39 -0.17
C PHE D 277 16.34 -2.62 0.98
N LEU D 278 15.59 -2.06 1.94
CA LEU D 278 16.05 -0.91 2.76
C LEU D 278 16.58 0.18 1.84
N GLY D 279 15.93 0.35 0.68
CA GLY D 279 16.20 1.42 -0.28
C GLY D 279 15.36 2.64 0.03
N LYS D 280 15.34 3.63 -0.85
CA LYS D 280 14.58 4.89 -0.66
C LYS D 280 14.48 5.65 -1.98
N GLU D 281 13.45 6.49 -2.10
CA GLU D 281 13.34 7.53 -3.15
C GLU D 281 14.19 8.73 -2.72
N ARG D 282 14.86 9.38 -3.68
CA ARG D 282 15.77 10.52 -3.43
C ARG D 282 15.42 11.67 -4.37
N SER D 283 15.64 12.91 -3.90
CA SER D 283 15.57 14.16 -4.70
C SER D 283 16.85 14.29 -5.52
N PHE D 284 16.90 15.23 -6.46
CA PHE D 284 18.10 15.55 -7.28
C PHE D 284 19.29 15.86 -6.35
N THR D 285 19.10 16.76 -5.39
CA THR D 285 20.17 17.28 -4.49
C THR D 285 20.71 16.13 -3.62
N GLU D 286 19.86 15.17 -3.26
CA GLU D 286 20.24 13.97 -2.47
C GLU D 286 21.15 13.07 -3.34
N PHE D 287 20.77 12.85 -4.60
CA PHE D 287 21.60 12.09 -5.60
C PHE D 287 22.94 12.81 -5.78
N GLU D 288 22.91 14.14 -5.96
CA GLU D 288 24.13 14.97 -6.18
C GLU D 288 25.07 14.83 -4.97
N TYR D 289 24.51 14.82 -3.75
CA TYR D 289 25.28 14.73 -2.48
C TYR D 289 26.04 13.39 -2.45
N LEU D 290 25.39 12.29 -2.84
CA LEU D 290 26.01 10.94 -2.91
C LEU D 290 27.13 10.95 -3.95
N ALA D 291 26.85 11.49 -5.16
CA ALA D 291 27.80 11.58 -6.29
C ALA D 291 29.04 12.39 -5.86
N ASN D 292 28.84 13.52 -5.17
CA ASN D 292 29.91 14.43 -4.69
C ASN D 292 30.79 13.68 -3.68
N GLN D 293 30.19 12.91 -2.78
CA GLN D 293 30.90 12.07 -1.77
C GLN D 293 31.72 10.98 -2.47
N ALA D 294 31.24 10.49 -3.63
CA ALA D 294 31.89 9.43 -4.44
C ALA D 294 33.01 10.02 -5.30
N GLY D 295 33.10 11.34 -5.41
CA GLY D 295 34.13 12.06 -6.19
C GLY D 295 33.69 12.32 -7.62
N LEU D 296 32.37 12.47 -7.84
CA LEU D 296 31.76 12.75 -9.16
C LEU D 296 31.13 14.15 -9.13
N VAL D 297 31.07 14.82 -10.29
CA VAL D 297 30.51 16.19 -10.46
C VAL D 297 29.40 16.14 -11.52
N VAL D 298 28.31 16.86 -11.26
CA VAL D 298 27.16 17.03 -12.21
C VAL D 298 27.60 17.99 -13.33
N GLN D 299 27.55 17.53 -14.58
CA GLN D 299 27.86 18.33 -15.80
C GLN D 299 26.56 18.81 -16.45
N GLU D 300 25.51 17.98 -16.41
CA GLU D 300 24.21 18.23 -17.09
C GLU D 300 23.09 17.55 -16.29
N THR D 301 21.92 18.19 -16.21
CA THR D 301 20.68 17.64 -15.59
C THR D 301 19.49 17.90 -16.51
N LYS D 302 18.56 16.96 -16.56
CA LYS D 302 17.26 17.09 -17.28
C LYS D 302 16.18 16.35 -16.48
N VAL D 303 14.90 16.70 -16.72
CA VAL D 303 13.72 15.96 -16.21
C VAL D 303 13.10 15.22 -17.40
N ILE D 304 12.85 13.91 -17.24
CA ILE D 304 12.04 13.08 -18.18
C ILE D 304 10.72 12.75 -17.47
N ASP D 305 9.61 13.26 -18.00
CA ASP D 305 8.24 12.92 -17.53
C ASP D 305 7.87 11.54 -18.09
N GLN D 306 7.54 10.59 -17.19
CA GLN D 306 6.86 9.32 -17.53
C GLN D 306 5.48 9.34 -16.87
N SER D 307 4.52 8.61 -17.42
CA SER D 307 3.10 8.57 -16.96
C SER D 307 3.04 8.38 -15.45
N TYR D 308 3.90 7.51 -14.89
CA TYR D 308 3.83 6.99 -13.51
C TYR D 308 4.71 7.79 -12.54
N SER D 309 5.75 8.49 -13.03
CA SER D 309 6.76 9.17 -12.18
C SER D 309 7.56 10.20 -12.98
N PRO D 310 8.06 11.27 -12.33
CA PRO D 310 9.15 12.07 -12.90
C PRO D 310 10.47 11.29 -12.79
N TYR D 311 11.39 11.50 -13.74
CA TYR D 311 12.75 10.91 -13.75
C TYR D 311 13.79 12.03 -13.70
N SER D 312 14.83 11.84 -12.88
CA SER D 312 16.08 12.65 -12.89
C SER D 312 17.04 12.03 -13.91
N PHE D 313 17.52 12.84 -14.86
CA PHE D 313 18.62 12.51 -15.79
C PHE D 313 19.84 13.35 -15.37
N ILE D 314 20.85 12.71 -14.79
CA ILE D 314 22.08 13.37 -14.26
C ILE D 314 23.30 12.80 -15.00
N LYS D 315 23.98 13.64 -15.77
CA LYS D 315 25.28 13.32 -16.41
C LYS D 315 26.40 13.65 -15.42
N LEU D 316 27.17 12.64 -15.00
CA LEU D 316 28.26 12.76 -14.01
C LEU D 316 29.61 12.52 -14.70
N GLN D 317 30.65 13.24 -14.26
CA GLN D 317 32.06 13.00 -14.64
C GLN D 317 32.92 13.11 -13.37
N ILE D 318 34.13 12.53 -13.39
CA ILE D 318 35.07 12.53 -12.23
C ILE D 318 35.51 13.98 -11.95
N LYS D 319 35.72 14.31 -10.67
CA LYS D 319 36.05 15.68 -10.20
C LYS D 319 37.42 16.08 -10.75
N SER E 1 -5.42 21.52 -17.19
CA SER E 1 -5.84 20.19 -17.74
C SER E 1 -5.49 20.13 -19.23
N MET E 2 -5.37 18.91 -19.77
CA MET E 2 -5.07 18.66 -21.21
C MET E 2 -6.29 19.07 -22.05
N LEU E 3 -7.52 18.80 -21.58
CA LEU E 3 -8.76 19.03 -22.37
C LEU E 3 -9.00 20.54 -22.57
N THR E 4 -8.93 21.35 -21.51
CA THR E 4 -9.13 22.82 -21.61
C THR E 4 -8.08 23.41 -22.55
N GLU E 5 -6.84 22.90 -22.51
CA GLU E 5 -5.74 23.38 -23.38
C GLU E 5 -5.98 22.90 -24.82
N LEU E 6 -6.60 21.72 -25.01
CA LEU E 6 -7.00 21.24 -26.36
C LEU E 6 -8.10 22.14 -26.91
N ILE E 7 -9.11 22.46 -26.11
CA ILE E 7 -10.20 23.40 -26.50
C ILE E 7 -9.57 24.74 -26.90
N ALA E 8 -8.49 25.13 -26.21
CA ALA E 8 -7.79 26.43 -26.36
C ALA E 8 -6.61 26.30 -27.35
N SER E 9 -6.63 25.30 -28.23
CA SER E 9 -5.59 25.08 -29.27
C SER E 9 -5.41 26.35 -30.11
N ASN E 10 -6.51 27.04 -30.41
CA ASN E 10 -6.56 28.30 -31.22
C ASN E 10 -5.55 29.33 -30.69
N ARG E 11 -5.35 29.39 -29.37
CA ARG E 11 -4.45 30.38 -28.71
C ARG E 11 -3.01 30.21 -29.22
N ARG E 12 -2.60 28.98 -29.56
CA ARG E 12 -1.25 28.68 -30.10
C ARG E 12 -1.09 29.35 -31.47
N SER E 13 -2.06 29.12 -32.36
CA SER E 13 -2.11 29.71 -33.73
C SER E 13 -2.12 31.24 -33.63
N ALA E 14 -2.95 31.79 -32.73
CA ALA E 14 -3.12 33.25 -32.55
C ALA E 14 -1.82 33.89 -32.02
N ALA E 15 -1.13 33.21 -31.09
CA ALA E 15 0.16 33.65 -30.52
C ALA E 15 1.21 33.74 -31.64
N ILE E 16 1.30 32.71 -32.48
CA ILE E 16 2.26 32.66 -33.63
C ILE E 16 1.89 33.77 -34.61
N HIS E 17 0.60 34.00 -34.86
CA HIS E 17 0.11 35.06 -35.78
C HIS E 17 0.60 36.43 -35.32
N ALA E 18 0.37 36.79 -34.04
CA ALA E 18 0.79 38.08 -33.46
C ALA E 18 2.30 38.27 -33.61
N PHE E 19 3.07 37.19 -33.42
CA PHE E 19 4.55 37.18 -33.45
C PHE E 19 5.05 37.40 -34.89
N VAL E 20 4.44 36.72 -35.86
CA VAL E 20 4.93 36.68 -37.27
C VAL E 20 4.25 37.77 -38.10
N ASP E 21 2.92 37.92 -38.00
CA ASP E 21 2.11 38.85 -38.84
C ASP E 21 2.57 40.30 -38.64
N THR E 22 3.01 40.66 -37.43
CA THR E 22 3.46 42.03 -37.07
C THR E 22 4.85 42.33 -37.62
N GLY E 23 5.62 41.28 -37.96
CA GLY E 23 7.04 41.38 -38.36
C GLY E 23 7.98 41.29 -37.18
N LEU E 24 7.48 41.08 -35.96
CA LEU E 24 8.35 40.96 -34.74
C LEU E 24 9.35 39.82 -34.93
N SER E 25 8.93 38.72 -35.55
CA SER E 25 9.76 37.50 -35.77
C SER E 25 10.95 37.80 -36.70
N THR E 26 10.86 38.85 -37.53
CA THR E 26 11.93 39.20 -38.51
C THR E 26 13.16 39.76 -37.77
N HIS E 27 13.01 40.11 -36.48
CA HIS E 27 14.13 40.58 -35.60
C HIS E 27 14.93 39.39 -35.05
N PHE E 28 14.56 38.15 -35.39
CA PHE E 28 15.14 36.90 -34.83
C PHE E 28 15.88 36.12 -35.93
N LYS E 29 16.40 36.81 -36.95
CA LYS E 29 17.13 36.21 -38.11
C LYS E 29 18.41 35.54 -37.63
N ASP E 30 18.80 34.44 -38.29
CA ASP E 30 20.12 33.76 -38.16
C ASP E 30 20.34 33.28 -36.70
N GLY E 31 19.26 32.86 -36.03
CA GLY E 31 19.28 32.25 -34.69
C GLY E 31 19.84 33.17 -33.62
N ILE E 32 19.74 34.49 -33.82
CA ILE E 32 20.24 35.52 -32.84
C ILE E 32 19.41 35.44 -31.56
N TYR E 33 20.04 35.60 -30.40
CA TYR E 33 19.37 35.79 -29.08
C TYR E 33 18.99 37.26 -28.94
N VAL E 34 17.69 37.52 -28.76
CA VAL E 34 17.11 38.90 -28.69
C VAL E 34 16.82 39.25 -27.22
N ASP E 35 17.36 40.38 -26.76
CA ASP E 35 16.96 41.08 -25.52
C ASP E 35 15.67 41.86 -25.82
N ILE E 36 14.56 41.51 -25.19
CA ILE E 36 13.21 42.09 -25.48
C ILE E 36 13.21 43.59 -25.15
N SER E 37 14.02 44.01 -24.16
CA SER E 37 14.20 45.44 -23.79
C SER E 37 14.71 46.22 -25.01
N GLU E 38 15.77 45.72 -25.66
CA GLU E 38 16.39 46.33 -26.86
C GLU E 38 15.37 46.36 -28.01
N LEU E 39 14.67 45.24 -28.23
CA LEU E 39 13.64 45.11 -29.30
C LEU E 39 12.53 46.14 -29.04
N SER E 40 12.12 46.31 -27.78
CA SER E 40 11.07 47.27 -27.35
C SER E 40 11.49 48.71 -27.71
N ARG E 41 12.75 49.05 -27.50
CA ARG E 41 13.30 50.42 -27.78
C ARG E 41 13.34 50.65 -29.29
N LYS E 42 13.64 49.61 -30.07
CA LYS E 42 13.82 49.65 -31.55
C LYS E 42 12.44 49.64 -32.23
N SER E 43 11.59 48.66 -31.90
CA SER E 43 10.32 48.35 -32.61
C SER E 43 9.13 49.12 -32.01
N GLY E 44 9.20 49.44 -30.71
CA GLY E 44 8.11 50.11 -29.97
C GLY E 44 7.13 49.12 -29.36
N VAL E 45 7.44 47.82 -29.41
CA VAL E 45 6.59 46.75 -28.79
C VAL E 45 6.69 46.89 -27.27
N ASN E 46 5.60 46.62 -26.56
CA ASN E 46 5.52 46.67 -25.07
C ASN E 46 6.39 45.55 -24.49
N TYR E 47 7.41 45.91 -23.70
CA TYR E 47 8.41 44.98 -23.11
C TYR E 47 7.71 43.89 -22.28
N ALA E 48 6.93 44.29 -21.27
CA ALA E 48 6.29 43.38 -20.29
C ALA E 48 5.37 42.39 -21.02
N ARG E 49 4.50 42.90 -21.89
CA ARG E 49 3.42 42.11 -22.54
C ARG E 49 4.01 41.21 -23.63
N PHE E 50 5.00 41.68 -24.38
CA PHE E 50 5.67 40.84 -25.42
C PHE E 50 6.52 39.76 -24.72
N SER E 51 7.13 40.08 -23.58
CA SER E 51 7.90 39.11 -22.75
C SER E 51 6.99 37.94 -22.35
N ARG E 52 5.74 38.22 -21.99
CA ARG E 52 4.73 37.19 -21.63
C ARG E 52 4.38 36.35 -22.86
N LEU E 53 4.22 36.97 -24.04
CA LEU E 53 3.98 36.24 -25.31
C LEU E 53 5.17 35.31 -25.58
N CYS E 54 6.40 35.81 -25.39
CA CYS E 54 7.64 35.03 -25.63
C CYS E 54 7.68 33.81 -24.71
N ASP E 55 7.24 33.94 -23.46
CA ASP E 55 7.17 32.80 -22.49
C ASP E 55 6.24 31.71 -23.06
N PHE E 56 5.12 32.11 -23.66
CA PHE E 56 4.14 31.17 -24.28
C PHE E 56 4.77 30.52 -25.52
N LEU E 57 5.50 31.30 -26.32
CA LEU E 57 6.20 30.80 -27.55
C LEU E 57 7.31 29.83 -27.15
N VAL E 58 7.94 30.01 -25.99
CA VAL E 58 8.95 29.05 -25.44
C VAL E 58 8.24 27.74 -25.10
N GLU E 59 7.13 27.82 -24.36
CA GLU E 59 6.26 26.65 -24.00
C GLU E 59 5.91 25.86 -25.27
N MET E 60 5.63 26.57 -26.37
CA MET E 60 5.22 25.98 -27.68
C MET E 60 6.42 25.37 -28.42
N GLY E 61 7.64 25.75 -28.05
CA GLY E 61 8.89 25.29 -28.70
C GLY E 61 9.26 26.15 -29.90
N VAL E 62 8.59 27.30 -30.08
CA VAL E 62 8.87 28.28 -31.17
C VAL E 62 10.12 29.08 -30.82
N LEU E 63 10.25 29.49 -29.54
CA LEU E 63 11.44 30.21 -29.03
C LEU E 63 12.20 29.32 -28.05
N VAL E 64 13.50 29.58 -27.89
CA VAL E 64 14.40 28.99 -26.86
C VAL E 64 14.93 30.14 -26.00
N SER E 65 14.88 29.98 -24.68
CA SER E 65 15.27 31.02 -23.68
C SER E 65 16.65 30.72 -23.11
N ASN E 66 17.52 31.74 -23.03
CA ASN E 66 18.85 31.69 -22.37
C ASN E 66 19.20 33.10 -21.89
N ASP E 67 19.48 33.26 -20.60
CA ASP E 67 19.89 34.54 -19.94
C ASP E 67 18.78 35.61 -20.15
N ASN E 68 17.51 35.19 -20.11
CA ASN E 68 16.32 36.05 -20.32
C ASN E 68 16.39 36.71 -21.70
N LYS E 69 17.05 36.07 -22.66
CA LYS E 69 17.01 36.40 -24.11
C LYS E 69 16.30 35.27 -24.84
N PHE E 70 15.78 35.53 -26.04
CA PHE E 70 14.97 34.58 -26.84
C PHE E 70 15.57 34.47 -28.26
N ARG E 71 15.72 33.23 -28.75
CA ARG E 71 16.04 32.92 -30.17
C ARG E 71 14.94 32.01 -30.71
N LEU E 72 14.72 32.04 -32.03
CA LEU E 72 13.87 31.06 -32.73
C LEU E 72 14.54 29.70 -32.62
N SER E 73 13.76 28.63 -32.39
CA SER E 73 14.24 27.23 -32.47
C SER E 73 14.72 26.97 -33.90
N ASP E 74 15.63 26.01 -34.09
CA ASP E 74 16.21 25.66 -35.41
C ASP E 74 15.08 25.47 -36.43
N GLU E 75 14.05 24.71 -36.06
CA GLU E 75 12.87 24.39 -36.91
C GLU E 75 12.15 25.69 -37.32
N CYS E 76 12.08 26.68 -36.44
CA CYS E 76 11.24 27.91 -36.59
C CYS E 76 12.04 29.09 -37.16
N HIS E 77 13.26 28.86 -37.66
CA HIS E 77 14.09 29.88 -38.35
C HIS E 77 13.27 30.53 -39.47
N VAL E 78 12.38 29.75 -40.11
CA VAL E 78 11.49 30.16 -41.23
C VAL E 78 10.65 31.39 -40.83
N PHE E 79 10.31 31.55 -39.56
CA PHE E 79 9.45 32.67 -39.08
C PHE E 79 10.19 34.01 -39.21
N ALA E 80 11.53 34.01 -39.25
CA ALA E 80 12.36 35.22 -39.40
C ALA E 80 12.35 35.69 -40.88
N ASN E 81 11.86 34.86 -41.79
CA ASN E 81 11.82 35.13 -43.25
C ASN E 81 10.38 35.41 -43.68
N PRO E 82 10.02 36.67 -44.02
CA PRO E 82 8.65 36.98 -44.44
C PRO E 82 8.25 36.37 -45.78
N GLU E 83 9.22 35.82 -46.54
CA GLU E 83 9.01 35.18 -47.86
C GLU E 83 8.80 33.65 -47.70
N SER E 84 8.89 33.12 -46.47
CA SER E 84 8.73 31.66 -46.19
C SER E 84 7.25 31.27 -46.36
N PHE E 85 7.00 30.03 -46.80
CA PHE E 85 5.62 29.51 -46.99
C PHE E 85 4.89 29.55 -45.63
N GLU E 86 5.63 29.27 -44.55
CA GLU E 86 5.11 29.24 -43.16
C GLU E 86 4.55 30.62 -42.79
N SER E 87 5.20 31.70 -43.23
CA SER E 87 4.76 33.10 -42.98
C SER E 87 3.39 33.34 -43.65
N PHE E 88 3.21 32.88 -44.88
CA PHE E 88 1.94 33.03 -45.65
C PHE E 88 0.86 32.12 -45.04
N MET E 89 1.23 30.91 -44.62
CA MET E 89 0.31 29.94 -43.97
C MET E 89 -0.30 30.59 -42.72
N ILE E 90 0.54 31.22 -41.90
CA ILE E 90 0.16 31.94 -40.64
C ILE E 90 -0.85 33.05 -40.98
N LYS E 91 -0.58 33.84 -42.03
CA LYS E 91 -1.44 34.99 -42.45
C LYS E 91 -2.87 34.50 -42.75
N LEU E 92 -3.00 33.32 -43.36
CA LEU E 92 -4.30 32.77 -43.82
C LEU E 92 -4.99 31.99 -42.68
N GLU E 93 -4.23 31.24 -41.88
CA GLU E 93 -4.76 30.18 -40.99
C GLU E 93 -5.86 30.74 -40.08
N ILE E 94 -5.66 31.90 -39.44
CA ILE E 94 -6.66 32.48 -38.49
C ILE E 94 -7.17 33.83 -39.01
N CYS E 95 -7.07 34.10 -40.32
CA CYS E 95 -7.66 35.31 -40.95
C CYS E 95 -9.18 35.26 -40.76
N SER E 96 -9.83 36.42 -40.78
CA SER E 96 -11.30 36.57 -40.56
C SER E 96 -12.07 35.64 -41.52
N HIS E 97 -11.67 35.58 -42.79
CA HIS E 97 -12.32 34.74 -43.83
C HIS E 97 -12.32 33.28 -43.41
N TYR E 98 -11.19 32.76 -42.92
CA TYR E 98 -11.04 31.33 -42.51
C TYR E 98 -11.87 31.08 -41.24
N SER E 99 -11.76 31.99 -40.27
N SER E 99 -11.78 31.99 -40.26
CA SER E 99 -12.52 31.96 -38.98
CA SER E 99 -12.52 31.93 -38.97
C SER E 99 -14.01 31.80 -39.27
C SER E 99 -14.02 31.82 -39.24
N ASN E 100 -14.56 32.65 -40.15
CA ASN E 100 -16.00 32.68 -40.49
C ASN E 100 -16.38 31.38 -41.23
N ALA E 101 -15.48 30.84 -42.05
CA ALA E 101 -15.67 29.52 -42.71
C ALA E 101 -15.78 28.44 -41.63
N TRP E 102 -14.85 28.42 -40.67
CA TRP E 102 -14.81 27.42 -39.57
C TRP E 102 -16.10 27.50 -38.74
N LEU E 103 -16.66 28.70 -38.55
CA LEU E 103 -17.90 28.88 -37.74
C LEU E 103 -19.12 28.34 -38.50
N MET E 104 -19.00 28.08 -39.81
CA MET E 104 -20.08 27.48 -40.65
C MET E 104 -19.87 25.96 -40.78
N TYR E 105 -18.71 25.44 -40.34
CA TYR E 105 -18.29 24.04 -40.57
C TYR E 105 -19.33 23.07 -39.99
N GLY E 106 -19.71 23.26 -38.73
CA GLY E 106 -20.74 22.43 -38.06
C GLY E 106 -22.04 22.42 -38.84
N LYS E 107 -22.57 23.62 -39.17
CA LYS E 107 -23.84 23.78 -39.92
C LYS E 107 -23.71 23.15 -41.31
N SER E 108 -22.51 23.20 -41.93
CA SER E 108 -22.23 22.65 -43.29
C SER E 108 -22.43 21.12 -43.31
N LEU E 109 -22.26 20.44 -42.18
CA LEU E 109 -22.37 18.95 -42.10
C LEU E 109 -23.83 18.51 -42.23
N PHE E 110 -24.79 19.43 -42.09
CA PHE E 110 -26.26 19.16 -42.17
C PHE E 110 -26.84 19.68 -43.48
N GLU E 111 -26.07 20.45 -44.26
CA GLU E 111 -26.48 20.97 -45.60
C GLU E 111 -26.04 19.98 -46.67
N ASP E 112 -26.87 19.78 -47.69
CA ASP E 112 -26.56 18.95 -48.90
C ASP E 112 -26.74 19.83 -50.14
N ASP E 113 -26.51 21.14 -49.98
CA ASP E 113 -26.70 22.18 -51.02
C ASP E 113 -25.53 22.17 -52.01
N GLY E 114 -24.40 21.54 -51.64
CA GLY E 114 -23.16 21.51 -52.42
C GLY E 114 -22.29 22.71 -52.14
N LYS E 115 -22.59 23.44 -51.06
CA LYS E 115 -21.86 24.65 -50.64
C LYS E 115 -20.92 24.28 -49.49
N SER E 116 -19.63 24.53 -49.69
CA SER E 116 -18.57 24.45 -48.64
C SER E 116 -18.94 25.40 -47.49
N ALA E 117 -18.41 25.14 -46.29
CA ALA E 117 -18.51 26.06 -45.13
C ALA E 117 -18.03 27.46 -45.56
N PHE E 118 -17.00 27.54 -46.40
CA PHE E 118 -16.47 28.81 -46.94
C PHE E 118 -17.55 29.52 -47.75
N GLU E 119 -18.22 28.81 -48.67
CA GLU E 119 -19.28 29.38 -49.54
C GLU E 119 -20.47 29.82 -48.68
N MET E 120 -20.79 29.06 -47.63
CA MET E 120 -21.90 29.39 -46.69
C MET E 120 -21.59 30.71 -45.97
N ALA E 121 -20.32 30.96 -45.65
CA ALA E 121 -19.85 32.18 -44.93
C ALA E 121 -19.77 33.37 -45.88
N HIS E 122 -19.30 33.16 -47.12
CA HIS E 122 -18.81 34.25 -48.01
C HIS E 122 -19.65 34.40 -49.28
N GLY E 123 -20.51 33.43 -49.61
CA GLY E 123 -21.55 33.55 -50.67
C GLY E 123 -21.09 33.00 -52.01
N ARG E 124 -19.81 32.67 -52.16
CA ARG E 124 -19.24 32.11 -53.42
C ARG E 124 -18.22 31.04 -53.06
N PRO E 125 -17.99 30.03 -53.93
CA PRO E 125 -16.93 29.05 -53.72
C PRO E 125 -15.55 29.74 -53.70
N PHE E 126 -14.58 29.10 -53.05
CA PHE E 126 -13.26 29.66 -52.68
C PHE E 126 -12.63 30.43 -53.86
N PHE E 127 -12.38 29.74 -54.98
CA PHE E 127 -11.60 30.31 -56.10
C PHE E 127 -12.38 31.44 -56.79
N GLU E 128 -13.71 31.30 -56.91
CA GLU E 128 -14.59 32.37 -57.44
C GLU E 128 -14.51 33.59 -56.52
N TYR E 129 -14.53 33.38 -55.19
CA TYR E 129 -14.45 34.46 -54.19
C TYR E 129 -13.08 35.17 -54.30
N LEU E 130 -11.99 34.41 -54.48
CA LEU E 130 -10.61 34.96 -54.55
C LEU E 130 -10.48 35.95 -55.72
N ASP E 131 -11.28 35.79 -56.78
CA ASP E 131 -11.31 36.71 -57.95
C ASP E 131 -11.53 38.15 -57.48
N GLY E 132 -12.32 38.35 -56.42
CA GLY E 132 -12.73 39.69 -55.93
C GLY E 132 -12.11 40.05 -54.59
N ASN E 133 -11.16 39.27 -54.09
CA ASN E 133 -10.51 39.52 -52.76
C ASN E 133 -9.00 39.39 -52.89
N LYS E 134 -8.30 40.53 -52.96
CA LYS E 134 -6.82 40.62 -53.14
C LYS E 134 -6.10 40.00 -51.93
N PHE E 135 -6.62 40.20 -50.71
CA PHE E 135 -5.99 39.67 -49.47
C PHE E 135 -5.83 38.14 -49.60
N LEU E 136 -6.93 37.44 -49.91
CA LEU E 136 -6.93 35.96 -50.01
C LEU E 136 -6.12 35.52 -51.24
N LYS E 137 -6.38 36.13 -52.40
CA LYS E 137 -5.78 35.68 -53.69
C LYS E 137 -4.25 35.85 -53.63
N SER E 138 -3.77 37.02 -53.22
CA SER E 138 -2.32 37.36 -53.15
C SER E 138 -1.61 36.39 -52.19
N ASN E 139 -2.18 36.15 -51.01
CA ASN E 139 -1.54 35.34 -49.94
C ASN E 139 -1.64 33.85 -50.29
N PHE E 140 -2.78 33.38 -50.79
CA PHE E 140 -2.96 31.96 -51.22
C PHE E 140 -1.98 31.65 -52.37
N ASP E 141 -1.98 32.49 -53.41
CA ASP E 141 -1.11 32.29 -54.60
C ASP E 141 0.37 32.35 -54.17
N ALA E 142 0.72 33.22 -53.21
CA ALA E 142 2.08 33.35 -52.66
C ALA E 142 2.46 32.05 -51.93
N LEU E 143 1.55 31.51 -51.11
CA LEU E 143 1.76 30.23 -50.39
C LEU E 143 2.08 29.13 -51.41
N MET E 144 1.24 28.98 -52.43
CA MET E 144 1.37 27.93 -53.48
C MET E 144 2.71 28.09 -54.20
N THR E 145 3.11 29.32 -54.50
CA THR E 145 4.41 29.65 -55.16
C THR E 145 5.56 29.14 -54.27
N ARG E 146 5.50 29.38 -52.96
CA ARG E 146 6.60 29.02 -52.02
C ARG E 146 6.72 27.49 -51.93
N VAL E 147 5.61 26.76 -51.79
CA VAL E 147 5.63 25.27 -51.66
C VAL E 147 6.08 24.66 -52.99
N SER E 148 5.75 25.28 -54.13
CA SER E 148 6.23 24.87 -55.48
C SER E 148 7.75 25.02 -55.56
N ASN E 149 8.28 26.14 -55.07
CA ASN E 149 9.74 26.44 -55.07
C ASN E 149 10.49 25.36 -54.27
N LEU E 150 9.90 24.86 -53.18
CA LEU E 150 10.58 23.91 -52.24
C LEU E 150 10.68 22.51 -52.87
N ILE E 151 9.78 22.13 -53.77
CA ILE E 151 9.69 20.74 -54.32
C ILE E 151 10.41 20.63 -55.67
N VAL E 152 10.69 21.75 -56.35
CA VAL E 152 11.10 21.75 -57.79
C VAL E 152 12.41 20.95 -57.96
N GLU E 153 13.39 21.14 -57.08
CA GLU E 153 14.72 20.47 -57.18
C GLU E 153 14.55 18.96 -57.06
N LYS E 154 13.65 18.50 -56.19
CA LYS E 154 13.35 17.04 -56.00
C LYS E 154 12.67 16.48 -57.26
N LEU E 155 11.73 17.22 -57.86
CA LEU E 155 11.02 16.81 -59.09
C LEU E 155 12.01 16.64 -60.24
N LEU E 156 12.90 17.62 -60.43
CA LEU E 156 13.95 17.62 -61.50
C LEU E 156 14.85 16.39 -61.32
N GLY E 157 15.07 15.95 -60.08
CA GLY E 157 15.94 14.81 -59.73
C GLY E 157 15.33 13.47 -60.10
N ILE E 158 14.02 13.30 -59.93
CA ILE E 158 13.33 11.97 -60.00
C ILE E 158 12.65 11.77 -61.35
N TYR E 159 12.58 12.80 -62.21
CA TYR E 159 11.97 12.71 -63.55
C TYR E 159 12.83 13.47 -64.57
N ASP E 160 13.02 12.87 -65.75
CA ASP E 160 13.76 13.48 -66.89
C ASP E 160 12.78 14.35 -67.70
N PHE E 161 12.73 15.65 -67.39
CA PHE E 161 11.88 16.65 -68.08
C PHE E 161 12.42 16.98 -69.48
N ASN E 162 13.72 16.72 -69.69
N ASN E 162 13.72 16.72 -69.72
CA ASN E 162 14.46 17.01 -70.96
CA ASN E 162 14.40 17.07 -71.00
C ASN E 162 13.86 16.20 -72.13
C ASN E 162 13.91 16.18 -72.15
N GLN E 163 13.23 15.06 -71.84
CA GLN E 163 12.68 14.13 -72.87
C GLN E 163 11.45 14.75 -73.56
N HIS E 164 10.80 15.73 -72.93
CA HIS E 164 9.57 16.40 -73.43
C HIS E 164 9.95 17.72 -74.11
N ASN E 165 9.11 18.22 -75.03
CA ASN E 165 9.37 19.43 -75.84
C ASN E 165 8.34 20.54 -75.57
N ARG E 166 7.06 20.17 -75.37
CA ARG E 166 5.96 21.11 -75.03
C ARG E 166 5.35 20.68 -73.69
N ILE E 167 5.39 21.55 -72.68
CA ILE E 167 4.97 21.25 -71.28
C ILE E 167 3.88 22.23 -70.85
N LEU E 168 2.72 21.73 -70.42
CA LEU E 168 1.60 22.54 -69.87
C LEU E 168 1.40 22.21 -68.39
N ASP E 169 1.54 23.20 -67.51
CA ASP E 169 1.20 23.11 -66.07
C ASP E 169 -0.24 23.62 -65.89
N VAL E 170 -1.16 22.71 -65.58
CA VAL E 170 -2.63 22.98 -65.48
C VAL E 170 -2.95 23.33 -64.03
N GLY E 171 -3.61 24.49 -63.82
CA GLY E 171 -3.81 25.10 -62.50
C GLY E 171 -2.48 25.49 -61.87
N GLY E 172 -1.57 26.03 -62.67
CA GLY E 172 -0.18 26.33 -62.27
C GLY E 172 -0.03 27.65 -61.55
N GLY E 173 -1.13 28.41 -61.37
CA GLY E 173 -1.16 29.68 -60.63
C GLY E 173 -0.20 30.71 -61.20
N GLU E 174 0.75 31.17 -60.38
CA GLU E 174 1.73 32.22 -60.75
C GLU E 174 2.82 31.61 -61.67
N GLY E 175 2.80 30.29 -61.84
CA GLY E 175 3.65 29.56 -62.81
C GLY E 175 5.04 29.29 -62.29
N GLU E 176 5.25 29.37 -60.97
CA GLU E 176 6.57 29.24 -60.31
C GLU E 176 7.23 27.91 -60.68
N LEU E 177 6.47 26.81 -60.73
CA LEU E 177 7.03 25.46 -61.01
C LEU E 177 7.79 25.50 -62.34
N LEU E 178 7.13 25.97 -63.41
CA LEU E 178 7.72 25.97 -64.77
C LEU E 178 8.79 27.07 -64.90
N VAL E 179 8.63 28.21 -64.21
CA VAL E 179 9.67 29.28 -64.16
C VAL E 179 10.97 28.66 -63.65
N ARG E 180 10.89 27.88 -62.57
CA ARG E 180 12.08 27.24 -61.91
C ARG E 180 12.59 26.08 -62.76
N ILE E 181 11.70 25.25 -63.33
CA ILE E 181 12.11 24.11 -64.21
C ILE E 181 12.81 24.65 -65.46
N SER E 182 12.31 25.76 -66.02
CA SER E 182 12.80 26.39 -67.27
C SER E 182 14.25 26.90 -67.09
N GLU E 183 14.64 27.25 -65.86
CA GLU E 183 16.00 27.75 -65.53
C GLU E 183 17.02 26.61 -65.66
N LYS E 184 16.58 25.35 -65.52
CA LYS E 184 17.44 24.14 -65.53
C LYS E 184 17.28 23.36 -66.84
N VAL E 185 16.05 23.24 -67.35
CA VAL E 185 15.71 22.46 -68.58
C VAL E 185 15.39 23.45 -69.71
N LYS E 186 16.35 23.69 -70.62
CA LYS E 186 16.28 24.73 -71.68
C LYS E 186 15.75 24.12 -72.98
N GLY E 187 15.37 24.99 -73.93
CA GLY E 187 14.90 24.61 -75.28
C GLY E 187 13.57 23.90 -75.25
N LYS E 188 12.69 24.27 -74.32
CA LYS E 188 11.31 23.70 -74.20
C LYS E 188 10.29 24.83 -74.36
N HIS E 189 9.12 24.49 -74.92
CA HIS E 189 7.90 25.33 -74.87
C HIS E 189 7.20 25.05 -73.53
N TYR E 190 7.11 26.08 -72.68
CA TYR E 190 6.46 26.04 -71.34
C TYR E 190 5.18 26.87 -71.39
N ALA E 191 4.06 26.30 -70.90
CA ALA E 191 2.76 27.00 -70.81
C ALA E 191 2.13 26.71 -69.44
N VAL E 192 1.45 27.70 -68.87
CA VAL E 192 0.72 27.60 -67.58
C VAL E 192 -0.75 27.96 -67.83
N LEU E 193 -1.66 27.07 -67.46
CA LEU E 193 -3.13 27.29 -67.55
C LEU E 193 -3.68 27.53 -66.14
N ASP E 194 -4.44 28.61 -65.97
CA ASP E 194 -5.17 28.92 -64.72
C ASP E 194 -6.30 29.88 -65.06
N ARG E 195 -6.99 30.40 -64.04
CA ARG E 195 -8.07 31.41 -64.18
C ARG E 195 -7.42 32.80 -64.06
N TYR E 196 -7.22 33.47 -65.19
CA TYR E 196 -6.60 34.82 -65.27
C TYR E 196 -7.60 35.81 -65.88
N SER E 197 -7.71 37.00 -65.28
CA SER E 197 -8.41 38.17 -65.86
C SER E 197 -7.41 38.93 -66.73
N GLU E 198 -6.23 39.24 -66.17
CA GLU E 198 -5.04 39.80 -66.87
C GLU E 198 -3.93 38.74 -66.81
N LEU E 199 -3.31 38.41 -67.94
CA LEU E 199 -2.32 37.32 -68.05
C LEU E 199 -1.01 37.75 -67.35
N PRO E 200 -0.42 36.88 -66.51
CA PRO E 200 0.97 37.07 -66.07
C PRO E 200 1.94 37.07 -67.26
N VAL E 201 3.17 37.58 -67.04
CA VAL E 201 4.26 37.64 -68.05
C VAL E 201 5.53 37.05 -67.43
N SER E 202 6.14 36.07 -68.11
CA SER E 202 7.46 35.47 -67.76
C SER E 202 8.21 35.12 -69.05
N ASP E 203 9.53 35.33 -69.07
CA ASP E 203 10.39 35.35 -70.29
C ASP E 203 10.07 34.18 -71.21
N ASN E 204 10.09 32.94 -70.70
CA ASN E 204 9.99 31.70 -71.52
C ASN E 204 8.72 30.91 -71.13
N ILE E 205 7.74 31.56 -70.48
CA ILE E 205 6.45 30.92 -70.09
C ILE E 205 5.30 31.64 -70.80
N ASP E 206 4.44 30.86 -71.47
N ASP E 206 4.42 30.87 -71.45
CA ASP E 206 3.15 31.30 -72.07
CA ASP E 206 3.15 31.37 -72.07
C ASP E 206 2.05 31.06 -71.03
C ASP E 206 1.98 31.06 -71.14
N PHE E 207 1.30 32.10 -70.65
CA PHE E 207 0.16 31.98 -69.71
C PHE E 207 -1.14 31.91 -70.52
N ILE E 208 -1.99 30.94 -70.18
CA ILE E 208 -3.29 30.66 -70.85
C ILE E 208 -4.41 30.76 -69.80
N ASN E 209 -5.40 31.62 -70.06
CA ASN E 209 -6.67 31.65 -69.29
C ASN E 209 -7.50 30.44 -69.72
N GLY E 210 -7.91 29.60 -68.77
CA GLY E 210 -8.65 28.36 -69.05
C GLY E 210 -9.48 27.90 -67.86
N ASN E 211 -10.18 26.78 -68.03
CA ASN E 211 -11.07 26.15 -67.02
C ASN E 211 -10.96 24.63 -67.19
N PHE E 212 -10.22 23.96 -66.29
CA PHE E 212 -9.91 22.51 -66.41
C PHE E 212 -11.17 21.66 -66.17
N LEU E 213 -12.27 22.25 -65.68
CA LEU E 213 -13.58 21.57 -65.55
C LEU E 213 -14.24 21.45 -66.93
N ASN E 214 -13.91 22.35 -67.86
CA ASN E 214 -14.50 22.43 -69.22
C ASN E 214 -13.63 21.68 -70.22
N SER E 215 -12.35 22.04 -70.31
CA SER E 215 -11.44 21.62 -71.41
C SER E 215 -9.97 21.75 -71.00
N ILE E 216 -9.13 20.82 -71.46
CA ILE E 216 -7.65 20.90 -71.43
C ILE E 216 -7.18 20.98 -72.89
N PRO E 217 -6.34 21.97 -73.26
CA PRO E 217 -5.86 22.08 -74.64
C PRO E 217 -4.95 20.92 -75.04
N SER E 218 -5.12 20.41 -76.27
N SER E 218 -5.12 20.42 -76.27
CA SER E 218 -4.29 19.32 -76.86
CA SER E 218 -4.30 19.35 -76.90
C SER E 218 -2.98 19.91 -77.41
C SER E 218 -2.96 19.93 -77.37
N GLY E 219 -2.04 19.06 -77.80
CA GLY E 219 -0.77 19.47 -78.43
C GLY E 219 0.32 19.82 -77.43
N TYR E 220 0.34 19.14 -76.27
CA TYR E 220 1.48 19.10 -75.31
C TYR E 220 1.85 17.64 -75.08
N ASP E 221 3.14 17.33 -74.96
CA ASP E 221 3.62 15.94 -74.74
C ASP E 221 3.78 15.69 -73.24
N LEU E 222 3.85 16.74 -72.42
CA LEU E 222 3.81 16.62 -70.93
C LEU E 222 2.75 17.57 -70.36
N TYR E 223 1.82 17.02 -69.59
CA TYR E 223 0.84 17.76 -68.75
C TYR E 223 1.23 17.59 -67.27
N ILE E 224 1.09 18.65 -66.47
CA ILE E 224 1.35 18.60 -65.00
C ILE E 224 0.09 19.09 -64.28
N LEU E 225 -0.34 18.34 -63.28
CA LEU E 225 -1.44 18.73 -62.36
C LEU E 225 -0.95 18.54 -60.92
N LYS E 226 -0.46 19.60 -60.29
CA LYS E 226 0.16 19.57 -58.94
C LYS E 226 -0.77 20.26 -57.92
N ASN E 227 -1.11 19.54 -56.84
CA ASN E 227 -1.86 20.06 -55.67
C ASN E 227 -3.17 20.72 -56.12
N VAL E 228 -3.83 20.09 -57.08
CA VAL E 228 -5.16 20.56 -57.54
C VAL E 228 -6.25 19.62 -57.04
N LEU E 229 -6.04 18.31 -57.10
CA LEU E 229 -7.13 17.34 -56.83
C LEU E 229 -7.69 17.42 -55.40
N HIS E 230 -6.91 17.85 -54.41
CA HIS E 230 -7.42 17.96 -53.00
C HIS E 230 -8.45 19.08 -52.85
N ASN E 231 -8.53 20.02 -53.79
CA ASN E 231 -9.53 21.10 -53.80
C ASN E 231 -10.87 20.61 -54.36
N TRP E 232 -10.98 19.35 -54.81
CA TRP E 232 -12.19 18.85 -55.52
C TRP E 232 -12.74 17.52 -54.98
N SER E 233 -14.04 17.32 -55.18
CA SER E 233 -14.75 16.04 -54.94
C SER E 233 -14.18 14.95 -55.87
N ASP E 234 -14.51 13.70 -55.60
CA ASP E 234 -14.15 12.53 -56.45
C ASP E 234 -14.73 12.72 -57.85
N SER E 235 -16.00 13.16 -57.94
CA SER E 235 -16.71 13.37 -59.23
C SER E 235 -16.02 14.46 -60.06
N ASP E 236 -15.68 15.60 -59.44
CA ASP E 236 -15.00 16.74 -60.12
C ASP E 236 -13.57 16.32 -60.51
N SER E 237 -12.89 15.55 -59.64
CA SER E 237 -11.53 15.02 -59.89
C SER E 237 -11.53 14.14 -61.15
N ILE E 238 -12.51 13.23 -61.27
CA ILE E 238 -12.65 12.31 -62.44
C ILE E 238 -12.92 13.15 -63.70
N LEU E 239 -13.76 14.19 -63.58
CA LEU E 239 -14.08 15.13 -64.69
C LEU E 239 -12.79 15.78 -65.20
N ILE E 240 -11.96 16.30 -64.29
CA ILE E 240 -10.67 16.97 -64.63
C ILE E 240 -9.77 15.97 -65.36
N LEU E 241 -9.65 14.75 -64.83
CA LEU E 241 -8.77 13.69 -65.40
C LEU E 241 -9.32 13.21 -66.75
N GLU E 242 -10.65 13.15 -66.90
CA GLU E 242 -11.32 12.83 -68.19
C GLU E 242 -10.96 13.89 -69.24
N ASN E 243 -10.92 15.17 -68.84
CA ASN E 243 -10.58 16.31 -69.74
C ASN E 243 -9.12 16.18 -70.20
N PHE E 244 -8.22 15.67 -69.34
CA PHE E 244 -6.82 15.35 -69.71
C PHE E 244 -6.80 14.21 -70.74
N ARG E 245 -7.52 13.13 -70.48
CA ARG E 245 -7.56 11.92 -71.37
C ARG E 245 -8.04 12.34 -72.76
N LYS E 246 -9.02 13.25 -72.84
CA LYS E 246 -9.59 13.76 -74.11
C LYS E 246 -8.54 14.60 -74.86
N ALA E 247 -7.70 15.33 -74.13
CA ALA E 247 -6.66 16.25 -74.67
C ALA E 247 -5.41 15.47 -75.10
N MET E 248 -5.17 14.30 -74.49
CA MET E 248 -3.92 13.51 -74.66
C MET E 248 -4.08 12.52 -75.81
N ASP E 249 -2.98 12.24 -76.52
CA ASP E 249 -2.84 11.10 -77.48
C ASP E 249 -2.00 10.02 -76.80
N LYS E 250 -1.69 8.94 -77.52
CA LYS E 250 -1.01 7.73 -76.97
C LYS E 250 0.39 8.07 -76.46
N ASN E 251 1.01 9.14 -76.98
CA ASN E 251 2.41 9.53 -76.68
C ASN E 251 2.49 10.55 -75.55
N SER E 252 1.36 11.15 -75.14
CA SER E 252 1.29 12.20 -74.09
C SER E 252 1.55 11.56 -72.71
N SER E 253 2.08 12.35 -71.77
CA SER E 253 2.26 11.99 -70.35
C SER E 253 1.60 13.07 -69.47
N LEU E 254 0.95 12.63 -68.38
CA LEU E 254 0.40 13.51 -67.32
C LEU E 254 1.11 13.19 -66.01
N LEU E 255 1.76 14.19 -65.40
CA LEU E 255 2.34 14.07 -64.04
C LEU E 255 1.29 14.56 -63.03
N LEU E 256 0.68 13.62 -62.30
CA LEU E 256 -0.22 13.91 -61.16
C LEU E 256 0.63 13.95 -59.90
N ILE E 257 0.85 15.15 -59.36
CA ILE E 257 1.72 15.41 -58.17
C ILE E 257 0.83 15.99 -57.07
N ASN E 258 0.77 15.34 -55.91
CA ASN E 258 -0.16 15.74 -54.84
C ASN E 258 0.38 15.30 -53.48
N MET E 259 0.15 16.11 -52.46
CA MET E 259 0.22 15.64 -51.05
C MET E 259 -0.65 14.40 -50.94
N VAL E 260 -0.15 13.37 -50.26
CA VAL E 260 -0.82 12.03 -50.19
C VAL E 260 -1.14 11.73 -48.72
N LYS E 261 -2.30 11.10 -48.50
CA LYS E 261 -2.80 10.67 -47.17
C LYS E 261 -2.02 9.43 -46.73
N GLU E 262 -1.26 9.55 -45.63
CA GLU E 262 -0.58 8.40 -44.96
C GLU E 262 -1.03 8.36 -43.51
N PRO E 263 -1.31 7.15 -42.94
CA PRO E 263 -1.88 7.04 -41.60
C PRO E 263 -1.12 7.77 -40.47
N GLU E 264 0.21 7.92 -40.61
CA GLU E 264 1.11 8.43 -39.55
C GLU E 264 0.91 9.95 -39.36
N PHE E 265 0.46 10.65 -40.41
CA PHE E 265 0.38 12.14 -40.45
C PHE E 265 -1.04 12.60 -40.03
N SER E 266 -1.15 13.88 -39.65
CA SER E 266 -2.39 14.49 -39.11
C SER E 266 -3.47 14.56 -40.19
N ARG E 267 -4.74 14.43 -39.77
CA ARG E 267 -5.94 14.54 -40.63
C ARG E 267 -6.44 15.99 -40.68
N SER E 268 -5.74 16.93 -40.02
CA SER E 268 -6.20 18.35 -39.89
C SER E 268 -6.35 18.96 -41.29
N PHE E 269 -5.42 18.69 -42.21
CA PHE E 269 -5.45 19.25 -43.58
C PHE E 269 -6.69 18.73 -44.33
N ASP E 270 -7.04 17.46 -44.13
CA ASP E 270 -8.26 16.83 -44.71
C ASP E 270 -9.50 17.64 -44.32
N ILE E 271 -9.56 18.10 -43.06
CA ILE E 271 -10.73 18.86 -42.54
C ILE E 271 -10.71 20.26 -43.14
N LEU E 272 -9.54 20.90 -43.23
CA LEU E 272 -9.42 22.24 -43.87
C LEU E 272 -9.92 22.16 -45.31
N MET E 273 -9.52 21.12 -46.07
CA MET E 273 -9.96 20.94 -47.48
C MET E 273 -11.48 20.79 -47.53
N ASP E 274 -12.08 20.13 -46.54
CA ASP E 274 -13.57 19.99 -46.45
C ASP E 274 -14.18 21.39 -46.28
N VAL E 275 -13.65 22.19 -45.35
CA VAL E 275 -14.17 23.54 -44.98
C VAL E 275 -14.04 24.50 -46.17
N LEU E 276 -12.89 24.51 -46.84
CA LEU E 276 -12.59 25.50 -47.90
C LEU E 276 -13.23 25.10 -49.23
N PHE E 277 -13.27 23.80 -49.56
CA PHE E 277 -13.49 23.31 -50.95
C PHE E 277 -14.53 22.18 -51.06
N LEU E 278 -14.97 21.58 -49.96
CA LEU E 278 -15.56 20.21 -49.97
C LEU E 278 -14.60 19.29 -50.73
N GLY E 279 -13.29 19.49 -50.51
CA GLY E 279 -12.21 18.61 -50.99
C GLY E 279 -11.84 17.59 -49.94
N LYS E 280 -10.72 16.90 -50.12
CA LYS E 280 -10.25 15.84 -49.20
C LYS E 280 -8.81 15.46 -49.53
N GLU E 281 -8.09 14.93 -48.52
CA GLU E 281 -6.82 14.18 -48.70
C GLU E 281 -7.15 12.82 -49.30
N ARG E 282 -6.24 12.28 -50.12
CA ARG E 282 -6.38 10.93 -50.74
C ARG E 282 -5.06 10.17 -50.63
N SER E 283 -5.15 8.85 -50.53
CA SER E 283 -4.01 7.90 -50.61
C SER E 283 -3.62 7.70 -52.08
N PHE E 284 -2.45 7.09 -52.33
CA PHE E 284 -2.02 6.72 -53.71
C PHE E 284 -3.11 5.87 -54.38
N THR E 285 -3.61 4.85 -53.67
CA THR E 285 -4.63 3.89 -54.16
C THR E 285 -5.86 4.67 -54.64
N GLU E 286 -6.30 5.65 -53.85
CA GLU E 286 -7.50 6.49 -54.15
C GLU E 286 -7.23 7.34 -55.41
N PHE E 287 -6.02 7.89 -55.56
CA PHE E 287 -5.61 8.66 -56.76
C PHE E 287 -5.65 7.76 -58.00
N GLU E 288 -5.06 6.56 -57.91
CA GLU E 288 -5.02 5.57 -59.01
C GLU E 288 -6.46 5.20 -59.41
N TYR E 289 -7.35 5.01 -58.44
CA TYR E 289 -8.78 4.65 -58.65
C TYR E 289 -9.45 5.72 -59.52
N LEU E 290 -9.26 7.00 -59.17
CA LEU E 290 -9.85 8.15 -59.91
C LEU E 290 -9.30 8.16 -61.35
N ALA E 291 -7.99 8.04 -61.51
CA ALA E 291 -7.29 8.03 -62.81
C ALA E 291 -7.84 6.90 -63.69
N ASN E 292 -7.96 5.70 -63.14
CA ASN E 292 -8.46 4.49 -63.84
C ASN E 292 -9.89 4.72 -64.33
N GLN E 293 -10.75 5.33 -63.50
CA GLN E 293 -12.16 5.63 -63.84
C GLN E 293 -12.22 6.68 -64.97
N ALA E 294 -11.22 7.56 -65.06
CA ALA E 294 -11.12 8.64 -66.08
C ALA E 294 -10.50 8.08 -67.38
N GLY E 295 -10.02 6.83 -67.37
CA GLY E 295 -9.44 6.16 -68.55
C GLY E 295 -7.94 6.39 -68.66
N LEU E 296 -7.28 6.67 -67.53
CA LEU E 296 -5.81 6.89 -67.46
C LEU E 296 -5.19 5.74 -66.64
N VAL E 297 -3.94 5.39 -66.94
CA VAL E 297 -3.22 4.23 -66.34
C VAL E 297 -1.88 4.73 -65.79
N VAL E 298 -1.47 4.18 -64.65
CA VAL E 298 -0.20 4.50 -63.94
C VAL E 298 0.96 3.83 -64.70
N GLN E 299 1.92 4.62 -65.17
CA GLN E 299 3.17 4.13 -65.85
C GLN E 299 4.32 4.09 -64.83
N GLU E 300 4.39 5.10 -63.97
CA GLU E 300 5.49 5.32 -62.99
C GLU E 300 4.90 5.98 -61.74
N THR E 301 5.31 5.51 -60.55
CA THR E 301 4.97 6.15 -59.25
C THR E 301 6.22 6.26 -58.37
N LYS E 302 6.35 7.38 -57.67
CA LYS E 302 7.42 7.63 -56.67
C LYS E 302 6.81 8.41 -55.50
N VAL E 303 7.38 8.23 -54.31
CA VAL E 303 7.04 9.03 -53.09
C VAL E 303 8.12 10.10 -52.94
N ILE E 304 7.73 11.38 -52.90
CA ILE E 304 8.63 12.54 -52.65
C ILE E 304 8.37 13.01 -51.22
N ASP E 305 9.43 13.14 -50.42
CA ASP E 305 9.36 13.67 -49.02
C ASP E 305 9.47 15.19 -49.07
N GLN E 306 8.52 15.89 -48.47
CA GLN E 306 8.63 17.32 -48.10
C GLN E 306 8.49 17.40 -46.58
N SER E 307 9.03 18.46 -45.96
CA SER E 307 9.11 18.65 -44.49
C SER E 307 7.72 18.44 -43.86
N TYR E 308 6.66 18.93 -44.51
CA TYR E 308 5.29 19.09 -43.97
C TYR E 308 4.38 17.93 -44.37
N SER E 309 4.71 17.20 -45.44
CA SER E 309 3.86 16.11 -45.99
C SER E 309 4.64 15.23 -46.95
N PRO E 310 4.33 13.91 -47.03
CA PRO E 310 4.76 13.09 -48.15
C PRO E 310 3.94 13.49 -49.40
N TYR E 311 4.53 13.31 -50.58
CA TYR E 311 3.89 13.58 -51.89
C TYR E 311 3.84 12.28 -52.70
N SER E 312 2.75 12.11 -53.45
CA SER E 312 2.61 11.10 -54.53
C SER E 312 3.02 11.75 -55.84
N PHE E 313 3.95 11.13 -56.56
CA PHE E 313 4.32 11.46 -57.96
C PHE E 313 3.83 10.32 -58.84
N ILE E 314 2.84 10.58 -59.70
CA ILE E 314 2.20 9.56 -60.58
C ILE E 314 2.32 10.02 -62.04
N LYS E 315 3.03 9.26 -62.87
CA LYS E 315 3.04 9.45 -64.35
C LYS E 315 1.86 8.66 -64.92
N LEU E 316 0.93 9.35 -65.58
CA LEU E 316 -0.29 8.75 -66.20
C LEU E 316 -0.20 8.84 -67.72
N GLN E 317 -0.70 7.81 -68.41
CA GLN E 317 -0.94 7.81 -69.87
C GLN E 317 -2.33 7.23 -70.13
N ILE E 318 -2.88 7.45 -71.32
CA ILE E 318 -4.24 6.95 -71.72
C ILE E 318 -4.17 5.43 -71.89
N LYS E 319 -5.28 4.74 -71.63
CA LYS E 319 -5.42 3.27 -71.84
C LYS E 319 -5.23 2.95 -73.32
N SER F 1 -10.54 -18.19 38.75
CA SER F 1 -10.08 -17.07 37.88
C SER F 1 -9.49 -17.64 36.57
N MET F 2 -9.42 -16.81 35.53
CA MET F 2 -8.86 -17.18 34.20
C MET F 2 -7.39 -17.57 34.35
N LEU F 3 -6.62 -16.85 35.17
CA LEU F 3 -5.15 -17.07 35.32
C LEU F 3 -4.89 -18.42 36.01
N THR F 4 -5.57 -18.70 37.13
CA THR F 4 -5.38 -19.95 37.90
C THR F 4 -5.72 -21.16 37.01
N GLU F 5 -6.75 -21.04 36.16
CA GLU F 5 -7.17 -22.12 35.23
C GLU F 5 -6.14 -22.26 34.09
N LEU F 6 -5.51 -21.16 33.66
CA LEU F 6 -4.41 -21.19 32.64
C LEU F 6 -3.20 -21.89 33.25
N ILE F 7 -2.83 -21.54 34.49
CA ILE F 7 -1.76 -22.22 35.27
C ILE F 7 -2.07 -23.72 35.33
N ALA F 8 -3.35 -24.06 35.56
CA ALA F 8 -3.85 -25.44 35.77
C ALA F 8 -4.30 -26.07 34.44
N SER F 9 -3.75 -25.62 33.30
CA SER F 9 -4.06 -26.16 31.95
C SER F 9 -3.78 -27.68 31.92
N ASN F 10 -2.75 -28.11 32.64
CA ASN F 10 -2.34 -29.54 32.78
C ASN F 10 -3.53 -30.42 33.19
N ARG F 11 -4.42 -29.92 34.04
CA ARG F 11 -5.54 -30.71 34.62
C ARG F 11 -6.48 -31.17 33.50
N ARG F 12 -6.61 -30.39 32.42
CA ARG F 12 -7.45 -30.74 31.24
C ARG F 12 -6.86 -31.97 30.54
N SER F 13 -5.55 -31.95 30.24
CA SER F 13 -4.81 -33.08 29.63
C SER F 13 -4.93 -34.32 30.52
N ALA F 14 -4.75 -34.16 31.83
CA ALA F 14 -4.74 -35.26 32.82
C ALA F 14 -6.12 -35.90 32.91
N ALA F 15 -7.18 -35.09 32.89
CA ALA F 15 -8.59 -35.55 32.96
C ALA F 15 -8.92 -36.41 31.73
N ILE F 16 -8.54 -35.94 30.53
CA ILE F 16 -8.75 -36.67 29.24
C ILE F 16 -7.96 -37.99 29.30
N HIS F 17 -6.72 -37.95 29.80
CA HIS F 17 -5.84 -39.15 29.92
C HIS F 17 -6.53 -40.22 30.76
N ALA F 18 -7.08 -39.84 31.92
CA ALA F 18 -7.80 -40.73 32.85
C ALA F 18 -8.98 -41.40 32.13
N PHE F 19 -9.71 -40.63 31.32
CA PHE F 19 -10.93 -41.05 30.59
C PHE F 19 -10.56 -42.01 29.45
N VAL F 20 -9.46 -41.73 28.74
CA VAL F 20 -9.06 -42.44 27.49
C VAL F 20 -8.13 -43.61 27.81
N ASP F 21 -7.11 -43.40 28.64
CA ASP F 21 -6.05 -44.39 28.93
C ASP F 21 -6.63 -45.62 29.64
N THR F 22 -7.69 -45.42 30.45
CA THR F 22 -8.39 -46.50 31.19
C THR F 22 -9.29 -47.30 30.25
N GLY F 23 -9.64 -46.74 29.08
CA GLY F 23 -10.54 -47.35 28.10
C GLY F 23 -12.00 -47.05 28.37
N LEU F 24 -12.29 -46.19 29.37
CA LEU F 24 -13.67 -45.78 29.74
C LEU F 24 -14.34 -45.11 28.53
N SER F 25 -13.57 -44.34 27.75
CA SER F 25 -14.06 -43.60 26.55
C SER F 25 -14.54 -44.56 25.45
N THR F 26 -14.05 -45.82 25.45
CA THR F 26 -14.40 -46.85 24.42
C THR F 26 -15.84 -47.32 24.59
N HIS F 27 -16.50 -46.96 25.69
CA HIS F 27 -17.93 -47.29 25.98
C HIS F 27 -18.87 -46.23 25.38
N PHE F 28 -18.33 -45.23 24.68
CA PHE F 28 -19.08 -44.07 24.10
C PHE F 28 -18.98 -44.08 22.57
N LYS F 29 -18.99 -45.27 21.95
CA LYS F 29 -18.86 -45.44 20.48
C LYS F 29 -20.16 -44.99 19.79
N ASP F 30 -20.03 -44.41 18.59
CA ASP F 30 -21.15 -44.12 17.65
C ASP F 30 -22.10 -43.08 18.27
N GLY F 31 -21.55 -42.11 19.03
CA GLY F 31 -22.31 -41.01 19.65
C GLY F 31 -23.43 -41.49 20.56
N ILE F 32 -23.27 -42.67 21.17
CA ILE F 32 -24.28 -43.30 22.07
C ILE F 32 -24.30 -42.54 23.40
N TYR F 33 -25.49 -42.31 23.97
CA TYR F 33 -25.69 -41.73 25.33
C TYR F 33 -25.52 -42.86 26.37
N VAL F 34 -24.61 -42.65 27.33
CA VAL F 34 -24.20 -43.65 28.36
C VAL F 34 -24.81 -43.24 29.71
N ASP F 35 -25.45 -44.18 30.39
CA ASP F 35 -25.87 -44.07 31.81
C ASP F 35 -24.64 -44.37 32.67
N ILE F 36 -24.13 -43.37 33.40
CA ILE F 36 -22.84 -43.44 34.15
C ILE F 36 -22.97 -44.43 35.31
N SER F 37 -24.14 -44.50 35.96
CA SER F 37 -24.43 -45.47 37.04
C SER F 37 -24.36 -46.90 36.49
N GLU F 38 -24.93 -47.13 35.30
CA GLU F 38 -24.88 -48.45 34.59
C GLU F 38 -23.42 -48.80 34.25
N LEU F 39 -22.71 -47.87 33.61
CA LEU F 39 -21.28 -48.06 33.21
C LEU F 39 -20.43 -48.34 34.45
N SER F 40 -20.71 -47.64 35.56
CA SER F 40 -19.95 -47.72 36.84
C SER F 40 -20.08 -49.12 37.46
N ARG F 41 -21.26 -49.72 37.38
CA ARG F 41 -21.54 -51.11 37.86
C ARG F 41 -20.76 -52.12 37.03
N LYS F 42 -20.84 -51.98 35.69
CA LYS F 42 -20.37 -52.98 34.70
C LYS F 42 -18.84 -52.96 34.61
N SER F 43 -18.21 -51.79 34.81
CA SER F 43 -16.73 -51.58 34.74
C SER F 43 -16.12 -51.61 36.15
N GLY F 44 -16.91 -51.38 37.20
CA GLY F 44 -16.47 -51.37 38.60
C GLY F 44 -15.76 -50.07 38.97
N VAL F 45 -16.10 -48.97 38.28
CA VAL F 45 -15.55 -47.61 38.55
C VAL F 45 -16.47 -46.94 39.58
N ASN F 46 -15.92 -46.10 40.46
CA ASN F 46 -16.68 -45.37 41.51
C ASN F 46 -17.60 -44.36 40.83
N TYR F 47 -18.91 -44.48 41.04
CA TYR F 47 -19.97 -43.68 40.37
C TYR F 47 -19.78 -42.18 40.67
N ALA F 48 -19.75 -41.83 41.96
CA ALA F 48 -19.69 -40.43 42.46
C ALA F 48 -18.46 -39.71 41.90
N ARG F 49 -17.31 -40.38 41.91
CA ARG F 49 -16.01 -39.78 41.52
C ARG F 49 -15.93 -39.68 39.98
N PHE F 50 -16.42 -40.69 39.26
CA PHE F 50 -16.45 -40.70 37.77
C PHE F 50 -17.44 -39.64 37.26
N SER F 51 -18.56 -39.46 37.97
N SER F 51 -18.57 -39.48 37.97
CA SER F 51 -19.59 -38.44 37.67
CA SER F 51 -19.61 -38.44 37.71
C SER F 51 -18.98 -37.04 37.71
C SER F 51 -18.96 -37.05 37.71
N ARG F 52 -18.08 -36.79 38.68
CA ARG F 52 -17.37 -35.50 38.84
C ARG F 52 -16.40 -35.29 37.67
N LEU F 53 -15.69 -36.34 37.25
CA LEU F 53 -14.82 -36.32 36.05
C LEU F 53 -15.68 -35.95 34.83
N CYS F 54 -16.82 -36.63 34.63
CA CYS F 54 -17.73 -36.40 33.48
C CYS F 54 -18.20 -34.95 33.46
N ASP F 55 -18.48 -34.35 34.62
CA ASP F 55 -18.88 -32.92 34.75
C ASP F 55 -17.75 -32.03 34.21
N PHE F 56 -16.49 -32.35 34.53
CA PHE F 56 -15.29 -31.60 34.07
C PHE F 56 -15.12 -31.79 32.56
N LEU F 57 -15.36 -33.01 32.05
CA LEU F 57 -15.27 -33.33 30.60
C LEU F 57 -16.37 -32.59 29.84
N VAL F 58 -17.55 -32.39 30.45
CA VAL F 58 -18.67 -31.61 29.84
C VAL F 58 -18.23 -30.14 29.71
N GLU F 59 -17.65 -29.59 30.77
CA GLU F 59 -17.13 -28.20 30.84
C GLU F 59 -16.13 -27.98 29.70
N MET F 60 -15.25 -28.95 29.46
CA MET F 60 -14.20 -28.93 28.40
C MET F 60 -14.82 -29.06 27.00
N GLY F 61 -16.03 -29.64 26.91
CA GLY F 61 -16.72 -29.90 25.63
C GLY F 61 -16.39 -31.27 25.05
N VAL F 62 -15.77 -32.15 25.86
CA VAL F 62 -15.42 -33.54 25.45
C VAL F 62 -16.69 -34.40 25.49
N LEU F 63 -17.52 -34.23 26.52
CA LEU F 63 -18.84 -34.92 26.67
C LEU F 63 -19.97 -33.90 26.54
N VAL F 64 -21.16 -34.38 26.15
CA VAL F 64 -22.43 -33.62 26.11
C VAL F 64 -23.44 -34.34 27.01
N SER F 65 -24.11 -33.62 27.90
CA SER F 65 -25.05 -34.15 28.92
C SER F 65 -26.50 -33.92 28.47
N ASN F 66 -27.34 -34.97 28.49
CA ASN F 66 -28.79 -34.91 28.17
C ASN F 66 -29.51 -36.11 28.82
N ASP F 67 -30.66 -35.86 29.45
CA ASP F 67 -31.53 -36.88 30.11
C ASP F 67 -30.70 -37.66 31.14
N ASN F 68 -29.84 -36.96 31.90
CA ASN F 68 -28.94 -37.53 32.94
C ASN F 68 -28.10 -38.67 32.33
N LYS F 69 -27.61 -38.46 31.10
CA LYS F 69 -26.67 -39.38 30.40
C LYS F 69 -25.65 -38.53 29.64
N PHE F 70 -24.52 -39.13 29.23
CA PHE F 70 -23.39 -38.45 28.57
C PHE F 70 -23.03 -39.18 27.27
N ARG F 71 -22.79 -38.41 26.20
CA ARG F 71 -22.18 -38.90 24.94
C ARG F 71 -20.93 -38.07 24.65
N LEU F 72 -20.00 -38.62 23.87
CA LEU F 72 -18.86 -37.87 23.30
C LEU F 72 -19.41 -36.80 22.36
N SER F 73 -18.82 -35.60 22.37
CA SER F 73 -19.09 -34.53 21.38
C SER F 73 -18.70 -35.04 19.99
N ASP F 74 -19.28 -34.45 18.93
CA ASP F 74 -19.03 -34.85 17.52
C ASP F 74 -17.52 -34.87 17.26
N GLU F 75 -16.78 -33.88 17.76
CA GLU F 75 -15.32 -33.70 17.51
C GLU F 75 -14.52 -34.76 18.27
N CYS F 76 -15.01 -35.23 19.42
CA CYS F 76 -14.26 -36.13 20.35
C CYS F 76 -14.67 -37.60 20.17
N HIS F 77 -15.45 -37.93 19.13
CA HIS F 77 -15.85 -39.31 18.77
C HIS F 77 -14.59 -40.20 18.68
N VAL F 78 -13.46 -39.61 18.25
CA VAL F 78 -12.14 -40.28 18.07
C VAL F 78 -11.69 -40.98 19.37
N PHE F 79 -12.08 -40.45 20.54
CA PHE F 79 -11.67 -40.99 21.86
C PHE F 79 -12.30 -42.36 22.14
N ALA F 80 -13.40 -42.70 21.45
CA ALA F 80 -14.07 -44.02 21.54
C ALA F 80 -13.27 -45.07 20.77
N ASN F 81 -12.34 -44.65 19.91
CA ASN F 81 -11.48 -45.53 19.07
C ASN F 81 -10.07 -45.53 19.64
N PRO F 82 -9.60 -46.64 20.25
CA PRO F 82 -8.22 -46.72 20.76
C PRO F 82 -7.15 -46.63 19.65
N GLU F 83 -7.56 -46.81 18.39
CA GLU F 83 -6.68 -46.86 17.20
C GLU F 83 -6.51 -45.44 16.61
N SER F 84 -7.27 -44.45 17.09
CA SER F 84 -7.22 -43.05 16.62
C SER F 84 -5.90 -42.40 17.04
N PHE F 85 -5.38 -41.47 16.25
CA PHE F 85 -4.10 -40.76 16.52
C PHE F 85 -4.23 -39.97 17.83
N GLU F 86 -5.43 -39.45 18.10
CA GLU F 86 -5.76 -38.66 19.33
C GLU F 86 -5.56 -39.53 20.58
N SER F 87 -5.94 -40.82 20.52
CA SER F 87 -5.77 -41.78 21.63
C SER F 87 -4.28 -41.98 21.92
N PHE F 88 -3.45 -42.13 20.88
CA PHE F 88 -1.97 -42.29 21.01
C PHE F 88 -1.36 -40.97 21.51
N MET F 89 -1.85 -39.84 21.02
CA MET F 89 -1.34 -38.49 21.38
C MET F 89 -1.47 -38.27 22.89
N ILE F 90 -2.64 -38.51 23.47
CA ILE F 90 -2.89 -38.24 24.93
C ILE F 90 -2.09 -39.24 25.78
N LYS F 91 -1.88 -40.46 25.30
CA LYS F 91 -1.09 -41.50 26.02
C LYS F 91 0.36 -41.04 26.17
N LEU F 92 0.92 -40.37 25.16
CA LEU F 92 2.31 -39.82 25.17
C LEU F 92 2.34 -38.48 25.91
N GLU F 93 1.32 -37.64 25.72
CA GLU F 93 1.34 -36.19 26.08
C GLU F 93 1.76 -36.00 27.54
N ILE F 94 1.19 -36.76 28.49
CA ILE F 94 1.46 -36.58 29.95
C ILE F 94 2.10 -37.85 30.55
N CYS F 95 2.73 -38.69 29.73
CA CYS F 95 3.52 -39.86 30.23
C CYS F 95 4.70 -39.30 31.05
N SER F 96 5.23 -40.10 31.98
CA SER F 96 6.27 -39.67 32.95
C SER F 96 7.50 -39.11 32.22
N HIS F 97 7.89 -39.74 31.10
CA HIS F 97 9.09 -39.35 30.30
C HIS F 97 8.93 -37.93 29.77
N TYR F 98 7.75 -37.59 29.24
CA TYR F 98 7.43 -36.24 28.69
C TYR F 98 7.42 -35.21 29.83
N SER F 99 6.74 -35.55 30.93
N SER F 99 6.76 -35.54 30.95
CA SER F 99 6.62 -34.70 32.15
CA SER F 99 6.62 -34.65 32.13
C SER F 99 8.01 -34.34 32.67
C SER F 99 8.01 -34.34 32.72
N ASN F 100 8.90 -35.33 32.79
CA ASN F 100 10.29 -35.15 33.31
C ASN F 100 11.10 -34.30 32.34
N ALA F 101 10.87 -34.41 31.03
CA ALA F 101 11.48 -33.57 29.98
C ALA F 101 11.03 -32.11 30.18
N TRP F 102 9.73 -31.87 30.33
CA TRP F 102 9.14 -30.52 30.55
C TRP F 102 9.75 -29.85 31.78
N LEU F 103 10.05 -30.62 32.84
CA LEU F 103 10.61 -30.07 34.10
C LEU F 103 12.07 -29.62 33.90
N MET F 104 12.70 -30.04 32.79
CA MET F 104 14.10 -29.63 32.43
C MET F 104 14.08 -28.50 31.40
N TYR F 105 12.91 -28.12 30.88
CA TYR F 105 12.75 -27.12 29.79
C TYR F 105 13.38 -25.79 30.20
N GLY F 106 12.95 -25.23 31.34
CA GLY F 106 13.47 -23.96 31.87
C GLY F 106 14.99 -23.97 32.01
N LYS F 107 15.53 -25.02 32.63
CA LYS F 107 16.98 -25.20 32.87
C LYS F 107 17.73 -25.29 31.53
N SER F 108 17.12 -25.95 30.53
CA SER F 108 17.71 -26.19 29.19
C SER F 108 17.97 -24.86 28.45
N LEU F 109 17.19 -23.82 28.75
CA LEU F 109 17.29 -22.50 28.08
C LEU F 109 18.60 -21.79 28.47
N PHE F 110 19.23 -22.19 29.58
CA PHE F 110 20.48 -21.59 30.13
C PHE F 110 21.71 -22.41 29.72
N GLU F 111 21.50 -23.54 29.04
CA GLU F 111 22.57 -24.49 28.61
C GLU F 111 22.94 -24.21 27.14
N ASP F 112 24.17 -24.55 26.76
CA ASP F 112 24.71 -24.40 25.38
C ASP F 112 25.50 -25.66 25.01
N ASP F 113 25.07 -26.82 25.53
CA ASP F 113 25.76 -28.14 25.42
C ASP F 113 25.15 -28.96 24.29
N GLY F 114 24.04 -28.49 23.70
CA GLY F 114 23.34 -29.18 22.59
C GLY F 114 22.54 -30.38 23.07
N LYS F 115 22.21 -30.42 24.36
CA LYS F 115 21.41 -31.50 25.00
C LYS F 115 19.97 -31.00 25.19
N SER F 116 19.00 -31.69 24.58
CA SER F 116 17.55 -31.43 24.74
C SER F 116 17.16 -31.61 26.21
N ALA F 117 16.06 -30.96 26.62
CA ALA F 117 15.45 -31.14 27.96
C ALA F 117 15.19 -32.63 28.20
N PHE F 118 14.76 -33.36 27.17
CA PHE F 118 14.53 -34.83 27.23
C PHE F 118 15.83 -35.55 27.59
N GLU F 119 16.95 -35.21 26.92
CA GLU F 119 18.27 -35.84 27.15
C GLU F 119 18.78 -35.45 28.56
N MET F 120 18.52 -34.22 29.00
CA MET F 120 18.91 -33.74 30.35
C MET F 120 18.19 -34.58 31.42
N ALA F 121 16.95 -34.99 31.15
CA ALA F 121 16.09 -35.76 32.08
C ALA F 121 16.41 -37.26 32.03
N HIS F 122 16.76 -37.80 30.86
CA HIS F 122 16.79 -39.27 30.58
C HIS F 122 18.18 -39.80 30.22
N GLY F 123 19.15 -38.93 29.88
CA GLY F 123 20.56 -39.30 29.69
C GLY F 123 20.88 -39.76 28.27
N ARG F 124 19.88 -39.86 27.39
CA ARG F 124 20.04 -40.16 25.95
C ARG F 124 19.11 -39.25 25.14
N PRO F 125 19.45 -38.89 23.88
CA PRO F 125 18.52 -38.18 23.01
C PRO F 125 17.31 -39.09 22.70
N PHE F 126 16.21 -38.48 22.25
CA PHE F 126 14.85 -39.08 22.15
C PHE F 126 14.90 -40.44 21.45
N PHE F 127 15.36 -40.49 20.19
CA PHE F 127 15.28 -41.71 19.35
C PHE F 127 16.22 -42.79 19.87
N GLU F 128 17.39 -42.40 20.41
CA GLU F 128 18.33 -43.34 21.07
C GLU F 128 17.64 -43.96 22.30
N TYR F 129 16.91 -43.15 23.08
CA TYR F 129 16.18 -43.61 24.30
C TYR F 129 15.05 -44.57 23.90
N LEU F 130 14.33 -44.27 22.82
CA LEU F 130 13.18 -45.09 22.33
C LEU F 130 13.65 -46.51 21.94
N ASP F 131 14.93 -46.68 21.58
CA ASP F 131 15.54 -48.00 21.26
C ASP F 131 15.35 -48.96 22.44
N GLY F 132 15.34 -48.45 23.67
CA GLY F 132 15.29 -49.26 24.91
C GLY F 132 13.95 -49.16 25.64
N ASN F 133 12.90 -48.60 25.01
CA ASN F 133 11.59 -48.37 25.65
C ASN F 133 10.45 -48.63 24.65
N LYS F 134 9.76 -49.76 24.78
CA LYS F 134 8.68 -50.21 23.86
C LYS F 134 7.48 -49.27 23.95
N PHE F 135 7.07 -48.89 25.16
CA PHE F 135 5.89 -48.00 25.41
C PHE F 135 6.03 -46.74 24.55
N LEU F 136 7.17 -46.04 24.67
CA LEU F 136 7.45 -44.78 23.93
C LEU F 136 7.51 -45.07 22.43
N LYS F 137 8.35 -46.04 22.01
CA LYS F 137 8.60 -46.30 20.56
C LYS F 137 7.31 -46.74 19.87
N SER F 138 6.57 -47.69 20.46
CA SER F 138 5.35 -48.30 19.84
C SER F 138 4.25 -47.24 19.71
N ASN F 139 4.05 -46.42 20.75
CA ASN F 139 3.01 -45.35 20.78
C ASN F 139 3.41 -44.22 19.83
N PHE F 140 4.69 -43.82 19.81
CA PHE F 140 5.21 -42.77 18.89
C PHE F 140 5.04 -43.23 17.43
N ASP F 141 5.48 -44.44 17.11
CA ASP F 141 5.41 -45.01 15.74
C ASP F 141 3.93 -45.15 15.32
N ALA F 142 3.05 -45.55 16.25
CA ALA F 142 1.60 -45.72 16.02
C ALA F 142 0.97 -44.36 15.69
N LEU F 143 1.33 -43.32 16.45
CA LEU F 143 0.86 -41.93 16.24
C LEU F 143 1.28 -41.46 14.84
N MET F 144 2.56 -41.64 14.49
CA MET F 144 3.13 -41.23 13.18
C MET F 144 2.40 -41.96 12.05
N THR F 145 2.08 -43.24 12.25
CA THR F 145 1.35 -44.10 11.27
C THR F 145 -0.06 -43.53 11.05
N ARG F 146 -0.79 -43.19 12.12
CA ARG F 146 -2.19 -42.70 12.02
C ARG F 146 -2.21 -41.35 11.29
N VAL F 147 -1.24 -40.46 11.56
CA VAL F 147 -1.20 -39.10 10.94
C VAL F 147 -0.71 -39.20 9.49
N SER F 148 0.13 -40.19 9.17
CA SER F 148 0.55 -40.51 7.77
C SER F 148 -0.69 -40.95 6.97
N ASN F 149 -1.52 -41.80 7.56
CA ASN F 149 -2.75 -42.36 6.93
C ASN F 149 -3.70 -41.22 6.54
N LEU F 150 -3.76 -40.14 7.32
CA LEU F 150 -4.73 -39.03 7.14
C LEU F 150 -4.34 -38.14 5.95
N ILE F 151 -3.06 -38.07 5.58
CA ILE F 151 -2.53 -37.09 4.57
C ILE F 151 -2.38 -37.75 3.19
N VAL F 152 -2.42 -39.08 3.10
CA VAL F 152 -2.04 -39.84 1.86
C VAL F 152 -2.97 -39.45 0.70
N GLU F 153 -4.29 -39.40 0.93
CA GLU F 153 -5.31 -39.11 -0.12
C GLU F 153 -5.01 -37.75 -0.75
N LYS F 154 -4.73 -36.73 0.08
CA LYS F 154 -4.45 -35.34 -0.37
C LYS F 154 -3.09 -35.28 -1.06
N LEU F 155 -2.10 -36.06 -0.61
CA LEU F 155 -0.73 -36.10 -1.20
C LEU F 155 -0.79 -36.70 -2.60
N LEU F 156 -1.53 -37.80 -2.77
CA LEU F 156 -1.77 -38.47 -4.09
C LEU F 156 -2.46 -37.48 -5.04
N GLY F 157 -3.30 -36.61 -4.52
CA GLY F 157 -4.13 -35.67 -5.31
C GLY F 157 -3.35 -34.48 -5.85
N ILE F 158 -2.21 -34.13 -5.23
CA ILE F 158 -1.45 -32.87 -5.54
C ILE F 158 -0.15 -33.17 -6.30
N TYR F 159 0.31 -34.43 -6.32
CA TYR F 159 1.57 -34.83 -7.01
C TYR F 159 1.35 -36.11 -7.81
N ASP F 160 1.95 -36.15 -9.01
CA ASP F 160 1.89 -37.30 -9.96
C ASP F 160 3.01 -38.28 -9.60
N PHE F 161 2.70 -39.28 -8.78
CA PHE F 161 3.64 -40.35 -8.33
C PHE F 161 3.85 -41.37 -9.47
N ASN F 162 2.93 -41.41 -10.45
CA ASN F 162 2.93 -42.36 -11.59
C ASN F 162 4.11 -42.10 -12.52
N GLN F 163 4.68 -40.88 -12.52
CA GLN F 163 5.82 -40.49 -13.40
C GLN F 163 7.12 -41.17 -12.95
N HIS F 164 7.15 -41.69 -11.72
CA HIS F 164 8.38 -42.22 -11.05
C HIS F 164 8.45 -43.75 -11.18
N ASN F 165 9.66 -44.30 -11.03
CA ASN F 165 9.97 -45.74 -11.15
C ASN F 165 10.37 -46.31 -9.78
N ARG F 166 11.24 -45.60 -9.05
CA ARG F 166 11.88 -46.05 -7.79
C ARG F 166 11.68 -44.97 -6.71
N ILE F 167 10.93 -45.31 -5.65
CA ILE F 167 10.50 -44.34 -4.60
C ILE F 167 11.05 -44.81 -3.25
N LEU F 168 11.80 -43.94 -2.57
CA LEU F 168 12.34 -44.20 -1.19
C LEU F 168 11.71 -43.19 -0.21
N ASP F 169 11.02 -43.69 0.80
CA ASP F 169 10.51 -42.88 1.95
C ASP F 169 11.59 -42.93 3.06
N VAL F 170 12.27 -41.81 3.29
CA VAL F 170 13.41 -41.69 4.25
C VAL F 170 12.86 -41.31 5.62
N GLY F 171 13.24 -42.05 6.66
CA GLY F 171 12.64 -41.95 8.01
C GLY F 171 11.14 -42.22 7.95
N GLY F 172 10.74 -43.24 7.19
CA GLY F 172 9.32 -43.55 6.89
C GLY F 172 8.64 -44.38 7.96
N GLY F 173 9.35 -44.71 9.05
CA GLY F 173 8.79 -45.42 10.22
C GLY F 173 8.23 -46.79 9.85
N GLU F 174 6.96 -47.05 10.17
CA GLU F 174 6.27 -48.33 9.88
C GLU F 174 5.91 -48.41 8.38
N GLY F 175 6.11 -47.33 7.64
CA GLY F 175 6.04 -47.29 6.16
C GLY F 175 4.61 -47.13 5.65
N GLU F 176 3.70 -46.66 6.50
CA GLU F 176 2.24 -46.52 6.19
C GLU F 176 2.05 -45.69 4.91
N LEU F 177 2.80 -44.60 4.75
CA LEU F 177 2.68 -43.66 3.60
C LEU F 177 2.81 -44.45 2.29
N LEU F 178 3.89 -45.22 2.13
CA LEU F 178 4.19 -45.94 0.86
C LEU F 178 3.31 -47.19 0.72
N VAL F 179 2.90 -47.82 1.83
CA VAL F 179 1.94 -48.96 1.84
C VAL F 179 0.64 -48.50 1.16
N ARG F 180 0.14 -47.32 1.53
CA ARG F 180 -1.13 -46.76 1.02
C ARG F 180 -0.95 -46.23 -0.42
N ILE F 181 0.18 -45.57 -0.71
CA ILE F 181 0.49 -45.03 -2.07
C ILE F 181 0.64 -46.22 -3.05
N SER F 182 1.24 -47.32 -2.61
CA SER F 182 1.52 -48.53 -3.46
C SER F 182 0.20 -49.20 -3.87
N GLU F 183 -0.86 -49.05 -3.09
CA GLU F 183 -2.20 -49.63 -3.38
C GLU F 183 -2.86 -48.87 -4.53
N LYS F 184 -2.58 -47.57 -4.67
CA LYS F 184 -3.18 -46.67 -5.69
C LYS F 184 -2.27 -46.55 -6.91
N VAL F 185 -0.96 -46.36 -6.70
CA VAL F 185 0.07 -46.21 -7.76
C VAL F 185 0.87 -47.52 -7.84
N LYS F 186 0.52 -48.39 -8.79
CA LYS F 186 1.02 -49.79 -8.91
C LYS F 186 2.18 -49.86 -9.91
N GLY F 187 2.98 -50.92 -9.83
CA GLY F 187 4.04 -51.28 -10.80
C GLY F 187 5.34 -50.55 -10.54
N LYS F 188 5.50 -49.92 -9.37
CA LYS F 188 6.72 -49.16 -8.99
C LYS F 188 7.56 -50.02 -8.04
N HIS F 189 8.80 -49.61 -7.79
CA HIS F 189 9.64 -50.12 -6.68
C HIS F 189 9.52 -49.17 -5.49
N TYR F 190 8.99 -49.66 -4.37
CA TYR F 190 8.77 -48.91 -3.11
C TYR F 190 9.76 -49.39 -2.05
N ALA F 191 10.47 -48.46 -1.43
CA ALA F 191 11.45 -48.71 -0.35
C ALA F 191 11.23 -47.71 0.79
N VAL F 192 11.44 -48.16 2.03
CA VAL F 192 11.31 -47.33 3.25
C VAL F 192 12.59 -47.49 4.08
N LEU F 193 13.27 -46.39 4.39
CA LEU F 193 14.48 -46.36 5.24
C LEU F 193 14.12 -45.78 6.61
N ASP F 194 14.56 -46.45 7.67
CA ASP F 194 14.47 -45.97 9.08
C ASP F 194 15.51 -46.72 9.89
N ARG F 195 15.59 -46.46 11.20
CA ARG F 195 16.45 -47.22 12.15
C ARG F 195 15.66 -48.41 12.66
N TYR F 196 15.93 -49.60 12.12
CA TYR F 196 15.21 -50.87 12.41
C TYR F 196 16.17 -51.86 13.09
N SER F 197 15.81 -52.33 14.29
CA SER F 197 16.39 -53.55 14.92
C SER F 197 15.75 -54.78 14.28
N GLU F 198 14.47 -54.67 13.95
CA GLU F 198 13.65 -55.69 13.23
C GLU F 198 12.93 -54.99 12.06
N LEU F 199 13.09 -55.49 10.83
CA LEU F 199 12.49 -54.90 9.62
C LEU F 199 10.98 -55.14 9.63
N PRO F 200 10.15 -54.09 9.39
CA PRO F 200 8.73 -54.30 9.11
C PRO F 200 8.53 -55.18 7.88
N VAL F 201 7.36 -55.81 7.76
CA VAL F 201 6.99 -56.71 6.63
C VAL F 201 5.68 -56.21 6.01
N SER F 202 5.70 -55.88 4.71
CA SER F 202 4.53 -55.48 3.91
C SER F 202 4.78 -55.83 2.43
N ASP F 203 3.76 -56.39 1.76
CA ASP F 203 3.83 -56.85 0.35
C ASP F 203 4.37 -55.71 -0.52
N ASN F 204 5.40 -55.99 -1.34
CA ASN F 204 6.01 -55.09 -2.35
C ASN F 204 6.50 -53.78 -1.70
N ILE F 205 7.02 -53.85 -0.47
CA ILE F 205 7.77 -52.74 0.20
C ILE F 205 9.13 -53.29 0.65
N ASP F 206 10.23 -52.64 0.22
CA ASP F 206 11.61 -52.97 0.64
C ASP F 206 11.99 -52.09 1.84
N PHE F 207 11.95 -52.65 3.05
CA PHE F 207 12.34 -51.96 4.31
C PHE F 207 13.86 -52.07 4.49
N ILE F 208 14.52 -50.91 4.67
CA ILE F 208 16.01 -50.79 4.75
C ILE F 208 16.37 -50.18 6.11
N ASN F 209 17.20 -50.87 6.90
CA ASN F 209 17.84 -50.30 8.11
C ASN F 209 18.94 -49.35 7.66
N GLY F 210 18.84 -48.07 8.03
CA GLY F 210 19.79 -47.02 7.61
C GLY F 210 19.93 -45.92 8.63
N ASN F 211 20.73 -44.91 8.29
CA ASN F 211 20.99 -43.70 9.14
C ASN F 211 21.18 -42.51 8.21
N PHE F 212 20.17 -41.63 8.11
CA PHE F 212 20.14 -40.52 7.12
C PHE F 212 21.15 -39.43 7.51
N LEU F 213 21.72 -39.48 8.72
CA LEU F 213 22.82 -38.58 9.17
C LEU F 213 24.12 -39.02 8.50
N ASN F 214 24.24 -40.30 8.15
CA ASN F 214 25.47 -40.93 7.61
C ASN F 214 25.39 -40.99 6.08
N SER F 215 24.28 -41.49 5.53
CA SER F 215 24.11 -41.75 4.08
C SER F 215 22.63 -41.90 3.71
N ILE F 216 22.27 -41.47 2.49
CA ILE F 216 20.97 -41.77 1.81
C ILE F 216 21.29 -42.69 0.64
N PRO F 217 20.60 -43.85 0.50
CA PRO F 217 20.85 -44.76 -0.61
C PRO F 217 20.61 -44.10 -1.98
N SER F 218 21.58 -44.21 -2.89
CA SER F 218 21.48 -43.75 -4.30
C SER F 218 20.63 -44.75 -5.09
N GLY F 219 20.12 -44.33 -6.26
CA GLY F 219 19.47 -45.22 -7.24
C GLY F 219 17.95 -45.17 -7.14
N TYR F 220 17.39 -44.11 -6.57
CA TYR F 220 15.94 -43.79 -6.59
C TYR F 220 15.73 -42.45 -7.31
N ASP F 221 14.60 -42.30 -8.01
CA ASP F 221 14.27 -41.08 -8.79
C ASP F 221 13.25 -40.22 -8.02
N LEU F 222 12.60 -40.79 -6.99
CA LEU F 222 11.79 -40.02 -6.01
C LEU F 222 12.23 -40.37 -4.59
N TYR F 223 12.56 -39.34 -3.81
CA TYR F 223 12.82 -39.41 -2.34
C TYR F 223 11.71 -38.65 -1.61
N ILE F 224 11.27 -39.18 -0.47
CA ILE F 224 10.26 -38.53 0.42
C ILE F 224 10.89 -38.39 1.81
N LEU F 225 10.82 -37.19 2.39
CA LEU F 225 11.22 -36.87 3.78
C LEU F 225 10.06 -36.13 4.46
N LYS F 226 9.18 -36.87 5.14
CA LYS F 226 7.95 -36.31 5.78
C LYS F 226 8.10 -36.30 7.30
N ASN F 227 7.92 -35.12 7.92
CA ASN F 227 7.87 -34.91 9.39
C ASN F 227 9.15 -35.46 10.05
N VAL F 228 10.31 -35.24 9.41
CA VAL F 228 11.63 -35.65 9.96
C VAL F 228 12.36 -34.41 10.49
N LEU F 229 12.46 -33.37 9.66
CA LEU F 229 13.34 -32.20 9.92
C LEU F 229 12.98 -31.46 11.21
N HIS F 230 11.74 -31.55 11.66
CA HIS F 230 11.34 -30.89 12.95
C HIS F 230 12.02 -31.52 14.17
N ASN F 231 12.48 -32.76 14.07
CA ASN F 231 13.21 -33.47 15.13
C ASN F 231 14.71 -33.08 15.15
N TRP F 232 15.17 -32.21 14.25
CA TRP F 232 16.62 -31.88 14.09
C TRP F 232 16.96 -30.38 14.07
N SER F 233 18.17 -30.06 14.55
CA SER F 233 18.78 -28.70 14.49
C SER F 233 18.92 -28.28 13.03
N ASP F 234 19.23 -26.99 12.81
CA ASP F 234 19.51 -26.43 11.45
C ASP F 234 20.72 -27.13 10.83
N SER F 235 21.76 -27.39 11.63
N SER F 235 21.76 -27.37 11.64
CA SER F 235 23.04 -28.01 11.17
CA SER F 235 23.04 -28.02 11.24
C SER F 235 22.81 -29.48 10.79
C SER F 235 22.79 -29.46 10.80
N ASP F 236 22.05 -30.23 11.60
CA ASP F 236 21.72 -31.66 11.33
C ASP F 236 20.75 -31.75 10.14
N SER F 237 19.88 -30.75 9.97
CA SER F 237 18.92 -30.65 8.83
C SER F 237 19.69 -30.47 7.52
N ILE F 238 20.70 -29.58 7.50
CA ILE F 238 21.55 -29.33 6.30
C ILE F 238 22.33 -30.60 5.97
N LEU F 239 22.88 -31.28 6.98
CA LEU F 239 23.62 -32.56 6.83
C LEU F 239 22.74 -33.59 6.12
N ILE F 240 21.48 -33.74 6.58
CA ILE F 240 20.49 -34.70 6.00
C ILE F 240 20.25 -34.34 4.53
N LEU F 241 20.03 -33.05 4.23
CA LEU F 241 19.72 -32.56 2.86
C LEU F 241 20.97 -32.68 1.96
N GLU F 242 22.17 -32.51 2.53
CA GLU F 242 23.46 -32.72 1.82
C GLU F 242 23.58 -34.19 1.41
N ASN F 243 23.22 -35.12 2.31
CA ASN F 243 23.25 -36.58 2.05
C ASN F 243 22.28 -36.92 0.91
N PHE F 244 21.15 -36.21 0.83
CA PHE F 244 20.17 -36.34 -0.29
C PHE F 244 20.81 -35.89 -1.61
N ARG F 245 21.47 -34.72 -1.60
CA ARG F 245 22.14 -34.16 -2.81
C ARG F 245 23.12 -35.20 -3.37
N LYS F 246 23.93 -35.82 -2.49
CA LYS F 246 24.97 -36.81 -2.86
C LYS F 246 24.34 -38.08 -3.42
N ALA F 247 23.12 -38.42 -2.97
CA ALA F 247 22.39 -39.65 -3.36
C ALA F 247 21.66 -39.44 -4.70
N MET F 248 21.24 -38.20 -4.98
CA MET F 248 20.39 -37.83 -6.14
C MET F 248 21.25 -37.57 -7.38
N ASP F 249 20.74 -37.93 -8.56
CA ASP F 249 21.27 -37.49 -9.89
C ASP F 249 20.35 -36.37 -10.41
N LYS F 250 20.56 -35.91 -11.65
CA LYS F 250 19.83 -34.77 -12.25
C LYS F 250 18.34 -35.09 -12.40
N ASN F 251 17.98 -36.37 -12.58
CA ASN F 251 16.58 -36.82 -12.86
C ASN F 251 15.84 -37.12 -11.55
N SER F 252 16.52 -37.08 -10.40
CA SER F 252 15.95 -37.36 -9.06
C SER F 252 15.14 -36.16 -8.56
N SER F 253 14.13 -36.42 -7.72
CA SER F 253 13.30 -35.41 -7.03
C SER F 253 13.17 -35.79 -5.55
N LEU F 254 13.13 -34.78 -4.66
CA LEU F 254 12.94 -34.95 -3.20
C LEU F 254 11.68 -34.17 -2.78
N LEU F 255 10.70 -34.87 -2.21
CA LEU F 255 9.47 -34.25 -1.63
C LEU F 255 9.71 -34.01 -0.13
N LEU F 256 9.88 -32.75 0.25
CA LEU F 256 10.00 -32.29 1.66
C LEU F 256 8.60 -31.93 2.17
N ILE F 257 8.04 -32.74 3.07
CA ILE F 257 6.65 -32.59 3.60
C ILE F 257 6.73 -32.37 5.11
N ASN F 258 6.31 -31.20 5.59
CA ASN F 258 6.46 -30.79 7.01
C ASN F 258 5.25 -29.96 7.43
N MET F 259 4.88 -30.00 8.71
CA MET F 259 3.94 -29.03 9.31
C MET F 259 4.54 -27.64 9.10
N VAL F 260 3.72 -26.66 8.68
CA VAL F 260 4.18 -25.27 8.44
C VAL F 260 4.03 -24.48 9.74
N LYS F 261 5.08 -23.74 10.13
CA LYS F 261 5.05 -22.75 11.23
C LYS F 261 5.19 -21.36 10.61
N GLU F 262 4.11 -20.59 10.64
CA GLU F 262 4.04 -19.16 10.24
C GLU F 262 3.42 -18.40 11.39
N PRO F 263 3.57 -17.05 11.46
CA PRO F 263 3.11 -16.28 12.63
C PRO F 263 1.64 -16.47 13.07
N GLU F 264 0.74 -16.87 12.17
CA GLU F 264 -0.73 -16.95 12.44
C GLU F 264 -1.12 -18.38 12.85
N PHE F 265 -0.16 -19.22 13.22
CA PHE F 265 -0.39 -20.62 13.68
C PHE F 265 0.18 -20.78 15.08
N SER F 266 -0.39 -21.71 15.85
CA SER F 266 0.01 -22.05 17.24
C SER F 266 1.48 -22.45 17.25
N ARG F 267 2.19 -22.10 18.33
N ARG F 267 2.22 -22.10 18.31
CA ARG F 267 3.61 -22.44 18.59
CA ARG F 267 3.63 -22.52 18.49
C ARG F 267 3.71 -23.74 19.41
C ARG F 267 3.71 -23.70 19.46
N SER F 268 2.56 -24.30 19.81
CA SER F 268 2.46 -25.46 20.74
C SER F 268 3.41 -26.59 20.31
N PHE F 269 3.36 -27.00 19.04
CA PHE F 269 4.19 -28.08 18.48
C PHE F 269 5.67 -27.67 18.45
N ASP F 270 5.94 -26.41 18.11
CA ASP F 270 7.32 -25.86 18.00
C ASP F 270 8.03 -25.96 19.36
N ILE F 271 7.31 -25.69 20.45
CA ILE F 271 7.88 -25.76 21.84
C ILE F 271 8.13 -27.23 22.21
N LEU F 272 7.20 -28.14 21.87
CA LEU F 272 7.37 -29.60 22.14
C LEU F 272 8.64 -30.08 21.43
N MET F 273 8.86 -29.67 20.17
CA MET F 273 10.04 -30.10 19.37
C MET F 273 11.33 -29.57 20.03
N ASP F 274 11.29 -28.38 20.63
CA ASP F 274 12.45 -27.82 21.39
C ASP F 274 12.78 -28.74 22.56
N VAL F 275 11.77 -29.13 23.33
CA VAL F 275 11.92 -29.92 24.59
C VAL F 275 12.40 -31.34 24.25
N LEU F 276 11.82 -31.98 23.24
CA LEU F 276 12.08 -33.40 22.91
C LEU F 276 13.40 -33.56 22.12
N PHE F 277 13.74 -32.60 21.25
CA PHE F 277 14.75 -32.80 20.17
C PHE F 277 15.78 -31.67 20.07
N LEU F 278 15.58 -30.53 20.74
CA LEU F 278 16.17 -29.23 20.33
C LEU F 278 15.86 -29.01 18.85
N GLY F 279 14.66 -29.41 18.43
CA GLY F 279 14.14 -29.21 17.06
C GLY F 279 13.29 -27.96 17.02
N LYS F 280 12.58 -27.76 15.91
CA LYS F 280 11.70 -26.59 15.69
C LYS F 280 10.79 -26.88 14.50
N GLU F 281 9.60 -26.27 14.48
CA GLU F 281 8.74 -26.18 13.27
C GLU F 281 9.25 -25.00 12.46
N ARG F 282 9.26 -25.12 11.13
CA ARG F 282 9.89 -24.14 10.21
C ARG F 282 8.89 -23.64 9.19
N SER F 283 9.10 -22.41 8.71
CA SER F 283 8.35 -21.76 7.61
C SER F 283 8.83 -22.31 6.26
N PHE F 284 8.09 -22.02 5.18
CA PHE F 284 8.43 -22.38 3.78
C PHE F 284 9.85 -21.91 3.46
N THR F 285 10.15 -20.64 3.76
CA THR F 285 11.41 -19.95 3.35
C THR F 285 12.57 -20.45 4.23
N GLU F 286 12.29 -20.87 5.47
CA GLU F 286 13.30 -21.47 6.38
C GLU F 286 13.76 -22.82 5.80
N PHE F 287 12.83 -23.65 5.32
CA PHE F 287 13.13 -24.94 4.66
C PHE F 287 13.90 -24.68 3.36
N GLU F 288 13.43 -23.73 2.55
CA GLU F 288 14.07 -23.33 1.27
C GLU F 288 15.52 -22.90 1.51
N TYR F 289 15.76 -22.14 2.59
CA TYR F 289 17.12 -21.67 2.98
C TYR F 289 18.01 -22.87 3.27
N LEU F 290 17.54 -23.82 4.09
CA LEU F 290 18.30 -25.05 4.46
C LEU F 290 18.65 -25.83 3.20
N ALA F 291 17.68 -26.00 2.29
CA ALA F 291 17.82 -26.75 1.02
C ALA F 291 18.91 -26.11 0.15
N ASN F 292 18.87 -24.78 0.01
CA ASN F 292 19.83 -23.99 -0.81
C ASN F 292 21.25 -24.13 -0.23
N GLN F 293 21.39 -24.14 1.10
CA GLN F 293 22.70 -24.30 1.80
C GLN F 293 23.24 -25.72 1.53
N ALA F 294 22.37 -26.70 1.35
CA ALA F 294 22.70 -28.13 1.08
C ALA F 294 22.93 -28.36 -0.41
N GLY F 295 22.67 -27.36 -1.26
CA GLY F 295 22.91 -27.41 -2.71
C GLY F 295 21.71 -27.91 -3.50
N LEU F 296 20.51 -27.85 -2.91
CA LEU F 296 19.22 -28.20 -3.55
C LEU F 296 18.44 -26.91 -3.86
N VAL F 297 17.62 -26.93 -4.91
CA VAL F 297 16.80 -25.77 -5.35
C VAL F 297 15.31 -26.16 -5.33
N VAL F 298 14.44 -25.22 -4.98
CA VAL F 298 12.96 -25.41 -4.89
C VAL F 298 12.40 -25.38 -6.32
N GLN F 299 11.68 -26.45 -6.71
CA GLN F 299 11.05 -26.59 -8.05
C GLN F 299 9.58 -26.16 -7.98
N GLU F 300 8.90 -26.45 -6.86
CA GLU F 300 7.52 -25.96 -6.58
C GLU F 300 7.21 -26.08 -5.09
N THR F 301 6.21 -25.32 -4.63
CA THR F 301 5.69 -25.30 -3.24
C THR F 301 4.16 -25.40 -3.27
N LYS F 302 3.58 -26.20 -2.37
CA LYS F 302 2.10 -26.35 -2.19
C LYS F 302 1.79 -26.36 -0.70
N VAL F 303 0.57 -25.96 -0.32
CA VAL F 303 0.02 -26.10 1.05
C VAL F 303 -0.98 -27.25 1.04
N ILE F 304 -0.82 -28.20 1.96
CA ILE F 304 -1.77 -29.32 2.21
C ILE F 304 -2.49 -29.05 3.53
N ASP F 305 -3.83 -29.02 3.51
CA ASP F 305 -4.68 -28.81 4.70
C ASP F 305 -4.79 -30.14 5.46
N GLN F 306 -4.59 -30.11 6.77
CA GLN F 306 -4.95 -31.20 7.72
C GLN F 306 -5.64 -30.56 8.92
N SER F 307 -6.51 -31.31 9.61
CA SER F 307 -7.39 -30.85 10.72
C SER F 307 -6.57 -30.08 11.78
N TYR F 308 -5.38 -30.59 12.11
CA TYR F 308 -4.55 -30.15 13.26
C TYR F 308 -3.52 -29.09 12.83
N SER F 309 -3.11 -29.08 11.56
CA SER F 309 -2.07 -28.17 11.03
C SER F 309 -2.08 -28.18 9.49
N PRO F 310 -1.78 -27.04 8.83
CA PRO F 310 -1.38 -27.06 7.43
C PRO F 310 0.01 -27.68 7.28
N TYR F 311 0.29 -28.25 6.11
CA TYR F 311 1.60 -28.86 5.74
C TYR F 311 2.20 -28.09 4.56
N SER F 312 3.51 -27.90 4.59
CA SER F 312 4.32 -27.41 3.45
C SER F 312 4.74 -28.62 2.60
N PHE F 313 4.43 -28.58 1.30
CA PHE F 313 4.90 -29.53 0.27
C PHE F 313 5.96 -28.80 -0.58
N ILE F 314 7.22 -29.22 -0.50
CA ILE F 314 8.37 -28.58 -1.20
C ILE F 314 9.09 -29.65 -2.02
N LYS F 315 9.10 -29.49 -3.35
CA LYS F 315 9.78 -30.39 -4.32
C LYS F 315 11.18 -29.82 -4.59
N LEU F 316 12.22 -30.59 -4.30
CA LEU F 316 13.65 -30.18 -4.44
C LEU F 316 14.33 -31.05 -5.51
N GLN F 317 15.25 -30.44 -6.27
CA GLN F 317 16.18 -31.14 -7.20
C GLN F 317 17.57 -30.54 -7.01
N ILE F 318 18.62 -31.24 -7.45
CA ILE F 318 20.03 -30.77 -7.32
C ILE F 318 20.22 -29.54 -8.22
N LYS F 319 20.99 -28.56 -7.75
CA LYS F 319 21.22 -27.26 -8.45
C LYS F 319 22.08 -27.50 -9.70
N SER G 1 89.36 -14.26 -45.72
CA SER G 1 89.60 -14.93 -44.41
C SER G 1 88.28 -15.10 -43.65
N MET G 2 88.27 -15.95 -42.63
CA MET G 2 87.09 -16.21 -41.76
C MET G 2 86.72 -14.93 -40.99
N LEU G 3 87.71 -14.16 -40.52
CA LEU G 3 87.48 -12.91 -39.73
C LEU G 3 86.83 -11.85 -40.64
N THR G 4 87.38 -11.62 -41.84
CA THR G 4 86.87 -10.60 -42.79
C THR G 4 85.43 -10.92 -43.17
N GLU G 5 85.09 -12.21 -43.34
CA GLU G 5 83.71 -12.66 -43.69
C GLU G 5 82.78 -12.44 -42.48
N LEU G 6 83.29 -12.59 -41.25
CA LEU G 6 82.53 -12.29 -40.01
C LEU G 6 82.25 -10.79 -39.94
N ILE G 7 83.26 -9.95 -40.19
CA ILE G 7 83.11 -8.47 -40.24
C ILE G 7 82.05 -8.13 -41.29
N ALA G 8 82.05 -8.84 -42.42
CA ALA G 8 81.17 -8.62 -43.59
C ALA G 8 79.90 -9.49 -43.51
N SER G 9 79.45 -9.86 -42.30
CA SER G 9 78.22 -10.67 -42.08
C SER G 9 77.01 -9.96 -42.71
N ASN G 10 77.00 -8.62 -42.67
CA ASN G 10 75.95 -7.75 -43.26
C ASN G 10 75.68 -8.11 -44.73
N ARG G 11 76.72 -8.50 -45.48
CA ARG G 11 76.61 -8.76 -46.95
C ARG G 11 75.63 -9.92 -47.19
N ARG G 12 75.55 -10.89 -46.26
CA ARG G 12 74.62 -12.05 -46.36
C ARG G 12 73.17 -11.54 -46.27
N SER G 13 72.86 -10.73 -45.26
CA SER G 13 71.54 -10.09 -45.06
C SER G 13 71.17 -9.26 -46.30
N ALA G 14 72.11 -8.43 -46.78
CA ALA G 14 71.90 -7.49 -47.91
C ALA G 14 71.62 -8.27 -49.20
N ALA G 15 72.34 -9.37 -49.45
CA ALA G 15 72.17 -10.24 -50.64
C ALA G 15 70.77 -10.87 -50.63
N ILE G 16 70.34 -11.38 -49.48
CA ILE G 16 68.99 -12.00 -49.30
C ILE G 16 67.93 -10.92 -49.52
N HIS G 17 68.14 -9.71 -49.00
CA HIS G 17 67.21 -8.56 -49.16
C HIS G 17 67.01 -8.26 -50.65
N ALA G 18 68.10 -8.18 -51.42
CA ALA G 18 68.08 -7.91 -52.88
C ALA G 18 67.25 -8.98 -53.60
N PHE G 19 67.41 -10.25 -53.20
CA PHE G 19 66.74 -11.43 -53.81
C PHE G 19 65.25 -11.43 -53.48
N VAL G 20 64.89 -11.09 -52.24
CA VAL G 20 63.52 -11.23 -51.68
C VAL G 20 62.73 -9.92 -51.87
N ASP G 21 63.33 -8.77 -51.55
CA ASP G 21 62.63 -7.45 -51.55
C ASP G 21 62.20 -7.06 -52.97
N THR G 22 62.96 -7.48 -54.00
CA THR G 22 62.67 -7.22 -55.43
C THR G 22 61.52 -8.11 -55.93
N GLY G 23 61.26 -9.23 -55.23
CA GLY G 23 60.24 -10.22 -55.61
C GLY G 23 60.81 -11.30 -56.53
N LEU G 24 62.12 -11.26 -56.81
CA LEU G 24 62.82 -12.25 -57.67
C LEU G 24 62.64 -13.66 -57.09
N SER G 25 62.65 -13.78 -55.75
CA SER G 25 62.51 -15.06 -55.01
C SER G 25 61.13 -15.70 -55.26
N THR G 26 60.12 -14.91 -55.61
CA THR G 26 58.71 -15.39 -55.80
C THR G 26 58.60 -16.24 -57.07
N HIS G 27 59.63 -16.22 -57.94
CA HIS G 27 59.71 -17.04 -59.18
C HIS G 27 60.24 -18.45 -58.87
N PHE G 28 60.51 -18.76 -57.60
CA PHE G 28 61.10 -20.04 -57.13
C PHE G 28 60.12 -20.81 -56.25
N LYS G 29 58.81 -20.71 -56.55
CA LYS G 29 57.72 -21.36 -55.77
C LYS G 29 57.79 -22.88 -55.94
N ASP G 30 57.47 -23.62 -54.87
CA ASP G 30 57.22 -25.09 -54.86
C ASP G 30 58.49 -25.84 -55.30
N GLY G 31 59.67 -25.35 -54.90
CA GLY G 31 60.98 -26.00 -55.13
C GLY G 31 61.29 -26.19 -56.62
N ILE G 32 60.75 -25.34 -57.49
CA ILE G 32 60.97 -25.39 -58.97
C ILE G 32 62.41 -24.96 -59.27
N TYR G 33 63.02 -25.58 -60.29
CA TYR G 33 64.36 -25.21 -60.83
C TYR G 33 64.17 -24.12 -61.88
N VAL G 34 64.79 -22.95 -61.65
CA VAL G 34 64.66 -21.73 -62.49
C VAL G 34 65.90 -21.61 -63.38
N ASP G 35 65.69 -21.40 -64.68
CA ASP G 35 66.74 -21.00 -65.65
C ASP G 35 66.93 -19.48 -65.51
N ILE G 36 68.10 -19.07 -64.98
CA ILE G 36 68.42 -17.65 -64.62
C ILE G 36 68.44 -16.80 -65.89
N SER G 37 68.94 -17.36 -67.01
CA SER G 37 68.95 -16.70 -68.34
C SER G 37 67.53 -16.35 -68.76
N GLU G 38 66.58 -17.27 -68.57
CA GLU G 38 65.14 -17.11 -68.90
C GLU G 38 64.51 -16.06 -67.97
N LEU G 39 64.67 -16.23 -66.65
CA LEU G 39 64.14 -15.29 -65.61
C LEU G 39 64.67 -13.89 -65.89
N SER G 40 65.94 -13.77 -66.28
CA SER G 40 66.64 -12.49 -66.56
C SER G 40 65.98 -11.75 -67.73
N ARG G 41 65.70 -12.46 -68.83
CA ARG G 41 65.00 -11.92 -70.03
C ARG G 41 63.59 -11.45 -69.64
N LYS G 42 62.85 -12.29 -68.91
CA LYS G 42 61.39 -12.14 -68.64
C LYS G 42 61.17 -11.04 -67.60
N SER G 43 62.07 -10.90 -66.61
CA SER G 43 61.98 -9.91 -65.50
C SER G 43 62.75 -8.63 -65.85
N GLY G 44 63.61 -8.67 -66.88
CA GLY G 44 64.45 -7.53 -67.32
C GLY G 44 65.59 -7.25 -66.35
N VAL G 45 66.17 -8.30 -65.75
N VAL G 45 66.15 -8.31 -65.76
CA VAL G 45 67.31 -8.20 -64.80
CA VAL G 45 67.31 -8.25 -64.82
C VAL G 45 68.59 -8.59 -65.55
C VAL G 45 68.58 -8.55 -65.61
N ASN G 46 69.72 -7.96 -65.20
CA ASN G 46 71.04 -8.20 -65.84
C ASN G 46 71.49 -9.62 -65.48
N TYR G 47 71.68 -10.47 -66.49
CA TYR G 47 71.95 -11.93 -66.33
C TYR G 47 73.27 -12.15 -65.57
N ALA G 48 74.36 -11.57 -66.06
CA ALA G 48 75.74 -11.74 -65.53
C ALA G 48 75.78 -11.37 -64.05
N ARG G 49 75.15 -10.25 -63.67
CA ARG G 49 75.21 -9.69 -62.30
C ARG G 49 74.30 -10.51 -61.37
N PHE G 50 73.12 -10.89 -61.83
CA PHE G 50 72.15 -11.73 -61.05
C PHE G 50 72.75 -13.14 -60.85
N SER G 51 73.44 -13.66 -61.86
CA SER G 51 74.14 -14.97 -61.82
C SER G 51 75.16 -14.97 -60.68
N ARG G 52 75.89 -13.86 -60.49
CA ARG G 52 76.91 -13.70 -59.42
C ARG G 52 76.22 -13.67 -58.05
N LEU G 53 75.07 -13.00 -57.94
CA LEU G 53 74.24 -13.01 -56.70
C LEU G 53 73.82 -14.46 -56.38
N CYS G 54 73.34 -15.19 -57.38
CA CYS G 54 72.87 -16.60 -57.23
C CYS G 54 74.01 -17.49 -56.72
N ASP G 55 75.24 -17.28 -57.22
CA ASP G 55 76.45 -18.02 -56.76
C ASP G 55 76.65 -17.78 -55.26
N PHE G 56 76.48 -16.54 -54.79
CA PHE G 56 76.62 -16.15 -53.37
C PHE G 56 75.48 -16.76 -52.55
N LEU G 57 74.27 -16.81 -53.10
CA LEU G 57 73.08 -17.42 -52.43
C LEU G 57 73.26 -18.94 -52.31
N VAL G 58 73.91 -19.58 -53.29
CA VAL G 58 74.25 -21.04 -53.25
C VAL G 58 75.25 -21.27 -52.11
N GLU G 59 76.31 -20.45 -52.04
CA GLU G 59 77.36 -20.48 -50.99
C GLU G 59 76.68 -20.43 -49.61
N MET G 60 75.67 -19.57 -49.45
CA MET G 60 74.92 -19.35 -48.19
C MET G 60 74.00 -20.53 -47.87
N GLY G 61 73.60 -21.30 -48.89
CA GLY G 61 72.65 -22.42 -48.76
C GLY G 61 71.21 -21.99 -48.97
N VAL G 62 70.99 -20.79 -49.51
CA VAL G 62 69.64 -20.25 -49.85
C VAL G 62 69.16 -20.90 -51.14
N LEU G 63 70.05 -21.03 -52.14
CA LEU G 63 69.77 -21.70 -53.44
C LEU G 63 70.57 -23.00 -53.54
N VAL G 64 70.07 -23.95 -54.34
CA VAL G 64 70.76 -25.21 -54.73
C VAL G 64 70.89 -25.22 -56.25
N SER G 65 72.08 -25.57 -56.77
CA SER G 65 72.45 -25.53 -58.20
C SER G 65 72.47 -26.96 -58.78
N ASN G 66 71.75 -27.19 -59.88
CA ASN G 66 71.71 -28.47 -60.63
C ASN G 66 71.25 -28.20 -62.08
N ASP G 67 71.87 -28.87 -63.06
CA ASP G 67 71.52 -28.78 -64.50
C ASP G 67 71.59 -27.32 -64.96
N ASN G 68 72.55 -26.55 -64.41
CA ASN G 68 72.75 -25.10 -64.68
C ASN G 68 71.45 -24.35 -64.42
N LYS G 69 70.69 -24.77 -63.40
CA LYS G 69 69.45 -24.10 -62.90
C LYS G 69 69.54 -24.00 -61.38
N PHE G 70 68.69 -23.16 -60.77
CA PHE G 70 68.70 -22.87 -59.32
C PHE G 70 67.28 -23.04 -58.75
N ARG G 71 67.18 -23.70 -57.59
CA ARG G 71 65.94 -23.77 -56.77
C ARG G 71 66.25 -23.28 -55.35
N LEU G 72 65.24 -22.80 -54.64
CA LEU G 72 65.32 -22.51 -53.18
C LEU G 72 65.57 -23.82 -52.44
N SER G 73 66.47 -23.81 -51.44
CA SER G 73 66.67 -24.91 -50.48
C SER G 73 65.35 -25.18 -49.77
N ASP G 74 65.17 -26.40 -49.25
CA ASP G 74 63.92 -26.85 -48.58
C ASP G 74 63.56 -25.87 -47.46
N GLU G 75 64.56 -25.38 -46.72
CA GLU G 75 64.38 -24.47 -45.55
C GLU G 75 63.98 -23.06 -46.02
N CYS G 76 64.45 -22.63 -47.21
CA CYS G 76 64.29 -21.24 -47.72
C CYS G 76 63.10 -21.13 -48.69
N HIS G 77 62.25 -22.16 -48.78
CA HIS G 77 61.01 -22.16 -49.60
C HIS G 77 60.15 -20.94 -49.23
N VAL G 78 60.18 -20.54 -47.96
CA VAL G 78 59.43 -19.39 -47.38
C VAL G 78 59.68 -18.10 -48.19
N PHE G 79 60.87 -17.94 -48.80
CA PHE G 79 61.26 -16.72 -49.55
C PHE G 79 60.44 -16.58 -50.85
N ALA G 80 59.86 -17.67 -51.35
CA ALA G 80 58.99 -17.68 -52.55
C ALA G 80 57.62 -17.09 -52.20
N ASN G 81 57.26 -17.01 -50.91
CA ASN G 81 55.96 -16.51 -50.39
C ASN G 81 56.17 -15.12 -49.79
N PRO G 82 55.66 -14.04 -50.43
CA PRO G 82 55.77 -12.68 -49.88
C PRO G 82 55.07 -12.47 -48.53
N GLU G 83 54.15 -13.36 -48.15
CA GLU G 83 53.32 -13.27 -46.92
C GLU G 83 53.97 -14.03 -45.76
N SER G 84 55.09 -14.73 -46.01
CA SER G 84 55.85 -15.47 -44.96
C SER G 84 56.50 -14.47 -44.00
N PHE G 85 56.64 -14.83 -42.72
CA PHE G 85 57.22 -13.95 -41.68
C PHE G 85 58.67 -13.61 -42.05
N GLU G 86 59.38 -14.57 -42.67
CA GLU G 86 60.80 -14.40 -43.10
C GLU G 86 60.90 -13.28 -44.13
N SER G 87 59.92 -13.15 -45.03
CA SER G 87 59.85 -12.08 -46.06
C SER G 87 59.74 -10.71 -45.38
N PHE G 88 58.90 -10.58 -44.36
CA PHE G 88 58.71 -9.34 -43.56
C PHE G 88 59.96 -9.07 -42.72
N MET G 89 60.58 -10.12 -42.18
CA MET G 89 61.78 -10.02 -41.32
C MET G 89 62.92 -9.36 -42.10
N ILE G 90 63.25 -9.85 -43.29
CA ILE G 90 64.41 -9.36 -44.08
C ILE G 90 64.13 -7.92 -44.56
N LYS G 91 62.86 -7.59 -44.84
CA LYS G 91 62.44 -6.23 -45.27
C LYS G 91 62.79 -5.21 -44.19
N LEU G 92 62.55 -5.55 -42.91
CA LEU G 92 62.84 -4.67 -41.74
C LEU G 92 64.34 -4.72 -41.39
N GLU G 93 64.96 -5.90 -41.50
CA GLU G 93 66.28 -6.22 -40.89
C GLU G 93 67.32 -5.17 -41.28
N ILE G 94 67.44 -4.83 -42.58
CA ILE G 94 68.48 -3.89 -43.09
C ILE G 94 67.84 -2.62 -43.65
N CYS G 95 66.60 -2.29 -43.27
CA CYS G 95 65.95 -1.01 -43.66
C CYS G 95 66.75 0.15 -43.05
N SER G 96 66.70 1.34 -43.65
CA SER G 96 67.52 2.51 -43.28
C SER G 96 67.36 2.84 -41.80
N HIS G 97 66.13 2.74 -41.27
CA HIS G 97 65.80 3.09 -39.87
C HIS G 97 66.56 2.16 -38.90
N TYR G 98 66.59 0.86 -39.18
CA TYR G 98 67.31 -0.16 -38.36
C TYR G 98 68.82 0.11 -38.42
N SER G 99 69.34 0.28 -39.64
N SER G 99 69.35 0.31 -39.64
CA SER G 99 70.79 0.56 -39.91
CA SER G 99 70.79 0.54 -39.88
C SER G 99 71.24 1.78 -39.10
C SER G 99 71.27 1.79 -39.12
N ASN G 100 70.45 2.86 -39.12
CA ASN G 100 70.79 4.13 -38.42
C ASN G 100 70.75 3.92 -36.90
N ALA G 101 69.83 3.08 -36.41
CA ALA G 101 69.75 2.66 -34.98
C ALA G 101 71.02 1.89 -34.61
N TRP G 102 71.42 0.91 -35.43
CA TRP G 102 72.64 0.08 -35.18
C TRP G 102 73.88 0.97 -35.10
N LEU G 103 73.94 2.06 -35.88
CA LEU G 103 75.10 2.99 -35.92
C LEU G 103 75.17 3.81 -34.62
N MET G 104 74.09 3.86 -33.84
CA MET G 104 74.03 4.57 -32.52
C MET G 104 74.24 3.60 -31.36
N TYR G 105 74.35 2.29 -31.63
CA TYR G 105 74.38 1.23 -30.59
C TYR G 105 75.59 1.43 -29.67
N GLY G 106 76.79 1.53 -30.25
CA GLY G 106 78.05 1.77 -29.52
C GLY G 106 77.95 3.00 -28.63
N LYS G 107 77.53 4.13 -29.21
CA LYS G 107 77.38 5.44 -28.50
C LYS G 107 76.36 5.31 -27.37
N SER G 108 75.30 4.51 -27.56
CA SER G 108 74.19 4.34 -26.58
C SER G 108 74.67 3.64 -25.31
N LEU G 109 75.74 2.85 -25.39
CA LEU G 109 76.31 2.09 -24.24
C LEU G 109 76.92 3.05 -23.21
N PHE G 110 77.31 4.26 -23.62
CA PHE G 110 78.02 5.26 -22.78
C PHE G 110 77.02 6.27 -22.18
N GLU G 111 75.74 6.16 -22.52
CA GLU G 111 74.66 7.09 -22.06
C GLU G 111 73.86 6.41 -20.94
N ASP G 112 73.22 7.22 -20.09
CA ASP G 112 72.31 6.77 -19.01
C ASP G 112 71.08 7.69 -18.99
N ASP G 113 70.56 8.03 -20.19
CA ASP G 113 69.45 8.99 -20.41
C ASP G 113 68.15 8.24 -20.71
N GLY G 114 68.19 6.91 -20.74
CA GLY G 114 67.03 6.03 -20.99
C GLY G 114 66.52 6.17 -22.42
N LYS G 115 67.39 6.56 -23.35
CA LYS G 115 67.08 6.69 -24.80
C LYS G 115 67.76 5.55 -25.56
N SER G 116 66.97 4.71 -26.24
CA SER G 116 67.44 3.60 -27.12
C SER G 116 68.29 4.18 -28.25
N ALA G 117 69.15 3.34 -28.83
CA ALA G 117 69.92 3.66 -30.05
C ALA G 117 68.96 4.16 -31.15
N PHE G 118 67.79 3.53 -31.27
CA PHE G 118 66.74 3.91 -32.23
C PHE G 118 66.29 5.36 -31.98
N GLU G 119 65.98 5.70 -30.72
CA GLU G 119 65.52 7.06 -30.33
C GLU G 119 66.65 8.08 -30.57
N MET G 120 67.91 7.69 -30.29
CA MET G 120 69.10 8.54 -30.52
C MET G 120 69.22 8.88 -32.01
N ALA G 121 68.88 7.93 -32.90
CA ALA G 121 68.97 8.08 -34.37
C ALA G 121 67.77 8.85 -34.92
N HIS G 122 66.57 8.68 -34.34
CA HIS G 122 65.27 9.08 -34.96
C HIS G 122 64.51 10.12 -34.12
N GLY G 123 64.91 10.38 -32.87
CA GLY G 123 64.37 11.47 -32.03
C GLY G 123 63.07 11.10 -31.32
N ARG G 124 62.57 9.88 -31.51
CA ARG G 124 61.38 9.34 -30.80
C ARG G 124 61.61 7.86 -30.49
N PRO G 125 61.03 7.32 -29.40
CA PRO G 125 61.07 5.87 -29.15
C PRO G 125 60.31 5.13 -30.26
N PHE G 126 60.59 3.83 -30.40
CA PHE G 126 60.20 2.96 -31.54
C PHE G 126 58.70 3.11 -31.88
N PHE G 127 57.82 2.76 -30.95
CA PHE G 127 56.35 2.67 -31.20
C PHE G 127 55.78 4.07 -31.45
N GLU G 128 56.31 5.10 -30.79
CA GLU G 128 55.94 6.52 -31.04
C GLU G 128 56.33 6.89 -32.48
N TYR G 129 57.52 6.47 -32.93
CA TYR G 129 58.02 6.75 -34.30
C TYR G 129 57.15 6.03 -35.34
N LEU G 130 56.76 4.79 -35.06
CA LEU G 130 55.95 3.94 -35.99
C LEU G 130 54.58 4.59 -36.26
N ASP G 131 54.09 5.42 -35.34
CA ASP G 131 52.82 6.19 -35.50
C ASP G 131 52.89 7.07 -36.76
N GLY G 132 54.09 7.49 -37.17
CA GLY G 132 54.31 8.41 -38.30
C GLY G 132 54.92 7.76 -39.52
N ASN G 133 55.13 6.43 -39.51
CA ASN G 133 55.84 5.70 -40.60
C ASN G 133 55.09 4.39 -40.92
N LYS G 134 54.38 4.36 -42.05
CA LYS G 134 53.55 3.20 -42.49
C LYS G 134 54.43 1.99 -42.80
N PHE G 135 55.52 2.18 -43.53
CA PHE G 135 56.46 1.10 -43.95
C PHE G 135 56.85 0.28 -42.71
N LEU G 136 57.40 0.94 -41.68
CA LEU G 136 57.84 0.30 -40.42
C LEU G 136 56.63 -0.34 -39.72
N LYS G 137 55.57 0.46 -39.50
CA LYS G 137 54.34 0.06 -38.76
C LYS G 137 53.71 -1.17 -39.42
N SER G 138 53.45 -1.11 -40.72
CA SER G 138 52.72 -2.15 -41.50
C SER G 138 53.54 -3.45 -41.53
N ASN G 139 54.85 -3.35 -41.79
CA ASN G 139 55.76 -4.52 -41.90
C ASN G 139 55.97 -5.14 -40.52
N PHE G 140 56.11 -4.34 -39.47
CA PHE G 140 56.25 -4.81 -38.07
C PHE G 140 54.97 -5.57 -37.66
N ASP G 141 53.81 -4.95 -37.84
CA ASP G 141 52.49 -5.54 -37.48
C ASP G 141 52.28 -6.83 -38.27
N ALA G 142 52.66 -6.85 -39.56
CA ALA G 142 52.55 -8.03 -40.46
C ALA G 142 53.43 -9.17 -39.92
N LEU G 143 54.67 -8.87 -39.55
N LEU G 143 54.67 -8.87 -39.55
CA LEU G 143 55.65 -9.84 -38.99
CA LEU G 143 55.66 -9.82 -38.98
C LEU G 143 55.08 -10.45 -37.70
C LEU G 143 55.09 -10.44 -37.70
N MET G 144 54.55 -9.60 -36.80
CA MET G 144 53.96 -10.04 -35.51
C MET G 144 52.77 -10.96 -35.78
N THR G 145 51.95 -10.64 -36.80
CA THR G 145 50.74 -11.41 -37.19
C THR G 145 51.15 -12.81 -37.67
N ARG G 146 52.18 -12.90 -38.52
CA ARG G 146 52.64 -14.19 -39.09
C ARG G 146 53.20 -15.09 -37.98
N VAL G 147 54.02 -14.56 -37.08
CA VAL G 147 54.64 -15.35 -35.96
C VAL G 147 53.55 -15.75 -34.96
N SER G 148 52.53 -14.90 -34.75
CA SER G 148 51.34 -15.23 -33.93
C SER G 148 50.62 -16.45 -34.51
N ASN G 149 50.39 -16.44 -35.83
CA ASN G 149 49.65 -17.51 -36.57
C ASN G 149 50.36 -18.86 -36.37
N LEU G 150 51.69 -18.87 -36.27
CA LEU G 150 52.51 -20.11 -36.21
C LEU G 150 52.40 -20.80 -34.84
N ILE G 151 52.10 -20.05 -33.77
CA ILE G 151 52.11 -20.59 -32.37
C ILE G 151 50.69 -20.97 -31.92
N VAL G 152 49.64 -20.54 -32.64
CA VAL G 152 48.22 -20.68 -32.21
C VAL G 152 47.92 -22.14 -31.88
N GLU G 153 48.22 -23.07 -32.81
CA GLU G 153 47.89 -24.51 -32.70
C GLU G 153 48.47 -25.08 -31.41
N LYS G 154 49.74 -24.79 -31.11
CA LYS G 154 50.47 -25.32 -29.93
C LYS G 154 49.92 -24.70 -28.65
N LEU G 155 49.55 -23.41 -28.68
CA LEU G 155 49.01 -22.68 -27.50
C LEU G 155 47.65 -23.28 -27.10
N LEU G 156 46.78 -23.57 -28.09
CA LEU G 156 45.45 -24.21 -27.90
C LEU G 156 45.63 -25.61 -27.29
N GLY G 157 46.76 -26.28 -27.56
CA GLY G 157 47.05 -27.66 -27.15
C GLY G 157 47.50 -27.77 -25.71
N ILE G 158 48.12 -26.72 -25.14
CA ILE G 158 48.79 -26.77 -23.80
C ILE G 158 47.91 -26.09 -22.73
N TYR G 159 46.88 -25.33 -23.12
CA TYR G 159 46.00 -24.58 -22.18
C TYR G 159 44.53 -24.72 -22.60
N ASP G 160 43.66 -24.93 -21.60
CA ASP G 160 42.19 -25.08 -21.76
C ASP G 160 41.56 -23.67 -21.78
N PHE G 161 41.35 -23.11 -22.96
CA PHE G 161 40.75 -21.76 -23.18
C PHE G 161 39.23 -21.81 -23.00
N ASN G 162 38.63 -23.01 -23.13
N ASN G 162 38.62 -22.99 -23.11
CA ASN G 162 37.16 -23.26 -23.03
CA ASN G 162 37.14 -23.18 -23.04
C ASN G 162 36.65 -22.92 -21.62
C ASN G 162 36.64 -22.94 -21.61
N GLN G 163 37.53 -22.98 -20.60
CA GLN G 163 37.15 -22.77 -19.18
C GLN G 163 36.84 -21.30 -18.91
N HIS G 164 37.28 -20.38 -19.78
CA HIS G 164 37.16 -18.90 -19.60
C HIS G 164 35.92 -18.37 -20.33
N ASN G 165 35.46 -17.19 -19.94
CA ASN G 165 34.24 -16.52 -20.47
C ASN G 165 34.62 -15.26 -21.25
N ARG G 166 35.54 -14.45 -20.70
CA ARG G 166 35.96 -13.12 -21.24
C ARG G 166 37.48 -13.09 -21.35
N ILE G 167 37.99 -12.88 -22.56
CA ILE G 167 39.44 -13.00 -22.90
C ILE G 167 39.90 -11.67 -23.51
N LEU G 168 40.94 -11.06 -22.95
CA LEU G 168 41.58 -9.82 -23.47
C LEU G 168 43.03 -10.11 -23.84
N ASP G 169 43.39 -9.91 -25.11
CA ASP G 169 44.79 -9.95 -25.61
C ASP G 169 45.35 -8.53 -25.54
N VAL G 170 46.28 -8.27 -24.61
CA VAL G 170 46.85 -6.92 -24.33
C VAL G 170 48.11 -6.74 -25.19
N GLY G 171 48.18 -5.62 -25.93
CA GLY G 171 49.19 -5.40 -26.99
C GLY G 171 49.08 -6.45 -28.08
N GLY G 172 47.85 -6.79 -28.47
CA GLY G 172 47.54 -7.91 -29.38
C GLY G 172 47.65 -7.53 -30.85
N GLY G 173 48.06 -6.29 -31.17
CA GLY G 173 48.32 -5.83 -32.55
C GLY G 173 47.09 -5.97 -33.43
N GLU G 174 47.22 -6.68 -34.56
CA GLU G 174 46.12 -6.89 -35.55
C GLU G 174 45.13 -7.93 -35.00
N GLY G 175 45.49 -8.64 -33.92
CA GLY G 175 44.60 -9.52 -33.15
C GLY G 175 44.51 -10.91 -33.73
N GLU G 176 45.51 -11.35 -34.49
CA GLU G 176 45.53 -12.67 -35.19
C GLU G 176 45.36 -13.80 -34.17
N LEU G 177 46.01 -13.70 -33.01
CA LEU G 177 45.99 -14.75 -31.95
C LEU G 177 44.54 -15.07 -31.57
N LEU G 178 43.74 -14.05 -31.22
CA LEU G 178 42.34 -14.26 -30.73
C LEU G 178 41.40 -14.53 -31.91
N VAL G 179 41.67 -13.98 -33.10
CA VAL G 179 40.91 -14.29 -34.34
C VAL G 179 40.96 -15.81 -34.56
N ARG G 180 42.15 -16.41 -34.45
CA ARG G 180 42.38 -17.86 -34.70
C ARG G 180 41.86 -18.70 -33.53
N ILE G 181 42.05 -18.24 -32.29
CA ILE G 181 41.54 -18.95 -31.07
C ILE G 181 40.00 -18.97 -31.09
N SER G 182 39.37 -17.86 -31.51
CA SER G 182 37.89 -17.67 -31.53
C SER G 182 37.24 -18.65 -32.51
N GLU G 183 37.97 -19.11 -33.53
CA GLU G 183 37.48 -20.07 -34.56
C GLU G 183 37.41 -21.49 -33.97
N LYS G 184 38.29 -21.81 -33.01
CA LYS G 184 38.39 -23.15 -32.36
C LYS G 184 37.62 -23.18 -31.03
N VAL G 185 37.63 -22.07 -30.29
CA VAL G 185 36.97 -21.95 -28.95
C VAL G 185 35.83 -20.91 -29.06
N LYS G 186 34.60 -21.38 -29.29
CA LYS G 186 33.42 -20.52 -29.60
C LYS G 186 32.61 -20.23 -28.32
N GLY G 187 31.76 -19.21 -28.38
CA GLY G 187 30.78 -18.86 -27.33
C GLY G 187 31.36 -17.94 -26.26
N LYS G 188 32.57 -17.43 -26.47
CA LYS G 188 33.28 -16.54 -25.51
C LYS G 188 33.17 -15.08 -25.98
N HIS G 189 33.54 -14.14 -25.12
CA HIS G 189 33.79 -12.72 -25.47
C HIS G 189 35.29 -12.51 -25.67
N TYR G 190 35.69 -12.06 -26.86
CA TYR G 190 37.10 -11.82 -27.27
C TYR G 190 37.32 -10.33 -27.46
N ALA G 191 38.37 -9.79 -26.84
CA ALA G 191 38.78 -8.37 -26.95
C ALA G 191 40.29 -8.29 -27.14
N VAL G 192 40.73 -7.30 -27.93
CA VAL G 192 42.17 -7.03 -28.20
C VAL G 192 42.44 -5.55 -27.88
N LEU G 193 43.41 -5.28 -27.01
CA LEU G 193 43.86 -3.90 -26.66
C LEU G 193 45.22 -3.65 -27.32
N ASP G 194 45.35 -2.50 -27.98
CA ASP G 194 46.63 -1.99 -28.54
C ASP G 194 46.48 -0.47 -28.72
N ARG G 195 47.53 0.20 -29.20
CA ARG G 195 47.51 1.64 -29.56
C ARG G 195 46.97 1.76 -30.99
N TYR G 196 45.68 2.06 -31.15
CA TYR G 196 44.97 2.17 -32.45
C TYR G 196 44.58 3.62 -32.71
N SER G 197 45.12 4.20 -33.78
CA SER G 197 44.57 5.42 -34.45
C SER G 197 43.28 5.04 -35.16
N GLU G 198 43.22 3.79 -35.66
CA GLU G 198 42.09 3.19 -36.40
C GLU G 198 41.92 1.74 -35.92
N LEU G 199 40.70 1.37 -35.48
CA LEU G 199 40.40 0.03 -34.93
C LEU G 199 40.39 -0.99 -36.06
N PRO G 200 41.08 -2.15 -35.91
CA PRO G 200 40.87 -3.29 -36.80
C PRO G 200 39.42 -3.79 -36.74
N VAL G 201 38.99 -4.53 -37.76
CA VAL G 201 37.61 -5.08 -37.87
C VAL G 201 37.71 -6.59 -38.14
N SER G 202 37.19 -7.40 -37.22
CA SER G 202 37.08 -8.88 -37.33
C SER G 202 35.82 -9.36 -36.59
N ASP G 203 35.09 -10.31 -37.18
CA ASP G 203 33.78 -10.82 -36.67
C ASP G 203 33.91 -11.15 -35.18
N ASN G 204 33.06 -10.51 -34.35
CA ASN G 204 32.95 -10.65 -32.87
C ASN G 204 34.35 -10.70 -32.23
N ILE G 205 35.21 -9.75 -32.59
CA ILE G 205 36.41 -9.34 -31.80
C ILE G 205 36.22 -7.87 -31.43
N ASP G 206 36.26 -7.55 -30.13
CA ASP G 206 36.15 -6.17 -29.61
C ASP G 206 37.56 -5.56 -29.56
N PHE G 207 37.91 -4.75 -30.55
CA PHE G 207 39.21 -4.02 -30.61
C PHE G 207 39.09 -2.74 -29.77
N ILE G 208 40.03 -2.55 -28.84
CA ILE G 208 40.03 -1.43 -27.83
C ILE G 208 41.32 -0.63 -28.00
N ASN G 209 41.21 0.67 -28.24
CA ASN G 209 42.34 1.63 -28.17
C ASN G 209 42.66 1.87 -26.70
N GLY G 210 43.88 1.53 -26.28
CA GLY G 210 44.32 1.63 -24.86
C GLY G 210 45.81 1.86 -24.74
N ASN G 211 46.29 1.94 -23.49
CA ASN G 211 47.71 2.17 -23.12
C ASN G 211 47.99 1.37 -21.85
N PHE G 212 48.70 0.24 -21.96
CA PHE G 212 48.91 -0.72 -20.84
C PHE G 212 49.90 -0.14 -19.81
N LEU G 213 50.58 0.98 -20.13
CA LEU G 213 51.43 1.74 -19.18
C LEU G 213 50.53 2.53 -18.23
N ASN G 214 49.32 2.89 -18.68
CA ASN G 214 48.35 3.73 -17.92
C ASN G 214 47.40 2.84 -17.11
N SER G 215 46.75 1.88 -17.78
N SER G 215 46.74 1.88 -17.77
CA SER G 215 45.67 1.02 -17.19
CA SER G 215 45.72 0.99 -17.16
C SER G 215 45.43 -0.21 -18.07
C SER G 215 45.42 -0.21 -18.07
N ILE G 216 44.99 -1.31 -17.45
CA ILE G 216 44.44 -2.51 -18.15
C ILE G 216 42.94 -2.56 -17.81
N PRO G 217 42.04 -2.73 -18.81
CA PRO G 217 40.61 -2.78 -18.52
C PRO G 217 40.25 -3.99 -17.63
N SER G 218 39.52 -3.73 -16.54
CA SER G 218 38.98 -4.77 -15.63
C SER G 218 37.77 -5.44 -16.28
N GLY G 219 37.41 -6.66 -15.84
CA GLY G 219 36.19 -7.36 -16.26
C GLY G 219 36.47 -8.72 -16.88
N TYR G 220 37.71 -8.99 -17.28
CA TYR G 220 38.11 -10.23 -18.00
C TYR G 220 38.69 -11.23 -17.00
N ASP G 221 38.44 -12.53 -17.24
CA ASP G 221 38.92 -13.66 -16.38
C ASP G 221 40.16 -14.30 -17.00
N LEU G 222 40.45 -14.02 -18.28
CA LEU G 222 41.73 -14.39 -18.94
C LEU G 222 42.34 -13.17 -19.63
N TYR G 223 43.58 -12.85 -19.26
CA TYR G 223 44.43 -11.83 -19.92
C TYR G 223 45.59 -12.56 -20.61
N ILE G 224 45.99 -12.07 -21.79
CA ILE G 224 47.16 -12.61 -22.56
C ILE G 224 48.11 -11.44 -22.82
N LEU G 225 49.40 -11.62 -22.49
CA LEU G 225 50.50 -10.68 -22.81
C LEU G 225 51.61 -11.46 -23.53
N LYS G 226 51.62 -11.40 -24.86
CA LYS G 226 52.50 -12.23 -25.74
C LYS G 226 53.45 -11.31 -26.50
N ASN G 227 54.76 -11.52 -26.32
CA ASN G 227 55.85 -10.83 -27.07
C ASN G 227 55.73 -9.30 -26.89
N VAL G 228 55.37 -8.85 -25.68
CA VAL G 228 55.27 -7.41 -25.32
C VAL G 228 56.47 -7.00 -24.46
N LEU G 229 56.70 -7.76 -23.39
CA LEU G 229 57.65 -7.42 -22.30
C LEU G 229 59.08 -7.24 -22.82
N HIS G 230 59.44 -7.89 -23.93
CA HIS G 230 60.81 -7.72 -24.49
C HIS G 230 61.06 -6.33 -25.08
N ASN G 231 60.00 -5.56 -25.35
CA ASN G 231 60.12 -4.18 -25.87
C ASN G 231 60.29 -3.19 -24.71
N TRP G 232 60.32 -3.64 -23.45
CA TRP G 232 60.32 -2.74 -22.26
C TRP G 232 61.40 -3.04 -21.21
N SER G 233 61.84 -1.98 -20.54
CA SER G 233 62.77 -2.04 -19.38
C SER G 233 62.12 -2.86 -18.26
N ASP G 234 62.92 -3.24 -17.25
CA ASP G 234 62.45 -3.99 -16.05
C ASP G 234 61.40 -3.16 -15.31
N SER G 235 61.63 -1.84 -15.20
CA SER G 235 60.74 -0.89 -14.46
C SER G 235 59.40 -0.75 -15.19
N ASP G 236 59.43 -0.58 -16.52
CA ASP G 236 58.21 -0.45 -17.36
C ASP G 236 57.46 -1.79 -17.40
N SER G 237 58.19 -2.91 -17.34
CA SER G 237 57.62 -4.28 -17.27
C SER G 237 56.84 -4.46 -15.97
N ILE G 238 57.41 -4.07 -14.83
CA ILE G 238 56.77 -4.15 -13.49
C ILE G 238 55.51 -3.28 -13.50
N LEU G 239 55.57 -2.08 -14.09
CA LEU G 239 54.43 -1.14 -14.21
C LEU G 239 53.28 -1.82 -14.95
N ILE G 240 53.57 -2.46 -16.10
CA ILE G 240 52.58 -3.19 -16.94
C ILE G 240 51.93 -4.30 -16.10
N LEU G 241 52.73 -5.09 -15.38
CA LEU G 241 52.25 -6.24 -14.57
C LEU G 241 51.49 -5.73 -13.34
N GLU G 242 51.87 -4.58 -12.79
CA GLU G 242 51.14 -3.91 -11.67
C GLU G 242 49.74 -3.51 -12.14
N ASN G 243 49.64 -2.99 -13.37
CA ASN G 243 48.35 -2.57 -13.99
C ASN G 243 47.46 -3.81 -14.22
N PHE G 244 48.06 -4.96 -14.53
CA PHE G 244 47.35 -6.27 -14.65
C PHE G 244 46.77 -6.64 -13.27
N ARG G 245 47.60 -6.59 -12.22
CA ARG G 245 47.20 -6.94 -10.83
C ARG G 245 45.95 -6.14 -10.44
N LYS G 246 45.93 -4.84 -10.77
CA LYS G 246 44.85 -3.89 -10.40
C LYS G 246 43.57 -4.21 -11.19
N ALA G 247 43.70 -4.74 -12.41
CA ALA G 247 42.58 -5.07 -13.32
C ALA G 247 41.99 -6.45 -12.99
N MET G 248 42.79 -7.33 -12.36
CA MET G 248 42.43 -8.75 -12.08
C MET G 248 41.77 -8.86 -10.71
N ASP G 249 40.79 -9.76 -10.58
CA ASP G 249 40.23 -10.24 -9.28
C ASP G 249 40.84 -11.63 -9.01
N LYS G 250 40.37 -12.34 -7.97
CA LYS G 250 40.93 -13.64 -7.53
C LYS G 250 40.73 -14.72 -8.61
N ASN G 251 39.64 -14.62 -9.39
CA ASN G 251 39.24 -15.64 -10.41
C ASN G 251 40.04 -15.45 -11.70
N SER G 252 40.66 -14.28 -11.92
CA SER G 252 41.36 -13.90 -13.17
C SER G 252 42.68 -14.67 -13.31
N SER G 253 43.08 -14.93 -14.55
CA SER G 253 44.40 -15.51 -14.93
C SER G 253 45.07 -14.61 -15.97
N LEU G 254 46.40 -14.54 -15.96
CA LEU G 254 47.22 -13.81 -16.95
C LEU G 254 48.22 -14.80 -17.59
N LEU G 255 48.17 -14.94 -18.92
CA LEU G 255 49.12 -15.79 -19.68
C LEU G 255 50.25 -14.89 -20.21
N LEU G 256 51.43 -15.02 -19.61
CA LEU G 256 52.68 -14.35 -20.06
C LEU G 256 53.38 -15.30 -21.05
N ILE G 257 53.46 -14.91 -22.32
CA ILE G 257 54.02 -15.73 -23.43
C ILE G 257 55.16 -14.94 -24.10
N ASN G 258 56.39 -15.43 -23.99
CA ASN G 258 57.61 -14.70 -24.43
C ASN G 258 58.63 -15.69 -24.99
N MET G 259 59.50 -15.23 -25.89
CA MET G 259 60.69 -16.00 -26.34
C MET G 259 61.58 -16.24 -25.12
N VAL G 260 62.24 -17.40 -25.09
CA VAL G 260 63.16 -17.82 -23.98
C VAL G 260 64.55 -17.26 -24.28
N LYS G 261 65.13 -16.55 -23.32
CA LYS G 261 66.60 -16.31 -23.24
C LYS G 261 67.15 -17.11 -22.06
N GLU G 262 67.84 -18.21 -22.36
CA GLU G 262 68.67 -18.99 -21.40
C GLU G 262 70.06 -19.09 -22.02
N PRO G 263 71.12 -19.40 -21.23
CA PRO G 263 72.49 -19.36 -21.74
C PRO G 263 72.80 -20.17 -23.01
N GLU G 264 72.02 -21.22 -23.30
CA GLU G 264 72.29 -22.15 -24.44
C GLU G 264 71.50 -21.71 -25.69
N PHE G 265 71.00 -20.48 -25.71
CA PHE G 265 70.24 -19.88 -26.85
C PHE G 265 70.96 -18.62 -27.32
N SER G 266 70.81 -18.29 -28.61
CA SER G 266 71.42 -17.11 -29.28
C SER G 266 71.00 -15.83 -28.55
N ARG G 267 71.89 -14.85 -28.51
CA ARG G 267 71.66 -13.50 -27.92
C ARG G 267 71.22 -12.51 -29.01
N SER G 268 71.12 -12.96 -30.26
CA SER G 268 70.85 -12.12 -31.46
C SER G 268 69.63 -11.22 -31.22
N PHE G 269 68.49 -11.81 -30.81
CA PHE G 269 67.23 -11.07 -30.56
C PHE G 269 67.39 -10.15 -29.34
N ASP G 270 68.10 -10.61 -28.31
CA ASP G 270 68.34 -9.84 -27.07
C ASP G 270 69.03 -8.51 -27.42
N ILE G 271 70.02 -8.54 -28.33
CA ILE G 271 70.79 -7.33 -28.74
C ILE G 271 69.88 -6.42 -29.57
N LEU G 272 69.07 -6.98 -30.47
CA LEU G 272 68.12 -6.17 -31.29
C LEU G 272 67.16 -5.43 -30.35
N MET G 273 66.65 -6.10 -29.31
CA MET G 273 65.70 -5.49 -28.34
C MET G 273 66.38 -4.34 -27.59
N ASP G 274 67.68 -4.47 -27.29
CA ASP G 274 68.48 -3.39 -26.64
C ASP G 274 68.49 -2.15 -27.56
N VAL G 275 68.83 -2.35 -28.84
CA VAL G 275 69.00 -1.27 -29.84
C VAL G 275 67.67 -0.57 -30.12
N LEU G 276 66.59 -1.34 -30.32
CA LEU G 276 65.27 -0.81 -30.75
C LEU G 276 64.51 -0.19 -29.56
N PHE G 277 64.63 -0.76 -28.36
CA PHE G 277 63.69 -0.51 -27.23
C PHE G 277 64.38 -0.20 -25.90
N LEU G 278 65.69 -0.40 -25.78
CA LEU G 278 66.36 -0.64 -24.46
C LEU G 278 65.59 -1.77 -23.76
N GLY G 279 65.15 -2.76 -24.53
CA GLY G 279 64.48 -3.97 -24.02
C GLY G 279 65.48 -5.09 -23.85
N LYS G 280 64.98 -6.30 -23.61
CA LYS G 280 65.82 -7.51 -23.42
C LYS G 280 64.92 -8.74 -23.51
N GLU G 281 65.48 -9.87 -23.97
CA GLU G 281 64.85 -11.21 -23.82
C GLU G 281 65.19 -11.70 -22.42
N ARG G 282 64.23 -12.35 -21.75
CA ARG G 282 64.33 -12.72 -20.31
C ARG G 282 64.15 -14.23 -20.15
N SER G 283 64.76 -14.78 -19.10
CA SER G 283 64.60 -16.19 -18.64
C SER G 283 63.25 -16.35 -17.94
N PHE G 284 62.83 -17.60 -17.73
CA PHE G 284 61.62 -17.97 -16.94
C PHE G 284 61.64 -17.24 -15.59
N THR G 285 62.76 -17.34 -14.87
CA THR G 285 62.89 -16.83 -13.46
C THR G 285 62.97 -15.30 -13.46
N GLU G 286 63.47 -14.69 -14.53
CA GLU G 286 63.53 -13.20 -14.67
C GLU G 286 62.09 -12.66 -14.81
N PHE G 287 61.24 -13.33 -15.59
CA PHE G 287 59.79 -12.99 -15.74
C PHE G 287 59.07 -13.20 -14.41
N GLU G 288 59.32 -14.34 -13.75
CA GLU G 288 58.73 -14.69 -12.43
C GLU G 288 59.09 -13.61 -11.41
N TYR G 289 60.34 -13.13 -11.42
CA TYR G 289 60.83 -12.06 -10.51
C TYR G 289 59.99 -10.80 -10.70
N LEU G 290 59.85 -10.33 -11.95
CA LEU G 290 59.08 -9.10 -12.31
C LEU G 290 57.63 -9.25 -11.85
N ALA G 291 57.03 -10.42 -12.10
CA ALA G 291 55.63 -10.76 -11.72
C ALA G 291 55.46 -10.66 -10.20
N ASN G 292 56.40 -11.21 -9.44
CA ASN G 292 56.39 -11.26 -7.95
C ASN G 292 56.53 -9.83 -7.38
N GLN G 293 57.36 -8.99 -8.00
CA GLN G 293 57.53 -7.56 -7.62
C GLN G 293 56.23 -6.80 -7.84
N ALA G 294 55.47 -7.18 -8.88
CA ALA G 294 54.19 -6.54 -9.29
C ALA G 294 53.01 -7.09 -8.46
N GLY G 295 53.24 -8.13 -7.66
CA GLY G 295 52.23 -8.73 -6.75
C GLY G 295 51.47 -9.87 -7.40
N LEU G 296 52.06 -10.52 -8.41
CA LEU G 296 51.48 -11.71 -9.11
C LEU G 296 52.35 -12.94 -8.80
N VAL G 297 51.74 -14.12 -8.70
CA VAL G 297 52.43 -15.41 -8.39
C VAL G 297 52.26 -16.36 -9.57
N VAL G 298 53.27 -17.18 -9.83
CA VAL G 298 53.30 -18.20 -10.93
C VAL G 298 52.50 -19.42 -10.47
N GLN G 299 51.48 -19.81 -11.25
CA GLN G 299 50.63 -21.00 -11.02
C GLN G 299 51.14 -22.19 -11.85
N GLU G 300 51.72 -21.91 -13.03
CA GLU G 300 52.10 -22.94 -14.04
C GLU G 300 53.14 -22.36 -15.00
N THR G 301 54.12 -23.17 -15.40
CA THR G 301 55.13 -22.84 -16.43
C THR G 301 55.21 -23.99 -17.46
N LYS G 302 55.25 -23.65 -18.75
CA LYS G 302 55.41 -24.60 -19.88
C LYS G 302 56.40 -24.01 -20.90
N VAL G 303 57.03 -24.87 -21.70
CA VAL G 303 57.88 -24.48 -22.86
C VAL G 303 57.12 -24.84 -24.15
N ILE G 304 56.90 -23.86 -25.03
CA ILE G 304 56.33 -24.05 -26.39
C ILE G 304 57.48 -23.98 -27.39
N ASP G 305 57.64 -25.02 -28.22
N ASP G 305 57.65 -25.02 -28.21
CA ASP G 305 58.68 -25.10 -29.28
CA ASP G 305 58.69 -25.10 -29.27
C ASP G 305 58.20 -24.34 -30.51
C ASP G 305 58.20 -24.33 -30.50
N GLN G 306 59.05 -23.45 -31.04
CA GLN G 306 58.85 -22.79 -32.36
C GLN G 306 60.19 -22.89 -33.11
N SER G 307 60.15 -22.91 -34.44
CA SER G 307 61.31 -23.18 -35.33
C SER G 307 62.49 -22.26 -34.98
N TYR G 308 62.21 -21.00 -34.66
CA TYR G 308 63.21 -19.90 -34.52
C TYR G 308 63.64 -19.73 -33.05
N SER G 309 62.79 -20.13 -32.10
CA SER G 309 63.04 -19.96 -30.64
C SER G 309 62.04 -20.79 -29.83
N PRO G 310 62.43 -21.30 -28.64
CA PRO G 310 61.45 -21.76 -27.66
C PRO G 310 60.73 -20.55 -27.05
N TYR G 311 59.50 -20.78 -26.58
CA TYR G 311 58.67 -19.77 -25.87
C TYR G 311 58.44 -20.23 -24.44
N SER G 312 58.51 -19.29 -23.49
CA SER G 312 58.05 -19.47 -22.09
C SER G 312 56.55 -19.20 -22.03
N PHE G 313 55.78 -20.14 -21.47
CA PHE G 313 54.35 -19.99 -21.14
C PHE G 313 54.23 -19.93 -19.62
N ILE G 314 53.82 -18.79 -19.07
CA ILE G 314 53.75 -18.54 -17.59
C ILE G 314 52.34 -18.05 -17.25
N LYS G 315 51.60 -18.84 -16.47
CA LYS G 315 50.23 -18.52 -15.97
C LYS G 315 50.35 -17.81 -14.62
N LEU G 316 49.89 -16.56 -14.54
CA LEU G 316 49.99 -15.70 -13.33
C LEU G 316 48.59 -15.45 -12.75
N GLN G 317 48.50 -15.36 -11.42
N GLN G 317 48.50 -15.36 -11.42
CA GLN G 317 47.30 -14.94 -10.66
CA GLN G 317 47.29 -14.94 -10.65
C GLN G 317 47.75 -14.03 -9.52
C GLN G 317 47.75 -14.02 -9.52
N ILE G 318 46.83 -13.22 -8.96
CA ILE G 318 47.14 -12.24 -7.88
C ILE G 318 47.53 -13.01 -6.61
N LYS G 319 48.49 -12.48 -5.85
CA LYS G 319 49.09 -13.13 -4.66
C LYS G 319 48.03 -13.27 -3.56
N SER H 1 -61.02 4.72 52.58
CA SER H 1 -60.80 3.97 51.31
C SER H 1 -59.54 4.49 50.62
N MET H 2 -58.94 3.68 49.76
CA MET H 2 -57.81 4.09 48.87
C MET H 2 -58.23 5.35 48.10
N LEU H 3 -59.46 5.38 47.59
CA LEU H 3 -59.94 6.42 46.64
C LEU H 3 -60.05 7.79 47.33
N THR H 4 -60.68 7.86 48.51
CA THR H 4 -60.88 9.14 49.25
C THR H 4 -59.51 9.70 49.68
N GLU H 5 -58.56 8.82 50.01
CA GLU H 5 -57.16 9.21 50.35
C GLU H 5 -56.47 9.75 49.09
N LEU H 6 -56.70 9.13 47.93
CA LEU H 6 -56.12 9.57 46.63
C LEU H 6 -56.73 10.92 46.25
N ILE H 7 -58.04 11.08 46.39
CA ILE H 7 -58.75 12.38 46.11
C ILE H 7 -58.13 13.47 47.00
N ALA H 8 -57.80 13.13 48.25
CA ALA H 8 -57.31 14.07 49.29
C ALA H 8 -55.77 14.14 49.32
N SER H 9 -55.10 13.75 48.21
CA SER H 9 -53.62 13.79 48.10
C SER H 9 -53.10 15.20 48.37
N ASN H 10 -53.84 16.24 47.95
CA ASN H 10 -53.48 17.68 48.11
C ASN H 10 -53.21 18.01 49.59
N ARG H 11 -53.90 17.36 50.51
CA ARG H 11 -53.78 17.62 51.97
C ARG H 11 -52.35 17.30 52.45
N ARG H 12 -51.70 16.32 51.84
CA ARG H 12 -50.30 15.94 52.18
C ARG H 12 -49.37 17.10 51.80
N SER H 13 -49.50 17.63 50.59
CA SER H 13 -48.73 18.81 50.09
C SER H 13 -48.95 20.00 51.02
N ALA H 14 -50.21 20.26 51.39
CA ALA H 14 -50.64 21.41 52.22
C ALA H 14 -50.04 21.30 53.63
N ALA H 15 -50.06 20.10 54.22
CA ALA H 15 -49.50 19.81 55.55
C ALA H 15 -47.98 20.07 55.54
N ILE H 16 -47.28 19.60 54.50
CA ILE H 16 -45.82 19.81 54.34
C ILE H 16 -45.55 21.32 54.22
N HIS H 17 -46.37 22.03 53.44
CA HIS H 17 -46.25 23.51 53.24
C HIS H 17 -46.33 24.22 54.59
N ALA H 18 -47.32 23.88 55.41
CA ALA H 18 -47.55 24.47 56.76
C ALA H 18 -46.32 24.23 57.65
N PHE H 19 -45.74 23.03 57.57
CA PHE H 19 -44.59 22.59 58.39
C PHE H 19 -43.32 23.33 57.96
N VAL H 20 -43.09 23.47 56.64
CA VAL H 20 -41.81 23.94 56.06
C VAL H 20 -41.86 25.45 55.83
N ASP H 21 -42.95 25.98 55.24
CA ASP H 21 -43.05 27.41 54.84
C ASP H 21 -43.01 28.32 56.07
N THR H 22 -43.51 27.83 57.22
CA THR H 22 -43.52 28.56 58.51
C THR H 22 -42.13 28.56 59.16
N GLY H 23 -41.24 27.66 58.73
CA GLY H 23 -39.89 27.48 59.29
C GLY H 23 -39.88 26.58 60.51
N LEU H 24 -41.02 25.96 60.85
CA LEU H 24 -41.13 25.00 61.99
C LEU H 24 -40.19 23.81 61.77
N SER H 25 -40.02 23.38 60.51
CA SER H 25 -39.17 22.22 60.12
C SER H 25 -37.67 22.51 60.37
N THR H 26 -37.27 23.77 60.48
CA THR H 26 -35.85 24.19 60.67
C THR H 26 -35.40 23.89 62.11
N HIS H 27 -36.33 23.54 63.00
CA HIS H 27 -36.04 23.13 64.41
C HIS H 27 -35.73 21.63 64.48
N PHE H 28 -35.67 20.93 63.35
CA PHE H 28 -35.49 19.45 63.25
C PHE H 28 -34.17 19.12 62.53
N LYS H 29 -33.16 19.99 62.66
CA LYS H 29 -31.82 19.85 62.01
C LYS H 29 -31.10 18.60 62.57
N ASP H 30 -30.30 17.94 61.72
CA ASP H 30 -29.33 16.88 62.11
C ASP H 30 -30.04 15.70 62.79
N GLY H 31 -31.27 15.39 62.37
CA GLY H 31 -32.04 14.21 62.81
C GLY H 31 -32.32 14.20 64.30
N ILE H 32 -32.37 15.36 64.95
CA ILE H 32 -32.67 15.48 66.42
C ILE H 32 -34.15 15.15 66.65
N TYR H 33 -34.46 14.54 67.79
CA TYR H 33 -35.84 14.29 68.28
C TYR H 33 -36.30 15.54 69.03
N VAL H 34 -37.42 16.12 68.56
CA VAL H 34 -37.98 17.41 69.07
C VAL H 34 -39.15 17.09 70.01
N ASP H 35 -39.14 17.69 71.20
CA ASP H 35 -40.28 17.72 72.15
C ASP H 35 -41.23 18.83 71.67
N ILE H 36 -42.42 18.44 71.19
CA ILE H 36 -43.42 19.34 70.53
C ILE H 36 -43.95 20.35 71.56
N SER H 37 -44.07 19.93 72.83
CA SER H 37 -44.45 20.82 73.96
C SER H 37 -43.44 21.96 74.08
N GLU H 38 -42.15 21.64 74.10
CA GLU H 38 -41.02 22.60 74.22
C GLU H 38 -41.02 23.56 73.01
N LEU H 39 -41.14 23.03 71.79
CA LEU H 39 -41.10 23.82 70.54
C LEU H 39 -42.29 24.79 70.51
N SER H 40 -43.47 24.33 70.93
CA SER H 40 -44.73 25.11 70.98
C SER H 40 -44.58 26.31 71.94
N ARG H 41 -44.02 26.07 73.13
N ARG H 41 -43.99 26.06 73.12
CA ARG H 41 -43.72 27.12 74.15
CA ARG H 41 -43.70 27.09 74.16
C ARG H 41 -42.75 28.15 73.55
C ARG H 41 -42.72 28.13 73.61
N LYS H 42 -41.66 27.67 72.94
CA LYS H 42 -40.58 28.53 72.39
C LYS H 42 -41.08 29.33 71.18
N SER H 43 -41.67 28.66 70.20
CA SER H 43 -42.03 29.22 68.87
C SER H 43 -43.39 29.95 68.92
N GLY H 44 -44.19 29.70 69.96
CA GLY H 44 -45.52 30.30 70.14
C GLY H 44 -46.55 29.73 69.19
N VAL H 45 -46.39 28.45 68.81
CA VAL H 45 -47.37 27.69 67.97
C VAL H 45 -48.34 26.97 68.92
N ASN H 46 -49.61 26.83 68.52
CA ASN H 46 -50.66 26.12 69.30
C ASN H 46 -50.26 24.64 69.43
N TYR H 47 -50.01 24.18 70.66
CA TYR H 47 -49.48 22.83 70.98
C TYR H 47 -50.45 21.75 70.46
N ALA H 48 -51.73 21.85 70.82
CA ALA H 48 -52.78 20.85 70.49
C ALA H 48 -52.86 20.68 68.97
N ARG H 49 -52.93 21.78 68.23
CA ARG H 49 -53.14 21.78 66.76
C ARG H 49 -51.87 21.35 66.04
N PHE H 50 -50.69 21.76 66.54
CA PHE H 50 -49.38 21.39 65.95
C PHE H 50 -49.13 19.89 66.17
N SER H 51 -49.52 19.35 67.34
CA SER H 51 -49.43 17.90 67.66
C SER H 51 -50.22 17.10 66.63
N ARG H 52 -51.41 17.59 66.24
CA ARG H 52 -52.29 16.92 65.25
C ARG H 52 -51.62 16.94 63.87
N LEU H 53 -51.00 18.07 63.49
CA LEU H 53 -50.21 18.18 62.24
C LEU H 53 -49.07 17.15 62.26
N CYS H 54 -48.35 17.06 63.37
CA CYS H 54 -47.18 16.14 63.53
C CYS H 54 -47.64 14.68 63.38
N ASP H 55 -48.82 14.33 63.91
CA ASP H 55 -49.43 12.98 63.76
C ASP H 55 -49.62 12.67 62.27
N PHE H 56 -50.11 13.65 61.50
CA PHE H 56 -50.36 13.51 60.04
C PHE H 56 -49.02 13.36 59.30
N LEU H 57 -48.01 14.14 59.69
CA LEU H 57 -46.65 14.12 59.09
C LEU H 57 -45.98 12.75 59.38
N VAL H 58 -46.28 12.13 60.53
CA VAL H 58 -45.79 10.76 60.88
C VAL H 58 -46.46 9.75 59.93
N GLU H 59 -47.78 9.84 59.76
CA GLU H 59 -48.59 9.00 58.84
C GLU H 59 -47.99 9.07 57.43
N MET H 60 -47.56 10.26 57.02
CA MET H 60 -46.96 10.56 55.68
C MET H 60 -45.56 9.97 55.55
N GLY H 61 -44.84 9.79 56.66
CA GLY H 61 -43.43 9.35 56.69
C GLY H 61 -42.46 10.52 56.70
N VAL H 62 -42.95 11.75 56.87
CA VAL H 62 -42.10 12.98 56.96
C VAL H 62 -41.43 13.01 58.34
N LEU H 63 -42.19 12.71 59.39
CA LEU H 63 -41.69 12.62 60.79
C LEU H 63 -41.64 11.16 61.22
N VAL H 64 -40.70 10.83 62.12
CA VAL H 64 -40.61 9.52 62.82
C VAL H 64 -40.82 9.78 64.31
N SER H 65 -41.68 8.98 64.95
CA SER H 65 -42.10 9.12 66.37
C SER H 65 -41.39 8.09 67.24
N ASN H 66 -40.55 8.53 68.18
CA ASN H 66 -39.90 7.70 69.22
C ASN H 66 -39.71 8.52 70.49
N ASP H 67 -39.81 7.89 71.66
CA ASP H 67 -39.62 8.52 72.99
C ASP H 67 -40.56 9.73 73.14
N ASN H 68 -41.77 9.64 72.57
CA ASN H 68 -42.83 10.68 72.64
C ASN H 68 -42.32 11.99 72.01
N LYS H 69 -41.39 11.88 71.06
CA LYS H 69 -40.78 13.04 70.34
C LYS H 69 -40.84 12.75 68.83
N PHE H 70 -40.44 13.71 68.01
CA PHE H 70 -40.48 13.61 66.53
C PHE H 70 -39.16 14.09 65.93
N ARG H 71 -38.62 13.31 64.99
CA ARG H 71 -37.49 13.72 64.12
C ARG H 71 -37.96 13.64 62.66
N LEU H 72 -37.31 14.41 61.78
CA LEU H 72 -37.46 14.23 60.31
C LEU H 72 -36.92 12.84 59.94
N SER H 73 -37.64 12.12 59.08
CA SER H 73 -37.14 10.88 58.44
C SER H 73 -35.83 11.22 57.70
N ASP H 74 -34.95 10.22 57.52
CA ASP H 74 -33.62 10.40 56.88
C ASP H 74 -33.79 11.16 55.56
N GLU H 75 -34.79 10.77 54.76
CA GLU H 75 -35.04 11.30 53.39
C GLU H 75 -35.48 12.78 53.48
N CYS H 76 -36.25 13.14 54.52
CA CYS H 76 -36.88 14.48 54.68
C CYS H 76 -35.97 15.44 55.47
N HIS H 77 -34.71 15.07 55.73
CA HIS H 77 -33.71 15.93 56.43
C HIS H 77 -33.62 17.30 55.72
N VAL H 78 -33.82 17.32 54.40
CA VAL H 78 -33.74 18.54 53.53
C VAL H 78 -34.74 19.60 54.00
N PHE H 79 -35.85 19.21 54.65
CA PHE H 79 -36.89 20.15 55.14
C PHE H 79 -36.36 21.01 56.30
N ALA H 80 -35.28 20.59 56.96
CA ALA H 80 -34.61 21.34 58.05
C ALA H 80 -33.80 22.50 57.47
N ASN H 81 -33.46 22.44 56.17
CA ASN H 81 -32.60 23.41 55.46
C ASN H 81 -33.47 24.28 54.56
N PRO H 82 -33.67 25.59 54.88
CA PRO H 82 -34.47 26.47 54.04
C PRO H 82 -33.80 26.84 52.70
N GLU H 83 -32.53 26.47 52.52
CA GLU H 83 -31.75 26.70 51.27
C GLU H 83 -31.85 25.48 50.35
N SER H 84 -32.46 24.38 50.82
CA SER H 84 -32.66 23.14 50.01
C SER H 84 -33.62 23.44 48.86
N PHE H 85 -33.44 22.78 47.71
CA PHE H 85 -34.31 22.95 46.53
C PHE H 85 -35.74 22.53 46.91
N GLU H 86 -35.87 21.51 47.77
CA GLU H 86 -37.17 20.95 48.24
C GLU H 86 -37.97 22.04 48.97
N SER H 87 -37.30 22.91 49.73
CA SER H 87 -37.94 24.05 50.46
C SER H 87 -38.60 25.00 49.46
N PHE H 88 -37.90 25.35 48.37
CA PHE H 88 -38.41 26.26 47.32
C PHE H 88 -39.51 25.56 46.51
N MET H 89 -39.38 24.25 46.29
CA MET H 89 -40.36 23.44 45.54
C MET H 89 -41.73 23.54 46.22
N ILE H 90 -41.80 23.30 47.52
CA ILE H 90 -43.10 23.29 48.27
C ILE H 90 -43.65 24.71 48.36
N LYS H 91 -42.78 25.74 48.39
CA LYS H 91 -43.20 27.17 48.33
C LYS H 91 -44.03 27.42 47.06
N LEU H 92 -43.62 26.85 45.92
CA LEU H 92 -44.26 27.07 44.60
C LEU H 92 -45.41 26.07 44.39
N GLU H 93 -45.22 24.82 44.82
CA GLU H 93 -46.08 23.66 44.44
C GLU H 93 -47.57 24.00 44.63
N ILE H 94 -47.95 24.59 45.77
CA ILE H 94 -49.38 24.86 46.10
C ILE H 94 -49.63 26.37 46.28
N CYS H 95 -48.75 27.25 45.77
CA CYS H 95 -49.00 28.72 45.76
C CYS H 95 -50.25 28.99 44.91
N SER H 96 -50.92 30.13 45.14
CA SER H 96 -52.23 30.47 44.52
C SER H 96 -52.13 30.44 42.99
N HIS H 97 -51.00 30.89 42.43
CA HIS H 97 -50.77 30.97 40.95
C HIS H 97 -50.75 29.56 40.36
N TYR H 98 -50.06 28.62 40.99
CA TYR H 98 -49.99 27.20 40.55
C TYR H 98 -51.37 26.56 40.69
N SER H 99 -52.02 26.76 41.83
CA SER H 99 -53.37 26.23 42.15
C SER H 99 -54.37 26.66 41.07
N ASN H 100 -54.35 27.95 40.69
CA ASN H 100 -55.29 28.54 39.70
C ASN H 100 -54.96 28.03 38.29
N ALA H 101 -53.68 27.73 38.01
CA ALA H 101 -53.25 27.07 36.76
C ALA H 101 -53.86 25.67 36.68
N TRP H 102 -53.77 24.88 37.76
CA TRP H 102 -54.32 23.50 37.83
C TRP H 102 -55.84 23.51 37.63
N LEU H 103 -56.54 24.53 38.14
CA LEU H 103 -58.03 24.64 38.02
C LEU H 103 -58.42 24.88 36.57
N MET H 104 -57.49 25.36 35.73
CA MET H 104 -57.70 25.61 34.27
C MET H 104 -57.21 24.42 33.44
N TYR H 105 -56.56 23.42 34.05
CA TYR H 105 -55.91 22.28 33.34
C TYR H 105 -56.95 21.52 32.53
N GLY H 106 -58.04 21.08 33.17
CA GLY H 106 -59.17 20.39 32.53
C GLY H 106 -59.67 21.17 31.30
N LYS H 107 -59.95 22.46 31.49
CA LYS H 107 -60.50 23.37 30.44
C LYS H 107 -59.46 23.53 29.31
N SER H 108 -58.16 23.54 29.62
CA SER H 108 -57.05 23.78 28.65
C SER H 108 -56.96 22.62 27.64
N LEU H 109 -57.42 21.42 28.01
CA LEU H 109 -57.37 20.22 27.14
C LEU H 109 -58.34 20.37 25.96
N PHE H 110 -59.34 21.26 26.07
CA PHE H 110 -60.40 21.50 25.06
C PHE H 110 -60.06 22.68 24.14
N GLU H 111 -58.89 23.32 24.33
CA GLU H 111 -58.45 24.52 23.55
C GLU H 111 -57.29 24.13 22.63
N ASP H 112 -57.16 24.85 21.51
CA ASP H 112 -56.11 24.63 20.46
C ASP H 112 -55.45 25.97 20.11
N ASP H 113 -55.46 26.94 21.04
CA ASP H 113 -54.94 28.33 20.84
C ASP H 113 -53.45 28.40 21.22
N GLY H 114 -52.89 27.32 21.78
CA GLY H 114 -51.49 27.27 22.26
C GLY H 114 -51.32 28.05 23.54
N LYS H 115 -52.39 28.23 24.33
CA LYS H 115 -52.37 28.87 25.66
C LYS H 115 -52.34 27.79 26.73
N SER H 116 -51.30 27.80 27.58
CA SER H 116 -51.16 26.89 28.74
C SER H 116 -52.29 27.18 29.74
N ALA H 117 -52.59 26.22 30.61
CA ALA H 117 -53.54 26.37 31.74
C ALA H 117 -53.13 27.59 32.58
N PHE H 118 -51.82 27.80 32.76
CA PHE H 118 -51.25 28.96 33.50
C PHE H 118 -51.68 30.26 32.82
N GLU H 119 -51.45 30.37 31.50
CA GLU H 119 -51.79 31.59 30.71
C GLU H 119 -53.31 31.83 30.75
N MET H 120 -54.11 30.77 30.68
CA MET H 120 -55.60 30.85 30.75
C MET H 120 -56.02 31.42 32.10
N ALA H 121 -55.28 31.10 33.17
CA ALA H 121 -55.55 31.55 34.55
C ALA H 121 -55.10 33.00 34.77
N HIS H 122 -53.94 33.39 34.20
CA HIS H 122 -53.21 34.63 34.60
C HIS H 122 -53.10 35.65 33.46
N GLY H 123 -53.39 35.27 32.22
CA GLY H 123 -53.52 36.19 31.07
C GLY H 123 -52.22 36.37 30.30
N ARG H 124 -51.10 35.84 30.81
CA ARG H 124 -49.78 35.83 30.13
C ARG H 124 -49.13 34.46 30.28
N PRO H 125 -48.24 34.06 29.35
CA PRO H 125 -47.43 32.84 29.54
C PRO H 125 -46.48 32.99 30.74
N PHE H 126 -46.04 31.84 31.29
CA PHE H 126 -45.36 31.70 32.60
C PHE H 126 -44.26 32.76 32.77
N PHE H 127 -43.24 32.75 31.90
CA PHE H 127 -42.01 33.57 32.08
C PHE H 127 -42.33 35.06 31.90
N GLU H 128 -43.28 35.39 31.01
CA GLU H 128 -43.74 36.79 30.79
C GLU H 128 -44.47 37.27 32.05
N TYR H 129 -45.24 36.40 32.71
CA TYR H 129 -45.98 36.72 33.96
C TYR H 129 -44.98 36.93 35.11
N LEU H 130 -43.92 36.13 35.17
CA LEU H 130 -42.89 36.18 36.25
C LEU H 130 -42.21 37.56 36.26
N ASP H 131 -42.13 38.24 35.12
CA ASP H 131 -41.54 39.61 34.98
C ASP H 131 -42.26 40.58 35.93
N GLY H 132 -43.55 40.40 36.16
CA GLY H 132 -44.40 41.30 36.97
C GLY H 132 -44.78 40.73 38.32
N ASN H 133 -44.16 39.62 38.74
CA ASN H 133 -44.45 38.94 40.03
C ASN H 133 -43.15 38.52 40.71
N LYS H 134 -42.75 39.26 41.75
CA LYS H 134 -41.48 39.05 42.51
C LYS H 134 -41.50 37.69 43.22
N PHE H 135 -42.63 37.31 43.83
CA PHE H 135 -42.78 36.05 44.60
C PHE H 135 -42.42 34.86 43.70
N LEU H 136 -43.07 34.75 42.54
CA LEU H 136 -42.89 33.63 41.58
C LEU H 136 -41.45 33.66 41.03
N LYS H 137 -41.00 34.83 40.53
CA LYS H 137 -39.69 34.97 39.85
C LYS H 137 -38.55 34.62 40.82
N SER H 138 -38.57 35.19 42.04
CA SER H 138 -37.51 35.01 43.06
C SER H 138 -37.43 33.54 43.49
N ASN H 139 -38.58 32.90 43.73
CA ASN H 139 -38.67 31.50 44.22
C ASN H 139 -38.36 30.52 43.09
N PHE H 140 -38.84 30.77 41.87
CA PHE H 140 -38.56 29.91 40.69
C PHE H 140 -37.05 29.94 40.40
N ASP H 141 -36.47 31.14 40.32
CA ASP H 141 -35.02 31.35 40.04
C ASP H 141 -34.20 30.70 41.15
N ALA H 142 -34.64 30.80 42.41
CA ALA H 142 -33.98 30.19 43.59
C ALA H 142 -33.97 28.66 43.44
N LEU H 143 -35.11 28.06 43.06
CA LEU H 143 -35.26 26.59 42.86
C LEU H 143 -34.26 26.14 41.78
N MET H 144 -34.22 26.85 40.64
CA MET H 144 -33.35 26.51 39.48
C MET H 144 -31.88 26.61 39.91
N THR H 145 -31.53 27.62 40.71
CA THR H 145 -30.16 27.83 41.27
C THR H 145 -29.78 26.63 42.14
N ARG H 146 -30.69 26.16 43.01
CA ARG H 146 -30.43 25.05 43.96
C ARG H 146 -30.19 23.74 43.19
N VAL H 147 -31.03 23.43 42.20
CA VAL H 147 -30.90 22.19 41.37
C VAL H 147 -29.65 22.30 40.48
N SER H 148 -29.28 23.51 40.05
CA SER H 148 -28.03 23.79 39.29
C SER H 148 -26.81 23.46 40.16
N ASN H 149 -26.82 23.93 41.41
CA ASN H 149 -25.70 23.73 42.38
C ASN H 149 -25.47 22.24 42.62
N LEU H 150 -26.54 21.43 42.61
CA LEU H 150 -26.50 19.98 42.92
C LEU H 150 -25.76 19.20 41.82
N ILE H 151 -25.94 19.57 40.55
CA ILE H 151 -25.49 18.75 39.38
C ILE H 151 -24.07 19.17 38.94
N VAL H 152 -23.59 20.34 39.35
CA VAL H 152 -22.38 20.98 38.76
C VAL H 152 -21.15 20.08 38.95
N GLU H 153 -21.00 19.43 40.10
CA GLU H 153 -19.82 18.58 40.43
C GLU H 153 -19.76 17.39 39.46
N LYS H 154 -20.87 16.67 39.30
CA LYS H 154 -20.99 15.50 38.38
C LYS H 154 -20.76 15.96 36.93
N LEU H 155 -21.29 17.13 36.56
CA LEU H 155 -21.19 17.70 35.19
C LEU H 155 -19.71 17.96 34.85
N LEU H 156 -18.96 18.59 35.76
CA LEU H 156 -17.51 18.89 35.58
C LEU H 156 -16.71 17.59 35.44
N GLY H 157 -17.20 16.49 36.03
CA GLY H 157 -16.52 15.18 36.04
C GLY H 157 -16.66 14.43 34.73
N ILE H 158 -17.74 14.63 33.98
CA ILE H 158 -18.09 13.83 32.77
C ILE H 158 -17.67 14.55 31.48
N TYR H 159 -17.36 15.84 31.53
CA TYR H 159 -16.98 16.65 30.34
C TYR H 159 -15.78 17.56 30.66
N ASP H 160 -14.87 17.66 29.70
CA ASP H 160 -13.65 18.52 29.78
C ASP H 160 -14.03 19.95 29.36
N PHE H 161 -14.43 20.78 30.33
CA PHE H 161 -14.80 22.20 30.13
C PHE H 161 -13.54 23.05 29.91
N ASN H 162 -12.37 22.54 30.30
CA ASN H 162 -11.06 23.25 30.24
C ASN H 162 -10.59 23.41 28.79
N GLN H 163 -11.12 22.60 27.85
CA GLN H 163 -10.73 22.64 26.41
C GLN H 163 -11.31 23.89 25.74
N HIS H 164 -12.32 24.52 26.36
CA HIS H 164 -13.08 25.66 25.78
C HIS H 164 -12.50 26.99 26.26
N ASN H 165 -12.79 28.07 25.52
CA ASN H 165 -12.24 29.44 25.75
C ASN H 165 -13.38 30.41 26.09
N ARG H 166 -14.44 30.41 25.28
CA ARG H 166 -15.61 31.32 25.42
C ARG H 166 -16.88 30.48 25.59
N ILE H 167 -17.52 30.59 26.77
CA ILE H 167 -18.67 29.75 27.19
C ILE H 167 -19.89 30.66 27.39
N LEU H 168 -21.01 30.34 26.74
CA LEU H 168 -22.33 31.01 26.94
C LEU H 168 -23.32 30.00 27.50
N ASP H 169 -23.89 30.28 28.67
CA ASP H 169 -25.03 29.51 29.25
C ASP H 169 -26.32 30.22 28.85
N VAL H 170 -27.09 29.60 27.95
CA VAL H 170 -28.33 30.18 27.36
C VAL H 170 -29.52 29.77 28.23
N GLY H 171 -30.32 30.75 28.69
CA GLY H 171 -31.37 30.56 29.69
C GLY H 171 -30.79 30.11 31.01
N GLY H 172 -29.63 30.66 31.39
CA GLY H 172 -28.84 30.24 32.56
C GLY H 172 -29.33 30.85 33.87
N GLY H 173 -30.41 31.65 33.84
CA GLY H 173 -31.08 32.20 35.04
C GLY H 173 -30.17 33.12 35.83
N GLU H 174 -30.02 32.87 37.13
CA GLU H 174 -29.16 33.67 38.04
C GLU H 174 -27.68 33.39 37.74
N GLY H 175 -27.39 32.36 36.95
CA GLY H 175 -26.05 32.06 36.42
C GLY H 175 -25.26 31.11 37.31
N GLU H 176 -25.94 30.41 38.23
CA GLU H 176 -25.32 29.52 39.25
C GLU H 176 -24.39 28.52 38.56
N LEU H 177 -24.86 27.86 37.50
CA LEU H 177 -24.10 26.80 36.79
C LEU H 177 -22.72 27.33 36.38
N LEU H 178 -22.67 28.50 35.71
CA LEU H 178 -21.41 29.06 35.17
C LEU H 178 -20.57 29.68 36.30
N VAL H 179 -21.21 30.31 37.29
CA VAL H 179 -20.51 30.86 38.49
C VAL H 179 -19.73 29.71 39.16
N ARG H 180 -20.39 28.56 39.35
CA ARG H 180 -19.78 27.37 40.00
C ARG H 180 -18.72 26.74 39.07
N ILE H 181 -18.99 26.66 37.77
CA ILE H 181 -18.01 26.10 36.78
C ILE H 181 -16.76 27.01 36.76
N SER H 182 -16.95 28.33 36.79
CA SER H 182 -15.86 29.35 36.71
C SER H 182 -14.94 29.27 37.93
N GLU H 183 -15.45 28.79 39.07
CA GLU H 183 -14.68 28.62 40.34
C GLU H 183 -13.63 27.50 40.17
N LYS H 184 -13.93 26.48 39.36
CA LYS H 184 -13.05 25.28 39.15
C LYS H 184 -12.31 25.40 37.81
N VAL H 185 -12.98 25.87 36.76
CA VAL H 185 -12.42 26.03 35.39
C VAL H 185 -12.10 27.51 35.17
N LYS H 186 -10.82 27.90 35.28
CA LYS H 186 -10.39 29.32 35.34
C LYS H 186 -9.70 29.73 34.04
N GLY H 187 -9.61 31.05 33.79
CA GLY H 187 -8.89 31.65 32.65
C GLY H 187 -9.77 31.80 31.41
N LYS H 188 -11.07 31.53 31.52
CA LYS H 188 -12.03 31.51 30.38
C LYS H 188 -12.86 32.80 30.36
N HIS H 189 -13.57 33.04 29.26
CA HIS H 189 -14.62 34.07 29.12
C HIS H 189 -15.98 33.41 29.36
N TYR H 190 -16.70 33.87 30.39
CA TYR H 190 -18.00 33.31 30.85
C TYR H 190 -19.11 34.34 30.60
N ALA H 191 -20.21 33.89 30.01
CA ALA H 191 -21.41 34.72 29.73
C ALA H 191 -22.68 33.91 30.00
N VAL H 192 -23.71 34.56 30.55
CA VAL H 192 -25.05 33.96 30.80
C VAL H 192 -26.10 34.82 30.08
N LEU H 193 -26.95 34.19 29.28
CA LEU H 193 -28.07 34.84 28.56
C LEU H 193 -29.39 34.41 29.20
N ASP H 194 -30.25 35.38 29.52
CA ASP H 194 -31.62 35.13 30.04
C ASP H 194 -32.45 36.41 29.85
N ARG H 195 -33.66 36.44 30.40
CA ARG H 195 -34.55 37.62 30.41
C ARG H 195 -34.35 38.36 31.73
N TYR H 196 -33.59 39.47 31.69
CA TYR H 196 -33.23 40.32 32.85
C TYR H 196 -33.83 41.72 32.68
N SER H 197 -34.66 42.16 33.63
CA SER H 197 -35.18 43.55 33.72
C SER H 197 -34.00 44.50 34.00
N GLU H 198 -33.07 44.05 34.85
CA GLU H 198 -31.76 44.72 35.10
C GLU H 198 -30.68 43.64 35.16
N LEU H 199 -29.55 43.84 34.48
CA LEU H 199 -28.47 42.83 34.34
C LEU H 199 -27.90 42.48 35.71
N PRO H 200 -27.88 41.19 36.11
CA PRO H 200 -27.13 40.75 37.29
C PRO H 200 -25.62 41.05 37.15
N VAL H 201 -24.90 41.06 38.26
CA VAL H 201 -23.42 41.31 38.32
C VAL H 201 -22.76 40.19 39.12
N SER H 202 -21.66 39.64 38.58
CA SER H 202 -20.81 38.60 39.22
C SER H 202 -19.42 38.61 38.56
N ASP H 203 -18.36 38.56 39.36
CA ASP H 203 -16.94 38.70 38.91
C ASP H 203 -16.69 37.85 37.66
N ASN H 204 -16.20 38.49 36.58
CA ASN H 204 -15.87 37.90 35.26
C ASN H 204 -16.96 36.91 34.81
N ILE H 205 -18.24 37.26 35.01
CA ILE H 205 -19.41 36.71 34.27
C ILE H 205 -20.05 37.88 33.50
N ASP H 206 -20.21 37.74 32.19
CA ASP H 206 -20.89 38.72 31.32
C ASP H 206 -22.37 38.31 31.20
N PHE H 207 -23.27 39.02 31.89
CA PHE H 207 -24.73 38.77 31.84
C PHE H 207 -25.33 39.53 30.65
N ILE H 208 -26.12 38.83 29.83
CA ILE H 208 -26.74 39.34 28.58
C ILE H 208 -28.25 39.16 28.66
N ASN H 209 -29.02 40.24 28.50
CA ASN H 209 -30.47 40.17 28.26
C ASN H 209 -30.72 39.76 26.81
N GLY H 210 -31.38 38.62 26.59
CA GLY H 210 -31.62 38.08 25.24
C GLY H 210 -32.92 37.27 25.18
N ASN H 211 -33.31 36.89 23.97
CA ASN H 211 -34.50 36.04 23.67
C ASN H 211 -34.03 34.92 22.73
N PHE H 212 -33.92 33.68 23.24
CA PHE H 212 -33.34 32.53 22.50
C PHE H 212 -34.33 32.05 21.40
N LEU H 213 -35.59 32.52 21.43
CA LEU H 213 -36.57 32.26 20.34
C LEU H 213 -36.22 33.10 19.11
N ASN H 214 -35.53 34.23 19.30
CA ASN H 214 -35.14 35.19 18.24
C ASN H 214 -33.75 34.83 17.69
N SER H 215 -32.75 34.81 18.57
CA SER H 215 -31.31 34.80 18.21
C SER H 215 -30.46 34.27 19.37
N ILE H 216 -29.36 33.58 19.04
CA ILE H 216 -28.25 33.23 19.97
C ILE H 216 -27.01 33.97 19.47
N PRO H 217 -26.27 34.68 20.34
CA PRO H 217 -25.04 35.37 19.90
C PRO H 217 -23.97 34.38 19.43
N SER H 218 -23.30 34.72 18.32
CA SER H 218 -22.16 33.94 17.76
C SER H 218 -20.88 34.25 18.54
N GLY H 219 -19.80 33.49 18.29
CA GLY H 219 -18.45 33.79 18.76
C GLY H 219 -18.05 33.03 20.01
N TYR H 220 -18.92 32.13 20.51
CA TYR H 220 -18.62 31.22 21.64
C TYR H 220 -18.35 29.82 21.08
N ASP H 221 -17.36 29.12 21.65
CA ASP H 221 -16.98 27.75 21.22
C ASP H 221 -17.71 26.71 22.07
N LEU H 222 -18.27 27.12 23.22
CA LEU H 222 -19.17 26.25 24.04
C LEU H 222 -20.47 27.00 24.34
N TYR H 223 -21.60 26.38 23.97
CA TYR H 223 -22.97 26.80 24.35
C TYR H 223 -23.52 25.75 25.31
N ILE H 224 -24.23 26.20 26.34
CA ILE H 224 -24.93 25.32 27.33
C ILE H 224 -26.42 25.67 27.29
N LEU H 225 -27.28 24.66 27.19
CA LEU H 225 -28.76 24.80 27.30
C LEU H 225 -29.27 23.72 28.26
N LYS H 226 -29.44 24.09 29.54
CA LYS H 226 -29.81 23.16 30.64
C LYS H 226 -31.24 23.44 31.10
N ASN H 227 -32.08 22.40 31.10
CA ASN H 227 -33.47 22.40 31.64
C ASN H 227 -34.29 23.55 31.02
N VAL H 228 -34.10 23.76 29.73
CA VAL H 228 -34.88 24.77 28.98
C VAL H 228 -35.92 24.10 28.09
N LEU H 229 -35.54 23.06 27.36
CA LEU H 229 -36.42 22.47 26.32
C LEU H 229 -37.74 21.91 26.86
N HIS H 230 -37.79 21.45 28.10
CA HIS H 230 -39.06 20.88 28.64
C HIS H 230 -40.15 21.95 28.88
N ASN H 231 -39.80 23.24 28.85
CA ASN H 231 -40.74 24.37 28.98
C ASN H 231 -41.28 24.74 27.60
N TRP H 232 -40.89 24.05 26.52
CA TRP H 232 -41.31 24.44 25.15
C TRP H 232 -41.87 23.29 24.30
N SER H 233 -42.74 23.64 23.35
CA SER H 233 -43.32 22.73 22.32
C SER H 233 -42.19 22.20 21.42
N ASP H 234 -42.47 21.17 20.63
CA ASP H 234 -41.53 20.58 19.65
C ASP H 234 -41.08 21.66 18.65
N SER H 235 -42.02 22.44 18.11
CA SER H 235 -41.76 23.48 17.09
C SER H 235 -40.87 24.59 17.67
N ASP H 236 -41.13 25.04 18.90
CA ASP H 236 -40.33 26.08 19.59
C ASP H 236 -38.93 25.52 19.93
N SER H 237 -38.85 24.25 20.31
CA SER H 237 -37.56 23.55 20.61
C SER H 237 -36.68 23.53 19.35
N ILE H 238 -37.27 23.23 18.19
CA ILE H 238 -36.54 23.20 16.88
C ILE H 238 -36.06 24.62 16.56
N LEU H 239 -36.90 25.63 16.76
CA LEU H 239 -36.57 27.07 16.56
C LEU H 239 -35.36 27.45 17.41
N ILE H 240 -35.36 27.07 18.70
CA ILE H 240 -34.25 27.36 19.65
C ILE H 240 -32.96 26.72 19.12
N LEU H 241 -33.02 25.44 18.74
CA LEU H 241 -31.84 24.65 18.27
C LEU H 241 -31.37 25.18 16.91
N GLU H 242 -32.30 25.63 16.05
CA GLU H 242 -31.98 26.30 14.76
C GLU H 242 -31.18 27.58 15.03
N ASN H 243 -31.56 28.33 16.06
CA ASN H 243 -30.88 29.60 16.44
C ASN H 243 -29.46 29.29 16.93
N PHE H 244 -29.25 28.15 17.59
CA PHE H 244 -27.91 27.67 18.00
C PHE H 244 -27.08 27.35 16.75
N ARG H 245 -27.66 26.61 15.80
CA ARG H 245 -26.97 26.20 14.55
C ARG H 245 -26.50 27.44 13.78
N LYS H 246 -27.33 28.50 13.74
CA LYS H 246 -27.01 29.77 13.04
C LYS H 246 -25.84 30.50 13.73
N ALA H 247 -25.74 30.39 15.06
CA ALA H 247 -24.73 31.07 15.89
C ALA H 247 -23.40 30.29 15.88
N MET H 248 -23.46 28.97 15.69
CA MET H 248 -22.29 28.06 15.86
C MET H 248 -21.49 27.98 14.56
N ASP H 249 -20.19 27.68 14.69
CA ASP H 249 -19.29 27.33 13.56
C ASP H 249 -18.84 25.87 13.73
N LYS H 250 -17.97 25.38 12.85
CA LYS H 250 -17.56 23.94 12.80
C LYS H 250 -16.87 23.52 14.09
N ASN H 251 -16.26 24.48 14.82
CA ASN H 251 -15.45 24.20 16.04
C ASN H 251 -16.30 24.39 17.31
N SER H 252 -17.54 24.90 17.19
CA SER H 252 -18.47 25.13 18.33
C SER H 252 -19.04 23.80 18.82
N SER H 253 -19.36 23.74 20.12
CA SER H 253 -20.10 22.62 20.75
C SER H 253 -21.29 23.19 21.53
N LEU H 254 -22.43 22.50 21.48
CA LEU H 254 -23.64 22.80 22.29
C LEU H 254 -23.87 21.64 23.25
N LEU H 255 -23.87 21.90 24.56
CA LEU H 255 -24.23 20.92 25.61
C LEU H 255 -25.73 21.06 25.90
N LEU H 256 -26.53 20.12 25.41
CA LEU H 256 -27.98 20.01 25.71
C LEU H 256 -28.14 19.11 26.93
N ILE H 257 -28.44 19.72 28.09
CA ILE H 257 -28.54 19.02 29.40
C ILE H 257 -29.99 19.14 29.87
N ASN H 258 -30.67 18.01 30.09
CA ASN H 258 -32.12 17.96 30.40
C ASN H 258 -32.42 16.73 31.27
N MET H 259 -33.38 16.87 32.18
CA MET H 259 -34.08 15.71 32.78
C MET H 259 -34.65 14.88 31.62
N VAL H 260 -34.45 13.56 31.66
CA VAL H 260 -34.85 12.63 30.57
C VAL H 260 -36.02 11.76 31.06
N LYS H 261 -36.97 11.48 30.17
CA LYS H 261 -38.13 10.58 30.44
C LYS H 261 -37.62 9.14 30.54
N GLU H 262 -37.87 8.47 31.67
CA GLU H 262 -37.64 7.02 31.87
C GLU H 262 -38.92 6.40 32.40
N PRO H 263 -39.33 5.21 31.89
CA PRO H 263 -40.59 4.58 32.29
C PRO H 263 -40.81 4.42 33.80
N GLU H 264 -39.73 4.29 34.59
CA GLU H 264 -39.76 3.88 36.02
C GLU H 264 -40.31 5.01 36.89
N PHE H 265 -40.05 6.27 36.52
CA PHE H 265 -40.37 7.49 37.32
C PHE H 265 -41.81 7.96 37.03
N SER H 266 -42.35 8.77 37.93
CA SER H 266 -43.74 9.31 37.89
C SER H 266 -43.90 10.28 36.72
N ARG H 267 -45.10 10.32 36.13
CA ARG H 267 -45.49 11.20 35.01
C ARG H 267 -46.01 12.54 35.53
N SER H 268 -46.04 12.75 36.85
CA SER H 268 -46.64 13.96 37.49
C SER H 268 -45.93 15.22 36.98
N PHE H 269 -44.60 15.19 36.84
CA PHE H 269 -43.79 16.34 36.38
C PHE H 269 -44.10 16.65 34.92
N ASP H 270 -44.28 15.62 34.08
CA ASP H 270 -44.69 15.76 32.66
C ASP H 270 -45.99 16.57 32.60
N ILE H 271 -46.94 16.29 33.50
CA ILE H 271 -48.26 16.97 33.55
C ILE H 271 -48.06 18.42 34.02
N LEU H 272 -47.17 18.66 34.99
CA LEU H 272 -46.88 20.03 35.48
C LEU H 272 -46.33 20.87 34.32
N MET H 273 -45.42 20.31 33.52
CA MET H 273 -44.82 21.03 32.36
C MET H 273 -45.92 21.38 31.34
N ASP H 274 -46.93 20.51 31.19
CA ASP H 274 -48.10 20.76 30.32
C ASP H 274 -48.89 21.97 30.86
N VAL H 275 -49.16 21.98 32.17
CA VAL H 275 -49.99 23.00 32.87
C VAL H 275 -49.31 24.36 32.79
N LEU H 276 -48.01 24.44 33.09
CA LEU H 276 -47.27 25.73 33.21
C LEU H 276 -46.87 26.26 31.82
N PHE H 277 -46.50 25.38 30.89
CA PHE H 277 -45.71 25.76 29.67
C PHE H 277 -46.30 25.20 28.36
N LEU H 278 -47.25 24.27 28.40
CA LEU H 278 -47.54 23.33 27.28
C LEU H 278 -46.22 22.66 26.88
N GLY H 279 -45.37 22.37 27.87
CA GLY H 279 -44.10 21.64 27.69
C GLY H 279 -44.33 20.15 27.89
N LYS H 280 -43.23 19.39 27.97
CA LYS H 280 -43.26 17.92 28.14
C LYS H 280 -41.86 17.43 28.47
N GLU H 281 -41.75 16.27 29.13
CA GLU H 281 -40.48 15.53 29.27
C GLU H 281 -40.26 14.74 27.96
N ARG H 282 -39.00 14.50 27.60
CA ARG H 282 -38.61 13.83 26.35
C ARG H 282 -37.52 12.79 26.63
N SER H 283 -37.45 11.75 25.80
CA SER H 283 -36.38 10.71 25.79
C SER H 283 -35.18 11.26 25.02
N PHE H 284 -34.01 10.63 25.15
CA PHE H 284 -32.81 10.98 24.35
C PHE H 284 -33.17 11.00 22.86
N THR H 285 -33.86 9.94 22.41
CA THR H 285 -34.34 9.71 21.02
C THR H 285 -35.09 10.96 20.53
N GLU H 286 -35.99 11.50 21.35
CA GLU H 286 -36.86 12.65 21.00
C GLU H 286 -36.01 13.92 20.91
N PHE H 287 -35.04 14.12 21.81
CA PHE H 287 -34.11 15.28 21.80
C PHE H 287 -33.26 15.26 20.52
N GLU H 288 -32.75 14.07 20.15
CA GLU H 288 -31.91 13.88 18.95
C GLU H 288 -32.70 14.26 17.69
N TYR H 289 -33.96 13.84 17.61
CA TYR H 289 -34.86 14.14 16.47
C TYR H 289 -34.98 15.66 16.30
N LEU H 290 -35.24 16.38 17.39
CA LEU H 290 -35.38 17.87 17.37
C LEU H 290 -34.06 18.49 16.90
N ALA H 291 -32.93 18.04 17.46
CA ALA H 291 -31.56 18.51 17.11
C ALA H 291 -31.31 18.29 15.62
N ASN H 292 -31.61 17.09 15.11
CA ASN H 292 -31.39 16.70 13.68
C ASN H 292 -32.23 17.60 12.76
N GLN H 293 -33.49 17.88 13.13
CA GLN H 293 -34.39 18.78 12.36
C GLN H 293 -33.76 20.19 12.26
N ALA H 294 -33.02 20.61 13.29
CA ALA H 294 -32.37 21.94 13.40
C ALA H 294 -31.00 21.96 12.72
N GLY H 295 -30.53 20.81 12.20
CA GLY H 295 -29.25 20.68 11.48
C GLY H 295 -28.07 20.43 12.40
N LEU H 296 -28.34 19.90 13.60
CA LEU H 296 -27.29 19.53 14.60
C LEU H 296 -27.18 18.00 14.65
N VAL H 297 -25.98 17.50 14.98
CA VAL H 297 -25.69 16.04 15.07
C VAL H 297 -25.13 15.75 16.47
N VAL H 298 -25.54 14.63 17.06
CA VAL H 298 -25.06 14.14 18.39
C VAL H 298 -23.64 13.61 18.21
N GLN H 299 -22.68 14.14 18.99
CA GLN H 299 -21.25 13.72 18.98
C GLN H 299 -20.94 12.88 20.21
N GLU H 300 -21.74 13.02 21.28
CA GLU H 300 -21.51 12.33 22.59
C GLU H 300 -22.81 12.36 23.41
N THR H 301 -23.12 11.27 24.11
CA THR H 301 -24.24 11.15 25.07
C THR H 301 -23.73 10.50 26.37
N LYS H 302 -24.15 11.05 27.51
CA LYS H 302 -23.95 10.45 28.85
C LYS H 302 -25.24 10.64 29.66
N VAL H 303 -25.44 9.80 30.68
CA VAL H 303 -26.54 9.98 31.69
C VAL H 303 -25.89 10.47 32.99
N ILE H 304 -26.44 11.53 33.58
CA ILE H 304 -26.08 12.05 34.93
C ILE H 304 -27.24 11.71 35.87
N ASP H 305 -26.96 10.99 36.96
CA ASP H 305 -27.97 10.61 37.98
C ASP H 305 -28.04 11.72 39.03
N GLN H 306 -29.24 12.29 39.23
CA GLN H 306 -29.59 13.16 40.38
C GLN H 306 -30.64 12.42 41.21
N SER H 307 -30.78 12.80 42.49
CA SER H 307 -31.69 12.16 43.49
C SER H 307 -33.12 12.06 42.92
N TYR H 308 -33.58 13.10 42.23
CA TYR H 308 -35.00 13.32 41.84
C TYR H 308 -35.27 12.87 40.40
N SER H 309 -34.24 12.76 39.56
CA SER H 309 -34.39 12.46 38.11
C SER H 309 -33.06 12.08 37.47
N PRO H 310 -33.06 11.21 36.44
CA PRO H 310 -31.90 11.05 35.57
C PRO H 310 -31.82 12.25 34.62
N TYR H 311 -30.60 12.60 34.19
CA TYR H 311 -30.32 13.69 33.21
C TYR H 311 -29.65 13.10 31.97
N SER H 312 -30.07 13.54 30.78
CA SER H 312 -29.36 13.31 29.50
C SER H 312 -28.39 14.47 29.28
N PHE H 313 -27.11 14.14 29.04
CA PHE H 313 -26.05 15.07 28.61
C PHE H 313 -25.77 14.78 27.13
N ILE H 314 -26.10 15.72 26.24
CA ILE H 314 -25.95 15.56 24.76
C ILE H 314 -25.04 16.67 24.23
N LYS H 315 -23.85 16.29 23.73
CA LYS H 315 -22.93 17.20 23.00
C LYS H 315 -23.36 17.25 21.54
N LEU H 316 -23.75 18.43 21.05
CA LEU H 316 -24.21 18.66 19.65
C LEU H 316 -23.17 19.51 18.91
N GLN H 317 -22.95 19.21 17.63
CA GLN H 317 -22.19 20.07 16.68
C GLN H 317 -23.03 20.20 15.40
N ILE H 318 -22.71 21.19 14.56
CA ILE H 318 -23.40 21.41 13.25
C ILE H 318 -23.07 20.22 12.35
N LYS H 319 -24.03 19.78 11.53
CA LYS H 319 -23.88 18.62 10.61
C LYS H 319 -22.76 18.93 9.60
N SAH I . -24.13 -11.62 15.76
CA SAH I . -22.73 -11.23 16.11
CB SAH I . -21.70 -12.06 15.34
CG SAH I . -21.89 -12.05 13.84
SD SAH I . -20.54 -12.88 12.95
C SAH I . -22.51 -9.75 15.79
O SAH I . -21.49 -9.16 16.17
OXT SAH I . -23.33 -9.12 15.12
C5' SAH I . -21.29 -14.45 12.51
C4' SAH I . -21.47 -15.40 13.67
O4' SAH I . -22.16 -16.59 13.21
C3' SAH I . -20.17 -15.90 14.33
O3' SAH I . -20.24 -15.70 15.73
C2' SAH I . -20.12 -17.38 13.96
O2' SAH I . -19.45 -18.17 14.92
C1' SAH I . -21.61 -17.70 13.88
N9 SAH I . -21.97 -18.90 13.15
C8 SAH I . -21.46 -19.33 11.95
N7 SAH I . -22.00 -20.44 11.52
C5 SAH I . -22.92 -20.77 12.50
C6 SAH I . -23.83 -21.84 12.62
N6 SAH I . -23.95 -22.82 11.72
N1 SAH I . -24.63 -21.86 13.71
C2 SAH I . -24.50 -20.88 14.62
N3 SAH I . -23.69 -19.83 14.60
C4 SAH I . -22.92 -19.82 13.51
C4 QPO J . -16.54 -5.30 9.68
C5 QPO J . -16.83 -4.00 10.11
C6 QPO J . -18.12 -3.66 10.45
C7 QPO J . -17.26 -7.57 9.19
C10 QPO J . -15.23 -5.63 9.35
C13 QPO J . -14.28 -9.49 8.08
C17 QPO J . -10.99 -7.81 7.85
C20 QPO J . -14.94 -6.93 8.93
O19 QPO J . -11.99 -8.86 7.84
C12 QPO J . -13.28 -8.51 8.18
C11 QPO J . -13.63 -7.23 8.60
O31 QPO J . -14.34 -4.78 9.43
C1 QPO J . -19.15 -4.60 10.37
C2 QPO J . -18.85 -5.90 9.96
O17 QPO J . -19.83 -6.84 9.87
C3 QPO J . -17.55 -6.27 9.61
O8 QPO J . -18.15 -8.41 9.11
C9 QPO J . -15.94 -7.89 8.85
C14 QPO J . -15.59 -9.18 8.42
O18 QPO J . -16.58 -10.11 8.34
CL CL K . 15.33 14.59 13.67
N SAH L . -16.96 36.06 -9.43
CA SAH L . -17.64 35.30 -10.51
CB SAH L . -17.54 36.04 -11.85
CG SAH L . -16.13 36.47 -12.21
SD SAH L . -16.02 37.13 -13.89
C SAH L . -16.99 33.92 -10.63
O SAH L . -17.55 33.00 -11.24
OXT SAH L . -15.89 33.69 -10.13
C5' SAH L . -15.82 38.90 -13.58
C4' SAH L . -17.08 39.57 -13.09
O4' SAH L . -16.78 40.96 -12.77
C3' SAH L . -18.24 39.60 -14.08
O3' SAH L . -19.42 39.12 -13.48
C2' SAH L . -18.35 41.10 -14.45
O2' SAH L . -19.66 41.50 -14.78
C1' SAH L . -17.88 41.73 -13.15
N9 SAH L . -17.46 43.12 -13.27
C8 SAH L . -16.69 43.67 -14.27
N7 SAH L . -16.45 44.95 -14.09
C5 SAH L . -17.11 45.27 -12.91
C6 SAH L . -17.24 46.47 -12.18
N6 SAH L . -16.67 47.60 -12.55
N1 SAH L . -17.95 46.42 -11.03
C2 SAH L . -18.51 45.27 -10.66
N3 SAH L . -18.45 44.08 -11.26
C4 SAH L . -17.73 44.14 -12.39
C4 QPO M . -12.33 29.66 -17.84
C5 QPO M . -12.24 28.37 -17.29
C6 QPO M . -12.07 28.21 -15.92
C7 QPO M . -12.35 32.06 -17.58
C10 QPO M . -12.49 29.79 -19.21
C13 QPO M . -12.78 33.58 -20.94
C17 QPO M . -13.38 31.45 -23.86
C20 QPO M . -12.58 31.07 -19.77
O19 QPO M . -13.02 32.60 -23.08
C12 QPO M . -12.85 32.44 -21.74
C11 QPO M . -12.75 31.18 -21.14
O31 QPO M . -12.55 28.79 -19.93
C1 QPO M . -12.00 29.32 -15.09
C2 QPO M . -12.10 30.59 -15.64
O17 QPO M . -12.03 31.71 -14.85
C3 QPO M . -12.26 30.78 -17.01
O8 QPO M . -12.29 33.06 -16.86
C9 QPO M . -12.52 32.20 -18.95
C14 QPO M . -12.61 33.46 -19.56
O18 QPO M . -12.55 34.56 -18.76
NA NA N . -21.71 34.99 -6.02
NA NA O . -16.56 37.40 -6.54
N SAH P . -5.72 -23.42 57.39
CA SAH P . -4.54 -23.10 56.53
CB SAH P . -3.94 -24.36 55.90
CG SAH P . -4.94 -25.21 55.15
SD SAH P . -4.17 -26.58 54.25
C SAH P . -4.95 -22.12 55.43
O SAH P . -4.11 -21.52 54.78
OXT SAH P . -6.14 -21.93 55.16
C5' SAH P . -4.54 -27.99 55.33
C4' SAH P . -3.75 -27.99 56.62
O4' SAH P . -4.20 -29.09 57.45
C3' SAH P . -2.24 -28.18 56.45
O3' SAH P . -1.53 -27.20 57.20
C2' SAH P . -1.99 -29.60 57.00
O2' SAH P . -0.70 -29.76 57.55
C1' SAH P . -3.08 -29.67 58.06
N9 SAH P . -3.43 -31.03 58.47
C8 SAH P . -3.63 -32.12 57.67
N7 SAH P . -3.97 -33.20 58.34
C5 SAH P . -4.00 -32.79 59.66
C6 SAH P . -4.30 -33.47 60.86
N6 SAH P . -4.65 -34.75 60.91
N1 SAH P . -4.25 -32.76 62.00
C2 SAH P . -3.92 -31.46 61.94
N3 SAH P . -3.61 -30.72 60.88
C4 SAH P . -3.68 -31.45 59.75
C4 QPO Q . -5.06 -23.21 45.96
C5 QPO Q . -5.47 -21.92 45.66
C6 QPO Q . -6.38 -21.26 46.47
C7 QPO Q . -5.18 -25.18 47.38
C10 QPO Q . -4.14 -23.85 45.13
C13 QPO Q . -2.90 -27.75 45.98
C17 QPO Q . -0.75 -26.97 43.10
C20 QPO Q . -3.74 -25.15 45.43
O19 QPO Q . -1.49 -27.73 44.08
C12 QPO Q . -2.39 -27.08 44.87
C11 QPO Q . -2.82 -25.78 44.60
O31 QPO Q . -3.69 -23.27 44.14
C1 QPO Q . -6.91 -21.89 47.59
C2 QPO Q . -6.51 -23.18 47.89
O17 QPO Q . -7.00 -23.84 48.97
C3 QPO Q . -5.59 -23.87 47.08
O8 QPO Q . -5.63 -25.76 48.37
C9 QPO Q . -4.25 -25.81 46.56
C14 QPO Q . -3.82 -27.11 46.81
O18 QPO Q . -4.33 -27.74 47.91
NA NA R . 7.05 -8.19 20.23
N SAH S . 18.57 -0.94 -15.17
CA SAH S . 17.38 -1.81 -15.44
CB SAH S . 17.08 -2.73 -14.27
CG SAH S . 17.00 -2.03 -12.92
SD SAH S . 16.39 -3.12 -11.60
C SAH S . 16.16 -0.90 -15.71
O SAH S . 15.13 -1.38 -16.17
OXT SAH S . 16.20 0.30 -15.47
C5' SAH S . 17.90 -3.44 -10.67
C4' SAH S . 18.86 -4.35 -11.39
O4' SAH S . 20.09 -4.44 -10.63
C3' SAH S . 18.38 -5.80 -11.58
O3' SAH S . 18.49 -6.18 -12.95
C2' SAH S . 19.31 -6.62 -10.67
O2' SAH S . 19.54 -7.93 -11.14
C1' SAH S . 20.56 -5.77 -10.72
N9 SAH S . 21.51 -5.98 -9.64
C8 SAH S . 21.23 -6.13 -8.30
N7 SAH S . 22.30 -6.29 -7.56
C5 SAH S . 23.35 -6.26 -8.46
C6 SAH S . 24.74 -6.37 -8.29
N6 SAH S . 25.33 -6.54 -7.11
N1 SAH S . 25.52 -6.29 -9.41
C2 SAH S . 24.92 -6.11 -10.59
N3 SAH S . 23.62 -5.98 -10.87
C4 SAH S . 22.88 -6.07 -9.75
C4 QPO T . 7.86 0.06 -11.09
C5 QPO T . 7.26 0.90 -12.03
C6 QPO T . 8.03 1.82 -12.72
C7 QPO T . 9.84 -0.71 -9.90
C10 QPO T . 7.08 -0.87 -10.40
C13 QPO T . 8.80 -3.44 -7.58
C17 QPO T . 5.40 -4.76 -7.72
C20 QPO T . 7.68 -1.71 -9.46
O19 QPO T . 6.68 -4.40 -7.16
C12 QPO T . 7.43 -3.50 -7.85
C11 QPO T . 6.88 -2.63 -8.79
O31 QPO T . 5.87 -0.94 -10.61
C1 QPO T . 9.40 1.92 -12.49
C2 QPO T . 10.00 1.08 -11.56
O17 QPO T . 11.33 1.14 -11.31
C3 QPO T . 9.24 0.14 -10.84
O8 QPO T . 11.05 -0.64 -9.69
C9 QPO T . 9.05 -1.64 -9.21
C14 QPO T . 9.59 -2.51 -8.27
O18 QPO T . 10.94 -2.43 -8.03
NA NA U . 35.17 -5.45 -13.26
CL CL V . 32.67 -4.75 -23.81
N SAH W . -0.44 23.93 -59.18
CA SAH W . -0.07 25.06 -58.27
CB SAH W . -1.32 25.71 -57.65
CG SAH W . -2.26 24.73 -56.97
SD SAH W . -3.59 25.56 -56.07
C SAH W . 0.84 24.54 -57.15
O SAH W . 1.44 25.34 -56.41
OXT SAH W . 0.97 23.33 -56.94
C5' SAH W . -5.01 25.29 -57.15
C4' SAH W . -4.96 26.11 -58.42
O4' SAH W . -6.08 25.74 -59.27
C3' SAH W . -5.07 27.62 -58.21
O3' SAH W . -4.02 28.29 -58.90
C2' SAH W . -6.44 27.98 -58.80
O2' SAH W . -6.49 29.29 -59.30
C1' SAH W . -6.56 26.91 -59.88
N9 SAH W . -7.92 26.66 -60.36
C8 SAH W . -9.05 26.53 -59.62
N7 SAH W . -10.12 26.27 -60.32
C5 SAH W . -9.66 26.22 -61.63
C6 SAH W . -10.30 25.98 -62.85
N6 SAH W . -11.60 25.73 -62.96
N1 SAH W . -9.54 25.98 -63.98
C2 SAH W . -8.23 26.23 -63.86
N3 SAH W . -7.52 26.47 -62.76
C4 SAH W . -8.29 26.46 -61.67
C4 QPO X . -0.34 24.26 -47.55
C5 QPO X . 0.95 23.83 -47.25
C6 QPO X . 1.60 22.91 -48.07
C7 QPO X . -2.29 24.21 -49.00
C10 QPO X . -0.97 25.18 -46.71
C13 QPO X . -4.83 26.53 -47.56
C17 QPO X . -4.05 28.37 -44.44
C20 QPO X . -2.26 25.61 -47.02
O19 QPO X . -4.76 27.90 -45.62
C12 QPO X . -4.14 27.00 -46.44
C11 QPO X . -2.87 26.53 -46.18
O31 QPO X . -0.39 25.61 -45.72
C1 QPO X . 0.95 22.41 -49.20
C2 QPO X . -0.34 22.85 -49.50
O17 QPO X . -1.00 22.40 -50.59
C3 QPO X . -1.00 23.77 -48.68
O8 QPO X . -2.88 23.78 -49.99
C9 QPO X . -2.92 25.14 -48.16
C14 QPO X . -4.22 25.61 -48.40
O18 QPO X . -4.86 25.13 -49.51
N SAH Y . 8.06 -40.13 8.02
CA SAH Y . 7.15 -40.76 9.03
CB SAH Y . 7.81 -40.80 10.42
CG SAH Y . 8.33 -39.47 10.90
SD SAH Y . 8.89 -39.51 12.62
C SAH Y . 5.84 -39.96 9.12
O SAH Y . 4.87 -40.43 9.70
OXT SAH Y . 5.74 -38.83 8.62
C5' SAH Y . 10.69 -39.46 12.43
C4' SAH Y . 11.27 -40.78 11.98
O4' SAH Y . 12.68 -40.64 11.78
C3' SAH Y . 11.08 -41.93 12.98
O3' SAH Y . 10.46 -43.04 12.34
C2' SAH Y . 12.50 -42.24 13.44
O2' SAH Y . 12.71 -43.60 13.77
C1' SAH Y . 13.31 -41.83 12.20
N9 SAH Y . 14.71 -41.56 12.44
C8 SAH Y . 15.27 -40.88 13.50
N7 SAH Y . 16.57 -40.77 13.43
C5 SAH Y . 16.90 -41.42 12.25
C6 SAH Y . 18.13 -41.65 11.61
N6 SAH Y . 19.31 -41.23 12.09
N1 SAH Y . 18.12 -42.32 10.44
C2 SAH Y . 16.93 -42.75 9.96
N3 SAH Y . 15.72 -42.60 10.48
C4 SAH Y . 15.76 -41.92 11.64
C4 QPO Z . 1.58 -35.05 16.25
C5 QPO Z . 0.34 -34.81 15.65
C6 QPO Z . 0.27 -34.47 14.30
C7 QPO Z . 4.00 -35.18 16.12
C10 QPO Z . 1.62 -35.39 17.59
C13 QPO Z . 5.28 -36.12 19.50
C17 QPO Z . 2.93 -36.48 22.31
C20 QPO Z . 2.85 -35.63 18.20
O19 QPO Z . 4.14 -36.57 21.54
C12 QPO Z . 4.08 -36.22 20.21
C11 QPO Z . 2.88 -35.97 19.56
O31 QPO Z . 0.57 -35.49 18.24
C1 QPO Z . 1.43 -34.36 13.55
C2 QPO Z . 2.66 -34.59 14.15
O17 QPO Z . 3.81 -34.49 13.44
C3 QPO Z . 2.76 -34.94 15.51
O8 QPO Z . 5.04 -35.09 15.47
C9 QPO Z . 4.04 -35.52 17.48
C14 QPO Z . 5.25 -35.78 18.14
O18 QPO Z . 6.41 -35.67 17.42
NA NA AA . 7.28 -36.83 36.25
CL CL BA . -13.32 -44.68 45.30
N SAH CA . 51.03 -9.52 -29.05
CA SAH CA . 51.31 -9.45 -30.51
CB SAH CA . 52.10 -8.19 -30.87
CG SAH CA . 53.35 -8.00 -30.02
SD SAH CA . 54.37 -6.63 -30.60
C SAH CA . 52.09 -10.69 -30.95
O SAH CA . 52.22 -10.96 -32.14
OXT SAH CA . 52.61 -11.44 -30.11
C5' SAH CA . 54.12 -5.37 -29.33
C4' SAH CA . 52.76 -4.72 -29.42
O4' SAH CA . 52.59 -3.82 -28.30
C3' SAH CA . 52.52 -3.89 -30.69
O3' SAH CA . 51.31 -4.29 -31.32
C2' SAH CA . 52.45 -2.45 -30.17
O2' SAH CA . 51.61 -1.62 -30.95
C1' SAH CA . 51.89 -2.69 -28.77
N9 SAH CA . 52.10 -1.59 -27.84
C8 SAH CA . 53.25 -0.85 -27.66
N7 SAH CA . 53.14 0.06 -26.73
C5 SAH CA . 51.85 -0.09 -26.25
C6 SAH CA . 51.12 0.58 -25.24
N6 SAH CA . 51.64 1.58 -24.51
N1 SAH CA . 49.86 0.18 -25.00
C2 SAH CA . 49.36 -0.82 -25.74
N3 SAH CA . 49.94 -1.52 -26.71
C4 SAH CA . 51.19 -1.10 -26.92
C4 QPO DA . 60.87 -11.86 -34.86
C5 QPO DA . 60.83 -13.22 -35.23
C6 QPO DA . 60.25 -14.15 -34.38
C7 QPO DA . 60.38 -10.09 -33.28
C10 QPO DA . 61.46 -10.95 -35.72
C13 QPO DA . 61.64 -6.89 -34.72
C17 QPO DA . 63.38 -6.92 -37.97
C20 QPO DA . 61.52 -9.60 -35.36
O19 QPO DA . 62.76 -6.42 -36.76
C12 QPO DA . 62.18 -7.33 -35.92
C11 QPO DA . 62.11 -8.69 -36.23
O31 QPO DA . 61.94 -11.32 -36.79
C1 QPO DA . 59.70 -13.74 -33.17
C2 QPO DA . 59.75 -12.40 -32.81
O17 QPO DA . 59.22 -11.98 -31.63
C3 QPO DA . 60.34 -11.44 -33.64
O8 QPO DA . 59.90 -9.71 -32.21
C9 QPO DA . 60.98 -9.16 -34.15
C14 QPO DA . 61.05 -7.80 -33.84
O18 QPO DA . 60.52 -7.39 -32.65
NA NA EA . 49.21 -9.96 -26.34
N SAH FA . -30.73 26.88 32.78
CA SAH FA . -31.14 27.17 34.19
CB SAH FA . -32.59 27.68 34.26
CG SAH FA . -33.60 26.80 33.57
SD SAH FA . -35.31 27.38 33.78
C SAH FA . -31.03 25.88 35.02
O SAH FA . -31.06 25.93 36.25
OXT SAH FA . -30.91 24.79 34.49
C5' SAH FA . -35.64 28.19 32.19
C4' SAH FA . -34.91 29.49 32.00
O4' SAH FA . -35.16 30.00 30.67
C3' SAH FA . -35.32 30.61 32.97
O3' SAH FA . -34.17 31.18 33.56
C2' SAH FA . -36.06 31.61 32.07
O2' SAH FA . -35.96 32.94 32.52
C1' SAH FA . -35.34 31.39 30.76
N9 SAH FA . -36.08 31.83 29.57
C8 SAH FA . -37.39 31.61 29.29
N7 SAH FA . -37.76 32.11 28.13
C5 SAH FA . -36.61 32.69 27.62
C6 SAH FA . -36.36 33.37 26.41
N6 SAH FA . -37.27 33.59 25.48
N1 SAH FA . -35.09 33.82 26.22
C2 SAH FA . -34.18 33.59 27.16
N3 SAH FA . -34.31 32.96 28.33
C4 SAH FA . -35.56 32.52 28.50
C4 QPO GA . -37.75 20.92 39.57
C5 QPO GA . -36.90 20.01 40.18
C6 QPO GA . -35.79 19.52 39.51
C7 QPO GA . -38.36 22.27 37.63
C10 QPO GA . -38.86 21.40 40.26
C13 QPO GA . -41.47 24.14 38.49
C17 QPO GA . -43.06 23.68 41.77
C20 QPO GA . -39.72 22.31 39.65
O19 QPO GA . -42.77 24.19 40.45
C12 QPO GA . -41.69 23.70 39.79
C11 QPO GA . -40.81 22.78 40.37
O31 QPO GA . -39.07 21.02 41.42
C1 QPO GA . -35.53 19.92 38.20
C2 QPO GA . -36.38 20.84 37.58
O17 QPO GA . -36.15 21.26 36.31
C3 QPO GA . -37.50 21.35 38.25
O8 QPO GA . -38.15 22.64 36.48
C9 QPO GA . -39.48 22.74 38.34
C14 QPO GA . -40.36 23.66 37.78
O18 QPO GA . -40.12 24.07 36.50
#